data_7DNL
#
_entry.id   7DNL
#
loop_
_entity.id
_entity.type
_entity.pdbx_description
1 polymer 'The light chain of A4B4 Fab fragment'
2 polymer 'The heavy chain of 2H3 Fab fragment'
3 polymer 'Major capsid protein L1'
#
loop_
_entity_poly.entity_id
_entity_poly.type
_entity_poly.pdbx_seq_one_letter_code
_entity_poly.pdbx_strand_id
1 'polypeptide(L)'
;DIVMSQSPSSLAVSVGEKVTMSCKSSQSLLYSSIQKNYLAWYQQKPGQSPKLLIYWASIRESGVPDRFTGSGSGTDFTLT
ISSVKAEDLAVYYCQRYYGYPWTFGGGTKLEIKRADAAPTVSIFPPSSEQLTSGGASVVCFLNNFYPKDINVKWKIDGSE
RQNGVLNSWTDQDSKDSTYSMSSTLTLTKDEYERHNSYTCEATHKTSTSPIVKSFNRNEC
;
L
2 'polypeptide(L)'
;QVTLKESGPGILQPSQTLSLTCSFSGFSLSTSGMGVGWIRQPSGKGLEWLAHIWWNDDKNYHPALKSRLTISKDTSSNRV
FLNIASVDTADTATYYCARIHYVTDALDYWGQGTSVTVSAKTTAPSVYPLAPVCGDTTGSSVTLGCLVKGYFPEPVTLTW
NSGSLSSGVHTFPAVLQSDLYTLSSSVTVTSSTWPSQSITCNVAHPASSTKVDKKI
;
H
3 'polypeptide(L)'
;MVLILCCTLAILFCVADVNVFHIFLQMSVWRPSEATVYLPPVPVSKVVSTDEYVSRTSIYYYAGSSRLLAVGNPYFSIKS
PNNNKKVLVPKVSGLQYRVFRVRLPDPNKFGFPDTSFYNPDTQRLVWACVGLEIGRGQPLGVGVSGHPYLNKFDDTETSN
RYPAQPGSDNRECLSMDYKQTQLCLIGCKPPTGEHWGKGVACNNNAAATDCPPLELFNSIIEDGDMVDTGFGCMDFGTLQ
ANKSDVPIDICNSTCKYPDYLKMASEPYGDSLFFFLRREQMFVRHFFNRAGKLGEAVPDDLYIKGSGNTAVIQSSAFFPT
PSGSIVTSESQLFNKPYWLQRAQGHNNGICWGNQLFVTVVDTTRSTNMTLCTEVTKEGTYKNDNFKEYVRHVEEYDLQFV
FQLCKITLTAEIMTYIHTMDSNILEDWQFGLTPPPSASLQDTYRFVTSQAITCQKTAPPKEKEDPLNKYTFWEVNLKEKF
SADLDQFPLGRKFLLQSGLKAKPRLKRSAPTTRAPSTKRKKVKK
;
B,A,C,D,E
#
# COMPACT_ATOMS: atom_id res chain seq x y z
N ASP A 1 52.36 -12.79 6.78
CA ASP A 1 51.79 -13.47 5.64
C ASP A 1 51.69 -14.97 5.87
N ILE A 2 50.97 -15.64 4.98
CA ILE A 2 50.94 -17.09 4.91
C ILE A 2 51.97 -17.55 3.88
N VAL A 3 52.97 -18.27 4.34
CA VAL A 3 54.15 -18.57 3.53
C VAL A 3 53.83 -19.66 2.54
N MET A 4 54.64 -19.77 1.49
CA MET A 4 54.52 -20.82 0.49
C MET A 4 55.86 -21.53 0.36
N SER A 5 55.83 -22.85 0.35
CA SER A 5 57.02 -23.68 0.26
C SER A 5 56.80 -24.77 -0.77
N GLN A 6 57.74 -24.90 -1.70
CA GLN A 6 57.62 -25.84 -2.81
C GLN A 6 58.85 -26.73 -2.83
N SER A 7 58.66 -27.97 -3.27
CA SER A 7 59.73 -28.96 -3.29
C SER A 7 59.45 -29.97 -4.40
N PRO A 8 60.49 -30.40 -5.14
CA PRO A 8 61.89 -29.96 -5.03
C PRO A 8 62.18 -28.71 -5.85
N SER A 9 63.44 -28.26 -5.84
CA SER A 9 63.81 -27.09 -6.63
C SER A 9 63.83 -27.42 -8.11
N SER A 10 64.15 -28.66 -8.45
CA SER A 10 64.15 -29.13 -9.83
C SER A 10 63.98 -30.64 -9.85
N LEU A 11 63.37 -31.13 -10.93
CA LEU A 11 63.14 -32.56 -11.10
C LEU A 11 63.35 -32.93 -12.56
N ALA A 12 64.13 -33.98 -12.78
CA ALA A 12 64.46 -34.47 -14.11
C ALA A 12 63.44 -35.53 -14.53
N VAL A 13 62.76 -35.28 -15.64
CA VAL A 13 61.73 -36.19 -16.16
C VAL A 13 62.04 -36.54 -17.61
N SER A 14 61.71 -37.77 -17.97
CA SER A 14 61.85 -38.25 -19.33
C SER A 14 60.59 -37.96 -20.13
N VAL A 15 60.68 -38.13 -21.45
CA VAL A 15 59.53 -37.94 -22.31
C VAL A 15 58.55 -39.11 -22.13
N GLY A 16 57.28 -38.79 -21.92
CA GLY A 16 56.27 -39.78 -21.64
C GLY A 16 56.02 -40.05 -20.17
N GLU A 17 56.80 -39.44 -19.28
CA GLU A 17 56.68 -39.69 -17.85
C GLU A 17 55.67 -38.73 -17.21
N LYS A 18 55.03 -39.21 -16.15
CA LYS A 18 54.15 -38.38 -15.32
C LYS A 18 54.97 -37.76 -14.21
N VAL A 19 54.82 -36.45 -14.01
CA VAL A 19 55.53 -35.72 -12.96
C VAL A 19 54.51 -35.23 -11.93
N THR A 20 54.86 -35.38 -10.66
CA THR A 20 54.07 -34.84 -9.56
C THR A 20 54.90 -33.77 -8.86
N MET A 21 54.40 -32.55 -8.88
CA MET A 21 55.12 -31.39 -8.36
C MET A 21 54.32 -30.80 -7.22
N SER A 22 54.89 -30.82 -6.01
CA SER A 22 54.16 -30.57 -4.80
C SER A 22 54.48 -29.19 -4.25
N CYS A 23 53.43 -28.49 -3.80
CA CYS A 23 53.54 -27.19 -3.17
C CYS A 23 52.68 -27.20 -1.91
N LYS A 24 53.17 -26.56 -0.85
CA LYS A 24 52.47 -26.54 0.43
C LYS A 24 52.37 -25.12 0.94
N SER A 25 51.57 -24.95 2.00
CA SER A 25 51.38 -23.67 2.65
C SER A 25 51.30 -23.89 4.16
N SER A 26 51.12 -22.78 4.89
CA SER A 26 51.04 -22.87 6.35
C SER A 26 49.62 -22.74 6.88
N GLN A 27 48.68 -22.28 6.05
CA GLN A 27 47.29 -22.13 6.46
C GLN A 27 46.40 -22.66 5.34
N SER A 28 45.26 -23.24 5.72
CA SER A 28 44.39 -23.94 4.78
C SER A 28 43.71 -22.95 3.83
N LEU A 29 43.62 -23.33 2.56
CA LEU A 29 43.16 -22.44 1.51
C LEU A 29 41.65 -22.50 1.30
N LEU A 30 40.93 -23.30 2.08
CA LEU A 30 39.50 -23.43 1.90
C LEU A 30 38.74 -22.40 2.76
N TYR A 31 37.70 -21.82 2.17
CA TYR A 31 36.80 -20.92 2.88
C TYR A 31 35.56 -21.72 3.30
N SER A 32 34.87 -21.23 4.34
CA SER A 32 33.74 -21.98 4.89
C SER A 32 32.48 -21.80 4.05
N SER A 33 32.45 -20.77 3.20
CA SER A 33 31.26 -20.53 2.38
C SER A 33 31.58 -20.62 0.89
N ILE A 34 32.81 -20.29 0.50
CA ILE A 34 33.17 -20.26 -0.92
C ILE A 34 33.33 -21.69 -1.46
N GLN A 35 34.01 -22.55 -0.69
CA GLN A 35 34.24 -23.97 -1.00
C GLN A 35 34.96 -24.17 -2.33
N LYS A 36 35.87 -23.25 -2.66
CA LYS A 36 36.80 -23.42 -3.76
C LYS A 36 38.21 -23.14 -3.27
N ASN A 37 39.14 -24.03 -3.62
CA ASN A 37 40.51 -23.95 -3.15
C ASN A 37 41.24 -22.80 -3.83
N TYR A 38 41.83 -21.91 -3.03
CA TYR A 38 42.32 -20.62 -3.54
C TYR A 38 43.75 -20.77 -4.10
N LEU A 39 43.85 -21.46 -5.24
CA LEU A 39 45.16 -21.83 -5.79
C LEU A 39 45.14 -21.74 -7.32
N ALA A 40 46.24 -21.23 -7.89
CA ALA A 40 46.49 -21.28 -9.32
C ALA A 40 47.98 -21.51 -9.57
N TRP A 41 48.34 -21.69 -10.85
CA TRP A 41 49.68 -22.15 -11.24
C TRP A 41 50.18 -21.38 -12.46
N TYR A 42 51.50 -21.46 -12.70
CA TYR A 42 52.18 -20.71 -13.74
C TYR A 42 53.19 -21.55 -14.51
N GLN A 43 53.66 -21.01 -15.63
CA GLN A 43 54.61 -21.65 -16.54
C GLN A 43 55.52 -20.62 -17.17
N GLN A 44 56.77 -20.55 -16.69
CA GLN A 44 57.74 -19.60 -17.21
C GLN A 44 58.67 -20.33 -18.18
N LYS A 45 58.33 -20.29 -19.47
CA LYS A 45 59.18 -20.80 -20.52
C LYS A 45 60.46 -19.96 -20.60
N PRO A 46 61.60 -20.59 -20.90
CA PRO A 46 62.85 -19.81 -21.00
C PRO A 46 62.80 -18.78 -22.11
N GLY A 47 63.01 -17.52 -21.73
CA GLY A 47 62.83 -16.41 -22.64
C GLY A 47 61.41 -15.91 -22.75
N GLN A 48 60.46 -16.49 -22.02
CA GLN A 48 59.07 -16.10 -22.08
C GLN A 48 58.56 -15.84 -20.67
N SER A 49 57.52 -15.02 -20.59
CA SER A 49 56.89 -14.65 -19.34
C SER A 49 55.94 -15.76 -18.86
N PRO A 50 55.67 -15.84 -17.55
CA PRO A 50 54.74 -16.87 -17.05
C PRO A 50 53.31 -16.69 -17.55
N LYS A 51 52.67 -17.83 -17.84
CA LYS A 51 51.31 -17.91 -18.34
C LYS A 51 50.45 -18.76 -17.41
N LEU A 52 49.13 -18.67 -17.56
CA LEU A 52 48.20 -19.26 -16.60
C LEU A 52 47.82 -20.68 -17.04
N LEU A 53 47.57 -21.55 -16.07
CA LEU A 53 47.31 -22.97 -16.32
C LEU A 53 45.93 -23.42 -15.88
N ILE A 54 45.65 -23.32 -14.58
CA ILE A 54 44.50 -23.95 -13.96
C ILE A 54 44.15 -23.16 -12.72
N TYR A 55 42.85 -22.93 -12.50
CA TYR A 55 42.41 -22.06 -11.43
C TYR A 55 41.39 -22.78 -10.56
N TRP A 56 41.30 -22.33 -9.31
CA TRP A 56 40.51 -22.93 -8.23
C TRP A 56 40.87 -24.40 -7.98
N ALA A 57 42.12 -24.76 -8.30
CA ALA A 57 42.77 -26.05 -8.09
C ALA A 57 42.21 -27.21 -8.91
N SER A 58 41.11 -26.98 -9.66
CA SER A 58 40.58 -28.06 -10.48
C SER A 58 40.01 -27.62 -11.83
N ILE A 59 40.06 -26.33 -12.17
CA ILE A 59 39.43 -25.82 -13.38
C ILE A 59 40.50 -25.16 -14.26
N ARG A 60 40.64 -25.65 -15.49
CA ARG A 60 41.77 -25.29 -16.33
C ARG A 60 41.50 -24.04 -17.16
N GLU A 61 42.58 -23.36 -17.54
CA GLU A 61 42.51 -22.21 -18.43
C GLU A 61 42.22 -22.68 -19.86
N SER A 62 41.55 -21.82 -20.63
CA SER A 62 41.26 -22.12 -22.02
C SER A 62 42.52 -22.12 -22.86
N GLY A 63 42.80 -23.25 -23.50
CA GLY A 63 44.01 -23.43 -24.28
C GLY A 63 44.99 -24.42 -23.71
N VAL A 64 44.96 -24.66 -22.40
CA VAL A 64 45.81 -25.66 -21.77
C VAL A 64 45.22 -27.02 -22.05
N PRO A 65 46.00 -28.01 -22.48
CA PRO A 65 45.44 -29.33 -22.80
C PRO A 65 45.07 -30.12 -21.55
N ASP A 66 44.56 -31.33 -21.79
CA ASP A 66 44.02 -32.17 -20.72
C ASP A 66 45.12 -32.85 -19.91
N ARG A 67 46.36 -32.83 -20.39
CA ARG A 67 47.45 -33.49 -19.67
C ARG A 67 47.80 -32.79 -18.38
N PHE A 68 47.47 -31.50 -18.26
CA PHE A 68 47.75 -30.73 -17.06
C PHE A 68 46.54 -30.79 -16.14
N THR A 69 46.75 -31.19 -14.88
CA THR A 69 45.68 -31.34 -13.91
C THR A 69 46.17 -30.90 -12.54
N GLY A 70 45.35 -30.13 -11.84
CA GLY A 70 45.66 -29.68 -10.49
C GLY A 70 44.91 -30.51 -9.46
N SER A 71 45.51 -30.68 -8.30
CA SER A 71 44.91 -31.45 -7.22
C SER A 71 45.22 -30.78 -5.89
N GLY A 72 44.96 -31.51 -4.82
CA GLY A 72 45.26 -31.04 -3.48
C GLY A 72 44.10 -30.27 -2.86
N SER A 73 43.95 -30.47 -1.55
CA SER A 73 42.94 -29.76 -0.78
C SER A 73 43.45 -29.61 0.65
N GLY A 74 43.06 -28.51 1.27
CA GLY A 74 43.52 -28.23 2.63
C GLY A 74 44.84 -27.51 2.66
N THR A 75 45.91 -28.25 2.96
CA THR A 75 47.24 -27.64 3.02
C THR A 75 48.22 -28.29 2.05
N ASP A 76 48.01 -29.55 1.70
CA ASP A 76 48.86 -30.26 0.75
C ASP A 76 48.29 -30.11 -0.65
N PHE A 77 49.17 -29.80 -1.62
CA PHE A 77 48.76 -29.66 -3.01
C PHE A 77 49.86 -30.20 -3.91
N THR A 78 49.44 -30.76 -5.04
CA THR A 78 50.35 -31.32 -6.03
C THR A 78 49.80 -31.08 -7.42
N LEU A 79 50.64 -30.58 -8.31
CA LEU A 79 50.32 -30.44 -9.72
C LEU A 79 50.68 -31.74 -10.42
N THR A 80 49.70 -32.36 -11.07
CA THR A 80 49.86 -33.67 -11.66
C THR A 80 49.76 -33.60 -13.17
N ILE A 81 50.79 -34.06 -13.85
CA ILE A 81 50.85 -34.04 -15.31
C ILE A 81 50.84 -35.49 -15.79
N SER A 82 50.04 -35.76 -16.81
CA SER A 82 49.87 -37.14 -17.27
C SER A 82 51.08 -37.61 -18.06
N SER A 83 51.47 -36.86 -19.10
CA SER A 83 52.56 -37.25 -19.98
C SER A 83 53.23 -36.00 -20.51
N VAL A 84 54.48 -35.77 -20.11
CA VAL A 84 55.16 -34.53 -20.47
C VAL A 84 55.75 -34.64 -21.87
N LYS A 85 55.84 -33.49 -22.54
CA LYS A 85 56.27 -33.37 -23.93
C LYS A 85 57.43 -32.39 -24.04
N ALA A 86 57.69 -31.96 -25.28
CA ALA A 86 58.84 -31.10 -25.54
C ALA A 86 58.57 -29.65 -25.13
N GLU A 87 57.32 -29.21 -25.23
CA GLU A 87 57.02 -27.78 -25.09
C GLU A 87 56.96 -27.34 -23.63
N ASP A 88 56.84 -28.28 -22.70
CA ASP A 88 56.59 -27.93 -21.31
C ASP A 88 57.85 -27.63 -20.51
N LEU A 89 59.01 -27.50 -21.16
CA LEU A 89 60.23 -27.12 -20.45
C LEU A 89 60.13 -25.68 -19.97
N ALA A 90 60.15 -25.51 -18.64
CA ALA A 90 59.84 -24.23 -18.02
C ALA A 90 60.22 -24.17 -16.54
N VAL A 91 59.84 -23.07 -15.90
CA VAL A 91 59.85 -22.95 -14.44
C VAL A 91 58.43 -22.68 -13.98
N TYR A 92 57.96 -23.48 -13.01
CA TYR A 92 56.59 -23.41 -12.54
C TYR A 92 56.57 -22.68 -11.20
N TYR A 93 55.46 -22.00 -10.91
CA TYR A 93 55.34 -21.21 -9.69
C TYR A 93 54.01 -21.49 -9.01
N CYS A 94 54.04 -21.50 -7.68
CA CYS A 94 52.87 -21.69 -6.85
C CYS A 94 52.29 -20.33 -6.48
N GLN A 95 50.96 -20.26 -6.39
CA GLN A 95 50.31 -19.00 -6.07
C GLN A 95 49.12 -19.24 -5.13
N ARG A 96 49.15 -18.57 -3.99
CA ARG A 96 48.01 -18.50 -3.09
C ARG A 96 47.44 -17.09 -3.10
N TYR A 97 46.16 -16.98 -3.42
CA TYR A 97 45.46 -15.70 -3.42
C TYR A 97 44.35 -15.69 -2.38
N TYR A 98 44.56 -16.42 -1.28
CA TYR A 98 43.54 -16.53 -0.25
C TYR A 98 43.56 -15.34 0.70
N GLY A 99 44.65 -15.16 1.44
CA GLY A 99 44.74 -14.09 2.40
C GLY A 99 45.59 -12.96 1.87
N TYR A 100 45.12 -11.74 2.08
CA TYR A 100 45.93 -10.60 1.67
C TYR A 100 47.06 -10.38 2.66
N PRO A 101 48.30 -10.12 2.21
CA PRO A 101 48.72 -9.99 0.81
C PRO A 101 49.08 -11.32 0.16
N TRP A 102 49.07 -11.34 -1.16
CA TRP A 102 49.29 -12.58 -1.90
C TRP A 102 50.78 -12.76 -2.16
N THR A 103 51.22 -14.01 -2.16
CA THR A 103 52.63 -14.33 -2.34
C THR A 103 52.79 -15.56 -3.21
N PHE A 104 54.04 -15.80 -3.62
CA PHE A 104 54.39 -16.86 -4.54
C PHE A 104 55.16 -17.95 -3.80
N GLY A 105 55.42 -19.06 -4.51
CA GLY A 105 56.19 -20.14 -3.94
C GLY A 105 57.65 -20.07 -4.30
N GLY A 106 58.39 -21.07 -3.83
CA GLY A 106 59.81 -21.17 -4.18
C GLY A 106 60.02 -21.47 -5.64
N GLY A 107 59.15 -22.24 -6.24
CA GLY A 107 59.25 -22.55 -7.66
C GLY A 107 60.00 -23.84 -7.93
N THR A 108 59.74 -24.43 -9.09
CA THR A 108 60.38 -25.65 -9.52
C THR A 108 60.80 -25.54 -10.97
N LYS A 109 61.92 -26.17 -11.33
CA LYS A 109 62.46 -26.14 -12.68
C LYS A 109 62.31 -27.52 -13.31
N LEU A 110 61.63 -27.59 -14.45
CA LEU A 110 61.41 -28.85 -15.16
C LEU A 110 62.45 -28.95 -16.28
N GLU A 111 63.12 -30.10 -16.35
CA GLU A 111 64.05 -30.40 -17.42
C GLU A 111 63.71 -31.75 -18.04
N ILE A 112 63.97 -31.88 -19.33
CA ILE A 112 63.78 -33.13 -20.06
C ILE A 112 65.04 -33.97 -19.83
N LYS A 113 64.86 -35.26 -19.56
CA LYS A 113 65.97 -36.10 -19.14
C LYS A 113 66.87 -36.47 -20.32
N ARG A 114 68.18 -36.28 -20.12
CA ARG A 114 69.19 -36.74 -21.06
C ARG A 114 70.39 -37.32 -20.31
N ALA A 115 71.51 -37.51 -21.00
CA ALA A 115 72.63 -38.29 -20.51
C ALA A 115 73.37 -37.57 -19.39
N ASP A 116 73.75 -38.36 -18.38
CA ASP A 116 74.67 -37.90 -17.35
C ASP A 116 76.05 -37.67 -17.95
N ALA A 117 76.69 -36.58 -17.53
CA ALA A 117 77.98 -36.22 -18.11
C ALA A 117 78.83 -35.48 -17.09
N ALA A 118 80.08 -35.90 -16.97
CA ALA A 118 81.10 -35.17 -16.24
C ALA A 118 81.66 -34.06 -17.14
N PRO A 119 81.98 -32.90 -16.57
CA PRO A 119 82.41 -31.77 -17.40
C PRO A 119 83.82 -31.92 -17.95
N THR A 120 84.13 -31.11 -18.96
CA THR A 120 85.46 -31.01 -19.53
C THR A 120 86.20 -29.86 -18.86
N VAL A 121 87.41 -30.14 -18.38
CA VAL A 121 88.14 -29.25 -17.47
C VAL A 121 89.10 -28.38 -18.28
N SER A 122 89.32 -27.16 -17.79
CA SER A 122 90.27 -26.22 -18.36
C SER A 122 90.64 -25.18 -17.31
N ILE A 123 91.76 -24.50 -17.53
CA ILE A 123 92.25 -23.46 -16.64
C ILE A 123 92.92 -22.37 -17.48
N PHE A 124 92.80 -21.12 -17.04
CA PHE A 124 93.40 -19.99 -17.74
C PHE A 124 93.97 -19.01 -16.74
N PRO A 125 95.14 -18.43 -17.01
CA PRO A 125 95.73 -17.47 -16.07
C PRO A 125 95.06 -16.12 -16.18
N PRO A 126 95.33 -15.20 -15.25
CA PRO A 126 94.95 -13.80 -15.48
C PRO A 126 95.73 -13.22 -16.66
N SER A 127 95.01 -12.50 -17.51
CA SER A 127 95.61 -11.89 -18.68
C SER A 127 96.52 -10.74 -18.27
N SER A 128 97.62 -10.58 -19.02
CA SER A 128 98.65 -9.60 -18.67
C SER A 128 98.17 -8.17 -18.90
N GLU A 129 97.17 -7.97 -19.75
CA GLU A 129 96.55 -6.66 -19.88
C GLU A 129 95.72 -6.32 -18.65
N GLN A 130 95.14 -7.35 -18.02
CA GLN A 130 94.49 -7.15 -16.73
C GLN A 130 95.53 -6.97 -15.62
N LEU A 131 96.70 -7.61 -15.77
CA LEU A 131 97.76 -7.46 -14.78
C LEU A 131 98.36 -6.06 -14.81
N THR A 132 98.30 -5.39 -15.97
CA THR A 132 98.78 -4.01 -16.04
C THR A 132 97.83 -3.07 -15.28
N SER A 133 96.55 -3.43 -15.20
CA SER A 133 95.61 -2.68 -14.37
C SER A 133 95.80 -2.98 -12.88
N GLY A 134 96.54 -4.02 -12.53
CA GLY A 134 96.76 -4.39 -11.16
C GLY A 134 95.85 -5.45 -10.62
N GLY A 135 95.11 -6.15 -11.48
CA GLY A 135 94.19 -7.18 -11.04
C GLY A 135 94.60 -8.57 -11.49
N ALA A 136 94.06 -9.60 -10.83
CA ALA A 136 94.44 -10.98 -11.12
C ALA A 136 93.24 -11.89 -10.91
N SER A 137 92.63 -12.32 -12.00
CA SER A 137 91.46 -13.20 -11.96
C SER A 137 91.76 -14.50 -12.67
N VAL A 138 91.85 -15.59 -11.93
CA VAL A 138 92.06 -16.92 -12.47
C VAL A 138 90.70 -17.54 -12.75
N VAL A 139 90.43 -17.83 -14.02
CA VAL A 139 89.12 -18.26 -14.48
C VAL A 139 89.15 -19.76 -14.74
N CYS A 140 88.06 -20.44 -14.45
CA CYS A 140 87.93 -21.88 -14.68
C CYS A 140 86.63 -22.15 -15.43
N PHE A 141 86.72 -22.83 -16.56
CA PHE A 141 85.57 -23.12 -17.40
C PHE A 141 85.22 -24.60 -17.32
N LEU A 142 84.20 -24.92 -16.54
CA LEU A 142 83.65 -26.27 -16.45
C LEU A 142 82.38 -26.30 -17.30
N ASN A 143 82.47 -26.92 -18.48
CA ASN A 143 81.41 -26.87 -19.47
C ASN A 143 80.89 -28.28 -19.74
N ASN A 144 79.66 -28.35 -20.29
CA ASN A 144 79.06 -29.56 -20.86
C ASN A 144 78.93 -30.67 -19.82
N PHE A 145 78.09 -30.42 -18.81
CA PHE A 145 77.84 -31.40 -17.76
C PHE A 145 76.36 -31.47 -17.44
N TYR A 146 75.98 -32.53 -16.72
CA TYR A 146 74.61 -32.81 -16.31
C TYR A 146 74.66 -33.81 -15.17
N PRO A 147 73.96 -33.58 -14.05
CA PRO A 147 73.02 -32.50 -13.76
C PRO A 147 73.65 -31.20 -13.28
N LYS A 148 72.84 -30.35 -12.63
CA LYS A 148 73.30 -29.02 -12.23
C LYS A 148 73.99 -29.05 -10.88
N ASP A 149 73.78 -30.12 -10.10
CA ASP A 149 74.33 -30.17 -8.74
C ASP A 149 75.80 -30.57 -8.78
N ILE A 150 76.67 -29.62 -8.42
CA ILE A 150 78.12 -29.81 -8.53
C ILE A 150 78.81 -28.91 -7.51
N ASN A 151 79.80 -29.45 -6.81
CA ASN A 151 80.57 -28.73 -5.80
C ASN A 151 81.88 -28.24 -6.41
N VAL A 152 82.16 -26.94 -6.24
CA VAL A 152 83.33 -26.30 -6.82
C VAL A 152 84.19 -25.71 -5.71
N LYS A 153 85.48 -26.03 -5.73
CA LYS A 153 86.46 -25.47 -4.80
C LYS A 153 87.68 -24.98 -5.57
N TRP A 154 88.48 -24.14 -4.91
CA TRP A 154 89.73 -23.64 -5.47
C TRP A 154 90.87 -23.97 -4.53
N LYS A 155 92.01 -24.40 -5.08
CA LYS A 155 93.20 -24.69 -4.30
C LYS A 155 94.33 -23.76 -4.70
N ILE A 156 94.75 -22.91 -3.76
CA ILE A 156 95.94 -22.08 -3.91
C ILE A 156 97.03 -22.74 -3.09
N ASP A 157 97.94 -23.45 -3.78
CA ASP A 157 98.98 -24.30 -3.17
C ASP A 157 98.37 -25.32 -2.21
N GLY A 158 97.25 -25.93 -2.59
CA GLY A 158 96.62 -26.97 -1.81
C GLY A 158 95.67 -26.50 -0.72
N SER A 159 95.65 -25.20 -0.41
CA SER A 159 94.78 -24.64 0.60
C SER A 159 93.49 -24.13 -0.06
N GLU A 160 92.35 -24.47 0.53
CA GLU A 160 91.08 -24.04 -0.03
C GLU A 160 90.72 -22.64 0.44
N ARG A 161 90.46 -21.75 -0.53
CA ARG A 161 90.12 -20.36 -0.26
C ARG A 161 88.71 -20.11 -0.80
N GLN A 162 87.78 -19.80 0.10
CA GLN A 162 86.40 -19.59 -0.32
C GLN A 162 86.13 -18.13 -0.70
N ASN A 163 87.01 -17.22 -0.28
CA ASN A 163 86.86 -15.82 -0.68
C ASN A 163 87.26 -15.64 -2.13
N GLY A 164 86.52 -14.78 -2.83
CA GLY A 164 86.79 -14.56 -4.24
C GLY A 164 86.26 -15.65 -5.15
N VAL A 165 85.27 -16.42 -4.72
CA VAL A 165 84.68 -17.49 -5.49
C VAL A 165 83.25 -17.10 -5.84
N LEU A 166 83.02 -16.77 -7.11
CA LEU A 166 81.70 -16.40 -7.61
C LEU A 166 81.41 -17.23 -8.86
N ASN A 167 80.32 -18.00 -8.82
CA ASN A 167 79.98 -18.93 -9.88
C ASN A 167 78.62 -18.56 -10.48
N SER A 168 78.55 -18.56 -11.81
CA SER A 168 77.32 -18.28 -12.53
C SER A 168 77.08 -19.39 -13.55
N TRP A 169 75.89 -19.98 -13.52
CA TRP A 169 75.53 -21.06 -14.42
C TRP A 169 74.90 -20.49 -15.68
N THR A 170 74.97 -21.27 -16.76
CA THR A 170 74.25 -20.92 -17.98
C THR A 170 72.92 -21.67 -18.04
N ASP A 171 72.26 -21.55 -19.19
CA ASP A 171 71.10 -22.39 -19.48
C ASP A 171 71.57 -23.71 -20.07
N GLN A 172 70.61 -24.59 -20.32
CA GLN A 172 70.91 -25.83 -21.02
C GLN A 172 71.11 -25.56 -22.51
N ASP A 173 71.97 -26.36 -23.13
CA ASP A 173 72.12 -26.31 -24.57
C ASP A 173 70.88 -26.92 -25.23
N SER A 174 70.56 -26.46 -26.43
CA SER A 174 69.35 -26.93 -27.09
C SER A 174 69.56 -28.30 -27.72
N LYS A 175 70.78 -28.57 -28.17
CA LYS A 175 71.04 -29.84 -28.86
C LYS A 175 71.75 -30.83 -27.93
N ASP A 176 72.84 -30.41 -27.29
CA ASP A 176 73.61 -31.32 -26.45
C ASP A 176 72.95 -31.54 -25.09
N SER A 177 72.03 -30.65 -24.71
CA SER A 177 71.17 -30.72 -23.52
C SER A 177 71.94 -30.80 -22.21
N THR A 178 73.13 -30.22 -22.13
CA THR A 178 73.90 -30.23 -20.89
C THR A 178 74.00 -28.82 -20.32
N TYR A 179 74.61 -28.71 -19.14
CA TYR A 179 74.73 -27.46 -18.42
C TYR A 179 76.14 -26.90 -18.53
N SER A 180 76.30 -25.65 -18.12
CA SER A 180 77.58 -24.97 -18.20
C SER A 180 77.66 -23.88 -17.15
N MET A 181 78.88 -23.54 -16.75
CA MET A 181 79.16 -22.50 -15.78
C MET A 181 80.62 -22.09 -15.88
N SER A 182 81.00 -21.08 -15.10
CA SER A 182 82.39 -20.64 -14.99
C SER A 182 82.72 -20.35 -13.54
N SER A 183 84.01 -20.37 -13.22
CA SER A 183 84.50 -20.05 -11.88
C SER A 183 85.70 -19.12 -12.00
N THR A 184 85.49 -17.85 -11.63
CA THR A 184 86.53 -16.83 -11.70
C THR A 184 87.04 -16.52 -10.30
N LEU A 185 88.26 -16.91 -10.01
CA LEU A 185 88.89 -16.64 -8.72
C LEU A 185 89.36 -15.19 -8.71
N THR A 186 88.58 -14.32 -8.09
CA THR A 186 88.84 -12.88 -8.07
C THR A 186 89.74 -12.54 -6.88
N LEU A 187 90.96 -12.10 -7.17
CA LEU A 187 91.92 -11.70 -6.15
C LEU A 187 92.72 -10.49 -6.61
N THR A 188 93.66 -10.08 -5.77
CA THR A 188 94.54 -8.94 -6.04
C THR A 188 95.89 -9.46 -6.53
N LYS A 189 96.59 -8.61 -7.32
CA LYS A 189 97.92 -8.97 -7.81
C LYS A 189 98.95 -9.04 -6.68
N ASP A 190 98.71 -8.31 -5.58
CA ASP A 190 99.65 -8.33 -4.47
C ASP A 190 99.64 -9.68 -3.75
N GLU A 191 98.52 -10.41 -3.84
CA GLU A 191 98.48 -11.77 -3.33
C GLU A 191 98.89 -12.77 -4.42
N TYR A 192 98.79 -12.35 -5.70
CA TYR A 192 99.12 -13.23 -6.81
C TYR A 192 100.62 -13.54 -6.85
N GLU A 193 101.46 -12.54 -6.57
CA GLU A 193 102.90 -12.70 -6.76
C GLU A 193 103.55 -13.51 -5.64
N ARG A 194 102.80 -13.84 -4.59
CA ARG A 194 103.37 -14.60 -3.48
C ARG A 194 103.34 -16.10 -3.73
N HIS A 195 102.17 -16.66 -4.01
CA HIS A 195 101.99 -18.10 -4.14
C HIS A 195 102.34 -18.54 -5.55
N ASN A 196 102.35 -19.86 -5.75
CA ASN A 196 102.88 -20.41 -7.00
C ASN A 196 101.81 -21.19 -7.77
N SER A 197 101.18 -22.18 -7.14
CA SER A 197 100.31 -23.12 -7.83
C SER A 197 98.85 -22.70 -7.69
N TYR A 198 98.08 -22.86 -8.77
CA TYR A 198 96.69 -22.44 -8.82
C TYR A 198 95.85 -23.54 -9.46
N THR A 199 94.94 -24.12 -8.69
CA THR A 199 94.24 -25.34 -9.04
C THR A 199 92.73 -25.14 -9.00
N CYS A 200 92.05 -25.56 -10.07
CA CYS A 200 90.59 -25.62 -10.13
C CYS A 200 90.16 -27.08 -10.13
N GLU A 201 89.41 -27.49 -9.11
CA GLU A 201 88.86 -28.83 -9.02
C GLU A 201 87.36 -28.73 -8.78
N ALA A 202 86.65 -29.82 -9.04
CA ALA A 202 85.20 -29.87 -8.89
C ALA A 202 84.75 -31.23 -8.39
N THR A 203 83.56 -31.27 -7.80
CA THR A 203 82.92 -32.50 -7.36
C THR A 203 81.53 -32.57 -7.96
N HIS A 204 81.32 -33.51 -8.87
CA HIS A 204 80.08 -33.65 -9.61
C HIS A 204 79.40 -34.94 -9.19
N LYS A 205 78.11 -35.06 -9.53
CA LYS A 205 77.35 -36.26 -9.17
C LYS A 205 77.80 -37.46 -10.01
N THR A 206 78.27 -37.23 -11.24
CA THR A 206 78.70 -38.33 -12.07
C THR A 206 80.06 -38.86 -11.64
N SER A 207 80.99 -37.98 -11.27
CA SER A 207 82.31 -38.37 -10.83
C SER A 207 82.59 -37.77 -9.46
N THR A 208 82.67 -38.63 -8.45
CA THR A 208 83.01 -38.17 -7.11
C THR A 208 84.47 -37.75 -7.01
N SER A 209 85.36 -38.45 -7.71
CA SER A 209 86.77 -38.09 -7.75
C SER A 209 86.96 -36.78 -8.49
N PRO A 210 87.87 -35.92 -8.02
CA PRO A 210 87.98 -34.57 -8.59
C PRO A 210 88.68 -34.57 -9.95
N ILE A 211 88.16 -33.74 -10.84
CA ILE A 211 88.83 -33.43 -12.10
C ILE A 211 89.78 -32.27 -11.83
N VAL A 212 90.86 -32.18 -12.61
CA VAL A 212 91.92 -31.24 -12.29
C VAL A 212 92.49 -30.63 -13.58
N LYS A 213 92.87 -29.36 -13.46
CA LYS A 213 93.68 -28.67 -14.46
C LYS A 213 94.40 -27.53 -13.74
N SER A 214 95.73 -27.52 -13.82
CA SER A 214 96.52 -26.63 -12.99
C SER A 214 97.51 -25.87 -13.84
N PHE A 215 98.12 -24.85 -13.23
CA PHE A 215 99.17 -24.05 -13.85
C PHE A 215 99.97 -23.38 -12.76
N ASN A 216 101.29 -23.57 -12.82
CA ASN A 216 102.22 -22.88 -11.94
C ASN A 216 102.43 -21.48 -12.51
N ARG A 217 102.56 -20.49 -11.61
CA ARG A 217 102.51 -19.10 -12.04
C ARG A 217 103.78 -18.67 -12.78
N ASN A 218 104.94 -18.99 -12.23
CA ASN A 218 106.19 -18.43 -12.74
C ASN A 218 106.61 -19.10 -14.05
N GLU A 219 106.15 -20.31 -14.29
CA GLU A 219 106.55 -21.07 -15.47
C GLU A 219 105.80 -20.58 -16.72
N CYS A 220 106.36 -20.92 -17.87
CA CYS A 220 105.78 -20.64 -19.18
C CYS A 220 106.40 -21.59 -20.20
N GLN B 1 43.59 -9.73 -29.35
CA GLN B 1 42.54 -8.90 -28.79
C GLN B 1 43.13 -8.01 -27.69
N VAL B 2 43.59 -8.62 -26.60
CA VAL B 2 44.31 -7.89 -25.57
C VAL B 2 45.79 -7.84 -25.91
N THR B 3 46.32 -6.63 -26.10
CA THR B 3 47.74 -6.41 -26.30
C THR B 3 48.29 -5.64 -25.13
N LEU B 4 49.57 -5.87 -24.83
CA LEU B 4 50.18 -5.34 -23.61
C LEU B 4 51.64 -5.02 -23.84
N LYS B 5 52.04 -3.84 -23.36
CA LYS B 5 53.42 -3.36 -23.41
C LYS B 5 53.64 -2.41 -22.25
N GLU B 6 54.86 -2.38 -21.72
CA GLU B 6 55.21 -1.45 -20.66
C GLU B 6 56.25 -0.46 -21.16
N SER B 7 56.51 0.56 -20.34
CA SER B 7 57.56 1.54 -20.63
C SER B 7 58.06 2.18 -19.35
N GLY B 8 59.38 2.16 -19.13
CA GLY B 8 59.96 2.71 -17.94
C GLY B 8 61.19 3.55 -18.23
N PRO B 9 61.74 4.19 -17.20
CA PRO B 9 62.96 4.99 -17.41
C PRO B 9 64.19 4.14 -17.68
N GLY B 10 64.25 2.93 -17.13
CA GLY B 10 65.35 2.03 -17.40
C GLY B 10 66.49 2.14 -16.42
N ILE B 11 67.14 3.29 -16.38
CA ILE B 11 68.31 3.52 -15.54
C ILE B 11 67.96 4.58 -14.51
N LEU B 12 68.12 4.24 -13.23
CA LEU B 12 67.76 5.12 -12.14
C LEU B 12 68.94 5.25 -11.18
N GLN B 13 68.87 6.25 -10.31
CA GLN B 13 69.87 6.51 -9.29
C GLN B 13 69.23 6.28 -7.92
N PRO B 14 70.03 6.06 -6.86
CA PRO B 14 69.45 5.93 -5.52
C PRO B 14 68.77 7.19 -5.04
N SER B 15 67.72 7.00 -4.24
CA SER B 15 66.81 7.99 -3.66
C SER B 15 66.05 8.78 -4.71
N GLN B 16 65.86 8.25 -5.93
CA GLN B 16 65.08 8.95 -6.94
C GLN B 16 63.69 8.34 -7.05
N THR B 17 62.92 8.85 -8.01
CA THR B 17 61.53 8.46 -8.22
C THR B 17 61.45 7.47 -9.38
N LEU B 18 60.56 6.49 -9.26
CA LEU B 18 60.38 5.47 -10.28
C LEU B 18 59.01 5.63 -10.93
N SER B 19 58.99 5.89 -12.23
CA SER B 19 57.75 6.06 -12.99
C SER B 19 57.66 4.94 -14.03
N LEU B 20 57.12 3.79 -13.63
CA LEU B 20 56.86 2.69 -14.55
C LEU B 20 55.45 2.79 -15.12
N THR B 21 55.39 2.91 -16.44
CA THR B 21 54.14 3.14 -17.15
C THR B 21 53.73 1.85 -17.83
N CYS B 22 52.47 1.46 -17.64
CA CYS B 22 51.90 0.29 -18.28
C CYS B 22 50.88 0.70 -19.32
N SER B 23 50.85 -0.03 -20.43
CA SER B 23 50.01 0.35 -21.56
C SER B 23 49.25 -0.87 -22.04
N PHE B 24 47.99 -0.64 -22.42
CA PHE B 24 47.08 -1.70 -22.83
C PHE B 24 46.34 -1.27 -24.09
N SER B 25 45.86 -2.26 -24.84
CA SER B 25 44.90 -2.06 -25.92
C SER B 25 44.03 -3.31 -26.02
N GLY B 26 42.73 -3.12 -26.12
CA GLY B 26 41.82 -4.25 -26.23
C GLY B 26 40.65 -4.22 -25.27
N PHE B 27 40.73 -3.38 -24.23
CA PHE B 27 39.67 -3.29 -23.25
C PHE B 27 39.64 -1.89 -22.64
N SER B 28 38.76 -1.73 -21.65
CA SER B 28 38.71 -0.54 -20.84
C SER B 28 38.66 -0.96 -19.37
N LEU B 29 39.33 -0.18 -18.52
CA LEU B 29 39.50 -0.57 -17.13
C LEU B 29 38.31 -0.19 -16.27
N SER B 30 37.50 0.77 -16.73
CA SER B 30 36.27 1.09 -16.02
C SER B 30 35.16 0.09 -16.29
N THR B 31 35.38 -0.84 -17.21
CA THR B 31 34.42 -1.93 -17.44
C THR B 31 34.40 -2.88 -16.25
N SER B 32 33.19 -3.29 -15.86
CA SER B 32 33.05 -4.24 -14.76
C SER B 32 33.49 -5.63 -15.20
N GLY B 33 34.74 -5.96 -14.90
CA GLY B 33 35.32 -7.23 -15.29
C GLY B 33 36.80 -7.18 -15.63
N MET B 34 37.37 -5.98 -15.79
CA MET B 34 38.79 -5.85 -16.10
C MET B 34 39.55 -5.32 -14.89
N GLY B 35 40.73 -5.89 -14.66
CA GLY B 35 41.52 -5.56 -13.48
C GLY B 35 42.97 -5.95 -13.69
N VAL B 36 43.86 -5.12 -13.13
CA VAL B 36 45.28 -5.22 -13.46
C VAL B 36 46.16 -5.16 -12.20
N GLY B 37 47.29 -5.87 -12.23
CA GLY B 37 48.25 -5.82 -11.15
C GLY B 37 49.65 -5.38 -11.60
N TRP B 38 50.61 -5.58 -10.70
CA TRP B 38 52.01 -5.27 -10.94
C TRP B 38 52.87 -6.21 -10.12
N ILE B 39 53.73 -6.98 -10.79
CA ILE B 39 54.51 -8.05 -10.17
C ILE B 39 55.98 -7.82 -10.52
N ARG B 40 56.87 -7.99 -9.54
CA ARG B 40 58.31 -7.91 -9.78
C ARG B 40 58.91 -9.30 -9.80
N GLN B 41 60.12 -9.42 -10.36
CA GLN B 41 60.99 -10.55 -10.15
C GLN B 41 62.44 -10.15 -10.35
N PRO B 42 63.37 -10.64 -9.53
CA PRO B 42 64.79 -10.48 -9.82
C PRO B 42 65.24 -11.52 -10.86
N SER B 43 66.51 -11.46 -11.21
CA SER B 43 67.07 -12.39 -12.19
C SER B 43 67.27 -13.77 -11.54
N GLY B 44 67.53 -13.80 -10.23
CA GLY B 44 67.81 -15.06 -9.57
C GLY B 44 66.70 -15.55 -8.66
N LYS B 45 65.99 -14.63 -7.98
CA LYS B 45 64.98 -15.03 -7.02
C LYS B 45 63.66 -15.40 -7.69
N GLY B 46 62.62 -15.55 -6.89
CA GLY B 46 61.29 -15.91 -7.37
C GLY B 46 60.44 -14.70 -7.69
N LEU B 47 59.16 -14.80 -7.38
CA LEU B 47 58.16 -13.80 -7.73
C LEU B 47 57.49 -13.32 -6.44
N GLU B 48 56.88 -12.13 -6.51
CA GLU B 48 56.17 -11.56 -5.35
C GLU B 48 55.21 -10.46 -5.82
N TRP B 49 54.05 -10.39 -5.16
CA TRP B 49 53.01 -9.43 -5.50
C TRP B 49 53.32 -8.09 -4.85
N LEU B 50 53.11 -7.00 -5.59
CA LEU B 50 53.40 -5.68 -5.05
C LEU B 50 52.14 -4.83 -4.89
N ALA B 51 51.43 -4.57 -5.98
CA ALA B 51 50.28 -3.67 -5.94
C ALA B 51 49.27 -4.11 -6.99
N HIS B 52 48.00 -3.78 -6.72
CA HIS B 52 46.91 -4.14 -7.61
C HIS B 52 45.75 -3.17 -7.35
N ILE B 53 45.23 -2.59 -8.43
CA ILE B 53 44.20 -1.56 -8.35
C ILE B 53 43.04 -1.98 -9.25
N TRP B 54 41.82 -1.66 -8.83
CA TRP B 54 40.59 -2.23 -9.36
C TRP B 54 39.76 -1.13 -10.02
N TRP B 55 38.51 -1.48 -10.37
CA TRP B 55 37.65 -0.55 -11.10
C TRP B 55 37.27 0.67 -10.27
N ASN B 56 36.91 0.49 -9.00
CA ASN B 56 36.25 1.53 -8.23
C ASN B 56 37.21 2.31 -7.34
N ASP B 57 38.42 2.60 -7.84
CA ASP B 57 39.36 3.62 -7.36
C ASP B 57 39.92 3.32 -5.97
N ASP B 58 40.00 2.06 -5.58
CA ASP B 58 40.60 1.71 -4.30
C ASP B 58 41.91 0.96 -4.52
N LYS B 59 42.85 1.15 -3.59
CA LYS B 59 44.23 0.71 -3.78
C LYS B 59 44.65 -0.24 -2.67
N ASN B 60 45.39 -1.27 -3.06
CA ASN B 60 46.10 -2.14 -2.13
C ASN B 60 47.57 -2.10 -2.48
N TYR B 61 48.42 -2.20 -1.46
CA TYR B 61 49.85 -2.22 -1.65
C TYR B 61 50.45 -3.39 -0.88
N HIS B 62 51.72 -3.65 -1.12
CA HIS B 62 52.45 -4.66 -0.37
C HIS B 62 52.77 -4.09 1.01
N PRO B 63 52.27 -4.69 2.10
CA PRO B 63 52.39 -4.04 3.41
C PRO B 63 53.79 -4.05 4.00
N ALA B 64 54.75 -4.75 3.37
CA ALA B 64 56.13 -4.64 3.82
C ALA B 64 56.68 -3.25 3.52
N LEU B 65 56.39 -2.72 2.32
CA LEU B 65 56.78 -1.35 2.02
C LEU B 65 55.74 -0.37 2.55
N LYS B 66 54.54 -0.40 1.97
CA LYS B 66 53.31 0.30 2.39
C LYS B 66 53.38 1.82 2.29
N SER B 67 54.54 2.39 1.94
CA SER B 67 54.67 3.85 2.01
C SER B 67 55.01 4.43 0.64
N ARG B 68 56.09 3.94 0.03
CA ARG B 68 56.54 4.48 -1.25
C ARG B 68 55.67 4.03 -2.42
N LEU B 69 55.12 2.82 -2.34
CA LEU B 69 54.40 2.21 -3.44
C LEU B 69 53.00 2.81 -3.53
N THR B 70 52.81 3.62 -4.59
CA THR B 70 51.53 4.26 -4.86
C THR B 70 51.13 3.94 -6.30
N ILE B 71 50.14 3.06 -6.46
CA ILE B 71 49.64 2.67 -7.78
C ILE B 71 48.49 3.60 -8.16
N SER B 72 48.38 3.92 -9.44
CA SER B 72 47.35 4.78 -9.99
C SER B 72 47.14 4.46 -11.47
N LYS B 73 45.89 4.58 -11.93
CA LYS B 73 45.57 4.32 -13.32
C LYS B 73 45.14 5.60 -14.00
N ASP B 74 45.04 5.55 -15.32
CA ASP B 74 44.45 6.60 -16.14
C ASP B 74 43.54 5.86 -17.11
N THR B 75 42.25 5.77 -16.76
CA THR B 75 41.32 4.98 -17.55
C THR B 75 40.96 5.68 -18.86
N SER B 76 41.18 6.99 -18.94
CA SER B 76 40.87 7.72 -20.16
C SER B 76 41.84 7.38 -21.28
N SER B 77 43.13 7.31 -20.97
CA SER B 77 44.10 6.81 -21.94
C SER B 77 44.21 5.29 -21.87
N ASN B 78 43.53 4.67 -20.90
CA ASN B 78 43.53 3.24 -20.62
C ASN B 78 44.95 2.77 -20.34
N ARG B 79 45.53 3.30 -19.26
CA ARG B 79 46.91 3.04 -18.84
C ARG B 79 46.99 3.01 -17.32
N VAL B 80 47.98 2.30 -16.82
CA VAL B 80 48.30 2.30 -15.39
C VAL B 80 49.73 2.80 -15.23
N PHE B 81 49.98 3.56 -14.16
CA PHE B 81 51.31 4.06 -13.86
C PHE B 81 51.73 3.64 -12.46
N LEU B 82 52.98 3.23 -12.32
CA LEU B 82 53.51 2.78 -11.05
C LEU B 82 54.49 3.82 -10.54
N ASN B 83 54.30 4.26 -9.29
CA ASN B 83 55.04 5.39 -8.73
C ASN B 83 55.73 4.96 -7.42
N ILE B 84 57.02 4.64 -7.54
CA ILE B 84 57.85 4.37 -6.37
C ILE B 84 58.77 5.57 -6.14
N ALA B 85 58.81 6.05 -4.90
CA ALA B 85 59.75 7.08 -4.49
C ALA B 85 60.86 6.47 -3.65
N SER B 86 62.05 7.06 -3.76
CA SER B 86 63.27 6.66 -3.04
C SER B 86 63.65 5.21 -3.32
N VAL B 87 64.00 4.93 -4.58
CA VAL B 87 64.39 3.58 -4.97
C VAL B 87 65.76 3.25 -4.39
N ASP B 88 65.85 2.11 -3.71
CA ASP B 88 67.04 1.69 -3.01
C ASP B 88 67.68 0.51 -3.76
N THR B 89 68.72 -0.09 -3.15
CA THR B 89 69.47 -1.16 -3.81
C THR B 89 68.68 -2.46 -3.87
N ALA B 90 67.64 -2.60 -3.03
CA ALA B 90 66.86 -3.83 -3.00
C ALA B 90 65.87 -3.91 -4.16
N ASP B 91 65.67 -2.81 -4.89
CA ASP B 91 64.68 -2.79 -5.95
C ASP B 91 65.26 -3.17 -7.31
N THR B 92 66.46 -3.74 -7.34
CA THR B 92 67.08 -4.20 -8.59
C THR B 92 66.36 -5.47 -9.05
N ALA B 93 65.43 -5.32 -9.99
CA ALA B 93 64.59 -6.43 -10.41
C ALA B 93 64.07 -6.16 -11.81
N THR B 94 63.19 -7.04 -12.27
CA THR B 94 62.53 -6.93 -13.57
C THR B 94 61.03 -7.02 -13.32
N TYR B 95 60.32 -5.92 -13.60
CA TYR B 95 58.91 -5.79 -13.25
C TYR B 95 58.03 -6.32 -14.37
N TYR B 96 56.90 -6.91 -14.01
CA TYR B 96 55.95 -7.49 -14.96
C TYR B 96 54.55 -6.96 -14.67
N CYS B 97 53.98 -6.24 -15.62
CA CYS B 97 52.64 -5.68 -15.51
C CYS B 97 51.68 -6.47 -16.39
N ALA B 98 50.51 -6.81 -15.85
CA ALA B 98 49.56 -7.65 -16.55
C ALA B 98 48.15 -7.54 -15.97
N ARG B 99 47.22 -8.25 -16.62
CA ARG B 99 45.80 -8.18 -16.29
C ARG B 99 45.40 -9.43 -15.52
N ILE B 100 44.47 -9.27 -14.57
CA ILE B 100 44.05 -10.32 -13.67
C ILE B 100 42.58 -10.62 -13.92
N HIS B 101 42.15 -11.83 -13.55
CA HIS B 101 40.73 -12.14 -13.42
C HIS B 101 40.42 -12.40 -11.95
N TYR B 102 39.16 -12.80 -11.70
CA TYR B 102 38.75 -13.21 -10.37
C TYR B 102 37.90 -14.47 -10.45
N VAL B 103 37.48 -14.83 -11.67
CA VAL B 103 36.97 -16.19 -11.89
C VAL B 103 38.14 -17.16 -12.02
N THR B 104 39.29 -16.65 -12.47
CA THR B 104 40.52 -17.43 -12.37
C THR B 104 41.35 -16.97 -11.19
N ASP B 105 41.16 -15.71 -10.77
CA ASP B 105 41.82 -15.08 -9.62
C ASP B 105 43.35 -15.11 -9.76
N ALA B 106 43.81 -14.98 -10.99
CA ALA B 106 45.23 -15.07 -11.28
C ALA B 106 45.51 -14.27 -12.55
N LEU B 107 46.77 -14.28 -12.95
CA LEU B 107 47.29 -13.32 -13.92
C LEU B 107 47.34 -14.02 -15.28
N ASP B 108 46.55 -13.52 -16.25
CA ASP B 108 46.26 -14.29 -17.45
C ASP B 108 47.41 -14.22 -18.47
N TYR B 109 47.65 -13.04 -19.03
CA TYR B 109 48.70 -12.85 -20.03
C TYR B 109 49.53 -11.65 -19.66
N TRP B 110 50.85 -11.79 -19.78
CA TRP B 110 51.78 -10.80 -19.25
C TRP B 110 52.49 -10.12 -20.42
N GLY B 111 53.42 -9.21 -20.10
CA GLY B 111 53.97 -8.30 -21.08
C GLY B 111 55.45 -8.53 -21.33
N GLN B 112 56.13 -7.42 -21.63
CA GLN B 112 57.53 -7.46 -22.05
C GLN B 112 58.48 -7.71 -20.88
N GLY B 113 58.10 -7.29 -19.68
CA GLY B 113 58.98 -7.45 -18.54
C GLY B 113 60.14 -6.47 -18.56
N THR B 114 59.84 -5.19 -18.35
CA THR B 114 60.85 -4.14 -18.37
C THR B 114 61.86 -4.31 -17.24
N SER B 115 63.11 -3.98 -17.53
CA SER B 115 64.21 -4.16 -16.61
C SER B 115 64.64 -2.84 -16.00
N VAL B 116 64.59 -2.77 -14.67
CA VAL B 116 65.02 -1.59 -13.92
C VAL B 116 66.16 -1.99 -12.99
N THR B 117 67.38 -1.59 -13.34
CA THR B 117 68.55 -1.82 -12.52
C THR B 117 69.10 -0.49 -12.03
N VAL B 118 69.22 -0.33 -10.72
CA VAL B 118 69.62 0.93 -10.11
C VAL B 118 71.00 0.77 -9.48
N SER B 119 71.90 1.69 -9.80
CA SER B 119 73.24 1.73 -9.22
C SER B 119 73.76 3.14 -9.34
N ALA B 120 75.07 3.31 -9.12
CA ALA B 120 75.65 4.64 -9.00
C ALA B 120 75.81 5.31 -10.36
N LYS B 121 76.65 4.74 -11.24
CA LYS B 121 76.98 5.38 -12.50
C LYS B 121 77.51 4.33 -13.46
N THR B 122 77.30 4.59 -14.75
CA THR B 122 77.77 3.70 -15.81
C THR B 122 79.28 3.71 -15.89
N THR B 123 79.84 2.55 -16.24
CA THR B 123 81.29 2.41 -16.39
C THR B 123 81.57 1.75 -17.73
N ALA B 124 82.73 2.09 -18.30
CA ALA B 124 83.14 1.59 -19.62
C ALA B 124 83.65 0.16 -19.51
N PRO B 125 83.25 -0.72 -20.44
CA PRO B 125 83.70 -2.11 -20.39
C PRO B 125 85.16 -2.28 -20.76
N SER B 126 85.85 -3.09 -19.97
CA SER B 126 87.27 -3.37 -20.17
C SER B 126 87.42 -4.81 -20.66
N VAL B 127 87.44 -4.96 -21.98
CA VAL B 127 87.44 -6.29 -22.58
C VAL B 127 88.86 -6.85 -22.54
N TYR B 128 88.99 -8.07 -22.02
CA TYR B 128 90.29 -8.70 -21.85
C TYR B 128 90.31 -10.06 -22.54
N PRO B 129 91.13 -10.23 -23.59
CA PRO B 129 91.20 -11.53 -24.26
C PRO B 129 92.04 -12.52 -23.47
N LEU B 130 91.40 -13.58 -22.97
CA LEU B 130 92.08 -14.65 -22.26
C LEU B 130 92.91 -15.46 -23.24
N ALA B 131 94.22 -15.52 -22.99
CA ALA B 131 95.17 -16.20 -23.88
C ALA B 131 95.49 -17.59 -23.32
N PRO B 132 95.78 -18.57 -24.16
CA PRO B 132 96.13 -19.90 -23.66
C PRO B 132 97.49 -19.92 -22.96
N VAL B 133 97.65 -20.96 -22.13
CA VAL B 133 98.90 -21.20 -21.40
C VAL B 133 100.01 -21.54 -22.41
N CYS B 134 101.24 -21.08 -22.10
CA CYS B 134 102.42 -21.48 -22.86
C CYS B 134 102.57 -23.00 -22.86
N GLY B 135 102.88 -23.57 -21.69
CA GLY B 135 102.70 -24.97 -21.37
C GLY B 135 103.33 -26.05 -22.22
N ASP B 136 102.88 -27.27 -21.99
CA ASP B 136 103.24 -28.45 -22.77
C ASP B 136 102.32 -28.52 -23.98
N THR B 137 102.75 -29.27 -25.01
CA THR B 137 101.97 -29.46 -26.23
C THR B 137 100.80 -30.39 -25.89
N THR B 138 99.73 -29.81 -25.35
CA THR B 138 98.56 -30.55 -24.92
C THR B 138 97.75 -31.02 -26.12
N GLY B 139 97.19 -30.07 -26.87
CA GLY B 139 96.44 -30.39 -28.08
C GLY B 139 95.12 -31.07 -27.82
N SER B 140 94.55 -30.92 -26.62
CA SER B 140 93.31 -31.60 -26.28
C SER B 140 92.12 -30.92 -26.94
N SER B 141 91.86 -29.67 -26.59
CA SER B 141 90.83 -28.84 -27.20
C SER B 141 91.13 -27.39 -26.88
N VAL B 142 91.54 -26.63 -27.90
CA VAL B 142 91.85 -25.22 -27.70
C VAL B 142 90.54 -24.48 -27.56
N THR B 143 90.19 -24.17 -26.32
CA THR B 143 89.08 -23.28 -25.99
C THR B 143 89.66 -21.90 -25.75
N LEU B 144 88.94 -20.87 -26.21
CA LEU B 144 89.42 -19.52 -26.01
C LEU B 144 88.52 -18.77 -25.05
N GLY B 145 88.83 -17.51 -24.79
CA GLY B 145 88.07 -16.75 -23.82
C GLY B 145 88.34 -15.28 -23.98
N CYS B 146 87.35 -14.48 -23.61
CA CYS B 146 87.43 -13.04 -23.79
C CYS B 146 86.51 -12.42 -22.74
N LEU B 147 87.10 -11.77 -21.74
CA LEU B 147 86.43 -11.47 -20.47
C LEU B 147 86.03 -9.99 -20.43
N VAL B 148 84.73 -9.75 -20.30
CA VAL B 148 84.19 -8.40 -20.20
C VAL B 148 83.88 -8.06 -18.75
N LYS B 149 84.84 -7.45 -18.06
CA LYS B 149 84.71 -7.13 -16.65
C LYS B 149 84.54 -5.63 -16.46
N GLY B 150 83.74 -5.26 -15.47
CA GLY B 150 83.64 -3.87 -15.05
C GLY B 150 82.88 -2.97 -16.00
N TYR B 151 81.58 -3.21 -16.16
CA TYR B 151 80.77 -2.38 -17.04
C TYR B 151 79.42 -2.10 -16.38
N PHE B 152 78.71 -1.14 -16.97
CA PHE B 152 77.36 -0.73 -16.61
C PHE B 152 76.86 0.15 -17.73
N PRO B 153 75.58 0.08 -18.12
CA PRO B 153 74.52 -0.83 -17.67
C PRO B 153 74.33 -2.08 -18.55
N GLU B 154 73.19 -2.74 -18.36
CA GLU B 154 72.78 -3.87 -19.17
C GLU B 154 71.95 -3.38 -20.36
N PRO B 155 71.96 -4.13 -21.49
CA PRO B 155 72.71 -5.34 -21.83
C PRO B 155 73.85 -5.14 -22.84
N VAL B 156 74.75 -6.11 -22.88
CA VAL B 156 75.81 -6.17 -23.89
C VAL B 156 75.70 -7.52 -24.59
N THR B 157 75.65 -7.48 -25.91
CA THR B 157 75.53 -8.70 -26.71
C THR B 157 76.90 -9.06 -27.25
N LEU B 158 77.49 -10.13 -26.72
CA LEU B 158 78.79 -10.61 -27.17
C LEU B 158 78.63 -11.46 -28.42
N THR B 159 79.50 -11.23 -29.39
CA THR B 159 79.42 -11.92 -30.67
C THR B 159 80.82 -12.39 -31.04
N TRP B 160 80.88 -13.39 -31.91
CA TRP B 160 82.14 -13.97 -32.39
C TRP B 160 82.21 -13.74 -33.90
N ASN B 161 83.17 -14.40 -34.56
CA ASN B 161 83.42 -14.22 -35.99
C ASN B 161 82.20 -14.58 -36.84
N SER B 162 82.01 -13.81 -37.92
CA SER B 162 80.82 -13.87 -38.76
C SER B 162 80.92 -14.95 -39.82
N GLY B 163 80.02 -15.94 -39.78
CA GLY B 163 79.88 -16.91 -40.84
C GLY B 163 81.02 -17.89 -41.02
N SER B 164 81.89 -17.98 -40.01
CA SER B 164 83.02 -18.90 -40.04
C SER B 164 82.64 -20.23 -39.42
N LEU B 165 83.64 -21.06 -39.12
CA LEU B 165 83.43 -22.36 -38.50
C LEU B 165 82.76 -22.21 -37.14
N SER B 166 81.53 -22.73 -37.03
CA SER B 166 80.70 -22.57 -35.84
C SER B 166 80.26 -23.96 -35.37
N SER B 167 80.52 -24.26 -34.10
CA SER B 167 80.17 -25.55 -33.51
C SER B 167 79.63 -25.36 -32.09
N GLY B 168 79.22 -24.13 -31.76
CA GLY B 168 78.61 -23.91 -30.46
C GLY B 168 79.12 -22.64 -29.81
N VAL B 169 78.50 -22.29 -28.68
CA VAL B 169 78.80 -21.07 -27.93
C VAL B 169 78.39 -21.32 -26.47
N HIS B 170 78.95 -20.53 -25.55
CA HIS B 170 78.71 -20.69 -24.12
C HIS B 170 78.40 -19.39 -23.41
N THR B 171 77.45 -18.59 -23.91
CA THR B 171 77.13 -17.26 -23.40
C THR B 171 76.71 -17.27 -21.93
N PHE B 172 77.55 -16.61 -21.05
CA PHE B 172 77.42 -16.55 -19.61
C PHE B 172 76.60 -15.36 -19.16
N PRO B 173 75.85 -15.51 -18.06
CA PRO B 173 75.16 -14.36 -17.45
C PRO B 173 76.08 -13.49 -16.63
N ALA B 174 75.51 -12.51 -15.93
CA ALA B 174 76.29 -11.50 -15.22
C ALA B 174 76.33 -11.80 -13.73
N VAL B 175 77.53 -11.70 -13.15
CA VAL B 175 77.69 -11.86 -11.71
C VAL B 175 77.64 -10.49 -11.03
N LEU B 176 77.07 -10.45 -9.82
CA LEU B 176 76.73 -9.19 -9.15
C LEU B 176 77.56 -8.99 -7.88
N GLN B 177 78.74 -8.41 -8.05
CA GLN B 177 79.50 -7.77 -6.98
C GLN B 177 79.14 -6.29 -7.06
N SER B 178 79.95 -5.43 -6.43
CA SER B 178 79.85 -3.97 -6.49
C SER B 178 79.69 -3.42 -7.90
N ASP B 179 79.04 -2.26 -8.02
CA ASP B 179 78.17 -1.84 -9.14
C ASP B 179 78.68 -2.18 -10.55
N LEU B 180 79.99 -2.24 -10.75
CA LEU B 180 80.54 -2.68 -12.03
C LEU B 180 80.25 -4.16 -12.27
N TYR B 181 79.53 -4.44 -13.36
CA TYR B 181 79.05 -5.77 -13.66
C TYR B 181 80.20 -6.64 -14.17
N THR B 182 79.99 -7.96 -14.10
CA THR B 182 81.03 -8.95 -14.39
C THR B 182 80.44 -10.07 -15.22
N LEU B 183 81.07 -10.38 -16.35
CA LEU B 183 80.53 -11.36 -17.29
C LEU B 183 81.66 -11.90 -18.15
N SER B 184 81.48 -13.09 -18.72
CA SER B 184 82.52 -13.75 -19.52
C SER B 184 81.90 -14.49 -20.70
N SER B 185 82.76 -15.14 -21.49
CA SER B 185 82.35 -15.82 -22.70
C SER B 185 83.36 -16.90 -23.07
N SER B 186 82.88 -17.94 -23.76
CA SER B 186 83.72 -19.06 -24.19
C SER B 186 83.13 -19.72 -25.43
N VAL B 187 84.01 -20.25 -26.29
CA VAL B 187 83.66 -21.12 -27.42
C VAL B 187 84.69 -22.23 -27.48
N THR B 188 84.21 -23.49 -27.47
CA THR B 188 85.09 -24.65 -27.49
C THR B 188 85.13 -25.30 -28.87
N VAL B 189 86.35 -25.53 -29.36
CA VAL B 189 86.62 -26.18 -30.64
C VAL B 189 87.64 -27.28 -30.33
N THR B 190 87.77 -28.26 -31.22
CA THR B 190 88.57 -29.47 -31.05
C THR B 190 90.06 -29.28 -31.34
N SER B 191 90.59 -28.07 -31.12
CA SER B 191 92.01 -27.69 -31.20
C SER B 191 92.52 -27.69 -32.63
N SER B 192 91.75 -27.10 -33.54
CA SER B 192 92.12 -26.94 -34.94
C SER B 192 92.13 -25.49 -35.39
N THR B 193 91.23 -24.66 -34.83
CA THR B 193 91.02 -23.31 -35.31
C THR B 193 92.03 -22.29 -34.77
N TRP B 194 92.98 -22.72 -33.96
CA TRP B 194 93.87 -21.79 -33.27
C TRP B 194 95.26 -22.40 -33.14
N PRO B 195 96.31 -21.62 -33.44
CA PRO B 195 96.32 -20.21 -33.87
C PRO B 195 96.19 -20.04 -35.39
N SER B 196 95.70 -21.07 -36.08
CA SER B 196 95.68 -21.02 -37.54
C SER B 196 94.55 -20.15 -38.06
N GLN B 197 93.32 -20.38 -37.61
CA GLN B 197 92.17 -19.67 -38.14
C GLN B 197 91.84 -18.48 -37.25
N SER B 198 91.06 -17.54 -37.81
CA SER B 198 90.84 -16.25 -37.16
C SER B 198 89.82 -16.35 -36.03
N ILE B 199 90.05 -15.56 -34.98
CA ILE B 199 89.12 -15.44 -33.86
C ILE B 199 89.15 -13.98 -33.41
N THR B 200 87.98 -13.48 -33.00
CA THR B 200 87.87 -12.09 -32.58
C THR B 200 86.79 -11.87 -31.53
N CYS B 201 86.90 -10.78 -30.77
CA CYS B 201 85.88 -10.38 -29.80
C CYS B 201 85.19 -9.14 -30.35
N ASN B 202 83.88 -9.26 -30.58
CA ASN B 202 83.06 -8.10 -30.88
C ASN B 202 82.23 -7.71 -29.66
N VAL B 203 82.39 -6.46 -29.23
CA VAL B 203 81.67 -5.94 -28.06
C VAL B 203 80.88 -4.70 -28.49
N ALA B 204 79.60 -4.66 -28.12
CA ALA B 204 78.77 -3.53 -28.53
C ALA B 204 78.78 -2.40 -27.52
N HIS B 205 78.28 -2.68 -26.29
CA HIS B 205 78.01 -1.74 -25.20
C HIS B 205 77.24 -0.52 -25.72
N PRO B 206 75.95 -0.67 -26.01
CA PRO B 206 75.25 0.39 -26.77
C PRO B 206 74.95 1.65 -25.97
N ALA B 207 75.29 1.71 -24.68
CA ALA B 207 75.10 2.95 -23.93
C ALA B 207 76.23 3.93 -24.16
N SER B 208 77.48 3.49 -24.01
CA SER B 208 78.63 4.37 -24.10
C SER B 208 79.11 4.60 -25.52
N SER B 209 78.61 3.82 -26.48
CA SER B 209 78.82 3.91 -27.93
C SER B 209 80.27 3.70 -28.35
N THR B 210 81.10 3.02 -27.57
CA THR B 210 82.46 2.71 -27.98
C THR B 210 82.55 1.28 -28.48
N LYS B 211 83.49 1.04 -29.39
CA LYS B 211 83.68 -0.29 -29.98
C LYS B 211 85.16 -0.54 -30.25
N VAL B 212 85.67 -1.63 -29.71
CA VAL B 212 87.03 -2.08 -29.95
C VAL B 212 87.01 -3.59 -30.16
N ASP B 213 87.51 -4.02 -31.31
CA ASP B 213 87.64 -5.44 -31.63
C ASP B 213 89.08 -5.88 -31.38
N LYS B 214 89.26 -7.17 -31.12
CA LYS B 214 90.57 -7.68 -30.71
C LYS B 214 90.76 -9.14 -31.04
N LYS B 215 91.99 -9.52 -31.37
CA LYS B 215 92.34 -10.93 -31.54
C LYS B 215 93.24 -11.37 -30.38
N ILE B 216 93.33 -12.69 -30.18
CA ILE B 216 94.13 -13.24 -29.11
C ILE B 216 95.61 -13.14 -29.47
N SER C 28 -40.64 -53.46 -25.43
CA SER C 28 -41.25 -54.29 -26.44
C SER C 28 -40.29 -55.39 -26.91
N VAL C 29 -39.48 -55.07 -27.93
CA VAL C 29 -38.61 -56.07 -28.52
C VAL C 29 -37.42 -56.32 -27.61
N TRP C 30 -37.04 -57.59 -27.48
CA TRP C 30 -35.77 -57.93 -26.85
C TRP C 30 -34.63 -57.59 -27.82
N ARG C 31 -33.60 -56.94 -27.30
CA ARG C 31 -32.52 -56.45 -28.14
C ARG C 31 -31.20 -57.08 -27.71
N PRO C 32 -30.28 -57.29 -28.66
CA PRO C 32 -29.01 -57.97 -28.29
C PRO C 32 -28.04 -57.09 -27.56
N SER C 33 -27.98 -55.80 -27.90
CA SER C 33 -26.95 -54.93 -27.33
C SER C 33 -27.34 -54.49 -25.92
N GLU C 34 -26.37 -53.94 -25.21
CA GLU C 34 -26.56 -53.42 -23.88
C GLU C 34 -25.88 -52.05 -23.79
N ALA C 35 -26.38 -51.20 -22.89
CA ALA C 35 -25.67 -49.98 -22.57
C ALA C 35 -24.53 -50.28 -21.62
N THR C 36 -23.66 -49.29 -21.42
CA THR C 36 -22.52 -49.47 -20.54
C THR C 36 -22.95 -49.49 -19.08
N VAL C 37 -22.13 -50.14 -18.25
CA VAL C 37 -22.41 -50.30 -16.83
C VAL C 37 -21.14 -49.96 -16.06
N TYR C 38 -21.31 -49.34 -14.89
CA TYR C 38 -20.17 -49.00 -14.05
C TYR C 38 -20.21 -49.84 -12.79
N LEU C 39 -19.27 -50.72 -12.66
CA LEU C 39 -19.09 -51.31 -11.34
C LEU C 39 -18.25 -50.38 -10.49
N PRO C 40 -18.41 -50.39 -9.16
CA PRO C 40 -17.57 -49.55 -8.31
C PRO C 40 -16.14 -50.06 -8.32
N PRO C 41 -15.17 -49.16 -8.19
CA PRO C 41 -13.75 -49.54 -8.38
C PRO C 41 -13.21 -50.39 -7.24
N VAL C 42 -12.01 -50.90 -7.47
CA VAL C 42 -11.34 -51.79 -6.51
C VAL C 42 -10.88 -50.97 -5.31
N PRO C 43 -10.81 -51.56 -4.10
CA PRO C 43 -10.27 -50.81 -2.96
C PRO C 43 -8.81 -50.43 -3.11
N VAL C 44 -8.50 -49.17 -2.86
CA VAL C 44 -7.13 -48.67 -2.90
C VAL C 44 -6.75 -48.19 -1.51
N SER C 45 -5.49 -48.39 -1.12
CA SER C 45 -4.98 -47.92 0.17
C SER C 45 -4.98 -46.40 0.19
N LYS C 46 -5.83 -45.82 1.03
CA LYS C 46 -6.04 -44.39 1.08
C LYS C 46 -5.22 -43.76 2.21
N VAL C 47 -4.98 -42.45 2.07
CA VAL C 47 -4.27 -41.72 3.10
C VAL C 47 -5.19 -41.48 4.29
N VAL C 48 -4.66 -41.68 5.49
CA VAL C 48 -5.41 -41.50 6.72
C VAL C 48 -4.89 -40.23 7.38
N SER C 49 -5.65 -39.70 8.33
CA SER C 49 -5.22 -38.53 9.07
C SER C 49 -4.08 -38.87 10.03
N THR C 50 -3.56 -37.83 10.68
CA THR C 50 -2.42 -37.99 11.57
C THR C 50 -2.82 -37.93 13.04
N ASP C 51 -4.05 -38.30 13.36
CA ASP C 51 -4.46 -38.49 14.74
C ASP C 51 -4.37 -39.95 15.15
N GLU C 52 -4.42 -40.88 14.20
CA GLU C 52 -4.59 -42.29 14.51
C GLU C 52 -3.31 -42.93 15.01
N TYR C 53 -2.18 -42.61 14.38
CA TYR C 53 -0.95 -43.25 14.82
C TYR C 53 -0.07 -42.30 15.63
N VAL C 54 -0.21 -40.99 15.42
CA VAL C 54 0.52 -40.03 16.24
C VAL C 54 -0.22 -39.86 17.56
N SER C 55 0.51 -39.93 18.66
CA SER C 55 -0.06 -39.62 19.96
C SER C 55 0.59 -38.36 20.52
N ARG C 56 -0.05 -37.73 21.49
CA ARG C 56 0.40 -36.44 22.00
C ARG C 56 0.89 -36.60 23.43
N THR C 57 1.71 -35.65 23.87
CA THR C 57 2.28 -35.67 25.21
C THR C 57 1.93 -34.38 25.94
N SER C 58 2.55 -34.15 27.10
CA SER C 58 2.24 -32.97 27.88
C SER C 58 3.48 -32.13 28.15
N ILE C 59 4.46 -32.19 27.24
CA ILE C 59 5.71 -31.46 27.40
C ILE C 59 5.77 -30.44 26.26
N TYR C 60 6.14 -29.22 26.57
CA TYR C 60 6.28 -28.18 25.57
C TYR C 60 7.70 -27.61 25.61
N TYR C 61 8.11 -26.99 24.51
CA TYR C 61 9.49 -26.52 24.38
C TYR C 61 9.50 -25.23 23.58
N TYR C 62 10.49 -24.39 23.86
CA TYR C 62 10.61 -23.12 23.15
C TYR C 62 11.85 -23.11 22.28
N ALA C 63 11.75 -22.44 21.13
CA ALA C 63 12.91 -22.13 20.30
C ALA C 63 12.84 -20.64 19.96
N GLY C 64 13.96 -19.96 20.15
CA GLY C 64 14.05 -18.54 19.83
C GLY C 64 15.28 -18.25 18.98
N SER C 65 15.03 -17.78 17.77
CA SER C 65 16.12 -17.41 16.89
C SER C 65 16.73 -16.08 17.32
N SER C 66 17.94 -15.83 16.83
CA SER C 66 18.48 -14.49 16.93
C SER C 66 17.91 -13.62 15.82
N ARG C 67 18.19 -12.33 15.88
CA ARG C 67 17.75 -11.43 14.84
C ARG C 67 18.64 -11.57 13.62
N LEU C 68 18.14 -11.10 12.48
CA LEU C 68 18.75 -11.39 11.19
C LEU C 68 19.10 -10.11 10.44
N LEU C 69 20.39 -9.76 10.49
CA LEU C 69 20.92 -8.64 9.73
C LEU C 69 20.94 -9.00 8.26
N ALA C 70 20.43 -8.10 7.43
CA ALA C 70 20.36 -8.31 6.00
C ALA C 70 20.29 -6.95 5.32
N VAL C 71 21.33 -6.64 4.55
CA VAL C 71 21.49 -5.29 4.00
C VAL C 71 22.14 -5.42 2.63
N GLY C 72 21.82 -4.47 1.74
CA GLY C 72 22.48 -4.46 0.44
C GLY C 72 21.87 -3.52 -0.57
N ASN C 73 22.14 -3.80 -1.85
CA ASN C 73 21.62 -2.98 -2.95
C ASN C 73 20.23 -3.46 -3.33
N PRO C 74 19.28 -2.53 -3.52
CA PRO C 74 17.91 -2.92 -3.84
C PRO C 74 17.67 -3.28 -5.30
N TYR C 75 18.61 -2.96 -6.19
CA TYR C 75 18.33 -2.97 -7.63
C TYR C 75 19.03 -4.12 -8.35
N PHE C 76 20.25 -4.47 -7.94
CA PHE C 76 21.00 -5.52 -8.60
C PHE C 76 22.04 -6.05 -7.62
N SER C 77 22.67 -7.16 -8.01
CA SER C 77 23.88 -7.53 -7.32
C SER C 77 25.05 -6.74 -7.87
N ILE C 78 25.76 -6.07 -6.98
CA ILE C 78 27.07 -5.53 -7.32
C ILE C 78 28.04 -6.67 -7.14
N LYS C 79 28.21 -7.45 -8.20
CA LYS C 79 29.12 -8.59 -8.23
C LYS C 79 30.55 -8.11 -8.09
N SER C 80 31.42 -9.01 -7.66
CA SER C 80 32.84 -8.74 -7.73
C SER C 80 33.23 -8.58 -9.19
N PRO C 81 34.09 -7.61 -9.51
CA PRO C 81 34.62 -7.53 -10.87
C PRO C 81 35.56 -8.70 -11.12
N ASN C 82 35.78 -8.95 -12.42
CA ASN C 82 36.67 -9.97 -12.97
C ASN C 82 36.22 -11.41 -12.67
N ASN C 83 35.10 -11.60 -11.98
CA ASN C 83 34.63 -12.94 -11.62
C ASN C 83 33.29 -13.28 -12.24
N ASN C 84 32.28 -12.44 -12.01
CA ASN C 84 30.86 -12.69 -12.30
C ASN C 84 30.35 -13.98 -11.65
N LYS C 85 30.96 -14.42 -10.54
CA LYS C 85 30.41 -15.49 -9.72
C LYS C 85 30.27 -15.08 -8.27
N LYS C 86 31.30 -14.46 -7.69
CA LYS C 86 31.23 -13.93 -6.33
C LYS C 86 30.70 -12.50 -6.39
N VAL C 87 30.54 -11.89 -5.23
CA VAL C 87 29.78 -10.65 -5.12
C VAL C 87 30.45 -9.74 -4.10
N LEU C 88 30.40 -8.43 -4.36
CA LEU C 88 30.82 -7.45 -3.37
C LEU C 88 29.72 -7.25 -2.33
N VAL C 89 28.54 -6.86 -2.78
CA VAL C 89 27.36 -6.67 -1.94
C VAL C 89 26.16 -7.24 -2.68
N PRO C 90 25.40 -8.15 -2.07
CA PRO C 90 24.39 -8.89 -2.83
C PRO C 90 23.13 -8.08 -3.08
N LYS C 91 22.34 -8.58 -4.04
CA LYS C 91 21.03 -8.01 -4.32
C LYS C 91 20.06 -8.46 -3.26
N VAL C 92 19.56 -7.53 -2.45
CA VAL C 92 18.49 -7.84 -1.52
C VAL C 92 17.54 -6.65 -1.48
N SER C 93 16.25 -6.93 -1.61
CA SER C 93 15.21 -5.91 -1.58
C SER C 93 13.98 -6.50 -0.90
N GLY C 94 13.01 -5.63 -0.67
CA GLY C 94 11.74 -6.09 -0.10
C GLY C 94 10.93 -6.92 -1.06
N LEU C 95 11.22 -6.83 -2.36
CA LEU C 95 10.42 -7.52 -3.35
C LEU C 95 10.73 -9.02 -3.43
N GLN C 96 11.82 -9.48 -2.82
CA GLN C 96 12.17 -10.88 -2.99
C GLN C 96 11.52 -11.74 -1.90
N TYR C 97 11.40 -13.03 -2.20
CA TYR C 97 10.98 -14.00 -1.21
C TYR C 97 12.06 -14.16 -0.14
N ARG C 98 11.61 -14.46 1.07
CA ARG C 98 12.51 -14.79 2.19
C ARG C 98 12.28 -16.27 2.50
N VAL C 99 13.11 -17.12 1.93
CA VAL C 99 12.97 -18.57 2.12
C VAL C 99 13.81 -18.95 3.32
N PHE C 100 13.16 -19.21 4.45
CA PHE C 100 13.88 -19.67 5.62
C PHE C 100 13.80 -21.19 5.73
N ARG C 101 14.93 -21.80 6.07
CA ARG C 101 14.96 -23.22 6.38
C ARG C 101 15.58 -23.37 7.76
N VAL C 102 14.78 -23.72 8.73
CA VAL C 102 15.29 -23.96 10.07
C VAL C 102 15.46 -25.46 10.31
N ARG C 103 16.62 -25.82 10.85
CA ARG C 103 16.92 -27.21 11.18
C ARG C 103 16.56 -27.44 12.64
N LEU C 104 16.15 -28.65 12.95
CA LEU C 104 15.74 -28.91 14.30
C LEU C 104 16.67 -29.95 14.94
N PRO C 105 16.96 -29.82 16.22
CA PRO C 105 17.72 -30.88 16.90
C PRO C 105 16.88 -32.14 16.99
N ASP C 106 17.55 -33.27 16.95
CA ASP C 106 16.85 -34.54 16.82
C ASP C 106 16.18 -34.91 18.13
N PRO C 107 14.97 -35.45 18.09
CA PRO C 107 14.28 -35.81 19.35
C PRO C 107 14.68 -37.18 19.87
N ASN C 108 15.77 -37.76 19.38
CA ASN C 108 16.30 -38.99 19.94
C ASN C 108 17.75 -38.87 20.34
N LYS C 109 18.40 -37.74 20.08
CA LYS C 109 19.76 -37.49 20.53
C LYS C 109 19.76 -36.30 21.47
N PHE C 110 18.80 -36.26 22.39
CA PHE C 110 18.58 -35.09 23.22
C PHE C 110 18.61 -35.44 24.69
N GLY C 111 19.18 -34.52 25.48
CA GLY C 111 19.33 -34.70 26.91
C GLY C 111 18.09 -34.36 27.70
N PHE C 112 17.13 -35.27 27.70
CA PHE C 112 15.86 -35.05 28.37
C PHE C 112 16.04 -35.06 29.88
N PRO C 113 15.25 -34.29 30.64
CA PRO C 113 15.31 -34.41 32.10
C PRO C 113 14.66 -35.66 32.64
N ASP C 114 13.83 -36.34 31.83
CA ASP C 114 13.13 -37.53 32.31
C ASP C 114 12.80 -38.39 31.09
N THR C 115 13.40 -39.57 31.03
CA THR C 115 13.13 -40.54 29.94
C THR C 115 12.36 -41.75 30.43
N SER C 116 11.42 -41.57 31.34
CA SER C 116 10.66 -42.68 31.91
C SER C 116 9.20 -42.68 31.45
N PHE C 117 8.92 -42.01 30.33
CA PHE C 117 7.58 -41.96 29.80
C PHE C 117 7.40 -42.75 28.52
N TYR C 118 8.39 -42.80 27.65
CA TYR C 118 8.30 -43.52 26.38
C TYR C 118 9.26 -44.68 26.41
N ASN C 119 8.98 -45.69 25.60
CA ASN C 119 9.83 -46.87 25.56
C ASN C 119 10.71 -46.81 24.33
N PRO C 120 12.02 -46.60 24.47
CA PRO C 120 12.88 -46.38 23.30
C PRO C 120 13.25 -47.63 22.55
N ASP C 121 12.80 -48.81 22.99
CA ASP C 121 13.11 -50.03 22.27
C ASP C 121 12.34 -50.13 20.97
N THR C 122 11.08 -49.67 20.95
CA THR C 122 10.23 -49.92 19.80
C THR C 122 9.35 -48.72 19.42
N GLN C 123 9.73 -47.51 19.81
CA GLN C 123 8.90 -46.34 19.52
C GLN C 123 9.75 -45.21 18.95
N ARG C 124 9.13 -44.05 18.83
CA ARG C 124 9.71 -42.93 18.10
C ARG C 124 9.25 -41.63 18.75
N LEU C 125 10.15 -40.64 18.74
CA LEU C 125 9.80 -39.28 19.12
C LEU C 125 9.91 -38.38 17.89
N VAL C 126 9.06 -37.37 17.83
CA VAL C 126 8.98 -36.49 16.67
C VAL C 126 8.35 -35.17 17.09
N TRP C 127 8.93 -34.07 16.62
CA TRP C 127 8.49 -32.75 17.01
C TRP C 127 7.20 -32.36 16.31
N ALA C 128 6.53 -31.34 16.85
CA ALA C 128 5.23 -30.90 16.36
C ALA C 128 5.14 -29.39 16.52
N CYS C 129 4.58 -28.72 15.52
CA CYS C 129 4.48 -27.27 15.54
C CYS C 129 3.10 -26.81 15.97
N VAL C 130 3.05 -25.94 16.98
CA VAL C 130 1.79 -25.42 17.49
C VAL C 130 1.82 -23.91 17.71
N GLY C 131 2.99 -23.29 17.80
CA GLY C 131 3.06 -21.89 18.12
C GLY C 131 4.07 -21.16 17.27
N LEU C 132 3.60 -20.12 16.60
CA LEU C 132 4.41 -19.44 15.60
C LEU C 132 4.21 -17.95 15.72
N GLU C 133 5.30 -17.20 15.51
CA GLU C 133 5.26 -15.75 15.51
C GLU C 133 6.39 -15.23 14.65
N ILE C 134 6.04 -14.45 13.63
CA ILE C 134 7.00 -13.92 12.67
C ILE C 134 7.24 -12.46 13.05
N GLY C 135 8.27 -12.23 13.85
CA GLY C 135 8.56 -10.88 14.29
C GLY C 135 9.22 -10.05 13.20
N ARG C 136 8.98 -8.74 13.28
CA ARG C 136 9.40 -7.84 12.21
C ARG C 136 9.48 -6.40 12.69
N GLY C 137 10.69 -5.85 12.76
CA GLY C 137 10.86 -4.52 13.31
C GLY C 137 11.64 -3.57 12.43
N GLN C 138 10.95 -2.53 11.95
CA GLN C 138 11.43 -1.50 11.03
C GLN C 138 10.33 -0.46 10.92
N PRO C 139 10.63 0.77 10.48
CA PRO C 139 9.56 1.68 10.05
C PRO C 139 8.86 1.22 8.78
N LEU C 140 7.87 1.97 8.32
CA LEU C 140 6.92 1.48 7.32
C LEU C 140 6.99 2.26 6.01
N GLY C 141 8.20 2.50 5.50
CA GLY C 141 8.33 3.21 4.23
C GLY C 141 8.34 2.28 3.04
N VAL C 142 7.61 2.66 2.00
CA VAL C 142 7.58 1.92 0.76
C VAL C 142 8.78 2.33 -0.09
N GLY C 143 9.01 1.60 -1.18
CA GLY C 143 10.11 1.90 -2.06
C GLY C 143 9.76 1.95 -3.52
N VAL C 144 10.53 2.70 -4.30
CA VAL C 144 10.29 2.89 -5.73
C VAL C 144 11.44 2.28 -6.50
N SER C 145 11.14 1.72 -7.67
CA SER C 145 12.15 1.26 -8.60
C SER C 145 11.75 1.71 -10.01
N GLY C 146 12.72 1.67 -10.91
CA GLY C 146 12.48 2.13 -12.25
C GLY C 146 13.47 1.55 -13.23
N HIS C 147 13.49 2.15 -14.43
CA HIS C 147 14.36 1.72 -15.50
C HIS C 147 14.67 2.98 -16.32
N PRO C 148 15.94 3.29 -16.54
CA PRO C 148 16.27 4.59 -17.12
C PRO C 148 16.02 4.69 -18.61
N TYR C 149 15.76 3.58 -19.29
CA TYR C 149 15.53 3.56 -20.74
C TYR C 149 14.23 2.82 -21.05
N LEU C 150 13.16 3.14 -20.32
CA LEU C 150 11.92 2.40 -20.41
C LEU C 150 11.20 2.67 -21.73
N ASN C 151 10.64 1.63 -22.33
CA ASN C 151 9.98 1.72 -23.63
C ASN C 151 8.62 2.41 -23.48
N LYS C 152 8.68 3.72 -23.30
CA LYS C 152 7.50 4.56 -23.35
C LYS C 152 7.41 5.15 -24.75
N PHE C 153 6.21 5.16 -25.32
CA PHE C 153 6.04 5.90 -26.56
C PHE C 153 5.51 7.30 -26.29
N ASP C 154 4.32 7.39 -25.72
CA ASP C 154 3.68 8.68 -25.49
C ASP C 154 2.80 8.65 -24.27
N ASP C 155 2.04 9.72 -24.06
CA ASP C 155 1.00 9.78 -23.04
C ASP C 155 -0.34 9.47 -23.69
N THR C 156 -1.12 8.59 -23.07
CA THR C 156 -2.37 8.12 -23.65
C THR C 156 -3.50 8.11 -22.61
N GLU C 157 -3.62 9.20 -21.88
CA GLU C 157 -4.73 9.30 -20.93
C GLU C 157 -5.68 10.46 -21.21
N THR C 158 -5.18 11.58 -21.74
CA THR C 158 -6.09 12.67 -22.09
C THR C 158 -5.79 13.38 -23.41
N SER C 159 -4.59 13.30 -23.97
CA SER C 159 -4.25 14.20 -25.07
C SER C 159 -3.26 13.51 -26.02
N ASN C 160 -3.76 13.06 -27.17
CA ASN C 160 -2.91 12.54 -28.23
C ASN C 160 -3.36 13.08 -29.58
N ARG C 161 -3.57 14.40 -29.65
CA ARG C 161 -3.85 15.07 -30.92
C ARG C 161 -2.66 14.90 -31.86
N TYR C 162 -2.89 14.25 -33.00
CA TYR C 162 -1.72 13.73 -33.66
C TYR C 162 -1.65 13.76 -35.18
N PRO C 163 -0.49 14.10 -35.73
CA PRO C 163 0.03 13.40 -36.90
C PRO C 163 0.90 12.25 -36.40
N ALA C 164 1.57 11.58 -37.34
CA ALA C 164 2.54 10.57 -36.97
C ALA C 164 3.75 11.22 -36.29
N GLN C 165 4.43 10.42 -35.47
CA GLN C 165 5.63 10.93 -34.83
C GLN C 165 6.83 10.05 -35.18
N PRO C 166 7.89 10.63 -35.73
CA PRO C 166 9.07 9.84 -36.05
C PRO C 166 9.99 9.69 -34.83
N GLY C 167 11.15 9.11 -35.08
CA GLY C 167 12.16 8.93 -34.07
C GLY C 167 12.79 7.55 -34.15
N SER C 168 14.05 7.51 -33.71
CA SER C 168 14.82 6.27 -33.67
C SER C 168 14.69 5.58 -32.32
N ASP C 169 14.90 6.32 -31.24
CA ASP C 169 14.65 5.82 -29.90
C ASP C 169 13.95 6.88 -29.06
N ASN C 170 12.96 6.43 -28.28
CA ASN C 170 12.19 7.35 -27.44
C ASN C 170 12.16 6.90 -25.99
N ARG C 171 13.17 6.17 -25.53
CA ARG C 171 13.19 5.64 -24.18
C ARG C 171 13.44 6.77 -23.18
N GLU C 172 12.81 6.64 -22.01
CA GLU C 172 12.83 7.71 -21.01
C GLU C 172 13.13 7.14 -19.63
N CYS C 173 13.34 8.04 -18.68
CA CYS C 173 13.63 7.72 -17.29
C CYS C 173 12.34 7.79 -16.50
N LEU C 174 11.87 6.64 -16.03
CA LEU C 174 10.63 6.55 -15.27
C LEU C 174 10.84 5.66 -14.05
N SER C 175 9.97 5.83 -13.05
CA SER C 175 9.96 4.96 -11.88
C SER C 175 8.57 4.95 -11.29
N MET C 176 8.18 3.81 -10.72
CA MET C 176 6.89 3.69 -10.07
C MET C 176 6.99 2.61 -9.00
N ASP C 177 5.98 2.54 -8.15
CA ASP C 177 5.97 1.58 -7.07
C ASP C 177 5.29 0.29 -7.55
N TYR C 178 4.99 -0.61 -6.63
CA TYR C 178 4.24 -1.81 -6.93
C TYR C 178 3.13 -1.96 -5.92
N LYS C 179 2.44 -3.09 -5.99
CA LYS C 179 1.36 -3.36 -5.05
C LYS C 179 1.94 -3.77 -3.71
N GLN C 180 1.28 -3.36 -2.64
CA GLN C 180 1.59 -3.93 -1.34
C GLN C 180 0.98 -5.32 -1.25
N THR C 181 1.74 -6.26 -0.72
CA THR C 181 1.33 -7.65 -0.71
C THR C 181 1.93 -8.35 0.48
N GLN C 182 1.08 -8.89 1.35
CA GLN C 182 1.53 -9.63 2.51
C GLN C 182 1.06 -11.07 2.40
N LEU C 183 1.99 -12.00 2.60
CA LEU C 183 1.64 -13.43 2.64
C LEU C 183 2.71 -14.17 3.43
N CYS C 184 2.29 -15.27 4.05
CA CYS C 184 3.17 -16.16 4.78
C CYS C 184 2.59 -17.56 4.76
N LEU C 185 3.46 -18.57 4.76
CA LEU C 185 3.02 -19.95 4.67
C LEU C 185 4.10 -20.88 5.22
N ILE C 186 3.65 -22.00 5.79
CA ILE C 186 4.50 -22.92 6.53
C ILE C 186 4.31 -24.32 5.94
N GLY C 187 5.41 -25.00 5.67
CA GLY C 187 5.32 -26.33 5.10
C GLY C 187 6.38 -27.32 5.51
N CYS C 188 6.11 -28.60 5.30
CA CYS C 188 7.08 -29.66 5.50
C CYS C 188 8.02 -29.82 4.31
N LYS C 189 7.51 -29.78 3.10
CA LYS C 189 8.29 -29.70 1.87
C LYS C 189 8.49 -28.21 1.61
N PRO C 190 9.61 -27.83 1.00
CA PRO C 190 9.76 -26.43 0.58
C PRO C 190 8.77 -26.10 -0.52
N PRO C 191 8.25 -24.88 -0.56
CA PRO C 191 7.07 -24.61 -1.38
C PRO C 191 7.37 -24.57 -2.87
N THR C 192 6.35 -24.89 -3.65
CA THR C 192 6.44 -24.94 -5.11
C THR C 192 5.56 -23.86 -5.70
N GLY C 193 6.07 -23.20 -6.74
CA GLY C 193 5.34 -22.16 -7.44
C GLY C 193 5.27 -22.46 -8.92
N GLU C 194 5.02 -21.39 -9.69
CA GLU C 194 4.91 -21.54 -11.13
C GLU C 194 5.26 -20.23 -11.81
N HIS C 195 5.51 -20.31 -13.12
CA HIS C 195 5.77 -19.15 -13.94
C HIS C 195 5.55 -19.54 -15.39
N TRP C 196 5.18 -18.54 -16.19
CA TRP C 196 5.01 -18.78 -17.61
C TRP C 196 6.36 -18.69 -18.32
N GLY C 197 6.48 -19.41 -19.43
CA GLY C 197 7.74 -19.42 -20.13
C GLY C 197 7.62 -20.04 -21.51
N LYS C 198 8.70 -19.88 -22.27
CA LYS C 198 8.80 -20.40 -23.62
C LYS C 198 9.03 -21.90 -23.59
N GLY C 199 8.62 -22.57 -24.66
CA GLY C 199 8.82 -24.00 -24.77
C GLY C 199 8.96 -24.47 -26.20
N VAL C 200 8.26 -25.56 -26.54
CA VAL C 200 8.33 -26.11 -27.88
C VAL C 200 7.52 -25.24 -28.83
N ALA C 201 7.81 -25.36 -30.13
CA ALA C 201 7.08 -24.60 -31.14
C ALA C 201 6.37 -25.49 -32.15
N CYS C 202 6.72 -26.78 -32.22
CA CYS C 202 6.10 -27.85 -33.02
C CYS C 202 6.34 -27.74 -34.53
N ASN C 203 6.97 -26.63 -34.96
CA ASN C 203 7.55 -26.35 -36.30
C ASN C 203 6.72 -26.88 -37.48
N ASN C 204 5.46 -26.46 -37.59
CA ASN C 204 4.61 -26.97 -38.66
C ASN C 204 3.50 -25.96 -38.98
N ASN C 205 2.81 -26.24 -40.10
CA ASN C 205 1.52 -25.67 -40.49
C ASN C 205 1.58 -24.17 -40.79
N ALA C 206 2.70 -23.71 -41.37
CA ALA C 206 2.86 -22.38 -41.98
C ALA C 206 2.60 -21.25 -40.98
N ALA C 207 3.45 -21.21 -39.96
CA ALA C 207 3.36 -20.20 -38.92
C ALA C 207 3.83 -18.87 -39.47
N ALA C 208 2.89 -18.04 -39.92
CA ALA C 208 3.25 -16.73 -40.47
C ALA C 208 3.35 -15.67 -39.39
N THR C 209 3.13 -16.03 -38.14
CA THR C 209 3.23 -15.12 -37.01
C THR C 209 4.30 -15.66 -36.05
N ASP C 210 5.29 -14.84 -35.73
CA ASP C 210 6.36 -15.26 -34.83
C ASP C 210 6.05 -14.94 -33.38
N CYS C 211 4.86 -15.32 -32.93
CA CYS C 211 4.63 -15.28 -31.50
C CYS C 211 4.92 -16.64 -30.88
N PRO C 212 5.80 -16.70 -29.88
CA PRO C 212 6.16 -18.00 -29.31
C PRO C 212 5.01 -18.53 -28.47
N PRO C 213 4.84 -19.85 -28.44
CA PRO C 213 3.75 -20.42 -27.64
C PRO C 213 4.08 -20.37 -26.16
N LEU C 214 3.04 -20.34 -25.34
CA LEU C 214 3.22 -20.21 -23.91
C LEU C 214 3.05 -21.58 -23.25
N GLU C 215 3.84 -21.80 -22.20
CA GLU C 215 3.83 -23.09 -21.52
C GLU C 215 3.86 -22.86 -20.02
N LEU C 216 3.15 -23.71 -19.30
CA LEU C 216 3.05 -23.59 -17.84
C LEU C 216 4.17 -24.41 -17.21
N PHE C 217 5.16 -23.71 -16.68
CA PHE C 217 6.19 -24.40 -15.91
C PHE C 217 5.92 -24.23 -14.43
N ASN C 218 6.53 -25.10 -13.63
CA ASN C 218 6.40 -25.05 -12.19
C ASN C 218 7.68 -25.57 -11.56
N SER C 219 8.15 -24.88 -10.54
CA SER C 219 9.41 -25.23 -9.90
C SER C 219 9.34 -24.81 -8.44
N ILE C 220 10.49 -24.77 -7.79
CA ILE C 220 10.60 -24.52 -6.36
C ILE C 220 11.10 -23.09 -6.16
N ILE C 221 10.50 -22.38 -5.20
CA ILE C 221 10.91 -21.01 -4.93
C ILE C 221 12.19 -21.03 -4.11
N GLU C 222 13.21 -20.32 -4.60
CA GLU C 222 14.37 -20.04 -3.79
C GLU C 222 14.47 -18.54 -3.57
N ASP C 223 15.19 -18.16 -2.51
CA ASP C 223 15.23 -16.77 -2.08
C ASP C 223 16.01 -15.91 -3.07
N GLY C 224 15.83 -14.59 -2.94
CA GLY C 224 16.36 -13.64 -3.88
C GLY C 224 15.48 -13.41 -5.09
N ASP C 225 14.53 -14.30 -5.35
CA ASP C 225 13.60 -14.17 -6.47
C ASP C 225 12.35 -13.45 -6.01
N MET C 226 11.71 -12.75 -6.94
CA MET C 226 10.67 -11.79 -6.60
C MET C 226 9.28 -12.35 -6.87
N VAL C 227 8.30 -11.69 -6.25
CA VAL C 227 6.88 -11.95 -6.50
C VAL C 227 6.45 -11.20 -7.74
N ASP C 228 5.23 -11.46 -8.20
CA ASP C 228 4.66 -10.69 -9.30
C ASP C 228 4.49 -9.23 -8.91
N THR C 229 4.64 -8.37 -9.89
CA THR C 229 4.42 -6.93 -9.72
C THR C 229 3.33 -6.43 -10.66
N GLY C 230 2.31 -7.26 -10.88
CA GLY C 230 1.25 -6.88 -11.79
C GLY C 230 1.61 -6.92 -13.25
N PHE C 231 2.75 -7.53 -13.60
CA PHE C 231 3.20 -7.58 -14.98
C PHE C 231 3.29 -9.00 -15.51
N GLY C 232 2.58 -9.95 -14.91
CA GLY C 232 2.55 -11.30 -15.44
C GLY C 232 3.60 -12.21 -14.85
N CYS C 233 3.17 -13.36 -14.33
CA CYS C 233 4.08 -14.31 -13.71
C CYS C 233 4.84 -15.09 -14.77
N MET C 234 5.90 -14.51 -15.30
CA MET C 234 6.62 -15.10 -16.41
C MET C 234 8.10 -14.70 -16.36
N ASP C 235 8.91 -15.39 -17.15
CA ASP C 235 10.34 -15.16 -17.22
C ASP C 235 10.60 -14.05 -18.22
N PHE C 236 10.90 -12.86 -17.72
CA PHE C 236 11.09 -11.69 -18.56
C PHE C 236 12.39 -11.74 -19.35
N GLY C 237 13.38 -12.50 -18.90
CA GLY C 237 14.68 -12.53 -19.54
C GLY C 237 14.68 -13.17 -20.91
N THR C 238 14.09 -14.36 -21.01
CA THR C 238 14.07 -15.04 -22.30
C THR C 238 12.89 -14.66 -23.17
N LEU C 239 11.82 -14.14 -22.59
CA LEU C 239 10.62 -13.84 -23.37
C LEU C 239 10.56 -12.40 -23.86
N GLN C 240 11.40 -11.52 -23.33
CA GLN C 240 11.56 -10.18 -23.86
C GLN C 240 12.93 -10.11 -24.52
N ALA C 241 13.16 -9.05 -25.29
CA ALA C 241 14.47 -8.88 -25.89
C ALA C 241 14.95 -7.46 -25.70
N ASN C 242 14.02 -6.52 -25.62
CA ASN C 242 14.37 -5.11 -25.52
C ASN C 242 15.00 -4.73 -24.19
N LYS C 243 14.72 -5.52 -23.14
CA LYS C 243 15.16 -5.26 -21.76
C LYS C 243 14.76 -3.87 -21.29
N SER C 244 13.60 -3.41 -21.76
CA SER C 244 13.24 -2.01 -21.55
C SER C 244 11.75 -1.84 -21.29
N ASP C 245 11.07 -2.87 -20.79
CA ASP C 245 9.64 -2.76 -20.56
C ASP C 245 9.29 -2.78 -19.07
N VAL C 246 10.17 -3.29 -18.22
CA VAL C 246 9.93 -3.35 -16.79
C VAL C 246 11.02 -2.55 -16.10
N PRO C 247 10.90 -2.24 -14.81
CA PRO C 247 12.06 -1.72 -14.08
C PRO C 247 13.19 -2.72 -13.99
N ILE C 248 14.38 -2.19 -13.65
CA ILE C 248 15.62 -2.95 -13.71
C ILE C 248 15.71 -4.08 -12.69
N ASP C 249 14.80 -4.13 -11.73
CA ASP C 249 14.91 -5.08 -10.63
C ASP C 249 14.58 -6.51 -11.06
N ILE C 250 13.73 -6.67 -12.07
CA ILE C 250 13.18 -7.98 -12.38
C ILE C 250 13.51 -8.37 -13.81
N CYS C 251 14.26 -7.52 -14.51
CA CYS C 251 14.38 -7.63 -15.96
C CYS C 251 15.19 -8.84 -16.40
N ASN C 252 16.15 -9.29 -15.61
CA ASN C 252 17.02 -10.38 -16.02
C ASN C 252 16.64 -11.65 -15.29
N SER C 253 15.53 -11.60 -14.56
CA SER C 253 15.13 -12.72 -13.72
C SER C 253 13.72 -13.15 -14.09
N THR C 254 13.17 -14.03 -13.28
CA THR C 254 11.79 -14.47 -13.39
C THR C 254 11.12 -14.19 -12.05
N CYS C 255 9.82 -13.93 -12.10
CA CYS C 255 9.05 -13.76 -10.88
C CYS C 255 8.15 -14.97 -10.68
N LYS C 256 7.90 -15.33 -9.44
CA LYS C 256 7.08 -16.48 -9.14
C LYS C 256 5.86 -16.05 -8.33
N TYR C 257 5.04 -17.03 -7.96
CA TYR C 257 3.73 -16.83 -7.33
C TYR C 257 3.34 -18.20 -6.81
N PRO C 258 2.55 -18.30 -5.76
CA PRO C 258 2.14 -19.62 -5.28
C PRO C 258 1.12 -20.26 -6.21
N ASP C 259 0.89 -21.55 -5.99
CA ASP C 259 -0.14 -22.30 -6.70
C ASP C 259 -0.95 -23.02 -5.64
N TYR C 260 -1.95 -22.34 -5.09
CA TYR C 260 -2.68 -22.83 -3.93
C TYR C 260 -3.48 -24.07 -4.22
N LEU C 261 -4.18 -24.12 -5.35
CA LEU C 261 -4.98 -25.29 -5.67
C LEU C 261 -4.13 -26.50 -6.07
N LYS C 262 -2.93 -26.28 -6.58
CA LYS C 262 -2.07 -27.43 -6.88
C LYS C 262 -1.49 -28.04 -5.62
N MET C 263 -0.95 -27.20 -4.73
CA MET C 263 -0.36 -27.69 -3.49
C MET C 263 -1.38 -28.31 -2.55
N ALA C 264 -2.60 -27.77 -2.51
CA ALA C 264 -3.64 -28.36 -1.67
C ALA C 264 -4.09 -29.70 -2.18
N SER C 265 -3.98 -29.95 -3.48
CA SER C 265 -4.40 -31.20 -4.09
C SER C 265 -3.36 -32.29 -3.97
N GLU C 266 -2.27 -32.06 -3.24
CA GLU C 266 -1.34 -33.13 -2.95
C GLU C 266 -1.97 -34.06 -1.91
N PRO C 267 -1.82 -35.38 -2.09
CA PRO C 267 -2.42 -36.34 -1.16
C PRO C 267 -1.97 -36.25 0.29
N TYR C 268 -0.66 -36.34 0.53
CA TYR C 268 -0.16 -36.30 1.89
C TYR C 268 -0.27 -34.92 2.51
N GLY C 269 -0.30 -33.87 1.70
CA GLY C 269 -0.53 -32.53 2.20
C GLY C 269 0.60 -31.98 3.04
N ASP C 270 1.83 -32.07 2.54
CA ASP C 270 3.00 -31.73 3.35
C ASP C 270 3.69 -30.48 2.83
N SER C 271 2.90 -29.54 2.32
CA SER C 271 3.46 -28.29 1.82
C SER C 271 2.76 -27.06 2.38
N LEU C 272 1.54 -27.17 2.90
CA LEU C 272 0.85 -25.99 3.44
C LEU C 272 0.27 -26.38 4.79
N PHE C 273 0.96 -26.03 5.87
CA PHE C 273 0.32 -26.12 7.18
C PHE C 273 -0.76 -25.07 7.34
N PHE C 274 -0.46 -23.83 6.98
CA PHE C 274 -1.29 -22.68 7.30
C PHE C 274 -0.80 -21.52 6.47
N PHE C 275 -1.73 -20.73 5.93
CA PHE C 275 -1.32 -19.64 5.05
C PHE C 275 -2.35 -18.52 5.08
N LEU C 276 -1.86 -17.30 4.95
CA LEU C 276 -2.69 -16.10 4.84
C LEU C 276 -2.16 -15.24 3.71
N ARG C 277 -3.01 -14.37 3.18
CA ARG C 277 -2.60 -13.52 2.07
C ARG C 277 -3.45 -12.26 2.06
N ARG C 278 -2.83 -11.16 1.63
CA ARG C 278 -3.54 -9.90 1.49
C ARG C 278 -2.76 -9.02 0.52
N GLU C 279 -3.46 -8.39 -0.42
CA GLU C 279 -2.84 -7.51 -1.40
C GLU C 279 -3.86 -6.53 -1.92
N GLN C 280 -3.38 -5.45 -2.54
CA GLN C 280 -4.25 -4.46 -3.15
C GLN C 280 -3.44 -3.68 -4.17
N MET C 281 -4.10 -3.27 -5.24
CA MET C 281 -3.43 -2.62 -6.36
C MET C 281 -4.47 -1.85 -7.17
N PHE C 282 -4.06 -0.70 -7.71
CA PHE C 282 -4.88 0.02 -8.66
C PHE C 282 -3.97 0.79 -9.60
N VAL C 283 -4.54 1.24 -10.72
CA VAL C 283 -3.75 1.80 -11.80
C VAL C 283 -3.54 3.30 -11.57
N ARG C 284 -2.46 3.83 -12.16
CA ARG C 284 -2.19 5.26 -12.06
C ARG C 284 -2.16 5.96 -13.41
N HIS C 285 -1.43 5.43 -14.38
CA HIS C 285 -1.31 6.06 -15.69
C HIS C 285 -1.51 5.03 -16.78
N PHE C 286 -1.39 5.47 -18.02
CA PHE C 286 -1.57 4.64 -19.19
C PHE C 286 -0.42 4.91 -20.15
N PHE C 287 0.13 3.86 -20.75
CA PHE C 287 1.29 4.01 -21.61
C PHE C 287 1.14 3.10 -22.82
N ASN C 288 1.75 3.51 -23.93
CA ASN C 288 1.73 2.77 -25.18
C ASN C 288 3.12 2.30 -25.54
N ARG C 289 3.18 1.15 -26.21
CA ARG C 289 4.44 0.64 -26.71
C ARG C 289 4.85 1.42 -27.96
N ALA C 290 6.12 1.31 -28.34
CA ALA C 290 6.67 2.13 -29.41
C ALA C 290 7.05 1.35 -30.65
N GLY C 291 7.37 0.06 -30.52
CA GLY C 291 7.64 -0.75 -31.69
C GLY C 291 6.38 -1.03 -32.47
N LYS C 292 6.57 -1.39 -33.75
CA LYS C 292 5.43 -1.71 -34.61
C LYS C 292 4.85 -3.05 -34.18
N LEU C 293 3.55 -3.06 -33.91
CA LEU C 293 2.88 -4.24 -33.37
C LEU C 293 2.83 -5.34 -34.42
N GLY C 294 2.89 -6.58 -33.94
CA GLY C 294 2.96 -7.73 -34.81
C GLY C 294 1.65 -8.02 -35.52
N GLU C 295 0.58 -8.18 -34.76
CA GLU C 295 -0.70 -8.53 -35.34
C GLU C 295 -1.50 -7.26 -35.57
N ALA C 296 -1.82 -7.00 -36.83
CA ALA C 296 -2.53 -5.79 -37.20
C ALA C 296 -3.98 -5.85 -36.73
N VAL C 297 -4.57 -4.68 -36.60
CA VAL C 297 -5.99 -4.58 -36.27
C VAL C 297 -6.81 -5.09 -37.45
N PRO C 298 -7.95 -5.73 -37.22
CA PRO C 298 -8.80 -6.15 -38.34
C PRO C 298 -9.46 -4.97 -39.01
N ASP C 299 -9.52 -5.05 -40.34
CA ASP C 299 -9.95 -3.90 -41.14
C ASP C 299 -11.44 -3.64 -41.03
N ASP C 300 -12.22 -4.59 -40.54
CA ASP C 300 -13.67 -4.42 -40.40
C ASP C 300 -14.04 -3.75 -39.08
N LEU C 301 -13.06 -3.29 -38.30
CA LEU C 301 -13.36 -2.73 -36.99
C LEU C 301 -13.18 -1.23 -36.91
N TYR C 302 -12.73 -0.57 -37.98
CA TYR C 302 -12.45 0.86 -37.93
C TYR C 302 -12.42 1.41 -39.34
N ILE C 303 -12.65 2.71 -39.46
CA ILE C 303 -12.60 3.38 -40.74
C ILE C 303 -11.19 3.92 -40.94
N LYS C 304 -10.65 3.74 -42.15
CA LYS C 304 -9.30 4.19 -42.46
C LYS C 304 -9.22 5.71 -42.48
N GLY C 305 -8.04 6.22 -42.13
CA GLY C 305 -7.82 7.65 -42.03
C GLY C 305 -7.32 8.27 -43.31
N SER C 306 -7.19 9.59 -43.27
CA SER C 306 -6.73 10.35 -44.43
C SER C 306 -5.95 11.56 -43.94
N GLY C 307 -5.28 12.22 -44.89
CA GLY C 307 -4.44 13.36 -44.57
C GLY C 307 -3.24 12.95 -43.75
N ASN C 308 -3.02 13.64 -42.63
CA ASN C 308 -1.98 13.21 -41.70
C ASN C 308 -2.41 11.98 -40.91
N THR C 309 -3.72 11.72 -40.86
CA THR C 309 -4.27 10.60 -40.10
C THR C 309 -4.35 9.32 -40.92
N ALA C 310 -3.72 9.28 -42.09
CA ALA C 310 -3.78 8.07 -42.92
C ALA C 310 -2.95 6.95 -42.31
N VAL C 311 -1.86 7.29 -41.64
CA VAL C 311 -1.06 6.29 -40.96
C VAL C 311 -1.58 6.10 -39.54
N ILE C 312 -1.65 4.84 -39.10
CA ILE C 312 -2.10 4.49 -37.76
C ILE C 312 -0.87 4.25 -36.89
N GLN C 313 -0.92 4.74 -35.66
CA GLN C 313 0.17 4.55 -34.73
C GLN C 313 0.00 3.22 -34.00
N SER C 314 0.84 2.97 -33.01
CA SER C 314 0.80 1.73 -32.27
C SER C 314 -0.41 1.71 -31.33
N SER C 315 -0.77 0.49 -30.90
CA SER C 315 -1.95 0.31 -30.06
C SER C 315 -1.69 -0.68 -28.94
N ALA C 316 -0.44 -1.02 -28.70
CA ALA C 316 -0.06 -1.96 -27.64
C ALA C 316 0.07 -1.18 -26.35
N PHE C 317 -0.92 -1.30 -25.47
CA PHE C 317 -0.93 -0.57 -24.22
C PHE C 317 -0.54 -1.49 -23.08
N PHE C 318 -0.24 -0.88 -21.93
CA PHE C 318 0.10 -1.57 -20.70
C PHE C 318 -0.04 -0.57 -19.57
N PRO C 319 -0.56 -0.99 -18.43
CA PRO C 319 -0.74 -0.05 -17.32
C PRO C 319 0.43 -0.06 -16.35
N THR C 320 0.57 1.02 -15.57
CA THR C 320 1.51 1.03 -14.48
C THR C 320 0.78 0.83 -13.16
N PRO C 321 1.30 0.04 -12.24
CA PRO C 321 0.62 -0.17 -10.96
C PRO C 321 0.84 1.01 -10.04
N SER C 322 0.00 1.07 -9.01
CA SER C 322 0.15 2.08 -7.98
C SER C 322 -0.35 1.51 -6.66
N GLY C 323 0.49 1.62 -5.64
CA GLY C 323 0.13 1.14 -4.31
C GLY C 323 -0.89 2.04 -3.66
N SER C 324 -1.37 1.60 -2.51
CA SER C 324 -2.46 2.29 -1.85
C SER C 324 -1.96 2.73 -0.47
N ILE C 325 -2.88 3.24 0.34
CA ILE C 325 -2.56 3.66 1.70
C ILE C 325 -2.25 2.43 2.55
N VAL C 326 -0.98 2.24 2.88
CA VAL C 326 -0.60 1.14 3.76
C VAL C 326 -0.81 1.58 5.20
N THR C 327 -1.67 0.86 5.92
CA THR C 327 -1.93 1.17 7.31
C THR C 327 -0.96 0.37 8.17
N SER C 328 -1.23 0.33 9.48
CA SER C 328 -0.42 -0.46 10.39
C SER C 328 -1.26 -1.49 11.13
N GLU C 329 -2.57 -1.39 11.05
CA GLU C 329 -3.47 -2.36 11.65
C GLU C 329 -3.89 -3.43 10.67
N SER C 330 -3.53 -3.28 9.40
CA SER C 330 -3.88 -4.25 8.37
C SER C 330 -2.65 -5.08 8.02
N GLN C 331 -1.77 -5.24 8.99
CA GLN C 331 -0.56 -6.03 8.84
C GLN C 331 -0.88 -7.48 9.19
N LEU C 332 0.09 -8.36 8.97
CA LEU C 332 -0.07 -9.77 9.29
C LEU C 332 1.02 -10.30 10.21
N PHE C 333 1.78 -9.42 10.86
CA PHE C 333 2.90 -9.85 11.67
C PHE C 333 2.78 -9.29 13.07
N ASN C 334 3.68 -9.76 13.95
CA ASN C 334 3.74 -9.44 15.38
C ASN C 334 2.48 -9.86 16.13
N LYS C 335 1.69 -10.77 15.55
CA LYS C 335 0.50 -11.30 16.18
C LYS C 335 0.63 -12.80 16.12
N PRO C 336 0.59 -13.49 17.24
CA PRO C 336 0.88 -14.93 17.25
C PRO C 336 -0.29 -15.74 16.71
N TYR C 337 0.01 -16.98 16.36
CA TYR C 337 -0.98 -17.91 15.89
C TYR C 337 -0.94 -19.19 16.72
N TRP C 338 -2.08 -19.89 16.73
CA TRP C 338 -2.18 -21.18 17.38
C TRP C 338 -2.86 -22.12 16.40
N LEU C 339 -2.07 -22.99 15.78
CA LEU C 339 -2.61 -23.93 14.81
C LEU C 339 -3.32 -25.04 15.57
N GLN C 340 -4.64 -24.98 15.62
CA GLN C 340 -5.43 -26.06 16.22
C GLN C 340 -5.81 -27.14 15.23
N ARG C 341 -6.02 -26.78 13.97
CA ARG C 341 -6.48 -27.76 12.98
C ARG C 341 -6.10 -27.23 11.61
N ALA C 342 -5.18 -27.92 10.93
CA ALA C 342 -4.79 -27.51 9.59
C ALA C 342 -5.77 -28.07 8.57
N GLN C 343 -5.56 -27.69 7.31
CA GLN C 343 -6.42 -28.16 6.25
C GLN C 343 -5.91 -29.45 5.63
N GLY C 344 -4.64 -29.79 5.84
CA GLY C 344 -4.09 -30.97 5.24
C GLY C 344 -4.37 -32.21 6.07
N HIS C 345 -3.33 -32.95 6.42
CA HIS C 345 -3.51 -34.05 7.37
C HIS C 345 -2.49 -34.03 8.49
N ASN C 346 -1.28 -33.57 8.23
CA ASN C 346 -0.27 -33.46 9.25
C ASN C 346 -0.49 -32.18 10.06
N ASN C 347 -1.18 -32.32 11.18
CA ASN C 347 -1.41 -31.18 12.06
C ASN C 347 -0.14 -30.81 12.80
N GLY C 348 0.77 -30.13 12.11
CA GLY C 348 1.98 -29.61 12.71
C GLY C 348 3.14 -30.58 12.82
N ILE C 349 2.99 -31.81 12.35
CA ILE C 349 4.07 -32.78 12.43
C ILE C 349 5.18 -32.39 11.45
N CYS C 350 6.41 -32.41 11.93
CA CYS C 350 7.56 -31.94 11.15
C CYS C 350 8.45 -33.14 10.84
N TRP C 351 8.21 -33.78 9.70
CA TRP C 351 9.14 -34.83 9.28
C TRP C 351 10.47 -34.23 8.89
N GLY C 352 11.53 -35.02 9.10
CA GLY C 352 12.86 -34.60 8.74
C GLY C 352 13.48 -33.56 9.64
N ASN C 353 12.79 -33.15 10.71
CA ASN C 353 13.26 -32.20 11.72
C ASN C 353 13.62 -30.85 11.07
N GLN C 354 12.69 -30.37 10.26
CA GLN C 354 12.90 -29.12 9.55
C GLN C 354 11.55 -28.51 9.20
N LEU C 355 11.51 -27.19 9.19
CA LEU C 355 10.36 -26.42 8.76
C LEU C 355 10.70 -25.65 7.50
N PHE C 356 9.68 -25.07 6.89
CA PHE C 356 9.88 -24.23 5.71
C PHE C 356 8.87 -23.08 5.81
N VAL C 357 9.36 -21.94 6.25
CA VAL C 357 8.53 -20.75 6.26
C VAL C 357 9.04 -19.76 5.21
N THR C 358 8.10 -19.04 4.61
CA THR C 358 8.40 -18.08 3.58
C THR C 358 7.48 -16.89 3.79
N VAL C 359 8.05 -15.70 3.84
CA VAL C 359 7.31 -14.48 4.11
C VAL C 359 7.54 -13.51 2.97
N VAL C 360 6.52 -12.73 2.65
CA VAL C 360 6.60 -11.71 1.62
C VAL C 360 5.98 -10.44 2.17
N ASP C 361 6.77 -9.37 2.21
CA ASP C 361 6.25 -8.06 2.58
C ASP C 361 6.97 -7.02 1.76
N THR C 362 6.24 -5.98 1.35
CA THR C 362 6.83 -4.86 0.65
C THR C 362 6.36 -3.55 1.26
N THR C 363 5.91 -3.61 2.52
CA THR C 363 5.54 -2.39 3.23
C THR C 363 6.68 -1.80 4.03
N ARG C 364 7.80 -2.50 4.15
CA ARG C 364 8.97 -1.95 4.79
C ARG C 364 10.09 -1.89 3.78
N SER C 365 9.78 -1.42 2.57
CA SER C 365 10.70 -1.45 1.44
C SER C 365 11.37 -0.11 1.21
N THR C 366 11.52 0.69 2.25
CA THR C 366 12.07 2.04 2.12
C THR C 366 13.53 2.00 1.68
N ASN C 367 13.97 3.10 1.08
CA ASN C 367 15.27 3.14 0.40
C ASN C 367 16.08 4.28 0.98
N MET C 368 17.35 4.01 1.26
CA MET C 368 18.22 5.00 1.89
C MET C 368 18.71 5.97 0.83
N THR C 369 19.44 7.00 1.26
CA THR C 369 20.06 7.94 0.34
C THR C 369 21.42 8.30 0.91
N LEU C 370 22.46 7.61 0.45
CA LEU C 370 23.81 7.87 0.89
C LEU C 370 24.56 8.69 -0.15
N CYS C 371 25.20 9.76 0.31
CA CYS C 371 26.00 10.59 -0.57
C CYS C 371 27.16 11.19 0.21
N THR C 372 28.37 10.86 -0.21
CA THR C 372 29.59 11.40 0.38
C THR C 372 30.12 12.53 -0.48
N GLU C 373 31.30 13.00 -0.12
CA GLU C 373 31.97 14.09 -0.81
C GLU C 373 33.38 13.67 -1.22
N VAL C 374 33.89 14.28 -2.28
CA VAL C 374 35.25 14.05 -2.72
C VAL C 374 36.09 15.25 -2.35
N THR C 375 35.47 16.41 -2.25
CA THR C 375 36.11 17.65 -1.82
C THR C 375 35.08 18.57 -1.18
N LYS C 376 35.57 19.50 -0.37
CA LYS C 376 34.71 20.44 0.34
C LYS C 376 34.95 21.84 -0.18
N GLU C 377 33.86 22.58 -0.39
CA GLU C 377 33.94 23.92 -0.92
C GLU C 377 33.03 24.82 -0.09
N GLY C 378 32.98 26.09 -0.44
CA GLY C 378 32.00 26.99 0.14
C GLY C 378 30.94 27.27 -0.90
N THR C 379 30.98 26.51 -1.98
CA THR C 379 30.06 26.67 -3.11
C THR C 379 29.47 25.31 -3.45
N TYR C 380 28.17 25.27 -3.67
CA TYR C 380 27.51 24.04 -4.06
C TYR C 380 27.86 23.68 -5.50
N LYS C 381 28.42 22.49 -5.68
CA LYS C 381 28.76 22.00 -7.01
C LYS C 381 28.46 20.52 -7.08
N ASN C 382 27.69 20.15 -8.11
CA ASN C 382 27.13 18.82 -8.26
C ASN C 382 28.18 17.74 -8.45
N ASP C 383 29.37 18.09 -8.93
CA ASP C 383 30.40 17.08 -9.17
C ASP C 383 31.05 16.61 -7.87
N ASN C 384 30.84 17.36 -6.78
CA ASN C 384 31.58 17.06 -5.55
C ASN C 384 30.95 15.90 -4.78
N PHE C 385 29.79 15.43 -5.19
CA PHE C 385 29.11 14.37 -4.45
C PHE C 385 28.89 13.14 -5.32
N LYS C 386 28.99 11.98 -4.68
CA LYS C 386 28.70 10.70 -5.32
C LYS C 386 27.62 9.99 -4.51
N GLU C 387 26.60 9.50 -5.20
CA GLU C 387 25.37 9.04 -4.57
C GLU C 387 25.33 7.52 -4.50
N TYR C 388 24.88 7.00 -3.37
CA TYR C 388 24.71 5.58 -3.16
C TYR C 388 23.33 5.32 -2.59
N VAL C 389 22.79 4.13 -2.85
CA VAL C 389 21.52 3.71 -2.27
C VAL C 389 21.72 2.39 -1.54
N ARG C 390 21.04 2.24 -0.41
CA ARG C 390 21.10 1.03 0.38
C ARG C 390 19.71 0.69 0.86
N HIS C 391 19.54 -0.52 1.35
CA HIS C 391 18.24 -1.02 1.75
C HIS C 391 18.43 -2.14 2.74
N VAL C 392 17.63 -2.13 3.81
CA VAL C 392 17.86 -3.00 4.95
C VAL C 392 16.51 -3.51 5.47
N GLU C 393 16.51 -4.75 5.94
CA GLU C 393 15.30 -5.39 6.43
C GLU C 393 15.67 -6.18 7.68
N GLU C 394 14.71 -6.31 8.60
CA GLU C 394 14.92 -7.10 9.81
C GLU C 394 13.80 -8.13 9.93
N TYR C 395 14.17 -9.30 10.40
CA TYR C 395 13.23 -10.40 10.57
C TYR C 395 13.46 -11.06 11.93
N ASP C 396 12.42 -11.67 12.47
CA ASP C 396 12.53 -12.35 13.75
C ASP C 396 11.60 -13.57 13.72
N LEU C 397 12.11 -14.67 14.26
CA LEU C 397 11.39 -15.93 14.25
C LEU C 397 11.24 -16.42 15.67
N GLN C 398 10.06 -16.93 15.98
CA GLN C 398 9.77 -17.49 17.29
C GLN C 398 8.88 -18.70 17.14
N PHE C 399 9.20 -19.76 17.87
CA PHE C 399 8.52 -21.03 17.70
C PHE C 399 8.19 -21.65 19.04
N VAL C 400 7.11 -22.40 19.07
CA VAL C 400 6.65 -23.13 20.25
C VAL C 400 6.27 -24.53 19.80
N PHE C 401 6.90 -25.54 20.39
CA PHE C 401 6.77 -26.90 19.90
C PHE C 401 6.25 -27.84 20.98
N GLN C 402 5.67 -28.95 20.50
CA GLN C 402 5.16 -30.02 21.33
C GLN C 402 5.84 -31.32 20.92
N LEU C 403 5.71 -32.35 21.77
CA LEU C 403 6.41 -33.61 21.59
C LEU C 403 5.40 -34.70 21.33
N CYS C 404 5.70 -35.60 20.39
CA CYS C 404 4.77 -36.63 19.96
C CYS C 404 5.46 -37.98 19.91
N LYS C 405 4.72 -39.03 20.24
CA LYS C 405 5.25 -40.39 20.24
C LYS C 405 4.55 -41.22 19.17
N ILE C 406 5.23 -42.27 18.71
CA ILE C 406 4.73 -43.12 17.63
C ILE C 406 4.82 -44.57 18.06
N THR C 407 3.69 -45.27 18.04
CA THR C 407 3.66 -46.71 18.34
C THR C 407 3.97 -47.47 17.06
N LEU C 408 5.22 -47.94 16.95
CA LEU C 408 5.70 -48.61 15.74
C LEU C 408 5.19 -50.04 15.72
N THR C 409 4.10 -50.28 15.01
CA THR C 409 3.62 -51.61 14.75
C THR C 409 4.01 -52.01 13.33
N ALA C 410 3.47 -53.14 12.86
CA ALA C 410 3.95 -53.74 11.62
C ALA C 410 3.54 -52.96 10.38
N GLU C 411 2.23 -52.73 10.19
CA GLU C 411 1.76 -52.24 8.90
C GLU C 411 2.05 -50.76 8.71
N ILE C 412 2.33 -50.05 9.81
CA ILE C 412 2.57 -48.62 9.71
C ILE C 412 3.93 -48.34 9.09
N MET C 413 4.88 -49.26 9.27
CA MET C 413 6.16 -49.21 8.56
C MET C 413 5.99 -49.17 7.05
N THR C 414 5.06 -49.94 6.50
CA THR C 414 4.77 -49.82 5.08
C THR C 414 4.08 -48.51 4.75
N TYR C 415 3.28 -47.99 5.68
CA TYR C 415 2.57 -46.73 5.44
C TYR C 415 3.52 -45.55 5.40
N ILE C 416 4.52 -45.54 6.28
CA ILE C 416 5.46 -44.44 6.25
C ILE C 416 6.49 -44.60 5.15
N HIS C 417 6.71 -45.83 4.67
CA HIS C 417 7.74 -46.07 3.66
C HIS C 417 7.32 -45.53 2.30
N THR C 418 6.04 -45.68 1.95
CA THR C 418 5.58 -45.15 0.68
C THR C 418 5.42 -43.64 0.71
N MET C 419 5.34 -43.04 1.90
CA MET C 419 5.40 -41.58 2.00
C MET C 419 6.81 -41.09 1.72
N ASP C 420 7.80 -41.71 2.37
CA ASP C 420 9.17 -41.27 2.26
C ASP C 420 10.08 -42.43 2.62
N SER C 421 11.25 -42.46 1.99
CA SER C 421 12.26 -43.48 2.27
C SER C 421 13.26 -43.04 3.33
N ASN C 422 13.64 -41.76 3.33
CA ASN C 422 14.67 -41.26 4.22
C ASN C 422 14.14 -40.89 5.59
N ILE C 423 12.89 -41.22 5.88
CA ILE C 423 12.26 -40.90 7.15
C ILE C 423 12.50 -42.01 8.18
N LEU C 424 12.76 -43.23 7.70
CA LEU C 424 12.98 -44.35 8.59
C LEU C 424 14.45 -44.71 8.77
N GLU C 425 15.29 -44.46 7.76
CA GLU C 425 16.66 -44.94 7.80
C GLU C 425 17.50 -44.15 8.80
N ASP C 426 17.17 -42.89 9.02
CA ASP C 426 17.84 -42.12 10.07
C ASP C 426 17.44 -42.62 11.45
N TRP C 427 16.18 -43.03 11.60
CA TRP C 427 15.75 -43.59 12.88
C TRP C 427 16.33 -44.99 13.09
N GLN C 428 16.35 -45.80 12.02
CA GLN C 428 16.98 -47.13 11.91
C GLN C 428 16.56 -48.11 13.01
N PHE C 429 15.41 -47.90 13.65
CA PHE C 429 14.92 -48.83 14.66
C PHE C 429 14.03 -49.90 14.03
N GLY C 430 13.94 -49.92 12.71
CA GLY C 430 13.38 -51.04 12.00
C GLY C 430 14.49 -51.86 11.40
N LEU C 431 14.37 -53.19 11.42
CA LEU C 431 15.41 -54.04 10.86
C LEU C 431 15.39 -53.96 9.34
N THR C 432 16.50 -54.33 8.73
CA THR C 432 16.60 -54.32 7.28
C THR C 432 16.38 -55.73 6.74
N PRO C 433 15.32 -55.98 5.98
CA PRO C 433 15.08 -57.33 5.44
C PRO C 433 16.09 -57.75 4.37
N PRO C 434 16.62 -56.87 3.50
CA PRO C 434 17.79 -57.26 2.73
C PRO C 434 19.02 -57.31 3.62
N PRO C 435 19.92 -58.26 3.39
CA PRO C 435 21.12 -58.37 4.23
C PRO C 435 22.13 -57.30 3.86
N SER C 436 23.21 -57.28 4.64
CA SER C 436 24.28 -56.33 4.41
C SER C 436 25.15 -56.69 3.21
N ALA C 437 24.58 -56.60 2.01
CA ALA C 437 25.30 -56.92 0.81
C ALA C 437 24.40 -57.39 -0.33
N SER C 438 24.88 -57.22 -1.56
CA SER C 438 24.13 -57.66 -2.73
C SER C 438 24.25 -59.16 -2.96
N LEU C 439 25.19 -59.83 -2.27
CA LEU C 439 25.34 -61.29 -2.21
C LEU C 439 25.59 -61.91 -3.60
N GLN C 440 26.73 -61.54 -4.17
CA GLN C 440 27.29 -62.26 -5.32
C GLN C 440 28.79 -62.41 -5.08
N ASP C 441 29.50 -62.79 -6.14
CA ASP C 441 30.94 -63.00 -6.08
C ASP C 441 31.62 -62.14 -7.13
N THR C 442 32.57 -61.31 -6.70
CA THR C 442 33.36 -60.46 -7.60
C THR C 442 34.80 -60.47 -7.10
N TYR C 443 35.72 -60.94 -7.93
CA TYR C 443 37.13 -60.97 -7.53
C TYR C 443 38.01 -60.84 -8.76
N ARG C 444 39.31 -60.72 -8.52
CA ARG C 444 40.34 -60.88 -9.53
C ARG C 444 41.69 -61.11 -8.86
N PHE C 445 42.62 -61.66 -9.62
CA PHE C 445 44.02 -61.77 -9.21
C PHE C 445 44.66 -60.39 -9.24
N VAL C 446 45.81 -60.25 -8.58
CA VAL C 446 46.49 -58.96 -8.43
C VAL C 446 46.95 -58.45 -9.80
N THR C 447 46.97 -57.13 -9.95
CA THR C 447 46.91 -56.52 -11.27
C THR C 447 48.29 -56.30 -11.86
N SER C 448 48.55 -56.94 -13.00
CA SER C 448 49.67 -56.56 -13.86
C SER C 448 49.21 -56.13 -15.24
N GLN C 449 48.44 -56.95 -15.95
CA GLN C 449 48.15 -56.72 -17.37
C GLN C 449 46.69 -57.01 -17.69
N ALA C 450 45.79 -56.61 -16.80
CA ALA C 450 44.36 -56.66 -17.06
C ALA C 450 43.74 -55.30 -16.74
N ILE C 451 42.53 -55.09 -17.24
CA ILE C 451 41.85 -53.80 -17.07
C ILE C 451 41.35 -53.68 -15.63
N THR C 452 40.95 -52.47 -15.26
CA THR C 452 40.44 -52.10 -13.93
C THR C 452 41.49 -52.40 -12.85
N CYS C 453 42.59 -51.63 -12.96
CA CYS C 453 43.68 -51.71 -12.01
C CYS C 453 43.24 -51.49 -10.57
N GLN C 454 42.49 -50.42 -10.31
CA GLN C 454 41.88 -50.24 -8.99
C GLN C 454 40.55 -49.54 -9.16
N LYS C 455 39.75 -49.57 -8.11
CA LYS C 455 38.56 -48.74 -8.07
C LYS C 455 38.96 -47.31 -7.70
N THR C 456 38.40 -46.35 -8.44
CA THR C 456 38.85 -44.98 -8.37
C THR C 456 37.92 -44.05 -7.61
N ALA C 457 36.63 -44.37 -7.53
CA ALA C 457 35.69 -43.61 -6.70
C ALA C 457 34.81 -44.57 -5.89
N PRO C 458 35.30 -45.05 -4.74
CA PRO C 458 34.47 -45.91 -3.88
C PRO C 458 33.25 -45.19 -3.30
N PRO C 459 33.38 -44.04 -2.55
CA PRO C 459 32.22 -43.62 -1.75
C PRO C 459 31.18 -42.85 -2.54
N LYS C 460 29.99 -42.69 -1.94
CA LYS C 460 28.84 -41.93 -2.41
C LYS C 460 28.57 -40.75 -1.48
N GLU C 461 28.45 -39.54 -2.02
CA GLU C 461 28.19 -38.36 -1.18
C GLU C 461 26.76 -38.19 -0.72
N LYS C 462 25.92 -39.23 -0.84
CA LYS C 462 24.58 -39.41 -0.26
C LYS C 462 23.51 -38.57 -0.98
N GLU C 463 23.95 -37.70 -1.91
CA GLU C 463 23.16 -36.95 -2.90
C GLU C 463 21.88 -36.31 -2.31
N ASP C 464 22.08 -35.43 -1.35
CA ASP C 464 21.01 -34.60 -0.83
C ASP C 464 20.55 -33.63 -1.91
N PRO C 465 19.36 -33.81 -2.49
CA PRO C 465 19.08 -33.15 -3.77
C PRO C 465 18.74 -31.67 -3.65
N LEU C 466 18.41 -31.19 -2.45
CA LEU C 466 17.96 -29.82 -2.31
C LEU C 466 19.10 -28.82 -2.26
N ASN C 467 20.35 -29.26 -2.24
CA ASN C 467 21.48 -28.37 -2.07
C ASN C 467 21.78 -27.53 -3.31
N LYS C 468 21.17 -27.84 -4.45
CA LYS C 468 21.30 -26.97 -5.61
C LYS C 468 20.52 -25.68 -5.48
N TYR C 469 19.53 -25.63 -4.60
CA TYR C 469 18.77 -24.42 -4.33
C TYR C 469 19.34 -23.72 -3.11
N THR C 470 19.76 -22.48 -3.30
CA THR C 470 20.27 -21.70 -2.19
C THR C 470 19.14 -21.28 -1.26
N PHE C 471 19.43 -21.24 0.03
CA PHE C 471 18.47 -20.85 1.05
C PHE C 471 19.03 -19.72 1.90
N TRP C 472 18.30 -19.35 2.95
CA TRP C 472 18.81 -18.45 3.99
C TRP C 472 18.82 -19.28 5.26
N GLU C 473 19.89 -20.03 5.46
CA GLU C 473 19.94 -21.07 6.47
C GLU C 473 20.10 -20.44 7.85
N VAL C 474 19.09 -20.59 8.68
CA VAL C 474 19.23 -20.32 10.11
C VAL C 474 19.42 -21.66 10.80
N ASN C 475 20.03 -21.64 11.98
CA ASN C 475 20.33 -22.86 12.73
C ASN C 475 19.79 -22.73 14.15
N LEU C 476 18.93 -23.67 14.53
CA LEU C 476 18.36 -23.73 15.88
C LEU C 476 18.77 -25.00 16.60
N LYS C 477 20.04 -25.40 16.46
CA LYS C 477 20.44 -26.73 16.91
C LYS C 477 20.66 -26.78 18.41
N GLU C 478 21.03 -25.65 19.01
CA GLU C 478 21.38 -25.62 20.43
C GLU C 478 20.67 -24.48 21.15
N LYS C 479 19.48 -24.13 20.65
CA LYS C 479 18.76 -22.97 21.20
C LYS C 479 17.42 -23.36 21.82
N PHE C 480 17.25 -24.62 22.20
CA PHE C 480 16.00 -25.03 22.81
C PHE C 480 15.99 -24.69 24.29
N SER C 481 14.80 -24.76 24.89
CA SER C 481 14.62 -24.49 26.32
C SER C 481 13.30 -25.08 26.77
N ALA C 482 13.31 -25.62 27.99
CA ALA C 482 12.12 -26.19 28.59
C ALA C 482 11.40 -25.23 29.54
N ASP C 483 11.98 -24.06 29.79
CA ASP C 483 11.39 -23.08 30.71
C ASP C 483 10.61 -22.06 29.90
N LEU C 484 9.28 -22.05 30.09
CA LEU C 484 8.40 -21.36 29.15
C LEU C 484 8.32 -19.86 29.40
N ASP C 485 8.32 -19.44 30.66
CA ASP C 485 7.90 -18.08 31.01
C ASP C 485 9.04 -17.08 30.99
N GLN C 486 10.07 -17.32 30.19
CA GLN C 486 11.19 -16.39 30.10
C GLN C 486 11.22 -15.72 28.74
N PHE C 487 10.17 -15.90 27.95
CA PHE C 487 10.11 -15.44 26.57
C PHE C 487 8.72 -14.91 26.28
N PRO C 488 8.60 -13.93 25.38
CA PRO C 488 7.30 -13.28 25.16
C PRO C 488 6.25 -14.18 24.55
N LEU C 489 6.64 -15.15 23.73
CA LEU C 489 5.65 -16.01 23.08
C LEU C 489 5.01 -16.99 24.04
N GLY C 490 5.80 -17.67 24.87
CA GLY C 490 5.25 -18.66 25.77
C GLY C 490 4.42 -18.06 26.88
N ARG C 491 4.74 -16.82 27.27
CA ARG C 491 3.91 -16.10 28.22
C ARG C 491 2.51 -15.86 27.68
N LYS C 492 2.41 -15.50 26.41
CA LYS C 492 1.10 -15.44 25.78
C LYS C 492 0.52 -16.82 25.56
N PHE C 493 1.36 -17.83 25.35
CA PHE C 493 0.88 -19.18 25.12
C PHE C 493 0.29 -19.82 26.36
N LEU C 494 0.94 -19.61 27.52
CA LEU C 494 0.39 -20.15 28.76
C LEU C 494 -0.90 -19.46 29.17
N LEU C 495 -1.08 -18.20 28.81
CA LEU C 495 -2.36 -17.55 29.05
C LEU C 495 -3.44 -18.13 28.16
N GLN C 496 -3.09 -18.49 26.92
CA GLN C 496 -4.07 -19.12 26.05
C GLN C 496 -4.28 -20.58 26.40
N SER C 497 -3.28 -21.21 27.03
CA SER C 497 -3.35 -22.61 27.43
C SER C 497 -4.37 -22.88 28.53
N GLY C 498 -4.73 -21.87 29.31
CA GLY C 498 -5.61 -22.10 30.44
C GLY C 498 -4.98 -22.89 31.56
N LEU C 499 -3.66 -22.90 31.64
CA LEU C 499 -2.96 -23.68 32.66
C LEU C 499 -2.16 -22.77 33.59
N VAL D 37 24.64 -40.58 24.23
CA VAL D 37 24.19 -40.24 25.58
C VAL D 37 24.36 -38.76 25.80
N TYR D 38 23.34 -38.12 26.40
CA TYR D 38 23.37 -36.69 26.62
C TYR D 38 22.85 -36.40 28.03
N LEU D 39 22.59 -35.13 28.29
CA LEU D 39 22.30 -34.69 29.65
C LEU D 39 21.51 -33.40 29.61
N PRO D 40 20.63 -33.17 30.59
CA PRO D 40 20.03 -31.84 30.76
C PRO D 40 21.11 -30.86 31.21
N PRO D 41 21.38 -29.82 30.40
CA PRO D 41 22.68 -29.14 30.46
C PRO D 41 23.01 -28.37 31.72
N VAL D 42 22.24 -27.33 32.04
CA VAL D 42 22.59 -26.41 33.13
C VAL D 42 21.32 -25.88 33.77
N PRO D 43 21.22 -26.01 35.10
CA PRO D 43 20.15 -25.30 35.81
C PRO D 43 20.52 -23.85 36.04
N VAL D 44 19.62 -22.95 35.63
CA VAL D 44 19.80 -21.51 35.76
C VAL D 44 18.67 -20.97 36.61
N SER D 45 19.01 -20.06 37.54
CA SER D 45 18.00 -19.37 38.31
C SER D 45 17.19 -18.44 37.41
N LYS D 46 15.88 -18.65 37.42
CA LYS D 46 14.97 -17.96 36.50
C LYS D 46 14.48 -16.68 37.15
N VAL D 47 13.89 -15.81 36.34
CA VAL D 47 13.14 -14.68 36.86
C VAL D 47 11.74 -15.21 37.13
N VAL D 48 10.96 -14.51 37.95
CA VAL D 48 9.61 -14.96 38.27
C VAL D 48 8.67 -13.80 38.06
N SER D 49 7.38 -14.09 37.93
CA SER D 49 6.37 -13.05 37.81
C SER D 49 6.24 -12.27 39.11
N THR D 50 5.97 -10.97 38.98
CA THR D 50 5.90 -10.08 40.12
C THR D 50 4.63 -10.27 40.94
N ASP D 51 3.68 -11.07 40.48
CA ASP D 51 2.49 -11.31 41.28
C ASP D 51 2.71 -12.42 42.31
N GLU D 52 3.93 -12.93 42.42
CA GLU D 52 4.27 -13.91 43.43
C GLU D 52 4.44 -13.31 44.81
N TYR D 53 5.02 -12.11 44.93
CA TYR D 53 5.30 -11.54 46.23
C TYR D 53 4.64 -10.20 46.47
N VAL D 54 4.30 -9.46 45.42
CA VAL D 54 3.64 -8.17 45.57
C VAL D 54 2.20 -8.41 46.04
N SER D 55 1.84 -7.81 47.17
CA SER D 55 0.49 -7.90 47.68
C SER D 55 -0.21 -6.56 47.55
N ARG D 56 -1.47 -6.61 47.13
CA ARG D 56 -2.27 -5.42 46.90
C ARG D 56 -3.26 -5.22 48.04
N THR D 57 -3.61 -3.96 48.28
CA THR D 57 -4.57 -3.59 49.31
C THR D 57 -5.78 -2.95 48.65
N SER D 58 -6.66 -2.41 49.47
CA SER D 58 -7.85 -1.74 48.97
C SER D 58 -7.76 -0.24 49.22
N ILE D 59 -6.60 0.33 49.00
CA ILE D 59 -6.37 1.77 49.18
C ILE D 59 -5.99 2.32 47.83
N TYR D 60 -6.72 3.32 47.36
CA TYR D 60 -6.43 3.93 46.07
C TYR D 60 -6.13 5.40 46.24
N TYR D 61 -5.54 5.99 45.19
CA TYR D 61 -5.06 7.36 45.27
C TYR D 61 -5.13 8.01 43.89
N TYR D 62 -5.23 9.33 43.85
CA TYR D 62 -5.31 10.06 42.61
C TYR D 62 -4.10 10.98 42.46
N ALA D 63 -3.72 11.25 41.21
CA ALA D 63 -2.82 12.34 40.89
C ALA D 63 -3.27 12.98 39.59
N GLY D 64 -2.84 14.22 39.39
CA GLY D 64 -3.16 14.94 38.17
C GLY D 64 -2.34 16.20 38.03
N SER D 65 -1.75 16.40 36.86
CA SER D 65 -0.93 17.57 36.63
C SER D 65 -1.77 18.77 36.27
N SER D 66 -1.11 19.88 35.99
CA SER D 66 -1.77 21.02 35.39
C SER D 66 -1.60 20.95 33.87
N ARG D 67 -2.13 21.97 33.19
CA ARG D 67 -1.94 22.06 31.74
C ARG D 67 -0.49 22.43 31.46
N LEU D 68 0.15 21.70 30.56
CA LEU D 68 1.53 22.02 30.24
C LEU D 68 1.62 22.94 29.03
N LEU D 69 2.58 23.85 29.07
CA LEU D 69 2.76 24.87 28.05
C LEU D 69 4.04 24.56 27.28
N ALA D 70 3.96 24.72 25.95
CA ALA D 70 5.10 24.52 25.07
C ALA D 70 4.87 25.32 23.80
N VAL D 71 5.89 26.06 23.37
CA VAL D 71 5.78 26.94 22.22
C VAL D 71 7.19 27.15 21.67
N GLY D 72 7.31 27.25 20.35
CA GLY D 72 8.59 27.51 19.74
C GLY D 72 8.52 27.54 18.24
N ASN D 73 9.69 27.41 17.62
CA ASN D 73 9.85 27.45 16.17
C ASN D 73 9.76 26.04 15.59
N PRO D 74 9.05 25.88 14.47
CA PRO D 74 8.86 24.53 13.92
C PRO D 74 10.08 23.98 13.19
N TYR D 75 11.10 24.80 12.96
CA TYR D 75 12.20 24.40 12.08
C TYR D 75 13.52 24.28 12.82
N PHE D 76 13.92 25.30 13.58
CA PHE D 76 15.24 25.30 14.21
C PHE D 76 15.21 26.14 15.47
N SER D 77 16.20 25.91 16.34
CA SER D 77 16.30 26.68 17.57
C SER D 77 16.78 28.09 17.27
N ILE D 78 16.49 29.01 18.19
CA ILE D 78 17.01 30.36 18.09
C ILE D 78 18.13 30.52 19.11
N LYS D 79 19.37 30.59 18.60
CA LYS D 79 20.54 30.70 19.45
C LYS D 79 20.91 32.16 19.64
N SER D 80 21.34 32.49 20.85
CA SER D 80 21.73 33.87 21.15
C SER D 80 23.07 34.19 20.50
N PRO D 81 23.22 35.38 19.91
CA PRO D 81 24.44 35.65 19.13
C PRO D 81 25.65 35.93 19.98
N ASN D 82 25.49 36.60 21.12
CA ASN D 82 26.64 37.00 21.92
C ASN D 82 27.22 35.81 22.67
N ASN D 83 26.44 35.19 23.54
CA ASN D 83 26.79 33.89 24.09
C ASN D 83 26.00 32.83 23.34
N ASN D 84 26.72 31.91 22.71
CA ASN D 84 26.08 30.91 21.85
C ASN D 84 25.80 29.61 22.58
N LYS D 85 25.49 29.69 23.87
CA LYS D 85 25.12 28.51 24.65
C LYS D 85 23.72 28.58 25.25
N LYS D 86 23.24 29.77 25.60
CA LYS D 86 21.89 29.92 26.12
C LYS D 86 20.93 30.11 24.95
N VAL D 87 19.72 29.56 25.07
CA VAL D 87 18.74 29.62 23.99
C VAL D 87 17.89 30.86 24.14
N LEU D 88 17.41 31.38 23.02
CA LEU D 88 16.44 32.47 23.02
C LEU D 88 15.02 31.97 22.78
N VAL D 89 14.79 31.27 21.68
CA VAL D 89 13.52 30.60 21.44
C VAL D 89 13.81 29.14 21.09
N PRO D 90 13.27 28.18 21.83
CA PRO D 90 13.63 26.78 21.57
C PRO D 90 12.87 26.22 20.38
N LYS D 91 13.44 25.17 19.81
CA LYS D 91 12.84 24.46 18.70
C LYS D 91 11.88 23.41 19.23
N VAL D 92 10.64 23.46 18.80
CA VAL D 92 9.68 22.40 19.10
C VAL D 92 8.69 22.33 17.95
N SER D 93 8.31 21.11 17.57
CA SER D 93 7.40 20.88 16.48
C SER D 93 6.52 19.70 16.83
N GLY D 94 5.73 19.24 15.86
CA GLY D 94 4.92 18.07 16.05
C GLY D 94 5.73 16.80 16.08
N LEU D 95 6.77 16.71 15.26
CA LEU D 95 7.45 15.43 15.10
C LEU D 95 8.60 15.21 16.06
N GLN D 96 8.64 15.93 17.18
CA GLN D 96 9.61 15.57 18.20
C GLN D 96 8.95 14.72 19.27
N TYR D 97 9.71 13.75 19.78
CA TYR D 97 9.24 12.91 20.86
C TYR D 97 9.06 13.74 22.12
N ARG D 98 7.93 13.55 22.79
CA ARG D 98 7.71 14.18 24.09
C ARG D 98 7.78 13.11 25.17
N VAL D 99 9.01 12.82 25.59
CA VAL D 99 9.22 11.88 26.69
C VAL D 99 8.90 12.58 28.00
N PHE D 100 8.10 11.93 28.85
CA PHE D 100 7.81 12.49 30.15
C PHE D 100 8.45 11.65 31.24
N ARG D 101 8.84 12.32 32.31
CA ARG D 101 9.50 11.66 33.43
C ARG D 101 8.91 12.29 34.71
N VAL D 102 7.87 11.67 35.22
CA VAL D 102 7.22 12.19 36.41
C VAL D 102 7.98 11.75 37.65
N ARG D 103 7.69 12.40 38.76
CA ARG D 103 8.24 12.02 40.05
C ARG D 103 7.10 11.56 40.95
N LEU D 104 7.41 10.65 41.84
CA LEU D 104 6.45 10.12 42.79
C LEU D 104 7.00 10.31 44.18
N PRO D 105 6.19 10.82 45.11
CA PRO D 105 6.63 10.89 46.50
C PRO D 105 6.72 9.50 47.10
N ASP D 106 7.75 9.30 47.91
CA ASP D 106 8.00 8.00 48.50
C ASP D 106 6.95 7.69 49.55
N PRO D 107 6.27 6.56 49.48
CA PRO D 107 5.11 6.32 50.36
C PRO D 107 5.50 6.01 51.80
N ASN D 108 6.77 5.71 52.03
CA ASN D 108 7.21 5.43 53.39
C ASN D 108 7.23 6.67 54.27
N LYS D 109 7.32 7.85 53.66
CA LYS D 109 7.25 9.09 54.42
C LYS D 109 5.83 9.63 54.50
N PHE D 110 4.89 8.76 54.85
CA PHE D 110 3.50 9.12 55.10
C PHE D 110 3.09 8.69 56.50
N GLY D 111 2.67 9.65 57.30
CA GLY D 111 2.10 9.32 58.59
C GLY D 111 0.66 8.91 58.42
N PHE D 112 0.39 7.62 58.47
CA PHE D 112 -0.97 7.16 58.30
C PHE D 112 -1.72 7.19 59.64
N PRO D 113 -3.01 7.48 59.62
CA PRO D 113 -3.77 7.51 60.89
C PRO D 113 -3.94 6.13 61.51
N ASP D 114 -4.10 5.10 60.68
CA ASP D 114 -4.26 3.73 61.15
C ASP D 114 -3.16 2.86 60.54
N THR D 115 -2.08 2.68 61.29
CA THR D 115 -0.90 1.95 60.82
C THR D 115 -1.00 0.45 61.09
N SER D 116 -2.21 -0.09 61.21
CA SER D 116 -2.37 -1.46 61.64
C SER D 116 -2.30 -2.47 60.50
N PHE D 117 -2.35 -2.03 59.25
CA PHE D 117 -2.41 -2.99 58.14
C PHE D 117 -1.04 -3.52 57.75
N TYR D 118 0.04 -2.99 58.30
CA TYR D 118 1.39 -3.41 57.91
C TYR D 118 2.35 -3.10 59.05
N ASN D 119 3.49 -3.78 59.04
CA ASN D 119 4.55 -3.46 59.98
C ASN D 119 5.71 -2.83 59.23
N PRO D 120 6.14 -1.62 59.60
CA PRO D 120 7.29 -1.00 58.91
C PRO D 120 8.63 -1.62 59.27
N ASP D 121 8.68 -2.49 60.28
CA ASP D 121 9.94 -3.17 60.58
C ASP D 121 10.19 -4.29 59.58
N THR D 122 9.13 -5.00 59.19
CA THR D 122 9.30 -6.14 58.30
C THR D 122 8.94 -5.82 56.86
N GLN D 123 8.06 -4.85 56.64
CA GLN D 123 7.64 -4.53 55.29
C GLN D 123 8.20 -3.19 54.82
N ARG D 124 7.95 -2.88 53.56
CA ARG D 124 8.15 -1.56 52.98
C ARG D 124 7.00 -1.28 52.03
N LEU D 125 6.91 -0.05 51.55
CA LEU D 125 5.82 0.35 50.68
C LEU D 125 6.37 0.90 49.37
N VAL D 126 5.66 0.61 48.28
CA VAL D 126 6.04 1.06 46.95
C VAL D 126 4.78 1.10 46.10
N TRP D 127 4.81 1.90 45.04
CA TRP D 127 3.62 2.18 44.25
C TRP D 127 3.54 1.30 43.01
N ALA D 128 2.35 1.27 42.41
CA ALA D 128 2.09 0.58 41.16
C ALA D 128 1.00 1.30 40.39
N CYS D 129 1.12 1.29 39.07
CA CYS D 129 0.22 2.02 38.19
C CYS D 129 -0.95 1.12 37.79
N VAL D 130 -2.12 1.73 37.62
CA VAL D 130 -3.28 0.96 37.17
C VAL D 130 -3.99 1.71 36.05
N GLY D 131 -3.70 2.99 35.88
CA GLY D 131 -4.48 3.80 34.96
C GLY D 131 -3.61 4.74 34.15
N LEU D 132 -4.22 5.29 33.11
CA LEU D 132 -3.51 6.13 32.16
C LEU D 132 -4.52 6.95 31.38
N GLU D 133 -4.28 8.25 31.29
CA GLU D 133 -5.12 9.17 30.52
C GLU D 133 -4.27 10.32 30.02
N ILE D 134 -4.19 10.46 28.71
CA ILE D 134 -3.42 11.54 28.10
C ILE D 134 -4.38 12.44 27.33
N GLY D 135 -4.37 13.74 27.66
CA GLY D 135 -5.30 14.66 27.04
C GLY D 135 -4.64 15.68 26.14
N ARG D 136 -5.28 15.90 24.99
CA ARG D 136 -4.87 16.93 24.05
C ARG D 136 -6.09 17.75 23.66
N GLY D 137 -5.94 19.07 23.66
CA GLY D 137 -7.06 19.95 23.41
C GLY D 137 -6.86 20.91 22.26
N GLN D 138 -5.87 20.67 21.44
CA GLN D 138 -5.71 21.47 20.25
C GLN D 138 -6.58 20.91 19.13
N PRO D 139 -7.10 21.76 18.25
CA PRO D 139 -7.84 21.24 17.08
C PRO D 139 -6.95 20.48 16.13
N LEU D 140 -7.53 19.64 15.30
CA LEU D 140 -6.77 18.77 14.42
C LEU D 140 -6.25 19.55 13.22
N GLY D 141 -5.43 18.89 12.39
CA GLY D 141 -4.78 19.55 11.28
C GLY D 141 -3.29 19.29 11.26
N VAL D 142 -2.81 18.76 10.16
CA VAL D 142 -1.42 18.32 10.07
C VAL D 142 -0.52 19.51 9.78
N GLY D 143 0.70 19.46 10.30
CA GLY D 143 1.72 20.46 10.01
C GLY D 143 2.56 20.03 8.83
N VAL D 144 3.30 20.98 8.27
CA VAL D 144 4.08 20.75 7.06
C VAL D 144 5.43 21.41 7.25
N SER D 145 6.43 20.94 6.51
CA SER D 145 7.75 21.56 6.50
C SER D 145 8.29 21.50 5.07
N GLY D 146 9.57 21.82 4.93
CA GLY D 146 10.18 21.82 3.61
C GLY D 146 11.66 22.11 3.71
N HIS D 147 12.26 22.38 2.55
CA HIS D 147 13.65 22.74 2.44
C HIS D 147 13.89 23.56 1.18
N PRO D 148 14.58 24.70 1.29
CA PRO D 148 14.66 25.60 0.15
C PRO D 148 15.64 25.19 -0.93
N TYR D 149 16.62 24.34 -0.62
CA TYR D 149 17.65 23.96 -1.59
C TYR D 149 17.65 22.46 -1.80
N LEU D 150 16.46 21.88 -1.99
CA LEU D 150 16.35 20.44 -2.09
C LEU D 150 16.88 19.94 -3.43
N ASN D 151 17.56 18.80 -3.41
CA ASN D 151 18.20 18.22 -4.59
C ASN D 151 17.20 17.53 -5.52
N LYS D 152 16.25 18.29 -6.05
CA LYS D 152 15.41 17.76 -7.12
C LYS D 152 16.12 17.95 -8.44
N PHE D 153 16.15 16.89 -9.25
CA PHE D 153 16.65 17.07 -10.61
C PHE D 153 15.51 17.34 -11.58
N ASP D 154 14.61 16.37 -11.74
CA ASP D 154 13.48 16.48 -12.65
C ASP D 154 12.33 15.63 -12.12
N ASP D 155 11.14 15.92 -12.62
CA ASP D 155 9.96 15.10 -12.35
C ASP D 155 10.04 13.83 -13.20
N THR D 156 9.74 12.69 -12.57
CA THR D 156 9.88 11.39 -13.21
C THR D 156 8.57 10.61 -13.21
N GLU D 157 7.48 11.28 -13.57
CA GLU D 157 6.16 10.68 -13.57
C GLU D 157 5.62 10.42 -14.97
N THR D 158 5.70 11.39 -15.86
CA THR D 158 5.17 11.19 -17.21
C THR D 158 6.06 11.71 -18.31
N SER D 159 7.07 12.54 -18.04
CA SER D 159 7.83 13.16 -19.10
C SER D 159 9.22 13.51 -18.59
N ASN D 160 10.23 12.83 -19.11
CA ASN D 160 11.62 13.24 -18.90
C ASN D 160 12.37 12.88 -20.19
N ARG D 161 12.43 13.84 -21.10
CA ARG D 161 12.97 13.57 -22.42
C ARG D 161 14.50 13.64 -22.39
N TYR D 162 15.11 13.57 -23.56
CA TYR D 162 16.55 13.55 -23.76
C TYR D 162 16.93 14.66 -24.72
N PRO D 163 18.13 15.24 -24.57
CA PRO D 163 19.24 14.93 -23.66
C PRO D 163 19.10 15.55 -22.28
N ALA D 164 20.19 15.52 -21.52
CA ALA D 164 20.20 16.06 -20.17
C ALA D 164 20.15 17.59 -20.20
N GLN D 165 19.60 18.15 -19.14
CA GLN D 165 19.49 19.60 -19.05
C GLN D 165 20.79 20.18 -18.48
N PRO D 166 21.22 21.33 -18.99
CA PRO D 166 22.50 21.89 -18.55
C PRO D 166 22.41 22.54 -17.18
N GLY D 167 23.51 22.44 -16.45
CA GLY D 167 23.61 23.09 -15.16
C GLY D 167 24.57 22.36 -14.25
N SER D 168 25.06 23.11 -13.27
CA SER D 168 25.91 22.59 -12.21
C SER D 168 25.26 22.68 -10.85
N ASP D 169 24.20 23.49 -10.73
CA ASP D 169 23.47 23.66 -9.49
C ASP D 169 21.98 23.77 -9.81
N ASN D 170 21.22 22.77 -9.39
CA ASN D 170 19.82 22.70 -9.76
C ASN D 170 18.95 22.41 -8.55
N ARG D 171 19.35 22.91 -7.38
CA ARG D 171 18.54 22.79 -6.19
C ARG D 171 17.32 23.71 -6.32
N GLU D 172 16.20 23.28 -5.77
CA GLU D 172 14.95 24.01 -5.90
C GLU D 172 14.24 24.09 -4.56
N CYS D 173 13.26 24.98 -4.51
CA CYS D 173 12.44 25.19 -3.32
C CYS D 173 11.28 24.22 -3.35
N LEU D 174 11.16 23.40 -2.31
CA LEU D 174 10.10 22.43 -2.24
C LEU D 174 9.59 22.36 -0.81
N SER D 175 8.29 22.11 -0.69
CA SER D 175 7.67 21.90 0.61
C SER D 175 6.91 20.59 0.56
N MET D 176 6.86 19.92 1.72
CA MET D 176 6.57 18.51 1.73
C MET D 176 5.88 18.13 3.02
N ASP D 177 4.77 17.41 2.89
CA ASP D 177 4.03 16.94 4.05
C ASP D 177 4.71 15.68 4.59
N TYR D 178 4.26 15.19 5.74
CA TYR D 178 4.90 14.08 6.42
C TYR D 178 3.93 12.93 6.54
N LYS D 179 4.46 11.78 6.94
CA LYS D 179 3.63 10.63 7.27
C LYS D 179 3.08 10.82 8.67
N GLN D 180 1.95 10.19 8.96
CA GLN D 180 1.34 10.35 10.26
C GLN D 180 1.61 9.12 11.12
N THR D 181 1.59 9.30 12.43
CA THR D 181 1.87 8.22 13.37
C THR D 181 1.30 8.55 14.74
N GLN D 182 0.90 7.52 15.47
CA GLN D 182 0.41 7.64 16.84
C GLN D 182 0.95 6.47 17.64
N LEU D 183 1.46 6.74 18.84
CA LEU D 183 2.00 5.68 19.69
C LEU D 183 2.01 6.14 21.15
N CYS D 184 2.27 5.18 22.04
CA CYS D 184 2.30 5.46 23.48
C CYS D 184 3.11 4.37 24.16
N LEU D 185 3.98 4.76 25.11
CA LEU D 185 4.81 3.83 25.85
C LEU D 185 4.79 4.18 27.33
N ILE D 186 4.75 3.16 28.18
CA ILE D 186 4.88 3.34 29.62
C ILE D 186 5.84 2.29 30.16
N GLY D 187 6.52 2.64 31.25
CA GLY D 187 7.47 1.71 31.84
C GLY D 187 8.26 2.35 32.95
N CYS D 188 9.01 1.48 33.64
CA CYS D 188 9.85 1.91 34.75
C CYS D 188 11.23 2.38 34.31
N LYS D 189 11.83 1.73 33.32
CA LYS D 189 13.08 2.13 32.71
C LYS D 189 12.74 3.06 31.57
N PRO D 190 13.59 4.05 31.28
CA PRO D 190 13.37 4.86 30.09
C PRO D 190 13.53 4.03 28.84
N PRO D 191 12.80 4.34 27.77
CA PRO D 191 12.79 3.46 26.60
C PRO D 191 14.08 3.53 25.80
N THR D 192 14.48 2.36 25.31
CA THR D 192 15.73 2.18 24.60
C THR D 192 15.42 2.14 23.11
N GLY D 193 16.15 2.94 22.35
CA GLY D 193 15.96 3.00 20.91
C GLY D 193 17.07 2.31 20.15
N GLU D 194 17.07 2.55 18.85
CA GLU D 194 18.00 1.95 17.92
C GLU D 194 18.01 2.79 16.65
N HIS D 195 19.16 2.86 16.00
CA HIS D 195 19.29 3.69 14.82
C HIS D 195 20.50 3.24 14.01
N TRP D 196 20.50 3.59 12.73
CA TRP D 196 21.65 3.34 11.89
C TRP D 196 22.63 4.51 11.98
N GLY D 197 23.86 4.25 11.61
CA GLY D 197 24.89 5.28 11.65
C GLY D 197 26.19 4.74 11.11
N LYS D 198 27.12 5.66 10.87
CA LYS D 198 28.45 5.30 10.42
C LYS D 198 29.21 4.57 11.53
N GLY D 199 29.80 3.44 11.18
CA GLY D 199 30.53 2.66 12.16
C GLY D 199 31.95 2.36 11.72
N VAL D 200 32.43 1.18 12.08
CA VAL D 200 33.80 0.78 11.78
C VAL D 200 33.87 0.34 10.32
N ALA D 201 35.01 0.59 9.70
CA ALA D 201 35.31 0.05 8.38
C ALA D 201 35.92 -1.33 8.55
N CYS D 202 36.50 -1.86 7.47
CA CYS D 202 37.18 -3.15 7.50
C CYS D 202 38.66 -2.92 7.19
N ASN D 203 39.38 -4.02 6.94
CA ASN D 203 40.80 -3.97 6.64
C ASN D 203 41.03 -3.26 5.29
N ASN D 204 42.29 -2.94 5.04
CA ASN D 204 42.66 -2.25 3.81
C ASN D 204 42.49 -3.19 2.63
N ASN D 205 41.40 -3.01 1.88
CA ASN D 205 41.08 -3.84 0.73
C ASN D 205 40.76 -2.95 -0.46
N ALA D 206 41.24 -3.36 -1.63
CA ALA D 206 41.01 -2.61 -2.87
C ALA D 206 39.83 -3.13 -3.67
N ALA D 207 39.05 -4.05 -3.11
CA ALA D 207 37.90 -4.63 -3.80
C ALA D 207 36.58 -4.14 -3.23
N ALA D 208 36.60 -3.52 -2.05
CA ALA D 208 35.38 -3.00 -1.43
C ALA D 208 35.28 -1.51 -1.73
N THR D 209 34.18 -1.11 -2.37
CA THR D 209 33.96 0.23 -2.91
C THR D 209 33.96 1.27 -1.80
N ASP D 210 34.23 2.52 -2.18
CA ASP D 210 34.10 3.63 -1.24
C ASP D 210 32.63 3.86 -0.94
N CYS D 211 32.12 3.11 0.02
CA CYS D 211 30.75 3.22 0.50
C CYS D 211 30.82 3.07 2.01
N PRO D 212 30.20 3.96 2.76
CA PRO D 212 30.25 3.87 4.21
C PRO D 212 29.43 2.70 4.70
N PRO D 213 30.03 1.77 5.43
CA PRO D 213 29.28 0.62 5.94
C PRO D 213 28.29 1.05 7.00
N LEU D 214 27.18 0.32 7.06
CA LEU D 214 26.08 0.67 7.94
C LEU D 214 26.09 -0.27 9.13
N GLU D 215 25.87 0.30 10.30
CA GLU D 215 25.95 -0.48 11.54
C GLU D 215 24.78 -0.09 12.43
N LEU D 216 24.27 -1.08 13.14
CA LEU D 216 23.16 -0.87 14.07
C LEU D 216 23.70 -0.44 15.42
N PHE D 217 22.92 0.35 16.14
CA PHE D 217 23.30 0.81 17.47
C PHE D 217 22.09 0.67 18.40
N ASN D 218 22.33 0.92 19.69
CA ASN D 218 21.25 0.96 20.66
C ASN D 218 21.41 2.23 21.48
N SER D 219 20.34 3.01 21.56
CA SER D 219 20.41 4.33 22.16
C SER D 219 19.28 4.49 23.16
N ILE D 220 19.40 5.48 24.02
CA ILE D 220 18.35 5.86 24.96
C ILE D 220 17.68 7.10 24.38
N ILE D 221 16.35 7.08 24.29
CA ILE D 221 15.62 8.09 23.56
C ILE D 221 15.56 9.38 24.38
N GLU D 222 16.12 10.45 23.82
CA GLU D 222 16.15 11.76 24.45
C GLU D 222 14.82 12.47 24.15
N ASP D 223 14.70 13.74 24.53
CA ASP D 223 13.58 14.58 24.13
C ASP D 223 14.04 15.40 22.93
N GLY D 224 13.08 15.86 22.13
CA GLY D 224 13.36 16.72 20.99
C GLY D 224 13.79 15.99 19.74
N ASP D 225 14.44 14.84 19.87
CA ASP D 225 14.87 14.03 18.73
C ASP D 225 13.67 13.52 17.94
N MET D 226 13.92 13.12 16.70
CA MET D 226 12.84 12.98 15.73
C MET D 226 12.46 11.53 15.48
N VAL D 227 11.39 11.36 14.72
CA VAL D 227 10.86 10.05 14.32
C VAL D 227 11.16 9.89 12.84
N ASP D 228 11.14 8.66 12.34
CA ASP D 228 11.26 8.44 10.90
C ASP D 228 10.08 9.02 10.16
N THR D 229 10.33 9.41 8.92
CA THR D 229 9.28 9.88 8.03
C THR D 229 9.52 9.25 6.66
N GLY D 230 9.74 7.94 6.65
CA GLY D 230 9.99 7.25 5.42
C GLY D 230 11.36 7.47 4.83
N PHE D 231 12.35 7.81 5.64
CA PHE D 231 13.71 7.98 5.15
C PHE D 231 14.73 7.19 5.94
N GLY D 232 14.33 6.07 6.55
CA GLY D 232 15.26 5.23 7.25
C GLY D 232 15.66 5.78 8.61
N CYS D 233 15.93 4.86 9.53
CA CYS D 233 16.31 5.28 10.87
C CYS D 233 17.83 5.38 10.99
N MET D 234 18.38 6.34 10.27
CA MET D 234 19.81 6.61 10.26
C MET D 234 20.06 8.05 10.65
N ASP D 235 21.25 8.29 11.19
CA ASP D 235 21.70 9.66 11.38
C ASP D 235 21.95 10.33 10.04
N PHE D 236 21.39 11.52 9.88
CA PHE D 236 21.61 12.31 8.67
C PHE D 236 22.72 13.33 8.85
N GLY D 237 23.22 13.51 10.08
CA GLY D 237 24.23 14.49 10.34
C GLY D 237 25.61 14.07 9.85
N THR D 238 25.93 12.79 9.95
CA THR D 238 27.25 12.28 9.59
C THR D 238 27.22 11.41 8.34
N LEU D 239 26.08 11.32 7.67
CA LEU D 239 25.98 10.50 6.47
C LEU D 239 25.59 11.25 5.22
N GLN D 240 25.20 12.52 5.33
CA GLN D 240 24.76 13.30 4.17
C GLN D 240 25.53 14.61 4.15
N ALA D 241 26.51 14.70 3.25
CA ALA D 241 27.36 15.88 3.21
C ALA D 241 26.64 17.08 2.62
N ASN D 242 25.85 16.87 1.57
CA ASN D 242 25.20 17.96 0.85
C ASN D 242 24.15 18.69 1.67
N LYS D 243 23.55 18.01 2.66
CA LYS D 243 22.45 18.51 3.48
C LYS D 243 21.29 18.98 2.63
N SER D 244 20.97 18.26 1.56
CA SER D 244 19.93 18.66 0.64
C SER D 244 19.10 17.46 0.19
N ASP D 245 18.74 16.59 1.14
CA ASP D 245 17.97 15.41 0.77
C ASP D 245 16.74 15.22 1.64
N VAL D 246 16.66 15.90 2.78
CA VAL D 246 15.48 15.86 3.64
C VAL D 246 15.04 17.30 3.82
N PRO D 247 13.85 17.56 4.38
CA PRO D 247 13.54 18.92 4.83
C PRO D 247 14.45 19.37 5.96
N ILE D 248 14.40 20.67 6.23
CA ILE D 248 15.45 21.36 6.98
C ILE D 248 15.48 20.91 8.44
N ASP D 249 14.36 20.41 8.96
CA ASP D 249 14.25 20.07 10.37
C ASP D 249 15.05 18.83 10.75
N ILE D 250 15.39 17.97 9.79
CA ILE D 250 15.98 16.68 10.10
C ILE D 250 17.29 16.45 9.35
N CYS D 251 18.03 17.51 9.04
CA CYS D 251 19.30 17.30 8.37
C CYS D 251 20.42 16.95 9.33
N ASN D 252 20.44 17.54 10.52
CA ASN D 252 21.56 17.35 11.44
C ASN D 252 21.10 16.61 12.69
N SER D 253 20.18 15.68 12.57
CA SER D 253 19.64 14.97 13.72
C SER D 253 19.60 13.48 13.46
N THR D 254 19.11 12.73 14.45
CA THR D 254 18.97 11.29 14.36
C THR D 254 17.49 10.97 14.54
N CYS D 255 16.81 10.67 13.45
CA CYS D 255 15.41 10.29 13.52
C CYS D 255 15.30 8.86 14.05
N LYS D 256 15.25 8.73 15.37
CA LYS D 256 15.25 7.42 16.00
C LYS D 256 13.90 6.74 15.83
N TYR D 257 13.84 5.46 16.17
CA TYR D 257 12.64 4.65 16.01
C TYR D 257 12.56 3.66 17.16
N PRO D 258 11.39 3.48 17.75
CA PRO D 258 11.30 2.60 18.92
C PRO D 258 11.38 1.14 18.55
N ASP D 259 12.12 0.41 19.37
CA ASP D 259 12.30 -1.03 19.21
C ASP D 259 11.18 -1.69 20.00
N TYR D 260 10.56 -2.69 19.38
CA TYR D 260 9.69 -3.57 20.12
C TYR D 260 10.36 -4.87 20.50
N LEU D 261 11.13 -5.46 19.58
CA LEU D 261 11.58 -6.83 19.72
C LEU D 261 12.63 -6.97 20.82
N LYS D 262 13.61 -6.08 20.82
CA LYS D 262 14.63 -6.10 21.86
C LYS D 262 14.03 -5.72 23.20
N MET D 263 13.06 -4.81 23.20
CA MET D 263 12.45 -4.38 24.45
C MET D 263 11.50 -5.43 25.00
N ALA D 264 10.84 -6.19 24.14
CA ALA D 264 9.97 -7.25 24.63
C ALA D 264 10.78 -8.43 25.16
N SER D 265 12.03 -8.57 24.72
CA SER D 265 12.83 -9.72 25.08
C SER D 265 13.68 -9.48 26.32
N GLU D 266 13.52 -8.37 27.00
CA GLU D 266 14.24 -8.15 28.24
C GLU D 266 13.63 -9.04 29.33
N PRO D 267 14.44 -9.84 30.03
CA PRO D 267 13.89 -10.78 31.02
C PRO D 267 13.25 -10.13 32.23
N TYR D 268 13.78 -9.00 32.72
CA TYR D 268 13.15 -8.38 33.87
C TYR D 268 11.87 -7.65 33.49
N GLY D 269 11.78 -7.18 32.24
CA GLY D 269 10.57 -6.56 31.74
C GLY D 269 10.20 -5.26 32.39
N ASP D 270 11.16 -4.48 32.85
CA ASP D 270 10.84 -3.26 33.57
C ASP D 270 10.92 -2.06 32.65
N SER D 271 10.61 -2.26 31.37
CA SER D 271 10.66 -1.18 30.40
C SER D 271 9.36 -0.97 29.64
N LEU D 272 8.62 -2.02 29.32
CA LEU D 272 7.38 -1.90 28.55
C LEU D 272 6.24 -2.57 29.29
N PHE D 273 5.39 -1.75 29.92
CA PHE D 273 4.14 -2.25 30.46
C PHE D 273 3.10 -2.52 29.39
N PHE D 274 2.83 -1.54 28.52
CA PHE D 274 1.61 -1.52 27.74
C PHE D 274 1.72 -0.47 26.64
N PHE D 275 1.45 -0.84 25.39
CA PHE D 275 1.75 0.07 24.30
C PHE D 275 0.81 -0.15 23.12
N LEU D 276 0.53 0.93 22.41
CA LEU D 276 -0.21 0.90 21.17
C LEU D 276 0.56 1.63 20.08
N ARG D 277 0.23 1.35 18.84
CA ARG D 277 0.76 2.11 17.72
C ARG D 277 -0.26 2.12 16.59
N ARG D 278 -0.21 3.17 15.79
CA ARG D 278 -1.05 3.29 14.60
C ARG D 278 -0.43 4.31 13.66
N GLU D 279 -0.20 3.92 12.41
CA GLU D 279 0.37 4.84 11.43
C GLU D 279 -0.05 4.43 10.03
N GLN D 280 0.09 5.38 9.10
CA GLN D 280 -0.25 5.15 7.71
C GLN D 280 0.45 6.19 6.84
N MET D 281 0.76 5.81 5.61
CA MET D 281 1.37 6.70 4.63
C MET D 281 1.16 6.11 3.25
N PHE D 282 1.32 6.96 2.24
CA PHE D 282 1.22 6.54 0.84
C PHE D 282 1.93 7.57 -0.03
N VAL D 283 2.17 7.21 -1.28
CA VAL D 283 3.01 8.01 -2.15
C VAL D 283 2.21 9.16 -2.74
N ARG D 284 2.91 10.28 -3.00
CA ARG D 284 2.31 11.45 -3.62
C ARG D 284 2.99 11.81 -4.93
N HIS D 285 4.31 11.91 -4.94
CA HIS D 285 5.05 12.23 -6.16
C HIS D 285 6.27 11.33 -6.22
N PHE D 286 7.05 11.51 -7.29
CA PHE D 286 8.25 10.70 -7.53
C PHE D 286 9.35 11.62 -7.99
N PHE D 287 10.56 11.38 -7.50
CA PHE D 287 11.69 12.28 -7.75
C PHE D 287 12.97 11.48 -7.88
N ASN D 288 13.96 12.09 -8.54
CA ASN D 288 15.30 11.53 -8.69
C ASN D 288 16.34 12.48 -8.14
N ARG D 289 17.50 11.93 -7.80
CA ARG D 289 18.61 12.73 -7.30
C ARG D 289 19.35 13.35 -8.49
N ALA D 290 20.47 14.02 -8.20
CA ALA D 290 21.26 14.66 -9.24
C ALA D 290 22.73 14.61 -8.85
N GLY D 291 23.56 14.08 -9.72
CA GLY D 291 24.98 14.05 -9.47
C GLY D 291 25.61 12.81 -10.06
N LYS D 292 26.90 12.66 -9.77
CA LYS D 292 27.68 11.53 -10.29
C LYS D 292 27.24 10.26 -9.58
N LEU D 293 26.46 9.44 -10.30
CA LEU D 293 25.92 8.19 -9.81
C LEU D 293 27.04 7.23 -9.42
N GLY D 294 27.06 6.80 -8.15
CA GLY D 294 28.22 6.17 -7.56
C GLY D 294 28.53 4.79 -8.12
N GLU D 295 27.53 4.07 -8.62
CA GLU D 295 27.77 2.82 -9.31
C GLU D 295 27.11 2.88 -10.69
N ALA D 296 27.87 2.52 -11.70
CA ALA D 296 27.31 2.34 -13.03
C ALA D 296 26.42 1.12 -13.02
N VAL D 297 25.17 1.30 -13.43
CA VAL D 297 24.27 0.17 -13.65
C VAL D 297 24.86 -0.72 -14.73
N PRO D 298 24.91 -2.04 -14.53
CA PRO D 298 25.66 -2.91 -15.45
C PRO D 298 25.03 -3.00 -16.83
N ASP D 299 25.90 -3.19 -17.81
CA ASP D 299 25.51 -3.24 -19.21
C ASP D 299 24.72 -4.49 -19.57
N ASP D 300 24.72 -5.50 -18.69
CA ASP D 300 24.02 -6.75 -18.95
C ASP D 300 22.51 -6.60 -18.90
N LEU D 301 22.01 -5.47 -18.40
CA LEU D 301 20.59 -5.28 -18.16
C LEU D 301 19.94 -4.35 -19.17
N TYR D 302 20.72 -3.67 -20.01
CA TYR D 302 20.15 -2.66 -20.88
C TYR D 302 21.00 -2.49 -22.12
N ILE D 303 20.35 -2.16 -23.23
CA ILE D 303 21.05 -1.84 -24.47
C ILE D 303 21.25 -0.34 -24.55
N LYS D 304 22.49 0.09 -24.75
CA LYS D 304 22.78 1.51 -24.78
C LYS D 304 22.32 2.14 -26.08
N GLY D 305 21.95 3.42 -26.00
CA GLY D 305 21.47 4.17 -27.15
C GLY D 305 22.51 5.18 -27.60
N SER D 306 22.21 5.87 -28.69
CA SER D 306 23.12 6.83 -29.29
C SER D 306 22.34 8.08 -29.69
N GLY D 307 23.00 8.95 -30.45
CA GLY D 307 22.42 10.20 -30.88
C GLY D 307 22.20 11.14 -29.72
N ASN D 308 20.94 11.37 -29.37
CA ASN D 308 20.60 12.15 -28.19
C ASN D 308 20.57 11.31 -26.93
N THR D 309 20.85 10.01 -27.04
CA THR D 309 20.69 9.05 -25.97
C THR D 309 22.02 8.41 -25.62
N ALA D 310 23.11 9.16 -25.77
CA ALA D 310 24.42 8.59 -25.49
C ALA D 310 24.70 8.54 -24.00
N VAL D 311 24.44 9.64 -23.29
CA VAL D 311 24.69 9.71 -21.87
C VAL D 311 23.58 9.00 -21.12
N ILE D 312 23.79 8.80 -19.81
CA ILE D 312 22.86 8.10 -18.95
C ILE D 312 22.50 9.02 -17.79
N GLN D 313 21.22 9.06 -17.43
CA GLN D 313 20.81 9.82 -16.26
C GLN D 313 20.99 9.00 -14.99
N SER D 314 20.44 9.51 -13.91
CA SER D 314 20.62 8.91 -12.60
C SER D 314 19.72 7.69 -12.44
N SER D 315 20.01 6.90 -11.41
CA SER D 315 19.17 5.81 -10.96
C SER D 315 18.75 5.98 -9.51
N ALA D 316 19.22 7.03 -8.85
CA ALA D 316 18.91 7.29 -7.44
C ALA D 316 17.56 7.97 -7.37
N PHE D 317 16.52 7.18 -7.12
CA PHE D 317 15.16 7.68 -7.00
C PHE D 317 14.71 7.66 -5.55
N PHE D 318 13.72 8.49 -5.23
CA PHE D 318 13.15 8.54 -3.90
C PHE D 318 11.74 9.12 -3.94
N PRO D 319 10.83 8.55 -3.17
CA PRO D 319 9.45 9.06 -3.15
C PRO D 319 9.27 10.21 -2.20
N THR D 320 8.01 10.62 -2.01
CA THR D 320 7.65 11.56 -0.95
C THR D 320 6.37 11.08 -0.27
N PRO D 321 6.43 10.80 1.02
CA PRO D 321 5.20 10.54 1.76
C PRO D 321 4.44 11.83 2.01
N SER D 322 3.12 11.70 2.06
CA SER D 322 2.26 12.87 2.18
C SER D 322 1.31 12.74 3.36
N GLY D 323 0.84 11.53 3.61
CA GLY D 323 -0.17 11.31 4.63
C GLY D 323 -1.57 11.39 4.06
N SER D 324 -2.52 10.90 4.85
CA SER D 324 -3.88 10.72 4.40
C SER D 324 -4.83 11.44 5.35
N ILE D 325 -6.12 11.10 5.26
CA ILE D 325 -7.12 11.66 6.16
C ILE D 325 -6.81 11.28 7.60
N VAL D 326 -7.26 12.12 8.53
CA VAL D 326 -7.13 11.86 9.95
C VAL D 326 -8.51 12.07 10.56
N THR D 327 -9.12 11.00 11.04
CA THR D 327 -10.46 11.09 11.59
C THR D 327 -10.39 11.46 13.07
N SER D 328 -11.55 11.51 13.71
CA SER D 328 -11.62 11.66 15.16
C SER D 328 -11.64 10.29 15.82
N GLU D 329 -12.09 9.29 15.08
CA GLU D 329 -12.10 7.92 15.58
C GLU D 329 -10.86 7.14 15.22
N SER D 330 -9.85 7.77 14.63
CA SER D 330 -8.53 7.18 14.48
C SER D 330 -7.61 7.66 15.59
N GLN D 331 -8.16 8.39 16.54
CA GLN D 331 -7.40 8.90 17.66
C GLN D 331 -7.09 7.78 18.65
N LEU D 332 -6.02 7.97 19.41
CA LEU D 332 -5.66 7.07 20.48
C LEU D 332 -5.51 7.78 21.82
N PHE D 333 -6.23 8.88 22.04
CA PHE D 333 -6.10 9.65 23.26
C PHE D 333 -7.48 10.09 23.72
N ASN D 334 -7.48 10.79 24.86
CA ASN D 334 -8.69 11.15 25.63
C ASN D 334 -9.55 9.91 25.91
N LYS D 335 -8.90 8.80 26.21
CA LYS D 335 -9.57 7.54 26.45
C LYS D 335 -8.93 6.87 27.66
N PRO D 336 -9.73 6.27 28.54
CA PRO D 336 -9.16 5.56 29.68
C PRO D 336 -8.48 4.27 29.23
N TYR D 337 -7.48 3.88 30.01
CA TYR D 337 -6.69 2.69 29.69
C TYR D 337 -6.55 1.88 30.98
N TRP D 338 -7.42 0.91 31.15
CA TRP D 338 -7.28 0.02 32.29
C TRP D 338 -6.31 -1.10 31.97
N LEU D 339 -5.45 -1.39 32.93
CA LEU D 339 -4.44 -2.42 32.78
C LEU D 339 -4.59 -3.45 33.88
N GLN D 340 -4.57 -4.71 33.49
CA GLN D 340 -4.62 -5.81 34.45
C GLN D 340 -3.63 -6.91 34.15
N ARG D 341 -3.01 -6.94 32.97
CA ARG D 341 -1.99 -7.92 32.63
C ARG D 341 -1.04 -7.28 31.65
N ALA D 342 0.15 -6.92 32.14
CA ALA D 342 1.19 -6.47 31.25
C ALA D 342 1.88 -7.68 30.62
N GLN D 343 2.43 -7.46 29.43
CA GLN D 343 3.09 -8.52 28.68
C GLN D 343 4.41 -8.96 29.33
N GLY D 344 5.05 -8.08 30.08
CA GLY D 344 6.26 -8.44 30.77
C GLY D 344 5.96 -8.97 32.15
N HIS D 345 7.00 -9.26 32.92
CA HIS D 345 6.81 -9.85 34.23
C HIS D 345 6.45 -8.84 35.29
N ASN D 346 6.69 -7.56 35.05
CA ASN D 346 6.33 -6.52 36.00
C ASN D 346 4.86 -6.17 35.78
N ASN D 347 4.05 -6.32 36.82
CA ASN D 347 2.63 -6.02 36.71
C ASN D 347 2.33 -4.60 37.16
N GLY D 348 3.03 -3.61 36.61
CA GLY D 348 2.76 -2.21 36.87
C GLY D 348 3.50 -1.65 38.06
N ILE D 349 4.22 -2.48 38.81
CA ILE D 349 4.99 -2.00 39.94
C ILE D 349 6.14 -1.16 39.41
N CYS D 350 6.34 0.00 40.01
CA CYS D 350 7.32 0.97 39.53
C CYS D 350 8.35 1.25 40.61
N TRP D 351 9.51 0.61 40.51
CA TRP D 351 10.60 0.88 41.44
C TRP D 351 11.17 2.26 41.20
N GLY D 352 11.76 2.82 42.26
CA GLY D 352 12.41 4.10 42.17
C GLY D 352 11.49 5.31 42.13
N ASN D 353 10.17 5.09 42.22
CA ASN D 353 9.14 6.14 42.32
C ASN D 353 9.17 7.07 41.11
N GLN D 354 9.24 6.48 39.92
CA GLN D 354 9.22 7.26 38.69
C GLN D 354 8.62 6.43 37.58
N LEU D 355 7.97 7.11 36.64
CA LEU D 355 7.38 6.48 35.47
C LEU D 355 7.99 7.08 34.22
N PHE D 356 7.61 6.54 33.06
CA PHE D 356 8.19 6.99 31.80
C PHE D 356 7.10 6.90 30.73
N VAL D 357 6.43 8.02 30.51
CA VAL D 357 5.40 8.10 29.48
C VAL D 357 5.98 8.82 28.28
N THR D 358 6.03 8.15 27.14
CA THR D 358 6.48 8.76 25.89
C THR D 358 5.32 8.72 24.90
N VAL D 359 5.16 9.80 24.16
CA VAL D 359 4.02 9.96 23.27
C VAL D 359 4.50 10.66 22.01
N VAL D 360 3.95 10.25 20.87
CA VAL D 360 4.22 10.89 19.59
C VAL D 360 2.89 11.19 18.93
N ASP D 361 2.66 12.46 18.62
CA ASP D 361 1.46 12.84 17.89
C ASP D 361 1.86 13.71 16.72
N THR D 362 1.04 13.70 15.68
CA THR D 362 1.20 14.57 14.54
C THR D 362 -0.15 15.16 14.12
N THR D 363 -1.23 14.66 14.72
CA THR D 363 -2.57 15.05 14.28
C THR D 363 -2.95 16.45 14.71
N ARG D 364 -2.22 17.04 15.65
CA ARG D 364 -2.49 18.41 16.06
C ARG D 364 -1.22 19.22 15.92
N SER D 365 -0.55 19.08 14.77
CA SER D 365 0.76 19.66 14.60
C SER D 365 0.76 20.90 13.71
N THR D 366 -0.39 21.56 13.59
CA THR D 366 -0.58 22.65 12.64
C THR D 366 0.30 23.85 12.99
N ASN D 367 0.56 24.67 11.97
CA ASN D 367 1.55 25.74 12.06
C ASN D 367 0.90 27.07 11.73
N MET D 368 0.87 27.97 12.70
CA MET D 368 0.30 29.30 12.50
C MET D 368 1.36 30.21 11.89
N THR D 369 0.91 31.33 11.34
CA THR D 369 1.82 32.33 10.78
C THR D 369 1.60 33.64 11.51
N LEU D 370 2.65 34.43 11.64
CA LEU D 370 2.58 35.73 12.30
C LEU D 370 3.03 36.82 11.32
N CYS D 371 2.36 37.97 11.37
CA CYS D 371 2.63 39.05 10.44
C CYS D 371 2.60 40.38 11.19
N THR D 372 3.78 40.94 11.45
CA THR D 372 3.90 42.26 12.06
C THR D 372 4.42 43.24 11.03
N GLU D 373 3.95 44.48 11.10
CA GLU D 373 4.34 45.51 10.15
C GLU D 373 5.51 46.32 10.68
N VAL D 374 6.17 47.03 9.77
CA VAL D 374 7.16 48.04 10.12
C VAL D 374 6.55 49.44 10.02
N THR D 375 5.92 49.74 8.90
CA THR D 375 5.26 51.02 8.68
C THR D 375 3.82 50.81 8.23
N LYS D 376 2.98 51.82 8.50
CA LYS D 376 1.57 51.81 8.15
C LYS D 376 1.36 52.81 7.03
N GLU D 377 0.86 52.33 5.89
CA GLU D 377 0.60 53.19 4.74
C GLU D 377 -0.53 52.57 3.93
N GLY D 378 -1.08 53.34 3.01
CA GLY D 378 -2.29 52.94 2.31
C GLY D 378 -2.06 52.18 1.02
N THR D 379 -0.86 51.63 0.83
CA THR D 379 -0.57 50.87 -0.37
C THR D 379 0.28 49.67 -0.01
N TYR D 380 -0.08 48.52 -0.58
CA TYR D 380 0.62 47.28 -0.28
C TYR D 380 2.00 47.26 -0.91
N LYS D 381 3.02 46.99 -0.10
CA LYS D 381 4.37 46.73 -0.59
C LYS D 381 4.96 45.59 0.24
N ASN D 382 5.85 44.83 -0.40
CA ASN D 382 6.28 43.55 0.15
C ASN D 382 7.40 43.67 1.18
N ASP D 383 7.81 44.87 1.55
CA ASP D 383 8.86 45.04 2.54
C ASP D 383 8.43 45.88 3.73
N ASN D 384 7.11 46.07 3.91
CA ASN D 384 6.62 46.77 5.08
C ASN D 384 6.32 45.81 6.23
N PHE D 385 6.20 44.53 5.94
CA PHE D 385 5.85 43.55 6.95
C PHE D 385 7.06 42.69 7.30
N LYS D 386 6.91 41.91 8.36
CA LYS D 386 7.87 40.89 8.74
C LYS D 386 7.08 39.67 9.16
N GLU D 387 7.63 38.49 8.93
CA GLU D 387 6.91 37.24 9.22
C GLU D 387 7.72 36.42 10.22
N TYR D 388 7.03 35.84 11.18
CA TYR D 388 7.60 34.81 12.03
C TYR D 388 6.68 33.60 12.00
N VAL D 389 7.24 32.43 12.19
CA VAL D 389 6.46 31.20 12.27
C VAL D 389 6.62 30.60 13.65
N ARG D 390 5.53 30.03 14.16
CA ARG D 390 5.52 29.47 15.50
C ARG D 390 4.75 28.16 15.47
N HIS D 391 4.72 27.50 16.63
CA HIS D 391 3.92 26.31 16.80
C HIS D 391 3.64 26.14 18.28
N VAL D 392 2.41 25.74 18.59
CA VAL D 392 2.00 25.51 19.96
C VAL D 392 1.76 24.03 20.17
N GLU D 393 1.85 23.61 21.42
CA GLU D 393 1.67 22.21 21.80
C GLU D 393 1.42 22.19 23.30
N GLU D 394 0.48 21.35 23.72
CA GLU D 394 0.12 21.22 25.12
C GLU D 394 -0.13 19.76 25.46
N TYR D 395 -0.19 19.46 26.75
CA TYR D 395 -0.39 18.08 27.16
C TYR D 395 -1.16 18.07 28.48
N ASP D 396 -1.47 16.87 28.96
CA ASP D 396 -2.28 16.62 30.13
C ASP D 396 -1.88 15.26 30.65
N LEU D 397 -1.57 15.20 31.94
CA LEU D 397 -1.21 13.93 32.56
C LEU D 397 -2.22 13.65 33.67
N GLN D 398 -2.71 12.41 33.69
CA GLN D 398 -3.78 12.04 34.59
C GLN D 398 -3.60 10.58 34.99
N PHE D 399 -3.50 10.32 36.29
CA PHE D 399 -3.10 9.02 36.78
C PHE D 399 -3.94 8.59 37.97
N VAL D 400 -3.94 7.29 38.21
CA VAL D 400 -4.49 6.69 39.42
C VAL D 400 -3.56 5.54 39.82
N PHE D 401 -3.27 5.42 41.11
CA PHE D 401 -2.31 4.42 41.55
C PHE D 401 -2.91 3.52 42.62
N GLN D 402 -2.16 2.48 42.98
CA GLN D 402 -2.56 1.55 44.03
C GLN D 402 -1.37 1.31 44.93
N LEU D 403 -1.64 1.12 46.21
CA LEU D 403 -0.61 0.94 47.22
C LEU D 403 -0.32 -0.55 47.35
N CYS D 404 0.96 -0.90 47.46
CA CYS D 404 1.38 -2.29 47.58
C CYS D 404 2.51 -2.40 48.59
N LYS D 405 2.51 -3.51 49.34
CA LYS D 405 3.47 -3.75 50.39
C LYS D 405 4.27 -5.00 50.08
N ILE D 406 5.51 -5.03 50.55
CA ILE D 406 6.39 -6.17 50.32
C ILE D 406 6.86 -6.73 51.64
N THR D 407 6.41 -7.93 51.97
CA THR D 407 6.86 -8.61 53.17
C THR D 407 8.28 -9.14 52.95
N LEU D 408 9.26 -8.37 53.37
CA LEU D 408 10.66 -8.66 53.09
C LEU D 408 11.13 -9.79 54.01
N THR D 409 11.59 -10.88 53.40
CA THR D 409 12.06 -12.05 54.12
C THR D 409 13.38 -12.48 53.47
N ALA D 410 14.06 -13.44 54.10
CA ALA D 410 15.46 -13.74 53.76
C ALA D 410 15.58 -14.37 52.38
N GLU D 411 14.63 -15.22 51.99
CA GLU D 411 14.67 -15.80 50.66
C GLU D 411 14.27 -14.80 49.57
N ILE D 412 13.72 -13.65 49.93
CA ILE D 412 13.22 -12.72 48.93
C ILE D 412 14.22 -11.60 48.68
N MET D 413 14.96 -11.18 49.72
CA MET D 413 15.86 -10.04 49.59
C MET D 413 17.01 -10.32 48.62
N THR D 414 17.40 -11.58 48.49
CA THR D 414 18.41 -11.93 47.51
C THR D 414 17.89 -11.79 46.09
N TYR D 415 16.58 -11.91 45.89
CA TYR D 415 16.02 -11.90 44.54
C TYR D 415 16.04 -10.51 43.94
N ILE D 416 15.82 -9.47 44.74
CA ILE D 416 15.90 -8.12 44.18
C ILE D 416 17.35 -7.72 44.04
N HIS D 417 18.23 -8.27 44.90
CA HIS D 417 19.61 -7.84 44.94
C HIS D 417 20.38 -8.22 43.68
N THR D 418 20.03 -9.34 43.06
CA THR D 418 20.63 -9.67 41.77
C THR D 418 20.02 -8.84 40.65
N MET D 419 18.82 -8.31 40.85
CA MET D 419 18.23 -7.43 39.85
C MET D 419 18.85 -6.04 39.91
N ASP D 420 18.84 -5.44 41.09
CA ASP D 420 19.35 -4.09 41.27
C ASP D 420 19.98 -3.98 42.64
N SER D 421 20.64 -2.86 42.88
CA SER D 421 21.18 -2.54 44.20
C SER D 421 20.70 -1.21 44.74
N ASN D 422 20.36 -0.27 43.86
CA ASN D 422 19.93 1.06 44.29
C ASN D 422 18.63 1.06 45.07
N ILE D 423 17.70 0.17 44.72
CA ILE D 423 16.42 0.10 45.41
C ILE D 423 16.62 -0.39 46.85
N LEU D 424 17.56 -1.32 47.03
CA LEU D 424 17.90 -1.78 48.37
C LEU D 424 18.59 -0.70 49.19
N GLU D 425 19.23 0.27 48.55
CA GLU D 425 19.92 1.33 49.27
C GLU D 425 18.97 2.41 49.75
N ASP D 426 18.24 3.05 48.83
CA ASP D 426 17.47 4.25 49.17
C ASP D 426 16.24 3.97 50.02
N TRP D 427 15.91 2.71 50.26
CA TRP D 427 14.93 2.37 51.28
C TRP D 427 15.47 2.57 52.69
N GLN D 428 16.79 2.69 52.83
CA GLN D 428 17.49 3.04 54.07
C GLN D 428 17.19 2.02 55.18
N PHE D 429 17.57 0.77 54.95
CA PHE D 429 17.43 -0.25 55.96
C PHE D 429 18.66 -1.14 56.09
N GLY D 430 19.60 -1.07 55.15
CA GLY D 430 20.77 -1.93 55.22
C GLY D 430 21.73 -1.65 54.08
N LEU D 431 22.90 -2.25 54.20
CA LEU D 431 23.95 -2.14 53.19
C LEU D 431 24.53 -3.53 52.98
N THR D 432 25.32 -3.66 51.91
CA THR D 432 25.78 -4.98 51.47
C THR D 432 27.29 -5.05 51.38
N PRO D 433 27.93 -6.05 51.99
CA PRO D 433 29.26 -6.45 51.56
C PRO D 433 29.17 -7.26 50.27
N PRO D 434 29.71 -6.76 49.17
CA PRO D 434 29.38 -7.32 47.85
C PRO D 434 29.92 -8.73 47.62
N PRO D 435 31.17 -9.10 48.06
CA PRO D 435 31.45 -10.53 48.13
C PRO D 435 31.19 -11.08 49.52
N SER D 436 31.41 -12.38 49.69
CA SER D 436 31.67 -12.93 51.01
C SER D 436 33.17 -13.00 51.21
N ALA D 437 33.85 -11.91 50.92
CA ALA D 437 35.30 -11.90 50.81
C ALA D 437 35.74 -12.39 49.43
N SER D 438 36.96 -12.00 49.09
CA SER D 438 37.56 -12.43 47.83
C SER D 438 38.44 -13.64 48.09
N LEU D 439 38.78 -14.33 47.00
CA LEU D 439 39.59 -15.54 47.14
C LEU D 439 41.06 -15.28 46.93
N GLN D 440 41.40 -14.26 46.15
CA GLN D 440 42.78 -13.87 45.94
C GLN D 440 43.09 -12.62 46.76
N ASP D 441 44.26 -12.63 47.41
CA ASP D 441 44.77 -11.47 48.14
C ASP D 441 44.94 -10.25 47.25
N THR D 442 45.29 -10.45 45.97
CA THR D 442 45.48 -9.44 44.91
C THR D 442 46.63 -8.46 45.16
N TYR D 443 47.35 -8.64 46.27
CA TYR D 443 48.64 -7.99 46.55
C TYR D 443 48.55 -6.46 46.54
N ARG D 444 47.81 -5.97 47.54
CA ARG D 444 47.63 -4.55 47.80
C ARG D 444 48.96 -3.95 48.19
N PHE D 445 49.26 -2.74 47.69
CA PHE D 445 50.46 -2.03 48.12
C PHE D 445 50.13 -1.07 49.26
N VAL D 446 51.16 -0.57 49.93
CA VAL D 446 50.95 0.22 51.15
C VAL D 446 51.78 1.51 51.11
N THR D 447 52.79 1.56 50.24
CA THR D 447 53.73 2.67 50.36
C THR D 447 53.37 3.82 49.41
N SER D 448 52.17 3.79 48.85
CA SER D 448 51.53 4.92 48.16
C SER D 448 52.30 5.46 46.96
N GLN D 449 52.42 4.63 45.92
CA GLN D 449 52.64 5.07 44.53
C GLN D 449 53.93 5.85 44.27
N ALA D 450 55.08 5.20 44.38
CA ALA D 450 56.33 5.86 44.01
C ALA D 450 57.26 4.98 43.17
N ILE D 451 56.88 3.75 42.83
CA ILE D 451 57.77 2.88 42.07
C ILE D 451 57.11 2.33 40.81
N THR D 452 55.93 1.73 40.95
CA THR D 452 55.22 1.10 39.83
C THR D 452 53.77 1.55 39.90
N CYS D 453 53.42 2.54 39.09
CA CYS D 453 52.11 3.20 39.17
C CYS D 453 51.04 2.30 38.58
N GLN D 454 49.83 2.41 39.13
CA GLN D 454 48.71 1.66 38.61
C GLN D 454 47.47 2.55 38.57
N LYS D 455 46.33 1.95 38.23
CA LYS D 455 45.08 2.69 38.12
C LYS D 455 44.53 2.98 39.51
N THR D 456 44.65 4.23 39.95
CA THR D 456 44.23 4.62 41.28
C THR D 456 42.71 4.60 41.42
N ALA D 457 42.00 4.98 40.34
CA ALA D 457 40.54 4.96 40.18
C ALA D 457 39.79 5.67 41.30
N PRO D 458 39.77 7.00 41.34
CA PRO D 458 38.94 7.70 42.32
C PRO D 458 37.47 7.53 42.01
N PRO D 459 36.71 6.85 42.86
CA PRO D 459 35.34 6.47 42.51
C PRO D 459 34.35 7.56 42.84
N LYS D 460 33.15 7.39 42.29
CA LYS D 460 32.00 8.26 42.55
C LYS D 460 30.77 7.50 42.12
N GLU D 461 29.67 7.54 42.89
CA GLU D 461 28.47 6.81 42.50
C GLU D 461 27.72 7.50 41.36
N LYS D 462 27.94 8.81 41.22
CA LYS D 462 27.34 9.73 40.25
C LYS D 462 25.82 9.87 40.41
N GLU D 463 25.26 9.31 41.49
CA GLU D 463 23.93 9.49 42.09
C GLU D 463 22.74 9.10 41.20
N ASP D 464 23.00 8.81 39.91
CA ASP D 464 22.10 8.23 38.91
C ASP D 464 22.89 8.03 37.64
N PRO D 465 22.51 7.07 36.79
CA PRO D 465 23.07 7.02 35.44
C PRO D 465 22.34 7.93 34.45
N LEU D 466 21.19 8.49 34.84
CA LEU D 466 20.33 9.23 33.93
C LEU D 466 20.63 10.71 33.89
N ASN D 467 21.62 11.19 34.66
CA ASN D 467 21.80 12.62 34.81
C ASN D 467 22.42 13.27 33.59
N LYS D 468 23.05 12.49 32.71
CA LYS D 468 23.62 13.06 31.50
C LYS D 468 22.55 13.47 30.50
N TYR D 469 21.38 12.85 30.55
CA TYR D 469 20.33 13.11 29.58
C TYR D 469 19.42 14.23 30.07
N THR D 470 18.45 14.61 29.25
CA THR D 470 17.57 15.74 29.55
C THR D 470 16.12 15.42 29.18
N PHE D 471 15.24 15.48 30.17
CA PHE D 471 13.83 15.16 29.98
C PHE D 471 12.96 16.34 30.35
N TRP D 472 11.77 16.39 29.76
CA TRP D 472 10.74 17.28 30.27
C TRP D 472 10.24 16.75 31.60
N GLU D 473 10.69 17.37 32.68
CA GLU D 473 10.37 16.94 34.01
C GLU D 473 9.08 17.59 34.48
N VAL D 474 8.30 16.86 35.26
CA VAL D 474 7.11 17.41 35.89
C VAL D 474 6.97 16.79 37.28
N ASN D 475 6.93 17.65 38.30
CA ASN D 475 6.85 17.21 39.69
C ASN D 475 5.41 16.93 40.06
N LEU D 476 5.22 16.00 41.00
CA LEU D 476 3.89 15.65 41.49
C LEU D 476 3.89 15.43 43.00
N LYS D 477 4.93 15.87 43.70
CA LYS D 477 5.08 15.51 45.10
C LYS D 477 4.07 16.20 46.00
N GLU D 478 3.48 17.29 45.53
CA GLU D 478 2.33 17.90 46.18
C GLU D 478 1.06 17.76 45.34
N LYS D 479 0.85 16.60 44.71
CA LYS D 479 -0.35 16.40 43.90
C LYS D 479 -0.98 15.03 44.11
N PHE D 480 -1.05 14.55 45.34
CA PHE D 480 -1.81 13.34 45.61
C PHE D 480 -3.11 13.69 46.34
N SER D 481 -4.09 12.80 46.22
CA SER D 481 -5.35 12.92 46.94
C SER D 481 -6.00 11.55 47.03
N ALA D 482 -6.86 11.40 48.03
CA ALA D 482 -7.50 10.11 48.32
C ALA D 482 -8.98 10.08 48.02
N ASP D 483 -9.63 11.22 47.83
CA ASP D 483 -11.05 11.28 47.50
C ASP D 483 -11.20 11.30 45.98
N LEU D 484 -11.90 10.32 45.44
CA LEU D 484 -11.81 10.03 44.01
C LEU D 484 -12.77 10.86 43.18
N ASP D 485 -14.01 11.02 43.64
CA ASP D 485 -15.09 11.48 42.78
C ASP D 485 -15.09 12.97 42.51
N GLN D 486 -14.02 13.66 42.89
CA GLN D 486 -13.85 15.07 42.59
C GLN D 486 -13.00 15.28 41.36
N PHE D 487 -12.76 14.23 40.58
CA PHE D 487 -11.92 14.25 39.40
C PHE D 487 -12.53 13.32 38.36
N PRO D 488 -12.32 13.61 37.06
CA PRO D 488 -12.99 12.83 36.00
C PRO D 488 -12.64 11.35 35.95
N LEU D 489 -11.39 11.02 36.24
CA LEU D 489 -10.95 9.63 36.16
C LEU D 489 -11.57 8.75 37.22
N GLY D 490 -11.54 9.17 38.49
CA GLY D 490 -12.10 8.37 39.56
C GLY D 490 -13.60 8.19 39.44
N ARG D 491 -14.28 9.17 38.87
CA ARG D 491 -15.68 8.98 38.47
C ARG D 491 -15.82 7.89 37.42
N LYS D 492 -14.92 7.82 36.45
CA LYS D 492 -14.96 6.72 35.52
C LYS D 492 -14.34 5.46 36.10
N PHE D 493 -13.41 5.62 37.05
CA PHE D 493 -12.76 4.45 37.63
C PHE D 493 -13.71 3.67 38.53
N LEU D 494 -14.63 4.37 39.19
CA LEU D 494 -15.58 3.68 40.05
C LEU D 494 -16.59 2.85 39.28
N LEU D 495 -16.95 3.26 38.07
CA LEU D 495 -17.89 2.49 37.26
C LEU D 495 -17.29 1.21 36.71
N GLN D 496 -16.07 1.27 36.20
CA GLN D 496 -15.48 0.08 35.60
C GLN D 496 -15.02 -0.92 36.66
N SER D 497 -14.69 -0.44 37.85
CA SER D 497 -14.28 -1.31 38.94
C SER D 497 -15.45 -1.90 39.71
N GLY D 498 -16.65 -1.36 39.52
CA GLY D 498 -17.81 -1.87 40.22
C GLY D 498 -17.89 -1.52 41.69
N LEU D 499 -17.15 -0.50 42.14
CA LEU D 499 -17.23 -0.07 43.53
C LEU D 499 -18.18 1.11 43.68
N SER E 28 -86.79 -4.57 -6.00
CA SER E 28 -86.83 -4.07 -4.63
C SER E 28 -86.09 -2.74 -4.52
N VAL E 29 -84.78 -2.80 -4.74
CA VAL E 29 -83.96 -1.60 -4.75
C VAL E 29 -84.29 -0.87 -6.05
N TRP E 30 -84.18 0.46 -6.04
CA TRP E 30 -84.76 1.35 -7.04
C TRP E 30 -84.12 1.21 -8.42
N ARG E 31 -82.79 1.15 -8.47
CA ARG E 31 -82.02 1.32 -9.69
C ARG E 31 -81.66 -0.03 -10.30
N PRO E 32 -81.25 -0.06 -11.58
CA PRO E 32 -80.65 -1.31 -12.10
C PRO E 32 -79.37 -1.69 -11.40
N SER E 33 -78.45 -0.73 -11.23
CA SER E 33 -77.19 -0.84 -10.47
C SER E 33 -76.32 -1.99 -10.99
N GLU E 34 -75.86 -1.83 -12.22
CA GLU E 34 -75.02 -2.84 -12.85
C GLU E 34 -73.53 -2.59 -12.62
N ALA E 35 -73.14 -2.02 -11.48
CA ALA E 35 -71.75 -1.94 -11.09
C ALA E 35 -71.24 -3.35 -10.77
N THR E 36 -69.97 -3.60 -11.12
CA THR E 36 -69.43 -4.95 -11.13
C THR E 36 -69.05 -5.39 -9.72
N VAL E 37 -68.88 -6.70 -9.57
CA VAL E 37 -68.35 -7.32 -8.36
C VAL E 37 -67.28 -8.31 -8.77
N TYR E 38 -66.33 -8.56 -7.87
CA TYR E 38 -65.30 -9.55 -8.15
C TYR E 38 -65.67 -10.90 -7.54
N LEU E 39 -65.49 -11.94 -8.33
CA LEU E 39 -65.73 -13.31 -7.93
C LEU E 39 -64.40 -14.05 -7.88
N PRO E 40 -64.17 -14.89 -6.87
CA PRO E 40 -62.85 -15.53 -6.70
C PRO E 40 -62.59 -16.54 -7.80
N PRO E 41 -61.36 -16.61 -8.28
CA PRO E 41 -61.07 -17.33 -9.52
C PRO E 41 -61.16 -18.84 -9.39
N VAL E 42 -60.96 -19.51 -10.53
CA VAL E 42 -61.08 -20.96 -10.61
C VAL E 42 -59.87 -21.60 -9.95
N PRO E 43 -60.03 -22.75 -9.30
CA PRO E 43 -58.87 -23.45 -8.72
C PRO E 43 -58.03 -24.10 -9.81
N VAL E 44 -56.83 -23.60 -9.99
CA VAL E 44 -55.91 -24.13 -10.98
C VAL E 44 -54.76 -24.82 -10.26
N SER E 45 -54.08 -25.74 -10.94
CA SER E 45 -52.98 -26.47 -10.34
C SER E 45 -51.78 -25.57 -10.12
N LYS E 46 -51.30 -25.52 -8.90
CA LYS E 46 -50.13 -24.72 -8.57
C LYS E 46 -48.87 -25.57 -8.68
N VAL E 47 -47.73 -24.89 -8.63
CA VAL E 47 -46.44 -25.58 -8.52
C VAL E 47 -46.28 -26.00 -7.06
N VAL E 48 -45.38 -26.93 -6.80
CA VAL E 48 -45.09 -27.33 -5.44
C VAL E 48 -43.58 -27.22 -5.22
N SER E 49 -43.19 -27.02 -3.97
CA SER E 49 -41.78 -27.13 -3.62
C SER E 49 -41.34 -28.57 -3.76
N THR E 50 -40.06 -28.74 -4.05
CA THR E 50 -39.54 -30.05 -4.45
C THR E 50 -39.02 -30.86 -3.29
N ASP E 51 -39.43 -30.52 -2.07
CA ASP E 51 -39.14 -31.34 -0.91
C ASP E 51 -40.34 -32.19 -0.52
N GLU E 52 -41.29 -32.35 -1.43
CA GLU E 52 -42.45 -33.19 -1.19
C GLU E 52 -42.48 -34.45 -2.02
N TYR E 53 -41.55 -34.61 -2.97
CA TYR E 53 -41.50 -35.81 -3.79
C TYR E 53 -40.08 -36.29 -4.02
N VAL E 54 -39.11 -35.71 -3.33
CA VAL E 54 -37.72 -36.14 -3.40
C VAL E 54 -37.27 -36.45 -1.99
N SER E 55 -36.62 -37.59 -1.79
CA SER E 55 -36.16 -38.00 -0.48
C SER E 55 -34.63 -37.96 -0.44
N ARG E 56 -34.09 -37.37 0.62
CA ARG E 56 -32.65 -37.27 0.77
C ARG E 56 -32.09 -38.57 1.34
N THR E 57 -31.12 -39.14 0.67
CA THR E 57 -30.41 -40.31 1.17
C THR E 57 -29.19 -39.85 1.96
N SER E 58 -28.28 -40.76 2.27
CA SER E 58 -27.08 -40.43 3.03
C SER E 58 -25.83 -40.84 2.28
N ILE E 59 -25.77 -40.52 0.99
CA ILE E 59 -24.63 -40.82 0.15
C ILE E 59 -24.09 -39.51 -0.41
N TYR E 60 -22.77 -39.40 -0.48
CA TYR E 60 -22.13 -38.22 -1.06
C TYR E 60 -21.00 -38.64 -1.97
N TYR E 61 -20.48 -37.66 -2.73
CA TYR E 61 -19.46 -37.93 -3.74
C TYR E 61 -18.61 -36.69 -3.97
N TYR E 62 -17.52 -36.87 -4.72
CA TYR E 62 -16.64 -35.79 -5.11
C TYR E 62 -16.50 -35.74 -6.63
N ALA E 63 -16.21 -34.54 -7.15
CA ALA E 63 -16.00 -34.37 -8.58
C ALA E 63 -14.66 -33.65 -8.78
N GLY E 64 -13.82 -34.22 -9.65
CA GLY E 64 -12.55 -33.59 -9.97
C GLY E 64 -12.49 -33.08 -11.40
N SER E 65 -12.08 -31.83 -11.52
CA SER E 65 -12.17 -31.07 -12.76
C SER E 65 -10.88 -30.31 -13.00
N SER E 66 -9.75 -31.04 -13.02
CA SER E 66 -8.38 -30.51 -12.99
C SER E 66 -8.07 -29.44 -14.04
N ARG E 67 -6.93 -28.75 -13.81
CA ARG E 67 -6.68 -27.38 -14.24
C ARG E 67 -6.87 -27.15 -15.73
N LEU E 68 -7.47 -26.00 -16.05
CA LEU E 68 -7.86 -25.64 -17.40
C LEU E 68 -6.84 -24.68 -18.01
N LEU E 69 -6.63 -24.83 -19.32
CA LEU E 69 -5.70 -24.00 -20.06
C LEU E 69 -6.49 -23.03 -20.93
N ALA E 70 -6.15 -21.74 -20.81
CA ALA E 70 -6.88 -20.71 -21.55
C ALA E 70 -5.99 -19.50 -21.81
N VAL E 71 -5.47 -19.38 -23.03
CA VAL E 71 -4.57 -18.30 -23.40
C VAL E 71 -4.98 -17.79 -24.78
N GLY E 72 -4.62 -16.55 -25.08
CA GLY E 72 -4.88 -16.01 -26.40
C GLY E 72 -4.74 -14.49 -26.40
N ASN E 73 -5.29 -13.88 -27.44
CA ASN E 73 -5.18 -12.44 -27.60
C ASN E 73 -6.25 -11.74 -26.77
N PRO E 74 -5.89 -10.69 -26.05
CA PRO E 74 -6.87 -10.02 -25.18
C PRO E 74 -7.74 -9.01 -25.89
N TYR E 75 -7.60 -8.85 -27.21
CA TYR E 75 -8.35 -7.78 -27.85
C TYR E 75 -9.42 -8.30 -28.80
N PHE E 76 -9.03 -9.12 -29.77
CA PHE E 76 -9.99 -9.65 -30.73
C PHE E 76 -9.54 -11.06 -31.07
N SER E 77 -10.13 -11.63 -32.12
CA SER E 77 -9.67 -12.90 -32.65
C SER E 77 -9.11 -12.68 -34.03
N ILE E 78 -8.11 -13.49 -34.39
CA ILE E 78 -7.56 -13.46 -35.73
C ILE E 78 -7.86 -14.79 -36.39
N LYS E 79 -7.85 -14.78 -37.72
CA LYS E 79 -8.13 -15.98 -38.48
C LYS E 79 -7.16 -16.07 -39.64
N SER E 80 -7.28 -17.13 -40.41
CA SER E 80 -6.35 -17.37 -41.50
C SER E 80 -6.59 -16.38 -42.64
N PRO E 81 -5.55 -16.04 -43.40
CA PRO E 81 -5.79 -15.40 -44.71
C PRO E 81 -6.32 -16.38 -45.74
N ASN E 82 -6.15 -17.68 -45.52
CA ASN E 82 -6.61 -18.68 -46.48
C ASN E 82 -8.13 -18.79 -46.46
N ASN E 83 -8.69 -19.17 -45.32
CA ASN E 83 -10.13 -19.31 -45.18
C ASN E 83 -10.66 -18.22 -44.26
N ASN E 84 -11.96 -18.31 -43.93
CA ASN E 84 -12.57 -17.40 -42.99
C ASN E 84 -13.19 -18.10 -41.79
N LYS E 85 -13.04 -19.42 -41.67
CA LYS E 85 -13.54 -20.20 -40.56
C LYS E 85 -12.39 -20.89 -39.85
N LYS E 86 -11.17 -20.54 -40.25
CA LYS E 86 -9.95 -21.14 -39.71
C LYS E 86 -9.43 -20.22 -38.62
N VAL E 87 -9.69 -20.57 -37.37
CA VAL E 87 -9.22 -19.79 -36.24
C VAL E 87 -7.71 -19.99 -36.08
N LEU E 88 -7.02 -18.94 -35.66
CA LEU E 88 -5.58 -19.02 -35.46
C LEU E 88 -5.19 -18.94 -34.00
N VAL E 89 -5.54 -17.85 -33.31
CA VAL E 89 -5.53 -17.79 -31.87
C VAL E 89 -6.88 -17.22 -31.44
N PRO E 90 -7.52 -17.77 -30.41
CA PRO E 90 -8.88 -17.33 -30.09
C PRO E 90 -8.89 -16.08 -29.25
N LYS E 91 -9.98 -15.32 -29.38
CA LYS E 91 -10.21 -14.16 -28.53
C LYS E 91 -10.57 -14.58 -27.12
N VAL E 92 -9.72 -14.30 -26.15
CA VAL E 92 -10.05 -14.47 -24.74
C VAL E 92 -9.62 -13.23 -23.98
N SER E 93 -10.56 -12.65 -23.23
CA SER E 93 -10.28 -11.43 -22.49
C SER E 93 -10.58 -11.60 -21.03
N GLY E 94 -10.33 -10.57 -20.24
CA GLY E 94 -10.79 -10.54 -18.88
C GLY E 94 -12.20 -10.02 -18.71
N LEU E 95 -12.94 -9.89 -19.80
CA LEU E 95 -14.31 -9.42 -19.76
C LEU E 95 -15.29 -10.42 -20.36
N GLN E 96 -14.83 -11.59 -20.73
CA GLN E 96 -15.69 -12.54 -21.42
C GLN E 96 -16.53 -13.33 -20.43
N TYR E 97 -17.74 -13.64 -20.86
CA TYR E 97 -18.68 -14.41 -20.04
C TYR E 97 -18.23 -15.86 -20.04
N ARG E 98 -17.46 -16.23 -19.01
CA ARG E 98 -17.05 -17.62 -18.85
C ARG E 98 -18.27 -18.40 -18.37
N VAL E 99 -18.84 -19.17 -19.28
CA VAL E 99 -19.96 -20.06 -18.97
C VAL E 99 -19.51 -21.51 -19.17
N PHE E 100 -19.76 -22.34 -18.18
CA PHE E 100 -19.36 -23.74 -18.27
C PHE E 100 -20.59 -24.62 -18.47
N ARG E 101 -20.41 -25.70 -19.23
CA ARG E 101 -21.45 -26.70 -19.36
C ARG E 101 -20.85 -28.02 -18.88
N VAL E 102 -21.32 -28.49 -17.73
CA VAL E 102 -20.76 -29.69 -17.12
C VAL E 102 -21.77 -30.84 -17.24
N ARG E 103 -21.28 -31.99 -17.70
CA ARG E 103 -22.08 -33.18 -17.76
C ARG E 103 -22.09 -33.87 -16.40
N LEU E 104 -23.06 -34.75 -16.21
CA LEU E 104 -23.04 -35.66 -15.07
C LEU E 104 -23.13 -37.07 -15.59
N PRO E 105 -22.43 -38.02 -15.00
CA PRO E 105 -22.66 -39.43 -15.30
C PRO E 105 -24.03 -39.84 -14.82
N ASP E 106 -24.67 -40.69 -15.61
CA ASP E 106 -26.05 -41.10 -15.34
C ASP E 106 -26.07 -41.98 -14.09
N PRO E 107 -27.02 -41.80 -13.19
CA PRO E 107 -27.06 -42.61 -11.98
C PRO E 107 -27.58 -44.02 -12.21
N ASN E 108 -28.35 -44.25 -13.27
CA ASN E 108 -29.01 -45.53 -13.41
C ASN E 108 -28.09 -46.57 -14.04
N LYS E 109 -26.89 -46.15 -14.45
CA LYS E 109 -25.89 -47.08 -14.94
C LYS E 109 -24.96 -47.56 -13.84
N PHE E 110 -25.33 -47.37 -12.57
CA PHE E 110 -24.51 -47.81 -11.46
C PHE E 110 -25.03 -49.13 -10.90
N GLY E 111 -24.29 -50.20 -11.14
CA GLY E 111 -24.63 -51.47 -10.53
C GLY E 111 -24.13 -51.50 -9.10
N PHE E 112 -25.03 -51.33 -8.16
CA PHE E 112 -24.61 -51.22 -6.78
C PHE E 112 -24.39 -52.60 -6.18
N PRO E 113 -23.46 -52.72 -5.22
CA PRO E 113 -23.38 -53.98 -4.46
C PRO E 113 -24.56 -54.19 -3.54
N ASP E 114 -25.29 -53.15 -3.17
CA ASP E 114 -26.45 -53.25 -2.32
C ASP E 114 -27.68 -52.88 -3.12
N THR E 115 -28.71 -53.73 -3.06
CA THR E 115 -29.97 -53.48 -3.73
C THR E 115 -31.09 -53.14 -2.74
N SER E 116 -30.85 -53.28 -1.45
CA SER E 116 -31.92 -53.23 -0.46
C SER E 116 -32.41 -51.82 -0.16
N PHE E 117 -31.77 -50.78 -0.71
CA PHE E 117 -32.25 -49.41 -0.52
C PHE E 117 -32.90 -48.88 -1.79
N TYR E 118 -32.85 -49.63 -2.88
CA TYR E 118 -33.17 -49.09 -4.19
C TYR E 118 -34.02 -50.08 -4.97
N ASN E 119 -35.24 -49.69 -5.31
CA ASN E 119 -36.06 -50.49 -6.19
C ASN E 119 -35.96 -49.95 -7.60
N PRO E 120 -35.42 -50.72 -8.55
CA PRO E 120 -35.34 -50.25 -9.93
C PRO E 120 -36.64 -50.33 -10.70
N ASP E 121 -37.69 -50.90 -10.12
CA ASP E 121 -38.93 -51.07 -10.86
C ASP E 121 -39.74 -49.78 -10.83
N THR E 122 -39.89 -49.17 -9.66
CA THR E 122 -40.78 -48.03 -9.50
C THR E 122 -40.09 -46.78 -8.98
N GLN E 123 -38.76 -46.74 -9.03
CA GLN E 123 -38.00 -45.55 -8.64
C GLN E 123 -36.94 -45.25 -9.68
N ARG E 124 -36.33 -44.08 -9.54
CA ARG E 124 -35.17 -43.67 -10.33
C ARG E 124 -34.20 -42.97 -9.39
N LEU E 125 -33.15 -42.39 -9.95
CA LEU E 125 -32.23 -41.59 -9.17
C LEU E 125 -31.90 -40.31 -9.90
N VAL E 126 -31.57 -39.27 -9.13
CA VAL E 126 -31.13 -37.97 -9.65
C VAL E 126 -30.03 -37.45 -8.75
N TRP E 127 -29.31 -36.46 -9.25
CA TRP E 127 -28.26 -35.80 -8.47
C TRP E 127 -28.71 -34.41 -8.04
N ALA E 128 -27.94 -33.83 -7.12
CA ALA E 128 -28.20 -32.49 -6.62
C ALA E 128 -26.92 -31.91 -6.03
N CYS E 129 -26.73 -30.61 -6.21
CA CYS E 129 -25.55 -29.94 -5.68
C CYS E 129 -25.73 -29.59 -4.21
N VAL E 130 -24.68 -29.83 -3.43
CA VAL E 130 -24.66 -29.40 -2.04
C VAL E 130 -23.32 -28.72 -1.75
N GLY E 131 -22.34 -28.93 -2.63
CA GLY E 131 -21.03 -28.36 -2.45
C GLY E 131 -20.59 -27.63 -3.71
N LEU E 132 -19.81 -26.57 -3.52
CA LEU E 132 -19.59 -25.65 -4.60
C LEU E 132 -18.36 -24.80 -4.31
N GLU E 133 -17.54 -24.61 -5.34
CA GLU E 133 -16.27 -23.91 -5.17
C GLU E 133 -15.78 -23.40 -6.51
N ILE E 134 -15.13 -22.25 -6.49
CA ILE E 134 -14.55 -21.62 -7.67
C ILE E 134 -13.08 -21.36 -7.40
N GLY E 135 -12.19 -21.96 -8.21
CA GLY E 135 -10.78 -21.87 -7.95
C GLY E 135 -10.04 -20.93 -8.88
N ARG E 136 -9.22 -20.07 -8.28
CA ARG E 136 -8.40 -19.14 -9.05
C ARG E 136 -6.93 -19.40 -8.72
N GLY E 137 -6.08 -19.19 -9.72
CA GLY E 137 -4.67 -19.45 -9.54
C GLY E 137 -3.74 -18.42 -10.15
N GLN E 138 -4.15 -17.16 -10.18
CA GLN E 138 -3.36 -16.14 -10.85
C GLN E 138 -3.13 -14.93 -9.98
N PRO E 139 -2.07 -14.16 -10.23
CA PRO E 139 -1.94 -12.85 -9.58
C PRO E 139 -3.04 -11.90 -10.01
N LEU E 140 -3.27 -10.91 -9.16
CA LEU E 140 -4.40 -10.00 -9.35
C LEU E 140 -3.99 -8.85 -10.26
N GLY E 141 -4.90 -8.47 -11.16
CA GLY E 141 -4.56 -7.42 -12.11
C GLY E 141 -5.65 -7.02 -13.07
N VAL E 142 -5.71 -5.71 -13.36
CA VAL E 142 -6.73 -5.13 -14.23
C VAL E 142 -6.12 -4.95 -15.62
N GLY E 143 -6.88 -5.30 -16.65
CA GLY E 143 -6.47 -5.06 -18.02
C GLY E 143 -7.01 -3.75 -18.58
N VAL E 144 -6.27 -3.21 -19.54
CA VAL E 144 -6.61 -1.94 -20.17
C VAL E 144 -6.65 -2.17 -21.68
N SER E 145 -7.63 -1.57 -22.35
CA SER E 145 -7.72 -1.58 -23.79
C SER E 145 -7.85 -0.15 -24.29
N GLY E 146 -8.15 0.01 -25.57
CA GLY E 146 -8.35 1.34 -26.12
C GLY E 146 -8.46 1.42 -27.62
N HIS E 147 -9.40 2.24 -28.09
CA HIS E 147 -9.52 2.47 -29.52
C HIS E 147 -8.40 3.37 -30.02
N PRO E 148 -7.72 2.99 -31.10
CA PRO E 148 -6.73 3.88 -31.71
C PRO E 148 -7.31 5.06 -32.48
N TYR E 149 -8.63 5.13 -32.63
CA TYR E 149 -9.31 6.20 -33.36
C TYR E 149 -10.55 6.64 -32.61
N LEU E 150 -10.42 6.86 -31.31
CA LEU E 150 -11.59 7.14 -30.48
C LEU E 150 -12.13 8.54 -30.76
N ASN E 151 -13.47 8.66 -30.69
CA ASN E 151 -14.16 9.90 -31.03
C ASN E 151 -14.08 10.90 -29.88
N LYS E 152 -12.88 11.44 -29.68
CA LYS E 152 -12.67 12.55 -28.77
C LYS E 152 -12.64 13.83 -29.60
N PHE E 153 -13.55 14.76 -29.34
CA PHE E 153 -13.44 16.03 -30.02
C PHE E 153 -12.46 16.93 -29.25
N ASP E 154 -12.85 17.37 -28.07
CA ASP E 154 -12.04 18.24 -27.22
C ASP E 154 -12.18 17.78 -25.77
N ASP E 155 -11.53 18.49 -24.86
CA ASP E 155 -11.68 18.30 -23.43
C ASP E 155 -12.89 19.06 -22.93
N THR E 156 -13.47 18.58 -21.81
CA THR E 156 -14.53 19.32 -21.16
C THR E 156 -14.46 19.23 -19.63
N GLU E 157 -13.25 19.15 -19.07
CA GLU E 157 -13.13 19.08 -17.62
C GLU E 157 -13.06 20.46 -16.99
N THR E 158 -12.05 21.25 -17.33
CA THR E 158 -11.91 22.60 -16.81
C THR E 158 -11.97 23.65 -17.91
N SER E 159 -11.11 23.54 -18.91
CA SER E 159 -10.89 24.62 -19.87
C SER E 159 -11.24 24.13 -21.27
N ASN E 160 -12.32 24.69 -21.83
CA ASN E 160 -12.60 24.53 -23.25
C ASN E 160 -13.26 25.83 -23.70
N ARG E 161 -12.46 26.76 -24.17
CA ARG E 161 -12.90 28.11 -24.47
C ARG E 161 -13.16 28.28 -25.96
N TYR E 162 -14.17 29.07 -26.26
CA TYR E 162 -14.54 29.44 -27.61
C TYR E 162 -13.41 30.22 -28.29
N PRO E 163 -13.21 30.05 -29.60
CA PRO E 163 -13.98 29.22 -30.53
C PRO E 163 -13.50 27.77 -30.59
N ALA E 164 -14.12 26.99 -31.46
CA ALA E 164 -13.72 25.61 -31.67
C ALA E 164 -12.59 25.55 -32.69
N GLN E 165 -12.17 24.33 -33.00
CA GLN E 165 -11.15 24.10 -34.04
C GLN E 165 -11.51 22.83 -34.79
N PRO E 166 -12.51 22.89 -35.68
CA PRO E 166 -12.96 21.68 -36.36
C PRO E 166 -12.09 21.32 -37.56
N GLY E 167 -12.43 20.22 -38.23
CA GLY E 167 -11.67 19.78 -39.38
C GLY E 167 -12.35 18.62 -40.05
N SER E 168 -11.57 17.89 -40.84
CA SER E 168 -12.13 16.75 -41.57
C SER E 168 -12.22 15.52 -40.67
N ASP E 169 -11.31 15.41 -39.70
CA ASP E 169 -11.31 14.33 -38.72
C ASP E 169 -10.52 14.74 -37.48
N ASN E 170 -10.93 14.18 -36.33
CA ASN E 170 -10.24 14.45 -35.07
C ASN E 170 -10.15 13.22 -34.18
N ARG E 171 -10.14 12.02 -34.74
CA ARG E 171 -10.09 10.82 -33.91
C ARG E 171 -8.71 10.64 -33.29
N GLU E 172 -8.69 9.99 -32.13
CA GLU E 172 -7.52 9.96 -31.27
C GLU E 172 -7.24 8.52 -30.82
N CYS E 173 -5.97 8.18 -30.69
CA CYS E 173 -5.54 6.97 -30.02
C CYS E 173 -5.57 7.25 -28.52
N LEU E 174 -6.23 6.38 -27.77
CA LEU E 174 -6.41 6.54 -26.34
C LEU E 174 -6.48 5.15 -25.70
N SER E 175 -6.41 5.12 -24.38
CA SER E 175 -6.44 3.87 -23.66
C SER E 175 -7.49 3.95 -22.57
N MET E 176 -8.12 2.83 -22.28
CA MET E 176 -9.26 2.78 -21.36
C MET E 176 -9.30 1.45 -20.62
N ASP E 177 -9.42 1.54 -19.32
CA ASP E 177 -9.67 0.41 -18.44
C ASP E 177 -11.18 0.21 -18.24
N TYR E 178 -11.55 -0.59 -17.25
CA TYR E 178 -12.89 -1.15 -17.20
C TYR E 178 -13.45 -1.08 -15.78
N LYS E 179 -14.50 -1.86 -15.55
CA LYS E 179 -15.31 -1.79 -14.34
C LYS E 179 -15.16 -3.07 -13.54
N GLN E 180 -15.16 -2.94 -12.21
CA GLN E 180 -15.13 -4.10 -11.34
C GLN E 180 -16.43 -4.89 -11.45
N THR E 181 -16.31 -6.18 -11.78
CA THR E 181 -17.49 -7.03 -11.85
C THR E 181 -17.20 -8.31 -11.10
N GLN E 182 -18.12 -8.71 -10.22
CA GLN E 182 -18.06 -10.00 -9.57
C GLN E 182 -19.47 -10.55 -9.46
N LEU E 183 -19.70 -11.73 -10.04
CA LEU E 183 -21.00 -12.40 -9.97
C LEU E 183 -20.84 -13.85 -10.35
N CYS E 184 -21.82 -14.66 -9.96
CA CYS E 184 -21.83 -16.08 -10.24
C CYS E 184 -23.27 -16.57 -10.34
N LEU E 185 -23.50 -17.54 -11.23
CA LEU E 185 -24.85 -18.06 -11.44
C LEU E 185 -24.80 -19.58 -11.44
N ILE E 186 -25.72 -20.21 -10.73
CA ILE E 186 -25.83 -21.66 -10.68
C ILE E 186 -27.23 -22.05 -11.16
N GLY E 187 -27.29 -23.01 -12.07
CA GLY E 187 -28.57 -23.37 -12.64
C GLY E 187 -28.49 -24.70 -13.38
N CYS E 188 -29.66 -25.30 -13.56
CA CYS E 188 -29.84 -26.45 -14.44
C CYS E 188 -30.37 -26.02 -15.80
N LYS E 189 -30.06 -24.80 -16.22
CA LYS E 189 -30.44 -24.22 -17.49
C LYS E 189 -29.49 -23.05 -17.73
N PRO E 190 -29.13 -22.77 -18.97
CA PRO E 190 -28.37 -21.55 -19.24
C PRO E 190 -29.20 -20.33 -18.89
N PRO E 191 -28.61 -19.37 -18.18
CA PRO E 191 -29.38 -18.21 -17.74
C PRO E 191 -29.71 -17.30 -18.91
N THR E 192 -30.78 -16.54 -18.75
CA THR E 192 -31.20 -15.64 -19.81
C THR E 192 -30.56 -14.28 -19.61
N GLY E 193 -30.55 -13.47 -20.65
CA GLY E 193 -30.01 -12.13 -20.55
C GLY E 193 -30.78 -11.21 -21.47
N GLU E 194 -30.36 -9.96 -21.51
CA GLU E 194 -31.05 -8.97 -22.31
C GLU E 194 -30.05 -7.91 -22.79
N HIS E 195 -30.48 -7.18 -23.80
CA HIS E 195 -29.71 -6.09 -24.39
C HIS E 195 -30.66 -5.20 -25.16
N TRP E 196 -30.24 -3.97 -25.40
CA TRP E 196 -31.02 -3.03 -26.17
C TRP E 196 -30.66 -3.18 -27.64
N GLY E 197 -31.65 -3.54 -28.46
CA GLY E 197 -31.45 -3.69 -29.88
C GLY E 197 -32.41 -2.82 -30.65
N LYS E 198 -32.11 -2.64 -31.93
CA LYS E 198 -32.88 -1.76 -32.80
C LYS E 198 -34.23 -2.39 -33.10
N GLY E 199 -35.31 -1.70 -32.72
CA GLY E 199 -36.65 -2.12 -33.03
C GLY E 199 -37.12 -1.49 -34.32
N VAL E 200 -38.05 -2.17 -34.98
CA VAL E 200 -38.63 -1.67 -36.21
C VAL E 200 -39.61 -0.54 -35.85
N ALA E 201 -39.70 0.46 -36.72
CA ALA E 201 -40.62 1.57 -36.52
C ALA E 201 -42.05 1.13 -36.85
N CYS E 202 -43.00 2.03 -36.68
CA CYS E 202 -44.41 1.71 -36.88
C CYS E 202 -44.76 1.80 -38.36
N ASN E 203 -46.06 1.81 -38.66
CA ASN E 203 -46.53 1.63 -40.04
C ASN E 203 -46.22 2.84 -40.91
N ASN E 204 -46.34 4.05 -40.37
CA ASN E 204 -45.99 5.24 -41.14
C ASN E 204 -45.27 6.26 -40.24
N ASN E 205 -44.17 6.79 -40.75
CA ASN E 205 -43.41 7.78 -39.99
C ASN E 205 -43.55 9.18 -40.59
N ALA E 206 -43.70 9.27 -41.93
CA ALA E 206 -43.76 10.52 -42.70
C ALA E 206 -42.50 11.38 -42.50
N ALA E 207 -41.37 10.71 -42.22
CA ALA E 207 -40.05 11.31 -42.00
C ALA E 207 -40.08 12.40 -40.92
N ALA E 208 -40.57 12.05 -39.74
CA ALA E 208 -40.68 13.02 -38.66
C ALA E 208 -39.32 13.33 -38.05
N THR E 209 -38.68 12.32 -37.46
CA THR E 209 -37.32 12.45 -36.92
C THR E 209 -36.67 11.08 -36.99
N ASP E 210 -35.55 10.98 -37.70
CA ASP E 210 -34.92 9.69 -37.97
C ASP E 210 -33.90 9.36 -36.89
N CYS E 211 -34.40 9.27 -35.65
CA CYS E 211 -33.68 8.60 -34.58
C CYS E 211 -34.07 7.13 -34.62
N PRO E 212 -33.11 6.21 -34.64
CA PRO E 212 -33.45 4.79 -34.82
C PRO E 212 -34.12 4.22 -33.58
N PRO E 213 -35.34 3.73 -33.71
CA PRO E 213 -36.06 3.24 -32.54
C PRO E 213 -35.53 1.90 -32.06
N LEU E 214 -35.71 1.65 -30.77
CA LEU E 214 -35.08 0.53 -30.11
C LEU E 214 -36.05 -0.11 -29.12
N GLU E 215 -35.80 -1.38 -28.81
CA GLU E 215 -36.56 -2.11 -27.81
C GLU E 215 -35.74 -3.31 -27.38
N LEU E 216 -35.76 -3.61 -26.08
CA LEU E 216 -35.05 -4.76 -25.54
C LEU E 216 -35.73 -6.04 -25.97
N PHE E 217 -34.98 -7.14 -25.98
CA PHE E 217 -35.52 -8.47 -26.17
C PHE E 217 -34.51 -9.46 -25.63
N ASN E 218 -35.01 -10.57 -25.08
CA ASN E 218 -34.16 -11.50 -24.36
C ASN E 218 -33.39 -12.39 -25.32
N SER E 219 -32.37 -13.06 -24.77
CA SER E 219 -31.54 -13.99 -25.52
C SER E 219 -30.93 -14.96 -24.52
N ILE E 220 -29.96 -15.75 -24.99
CA ILE E 220 -29.25 -16.71 -24.16
C ILE E 220 -27.78 -16.33 -24.15
N ILE E 221 -27.22 -16.15 -22.95
CA ILE E 221 -25.81 -15.79 -22.84
C ILE E 221 -24.96 -17.03 -23.10
N GLU E 222 -23.88 -16.86 -23.85
CA GLU E 222 -22.95 -17.94 -24.15
C GLU E 222 -21.52 -17.41 -24.02
N ASP E 223 -20.54 -18.24 -24.41
CA ASP E 223 -19.16 -17.96 -24.05
C ASP E 223 -18.55 -16.87 -24.92
N GLY E 224 -17.55 -16.20 -24.35
CA GLY E 224 -16.81 -15.17 -25.06
C GLY E 224 -17.59 -13.90 -25.32
N ASP E 225 -18.66 -13.66 -24.60
CA ASP E 225 -19.48 -12.47 -24.81
C ASP E 225 -19.06 -11.39 -23.82
N MET E 226 -19.17 -10.15 -24.24
CA MET E 226 -18.67 -9.04 -23.44
C MET E 226 -19.63 -8.74 -22.30
N VAL E 227 -19.08 -8.20 -21.22
CA VAL E 227 -19.89 -7.74 -20.11
C VAL E 227 -20.17 -6.26 -20.32
N ASP E 228 -21.21 -5.74 -19.68
CA ASP E 228 -21.37 -4.30 -19.60
C ASP E 228 -20.21 -3.67 -18.87
N THR E 229 -19.69 -2.59 -19.44
CA THR E 229 -18.56 -1.85 -18.88
C THR E 229 -18.98 -0.47 -18.38
N GLY E 230 -20.26 -0.25 -18.15
CA GLY E 230 -20.73 1.08 -17.83
C GLY E 230 -20.95 1.96 -19.02
N PHE E 231 -20.74 1.45 -20.23
CA PHE E 231 -21.03 2.20 -21.44
C PHE E 231 -22.44 1.93 -21.95
N GLY E 232 -23.17 1.01 -21.33
CA GLY E 232 -24.52 0.70 -21.73
C GLY E 232 -24.62 -0.65 -22.43
N CYS E 233 -25.73 -1.33 -22.16
CA CYS E 233 -25.97 -2.68 -22.66
C CYS E 233 -26.69 -2.60 -24.00
N MET E 234 -25.91 -2.54 -25.08
CA MET E 234 -26.50 -2.44 -26.41
C MET E 234 -25.73 -3.36 -27.37
N ASP E 235 -26.10 -3.28 -28.64
CA ASP E 235 -25.49 -4.09 -29.69
C ASP E 235 -24.81 -3.13 -30.66
N PHE E 236 -23.53 -2.86 -30.42
CA PHE E 236 -22.81 -1.77 -31.07
C PHE E 236 -22.62 -1.97 -32.57
N GLY E 237 -22.64 -3.20 -33.06
CA GLY E 237 -22.42 -3.48 -34.46
C GLY E 237 -23.49 -2.92 -35.37
N THR E 238 -24.75 -3.05 -34.96
CA THR E 238 -25.88 -2.54 -35.72
C THR E 238 -26.35 -1.17 -35.23
N LEU E 239 -25.61 -0.54 -34.35
CA LEU E 239 -26.16 0.65 -33.73
C LEU E 239 -25.27 1.88 -33.86
N GLN E 240 -23.95 1.71 -33.87
CA GLN E 240 -23.03 2.84 -33.95
C GLN E 240 -22.24 2.74 -35.24
N ALA E 241 -22.55 3.62 -36.18
CA ALA E 241 -21.98 3.54 -37.52
C ALA E 241 -20.49 3.90 -37.58
N ASN E 242 -20.05 4.86 -36.78
CA ASN E 242 -18.65 5.27 -36.77
C ASN E 242 -17.74 4.19 -36.20
N LYS E 243 -18.28 3.30 -35.36
CA LYS E 243 -17.59 2.18 -34.73
C LYS E 243 -16.36 2.61 -33.93
N SER E 244 -16.33 3.86 -33.47
CA SER E 244 -15.11 4.42 -32.89
C SER E 244 -15.44 5.30 -31.68
N ASP E 245 -16.34 4.83 -30.82
CA ASP E 245 -16.65 5.58 -29.61
C ASP E 245 -16.41 4.78 -28.33
N VAL E 246 -16.12 3.49 -28.43
CA VAL E 246 -15.81 2.63 -27.29
C VAL E 246 -14.49 1.96 -27.64
N PRO E 247 -13.81 1.31 -26.70
CA PRO E 247 -12.65 0.49 -27.07
C PRO E 247 -13.01 -0.63 -28.02
N ILE E 248 -11.98 -1.11 -28.73
CA ILE E 248 -12.16 -1.93 -29.92
C ILE E 248 -12.71 -3.31 -29.58
N ASP E 249 -12.60 -3.75 -28.34
CA ASP E 249 -13.08 -5.05 -27.92
C ASP E 249 -14.60 -5.13 -27.83
N ILE E 250 -15.29 -3.99 -27.87
CA ILE E 250 -16.72 -3.96 -27.60
C ILE E 250 -17.54 -3.61 -28.84
N CYS E 251 -17.05 -2.71 -29.70
CA CYS E 251 -17.79 -2.17 -30.83
C CYS E 251 -18.21 -3.22 -31.85
N ASN E 252 -17.41 -4.27 -32.04
CA ASN E 252 -17.75 -5.32 -32.99
C ASN E 252 -18.87 -6.20 -32.47
N SER E 253 -18.66 -6.83 -31.32
CA SER E 253 -19.61 -7.78 -30.77
C SER E 253 -20.64 -7.05 -29.91
N THR E 254 -21.40 -7.83 -29.15
CA THR E 254 -22.42 -7.31 -28.26
C THR E 254 -22.06 -7.60 -26.80
N CYS E 255 -22.61 -6.80 -25.90
CA CYS E 255 -22.49 -7.04 -24.48
C CYS E 255 -23.87 -7.26 -23.87
N LYS E 256 -23.94 -8.13 -22.87
CA LYS E 256 -25.22 -8.53 -22.29
C LYS E 256 -25.15 -8.35 -20.78
N TYR E 257 -26.28 -8.07 -20.16
CA TYR E 257 -26.39 -8.01 -18.72
C TYR E 257 -27.32 -9.11 -18.21
N PRO E 258 -27.03 -9.73 -17.08
CA PRO E 258 -27.91 -10.78 -16.57
C PRO E 258 -29.09 -10.18 -15.84
N ASP E 259 -30.27 -10.63 -16.23
CA ASP E 259 -31.51 -10.31 -15.53
C ASP E 259 -31.49 -10.98 -14.16
N TYR E 260 -32.09 -10.33 -13.18
CA TYR E 260 -32.34 -10.94 -11.89
C TYR E 260 -33.82 -10.97 -11.55
N LEU E 261 -34.68 -10.59 -12.48
CA LEU E 261 -36.10 -10.43 -12.18
C LEU E 261 -36.99 -11.38 -12.96
N LYS E 262 -36.90 -11.36 -14.29
CA LYS E 262 -37.47 -12.43 -15.09
C LYS E 262 -36.78 -13.75 -14.77
N MET E 263 -35.48 -13.68 -14.48
CA MET E 263 -34.74 -14.82 -13.96
C MET E 263 -35.35 -15.36 -12.67
N ALA E 264 -35.75 -14.49 -11.76
CA ALA E 264 -36.30 -14.92 -10.48
C ALA E 264 -37.76 -15.33 -10.58
N SER E 265 -38.52 -14.75 -11.49
CA SER E 265 -39.95 -15.01 -11.55
C SER E 265 -40.31 -16.23 -12.39
N GLU E 266 -39.35 -17.11 -12.68
CA GLU E 266 -39.67 -18.34 -13.38
C GLU E 266 -40.39 -19.28 -12.43
N PRO E 267 -41.54 -19.84 -12.81
CA PRO E 267 -42.33 -20.66 -11.88
C PRO E 267 -41.73 -22.02 -11.58
N TYR E 268 -40.65 -22.42 -12.23
CA TYR E 268 -40.02 -23.70 -11.92
C TYR E 268 -38.66 -23.55 -11.25
N GLY E 269 -38.03 -22.39 -11.36
CA GLY E 269 -36.76 -22.18 -10.69
C GLY E 269 -35.58 -22.84 -11.36
N ASP E 270 -35.73 -23.29 -12.60
CA ASP E 270 -34.65 -23.98 -13.29
C ASP E 270 -33.52 -23.07 -13.71
N SER E 271 -33.76 -21.76 -13.74
CA SER E 271 -32.76 -20.82 -14.20
C SER E 271 -31.86 -20.29 -13.09
N LEU E 272 -32.18 -20.57 -11.83
CA LEU E 272 -31.40 -20.04 -10.73
C LEU E 272 -31.50 -20.94 -9.51
N PHE E 273 -30.34 -21.35 -9.00
CA PHE E 273 -30.24 -21.88 -7.65
C PHE E 273 -29.76 -20.84 -6.65
N PHE E 274 -28.71 -20.10 -6.99
CA PHE E 274 -27.87 -19.42 -6.01
C PHE E 274 -26.96 -18.43 -6.72
N PHE E 275 -26.87 -17.19 -6.25
CA PHE E 275 -26.13 -16.18 -7.00
C PHE E 275 -25.58 -15.10 -6.07
N LEU E 276 -24.49 -14.47 -6.51
CA LEU E 276 -23.84 -13.39 -5.80
C LEU E 276 -23.67 -12.18 -6.71
N ARG E 277 -23.18 -11.08 -6.14
CA ARG E 277 -23.01 -9.84 -6.89
C ARG E 277 -22.05 -8.91 -6.15
N ARG E 278 -21.16 -8.26 -6.90
CA ARG E 278 -20.35 -7.17 -6.35
C ARG E 278 -19.89 -6.27 -7.48
N GLU E 279 -20.33 -5.01 -7.45
CA GLU E 279 -20.06 -4.03 -8.50
C GLU E 279 -19.62 -2.72 -7.86
N GLN E 280 -18.69 -2.03 -8.53
CA GLN E 280 -18.29 -0.68 -8.16
C GLN E 280 -17.58 -0.01 -9.34
N MET E 281 -17.74 1.31 -9.43
CA MET E 281 -17.04 2.13 -10.42
C MET E 281 -17.10 3.58 -9.99
N PHE E 282 -16.25 4.40 -10.62
CA PHE E 282 -16.31 5.84 -10.49
C PHE E 282 -15.65 6.48 -11.71
N VAL E 283 -15.98 7.74 -11.97
CA VAL E 283 -15.57 8.37 -13.22
C VAL E 283 -14.18 8.98 -13.09
N ARG E 284 -13.53 9.19 -14.23
CA ARG E 284 -12.16 9.69 -14.25
C ARG E 284 -11.99 10.96 -15.07
N HIS E 285 -12.60 11.04 -16.24
CA HIS E 285 -12.50 12.24 -17.07
C HIS E 285 -13.84 12.52 -17.75
N PHE E 286 -13.86 13.50 -18.65
CA PHE E 286 -15.05 13.79 -19.44
C PHE E 286 -14.61 14.21 -20.84
N PHE E 287 -15.29 13.69 -21.85
CA PHE E 287 -15.02 14.05 -23.24
C PHE E 287 -16.35 14.27 -23.95
N ASN E 288 -16.27 14.66 -25.23
CA ASN E 288 -17.46 14.95 -26.02
C ASN E 288 -17.24 14.50 -27.46
N ARG E 289 -18.35 14.16 -28.12
CA ARG E 289 -18.31 13.60 -29.46
C ARG E 289 -18.02 14.68 -30.50
N ALA E 290 -17.70 14.23 -31.70
CA ALA E 290 -17.60 15.10 -32.87
C ALA E 290 -18.89 14.99 -33.68
N GLY E 291 -18.92 15.58 -34.87
CA GLY E 291 -20.06 15.47 -35.76
C GLY E 291 -21.17 16.44 -35.39
N LYS E 292 -22.15 16.50 -36.27
CA LYS E 292 -23.28 17.41 -36.09
C LYS E 292 -24.31 16.77 -35.18
N LEU E 293 -24.59 17.43 -34.06
CA LEU E 293 -25.60 16.95 -33.12
C LEU E 293 -26.98 17.12 -33.73
N GLY E 294 -27.73 16.03 -33.79
CA GLY E 294 -29.05 16.02 -34.39
C GLY E 294 -30.09 16.80 -33.61
N GLU E 295 -29.91 16.93 -32.30
CA GLU E 295 -30.90 17.62 -31.48
C GLU E 295 -30.45 19.05 -31.26
N ALA E 296 -31.04 19.98 -32.01
CA ALA E 296 -30.89 21.38 -31.70
C ALA E 296 -31.61 21.68 -30.39
N VAL E 297 -30.87 22.22 -29.44
CA VAL E 297 -31.45 22.49 -28.12
C VAL E 297 -32.43 23.65 -28.23
N PRO E 298 -33.44 23.74 -27.38
CA PRO E 298 -34.37 24.87 -27.45
C PRO E 298 -33.70 26.18 -27.06
N ASP E 299 -34.11 27.24 -27.76
CA ASP E 299 -33.44 28.52 -27.67
C ASP E 299 -33.68 29.22 -26.33
N ASP E 300 -34.87 29.04 -25.74
CA ASP E 300 -35.22 29.73 -24.51
C ASP E 300 -34.48 29.19 -23.29
N LEU E 301 -33.77 28.08 -23.41
CA LEU E 301 -32.98 27.56 -22.30
C LEU E 301 -31.63 28.25 -22.16
N TYR E 302 -31.26 29.13 -23.08
CA TYR E 302 -29.96 29.78 -23.05
C TYR E 302 -30.08 31.12 -23.78
N ILE E 303 -28.93 31.77 -23.99
CA ILE E 303 -28.86 33.08 -24.60
C ILE E 303 -27.82 33.05 -25.70
N LYS E 304 -28.19 33.47 -26.90
CA LYS E 304 -27.27 33.51 -28.03
C LYS E 304 -26.23 34.61 -27.83
N GLY E 305 -25.04 34.39 -28.39
CA GLY E 305 -23.99 35.38 -28.34
C GLY E 305 -23.56 35.79 -29.74
N SER E 306 -22.72 36.81 -29.78
CA SER E 306 -22.22 37.36 -31.03
C SER E 306 -20.71 37.24 -31.11
N GLY E 307 -20.13 37.81 -32.16
CA GLY E 307 -18.70 37.92 -32.31
C GLY E 307 -18.01 36.59 -32.51
N ASN E 308 -17.26 36.17 -31.49
CA ASN E 308 -16.59 34.88 -31.48
C ASN E 308 -17.57 33.72 -31.36
N THR E 309 -18.77 33.96 -30.84
CA THR E 309 -19.69 32.91 -30.44
C THR E 309 -20.88 32.81 -31.37
N ALA E 310 -20.65 32.93 -32.68
CA ALA E 310 -21.70 32.65 -33.63
C ALA E 310 -22.04 31.16 -33.67
N VAL E 311 -21.03 30.33 -33.93
CA VAL E 311 -21.25 28.88 -33.94
C VAL E 311 -21.34 28.39 -32.50
N ILE E 312 -22.23 27.44 -32.26
CA ILE E 312 -22.41 26.85 -30.93
C ILE E 312 -21.64 25.54 -30.87
N GLN E 313 -21.22 25.18 -29.67
CA GLN E 313 -20.50 23.93 -29.46
C GLN E 313 -21.50 22.78 -29.36
N SER E 314 -21.04 21.57 -29.70
CA SER E 314 -21.84 20.38 -29.49
C SER E 314 -21.99 20.09 -28.01
N SER E 315 -23.01 19.32 -27.67
CA SER E 315 -23.36 19.05 -26.28
C SER E 315 -23.65 17.57 -26.09
N ALA E 316 -22.80 16.73 -26.67
CA ALA E 316 -22.94 15.28 -26.58
C ALA E 316 -21.75 14.75 -25.78
N PHE E 317 -21.90 14.69 -24.47
CA PHE E 317 -20.83 14.27 -23.58
C PHE E 317 -21.01 12.80 -23.20
N PHE E 318 -19.92 12.21 -22.72
CA PHE E 318 -19.91 10.82 -22.33
C PHE E 318 -18.76 10.63 -21.36
N PRO E 319 -18.90 9.77 -20.36
CA PRO E 319 -17.90 9.70 -19.30
C PRO E 319 -16.81 8.66 -19.55
N THR E 320 -15.84 8.67 -18.64
CA THR E 320 -14.78 7.67 -18.65
C THR E 320 -14.85 6.86 -17.37
N PRO E 321 -15.50 5.69 -17.37
CA PRO E 321 -15.45 4.83 -16.20
C PRO E 321 -14.06 4.23 -16.03
N SER E 322 -13.67 4.05 -14.80
CA SER E 322 -12.26 3.76 -14.58
C SER E 322 -12.02 2.48 -13.80
N GLY E 323 -12.84 2.17 -12.81
CA GLY E 323 -12.48 1.14 -11.87
C GLY E 323 -11.58 1.69 -10.79
N SER E 324 -11.36 0.88 -9.77
CA SER E 324 -10.78 1.38 -8.54
C SER E 324 -9.91 0.29 -7.95
N ILE E 325 -9.62 0.41 -6.65
CA ILE E 325 -8.81 -0.57 -5.93
C ILE E 325 -9.47 -1.93 -5.96
N VAL E 326 -8.66 -2.98 -5.94
CA VAL E 326 -9.13 -4.35 -5.85
C VAL E 326 -8.43 -4.97 -4.66
N THR E 327 -9.19 -5.69 -3.84
CA THR E 327 -8.66 -6.23 -2.60
C THR E 327 -8.58 -7.75 -2.69
N SER E 328 -8.23 -8.36 -1.56
CA SER E 328 -8.29 -9.81 -1.42
C SER E 328 -9.42 -10.22 -0.49
N GLU E 329 -9.90 -9.29 0.33
CA GLU E 329 -10.97 -9.58 1.27
C GLU E 329 -12.34 -9.28 0.74
N SER E 330 -12.44 -8.71 -0.46
CA SER E 330 -13.71 -8.61 -1.16
C SER E 330 -13.70 -9.51 -2.37
N GLN E 331 -12.85 -10.53 -2.34
CA GLN E 331 -12.86 -11.58 -3.33
C GLN E 331 -14.08 -12.46 -3.13
N LEU E 332 -14.50 -13.11 -4.21
CA LEU E 332 -15.70 -13.93 -4.16
C LEU E 332 -15.45 -15.40 -4.46
N PHE E 333 -14.21 -15.79 -4.68
CA PHE E 333 -13.87 -17.16 -5.02
C PHE E 333 -12.82 -17.69 -4.05
N ASN E 334 -12.35 -18.90 -4.34
CA ASN E 334 -11.41 -19.66 -3.50
C ASN E 334 -11.90 -19.81 -2.08
N LYS E 335 -13.20 -20.06 -1.93
CA LYS E 335 -13.81 -20.33 -0.64
C LYS E 335 -15.10 -21.10 -0.89
N PRO E 336 -15.43 -22.06 -0.03
CA PRO E 336 -16.56 -22.95 -0.32
C PRO E 336 -17.92 -22.29 -0.21
N TYR E 337 -18.95 -23.08 -0.53
CA TYR E 337 -20.34 -22.65 -0.38
C TYR E 337 -21.17 -23.84 0.06
N TRP E 338 -22.18 -23.56 0.88
CA TRP E 338 -23.14 -24.57 1.30
C TRP E 338 -24.52 -23.96 1.19
N LEU E 339 -25.30 -24.42 0.23
CA LEU E 339 -26.64 -23.89 0.04
C LEU E 339 -27.61 -24.71 0.87
N GLN E 340 -28.15 -24.09 1.90
CA GLN E 340 -29.14 -24.77 2.73
C GLN E 340 -30.50 -24.76 2.07
N ARG E 341 -30.84 -23.66 1.40
CA ARG E 341 -32.15 -23.51 0.78
C ARG E 341 -32.04 -22.52 -0.36
N ALA E 342 -32.44 -22.94 -1.55
CA ALA E 342 -32.49 -22.03 -2.67
C ALA E 342 -33.74 -21.16 -2.59
N GLN E 343 -33.68 -20.02 -3.25
CA GLN E 343 -34.81 -19.10 -3.24
C GLN E 343 -35.98 -19.61 -4.08
N GLY E 344 -35.71 -20.48 -5.05
CA GLY E 344 -36.75 -20.97 -5.93
C GLY E 344 -37.50 -22.15 -5.34
N HIS E 345 -37.69 -23.18 -6.16
CA HIS E 345 -38.40 -24.37 -5.72
C HIS E 345 -37.54 -25.62 -5.84
N ASN E 346 -36.89 -25.82 -6.98
CA ASN E 346 -36.01 -26.96 -7.15
C ASN E 346 -34.72 -26.72 -6.39
N ASN E 347 -34.69 -27.14 -5.13
CA ASN E 347 -33.60 -26.84 -4.22
C ASN E 347 -32.36 -27.66 -4.54
N GLY E 348 -31.69 -27.33 -5.64
CA GLY E 348 -30.45 -27.96 -6.01
C GLY E 348 -30.59 -29.17 -6.91
N ILE E 349 -31.79 -29.71 -7.08
CA ILE E 349 -32.00 -30.87 -7.94
C ILE E 349 -31.74 -30.49 -9.39
N CYS E 350 -30.76 -31.14 -9.99
CA CYS E 350 -30.37 -30.84 -11.37
C CYS E 350 -30.93 -31.91 -12.29
N TRP E 351 -31.98 -31.55 -13.03
CA TRP E 351 -32.51 -32.45 -14.04
C TRP E 351 -31.58 -32.51 -15.24
N GLY E 352 -31.84 -33.49 -16.10
CA GLY E 352 -31.10 -33.63 -17.34
C GLY E 352 -29.70 -34.17 -17.19
N ASN E 353 -29.27 -34.51 -15.98
CA ASN E 353 -27.93 -35.02 -15.66
C ASN E 353 -26.85 -34.03 -16.12
N GLN E 354 -27.13 -32.76 -15.86
CA GLN E 354 -26.27 -31.67 -16.28
C GLN E 354 -26.65 -30.45 -15.47
N LEU E 355 -25.74 -29.48 -15.44
CA LEU E 355 -26.02 -28.20 -14.81
C LEU E 355 -25.08 -27.16 -15.40
N PHE E 356 -25.34 -25.90 -15.08
CA PHE E 356 -24.68 -24.76 -15.71
C PHE E 356 -24.14 -23.85 -14.63
N VAL E 357 -22.87 -23.46 -14.75
CA VAL E 357 -22.31 -22.39 -13.94
C VAL E 357 -21.77 -21.32 -14.88
N THR E 358 -21.91 -20.06 -14.46
CA THR E 358 -21.34 -18.93 -15.19
C THR E 358 -20.51 -18.14 -14.21
N VAL E 359 -19.35 -17.67 -14.66
CA VAL E 359 -18.50 -16.84 -13.82
C VAL E 359 -17.96 -15.70 -14.67
N VAL E 360 -17.86 -14.52 -14.06
CA VAL E 360 -17.32 -13.33 -14.72
C VAL E 360 -16.43 -12.63 -13.71
N ASP E 361 -15.17 -12.40 -14.08
CA ASP E 361 -14.19 -11.81 -13.18
C ASP E 361 -13.28 -10.91 -14.01
N THR E 362 -12.91 -9.76 -13.44
CA THR E 362 -11.95 -8.86 -14.06
C THR E 362 -10.69 -8.69 -13.22
N THR E 363 -10.69 -9.19 -11.99
CA THR E 363 -9.61 -8.91 -11.07
C THR E 363 -8.33 -9.64 -11.41
N ARG E 364 -8.38 -10.66 -12.25
CA ARG E 364 -7.17 -11.39 -12.65
C ARG E 364 -6.97 -11.28 -14.15
N SER E 365 -7.03 -10.06 -14.68
CA SER E 365 -6.99 -9.86 -16.12
C SER E 365 -5.75 -9.08 -16.52
N THR E 366 -4.59 -9.46 -15.98
CA THR E 366 -3.33 -8.81 -16.34
C THR E 366 -3.00 -9.07 -17.80
N ASN E 367 -2.77 -7.98 -18.53
CA ASN E 367 -2.45 -8.04 -19.96
C ASN E 367 -0.94 -8.24 -20.08
N MET E 368 -0.55 -9.47 -20.44
CA MET E 368 0.86 -9.77 -20.62
C MET E 368 1.36 -9.23 -21.94
N THR E 369 2.58 -8.67 -21.92
CA THR E 369 3.18 -8.08 -23.10
C THR E 369 4.41 -8.90 -23.50
N LEU E 370 4.60 -9.08 -24.80
CA LEU E 370 5.75 -9.77 -25.35
C LEU E 370 6.37 -8.96 -26.47
N CYS E 371 7.67 -9.16 -26.69
CA CYS E 371 8.33 -8.58 -27.84
C CYS E 371 9.32 -9.57 -28.41
N THR E 372 9.43 -9.59 -29.73
CA THR E 372 10.44 -10.38 -30.43
C THR E 372 11.36 -9.44 -31.19
N GLU E 373 12.39 -9.99 -31.83
CA GLU E 373 13.37 -9.16 -32.52
C GLU E 373 13.61 -9.72 -33.90
N VAL E 374 14.24 -8.90 -34.74
CA VAL E 374 14.61 -9.32 -36.08
C VAL E 374 16.11 -9.32 -36.32
N THR E 375 16.89 -8.65 -35.47
CA THR E 375 18.31 -8.48 -35.73
C THR E 375 19.06 -8.26 -34.42
N LYS E 376 20.36 -8.53 -34.46
CA LYS E 376 21.24 -8.29 -33.33
C LYS E 376 22.23 -7.19 -33.67
N GLU E 377 22.28 -6.14 -32.86
CA GLU E 377 23.13 -4.99 -33.12
C GLU E 377 23.76 -4.51 -31.83
N GLY E 378 24.45 -3.38 -31.92
CA GLY E 378 25.04 -2.77 -30.75
C GLY E 378 24.05 -1.88 -30.02
N THR E 379 23.42 -0.97 -30.75
CA THR E 379 22.47 -0.04 -30.14
C THR E 379 21.05 -0.48 -30.49
N TYR E 380 20.06 0.27 -30.03
CA TYR E 380 18.66 -0.06 -30.22
C TYR E 380 18.09 0.78 -31.35
N LYS E 381 17.38 0.15 -32.26
CA LYS E 381 16.62 0.83 -33.30
C LYS E 381 15.16 0.44 -33.18
N ASN E 382 14.28 1.37 -33.55
CA ASN E 382 12.84 1.23 -33.31
C ASN E 382 12.24 0.08 -34.10
N ASP E 383 12.64 -0.07 -35.35
CA ASP E 383 12.05 -1.07 -36.23
C ASP E 383 12.69 -2.44 -36.09
N ASN E 384 13.49 -2.69 -35.04
CA ASN E 384 14.10 -3.99 -34.84
C ASN E 384 13.32 -4.87 -33.88
N PHE E 385 12.15 -4.43 -33.43
CA PHE E 385 11.43 -5.17 -32.41
C PHE E 385 9.97 -5.32 -32.80
N LYS E 386 9.50 -6.55 -32.83
CA LYS E 386 8.11 -6.86 -33.14
C LYS E 386 7.44 -7.35 -31.87
N GLU E 387 6.23 -6.86 -31.60
CA GLU E 387 5.61 -7.00 -30.29
C GLU E 387 4.34 -7.82 -30.34
N TYR E 388 3.94 -8.31 -29.17
CA TYR E 388 2.74 -9.12 -29.01
C TYR E 388 2.14 -8.86 -27.64
N VAL E 389 0.82 -8.86 -27.58
CA VAL E 389 0.09 -8.72 -26.33
C VAL E 389 -0.63 -10.04 -26.04
N ARG E 390 -0.82 -10.31 -24.75
CA ARG E 390 -1.35 -11.60 -24.32
C ARG E 390 -2.17 -11.44 -23.05
N HIS E 391 -3.05 -12.40 -22.80
CA HIS E 391 -3.77 -12.54 -21.55
C HIS E 391 -4.06 -14.01 -21.33
N VAL E 392 -3.90 -14.49 -20.10
CA VAL E 392 -4.07 -15.89 -19.79
C VAL E 392 -4.98 -16.00 -18.57
N GLU E 393 -5.81 -17.04 -18.56
CA GLU E 393 -6.83 -17.20 -17.55
C GLU E 393 -6.90 -18.67 -17.14
N GLU E 394 -7.45 -18.94 -15.97
CA GLU E 394 -7.30 -20.25 -15.34
C GLU E 394 -8.41 -20.45 -14.31
N TYR E 395 -9.01 -21.64 -14.29
CA TYR E 395 -10.06 -21.94 -13.34
C TYR E 395 -9.92 -23.36 -12.78
N ASP E 396 -10.74 -23.66 -11.78
CA ASP E 396 -10.95 -25.01 -11.28
C ASP E 396 -12.36 -25.08 -10.73
N LEU E 397 -12.99 -26.24 -10.91
CA LEU E 397 -14.31 -26.49 -10.34
C LEU E 397 -14.22 -27.72 -9.46
N GLN E 398 -14.95 -27.68 -8.35
CA GLN E 398 -15.07 -28.82 -7.46
C GLN E 398 -16.53 -28.94 -7.04
N PHE E 399 -17.00 -30.18 -6.95
CA PHE E 399 -18.42 -30.39 -6.78
C PHE E 399 -18.67 -31.54 -5.81
N VAL E 400 -19.65 -31.34 -4.94
CA VAL E 400 -20.13 -32.37 -4.02
C VAL E 400 -21.57 -32.63 -4.37
N PHE E 401 -21.98 -33.90 -4.35
CA PHE E 401 -23.35 -34.24 -4.67
C PHE E 401 -23.96 -35.10 -3.58
N GLN E 402 -25.27 -35.26 -3.66
CA GLN E 402 -26.01 -36.05 -2.69
C GLN E 402 -27.07 -36.85 -3.43
N LEU E 403 -27.04 -38.16 -3.25
CA LEU E 403 -27.91 -39.06 -3.99
C LEU E 403 -29.35 -38.92 -3.53
N CYS E 404 -30.27 -39.06 -4.47
CA CYS E 404 -31.69 -38.89 -4.18
C CYS E 404 -32.50 -39.76 -5.13
N LYS E 405 -33.58 -40.34 -4.60
CA LYS E 405 -34.48 -41.16 -5.39
C LYS E 405 -35.88 -40.57 -5.34
N ILE E 406 -36.73 -41.02 -6.26
CA ILE E 406 -38.08 -40.50 -6.41
C ILE E 406 -39.04 -41.68 -6.37
N THR E 407 -39.88 -41.73 -5.34
CA THR E 407 -41.01 -42.64 -5.37
C THR E 407 -42.06 -42.12 -6.35
N LEU E 408 -42.71 -43.04 -7.04
CA LEU E 408 -43.49 -42.69 -8.22
C LEU E 408 -44.92 -43.22 -8.07
N THR E 409 -45.86 -42.30 -7.87
CA THR E 409 -47.28 -42.63 -7.99
C THR E 409 -47.77 -42.15 -9.36
N ALA E 410 -49.09 -42.16 -9.56
CA ALA E 410 -49.64 -41.81 -10.86
C ALA E 410 -49.60 -40.31 -11.09
N GLU E 411 -50.07 -39.53 -10.10
CA GLU E 411 -50.14 -38.08 -10.25
C GLU E 411 -48.78 -37.41 -10.31
N ILE E 412 -47.74 -38.06 -9.77
CA ILE E 412 -46.39 -37.52 -9.91
C ILE E 412 -45.95 -37.60 -11.36
N MET E 413 -46.30 -38.69 -12.05
CA MET E 413 -46.03 -38.82 -13.48
C MET E 413 -46.71 -37.74 -14.29
N THR E 414 -47.92 -37.33 -13.90
CA THR E 414 -48.57 -36.20 -14.54
C THR E 414 -47.83 -34.91 -14.27
N TYR E 415 -47.31 -34.76 -13.06
CA TYR E 415 -46.71 -33.48 -12.64
C TYR E 415 -45.38 -33.23 -13.31
N ILE E 416 -44.58 -34.28 -13.50
CA ILE E 416 -43.31 -34.11 -14.19
C ILE E 416 -43.52 -33.93 -15.68
N HIS E 417 -44.56 -34.56 -16.24
CA HIS E 417 -44.81 -34.51 -17.68
C HIS E 417 -45.16 -33.09 -18.13
N THR E 418 -45.98 -32.39 -17.34
CA THR E 418 -46.30 -31.02 -17.67
C THR E 418 -45.21 -30.04 -17.27
N MET E 419 -44.30 -30.44 -16.38
CA MET E 419 -43.16 -29.60 -16.04
C MET E 419 -42.20 -29.61 -17.20
N ASP E 420 -41.70 -30.79 -17.54
CA ASP E 420 -40.89 -30.97 -18.74
C ASP E 420 -41.12 -32.40 -19.21
N SER E 421 -41.65 -32.54 -20.42
CA SER E 421 -41.92 -33.86 -20.98
C SER E 421 -40.71 -34.47 -21.66
N ASN E 422 -39.56 -33.81 -21.58
CA ASN E 422 -38.35 -34.31 -22.21
C ASN E 422 -37.43 -35.05 -21.26
N ILE E 423 -37.56 -34.83 -19.95
CA ILE E 423 -36.66 -35.43 -18.99
C ILE E 423 -37.25 -36.72 -18.46
N LEU E 424 -38.48 -37.03 -18.87
CA LEU E 424 -39.06 -38.31 -18.50
C LEU E 424 -38.57 -39.44 -19.40
N GLU E 425 -38.33 -39.15 -20.67
CA GLU E 425 -38.10 -40.20 -21.66
C GLU E 425 -36.67 -40.70 -21.68
N ASP E 426 -35.78 -40.18 -20.83
CA ASP E 426 -34.43 -40.71 -20.79
C ASP E 426 -34.30 -41.94 -19.91
N TRP E 427 -35.05 -42.00 -18.82
CA TRP E 427 -35.11 -43.22 -18.02
C TRP E 427 -35.93 -44.29 -18.70
N GLN E 428 -36.79 -43.89 -19.67
CA GLN E 428 -37.57 -44.77 -20.53
C GLN E 428 -38.57 -45.62 -19.73
N PHE E 429 -38.92 -45.17 -18.53
CA PHE E 429 -39.89 -45.91 -17.74
C PHE E 429 -41.31 -45.67 -18.26
N GLY E 430 -41.69 -44.40 -18.35
CA GLY E 430 -43.04 -44.08 -18.74
C GLY E 430 -43.28 -44.23 -20.22
N LEU E 431 -44.13 -45.19 -20.60
CA LEU E 431 -44.45 -45.43 -22.01
C LEU E 431 -45.57 -44.47 -22.43
N THR E 432 -45.29 -43.17 -22.34
CA THR E 432 -46.22 -42.18 -22.84
C THR E 432 -46.33 -42.16 -24.37
N PRO E 433 -45.31 -42.47 -25.16
CA PRO E 433 -45.58 -42.93 -26.53
C PRO E 433 -45.73 -44.45 -26.59
N PRO E 434 -46.93 -44.93 -26.93
CA PRO E 434 -47.04 -46.26 -27.54
C PRO E 434 -46.38 -46.34 -28.92
N PRO E 435 -46.16 -45.20 -29.70
CA PRO E 435 -45.18 -45.31 -30.80
C PRO E 435 -43.75 -45.64 -30.40
N SER E 436 -43.42 -45.56 -29.11
CA SER E 436 -42.20 -46.19 -28.64
C SER E 436 -42.27 -47.70 -28.74
N ALA E 437 -43.47 -48.27 -28.63
CA ALA E 437 -43.65 -49.70 -28.75
C ALA E 437 -43.45 -50.24 -30.15
N SER E 438 -44.03 -49.56 -31.14
CA SER E 438 -43.92 -49.97 -32.54
C SER E 438 -44.01 -48.76 -33.45
N LEU E 439 -43.65 -48.96 -34.72
CA LEU E 439 -43.70 -47.90 -35.70
C LEU E 439 -44.52 -48.37 -36.89
N GLN E 440 -44.75 -47.46 -37.82
CA GLN E 440 -45.72 -47.66 -38.90
C GLN E 440 -45.05 -48.23 -40.15
N ASP E 441 -44.25 -49.28 -39.94
CA ASP E 441 -43.66 -50.14 -40.99
C ASP E 441 -42.95 -49.32 -42.08
N THR E 442 -41.84 -48.68 -41.68
CA THR E 442 -40.98 -48.00 -42.64
C THR E 442 -40.45 -49.00 -43.66
N TYR E 443 -40.49 -48.63 -44.94
CA TYR E 443 -40.32 -49.61 -46.00
C TYR E 443 -38.86 -50.01 -46.18
N ARG E 444 -38.67 -51.27 -46.55
CA ARG E 444 -37.35 -51.84 -46.81
C ARG E 444 -37.34 -52.21 -48.28
N PHE E 445 -36.35 -51.71 -49.02
CA PHE E 445 -36.26 -52.02 -50.44
C PHE E 445 -35.43 -53.30 -50.63
N VAL E 446 -35.86 -54.15 -51.54
CA VAL E 446 -35.31 -55.49 -51.66
C VAL E 446 -34.24 -55.47 -52.74
N THR E 447 -34.21 -54.41 -53.54
CA THR E 447 -33.19 -54.22 -54.57
C THR E 447 -32.62 -52.82 -54.39
N SER E 448 -31.58 -52.70 -53.57
CA SER E 448 -31.00 -51.41 -53.27
C SER E 448 -30.15 -50.90 -54.44
N GLN E 449 -29.62 -49.69 -54.25
CA GLN E 449 -28.74 -48.94 -55.18
C GLN E 449 -29.18 -48.95 -56.65
N ALA E 450 -30.48 -49.10 -56.90
CA ALA E 450 -31.03 -49.04 -58.24
C ALA E 450 -31.60 -47.65 -58.47
N ILE E 451 -31.98 -47.38 -59.72
CA ILE E 451 -32.60 -46.10 -60.06
C ILE E 451 -34.10 -46.28 -59.90
N THR E 452 -34.55 -46.21 -58.64
CA THR E 452 -35.97 -46.15 -58.30
C THR E 452 -36.31 -44.90 -57.52
N CYS E 453 -35.62 -44.66 -56.42
CA CYS E 453 -35.66 -43.40 -55.70
C CYS E 453 -34.30 -43.22 -55.03
N GLN E 454 -34.17 -42.18 -54.22
CA GLN E 454 -32.89 -41.83 -53.63
C GLN E 454 -32.83 -42.31 -52.18
N LYS E 455 -31.72 -42.92 -51.82
CA LYS E 455 -31.46 -43.36 -50.46
C LYS E 455 -30.87 -42.20 -49.67
N THR E 456 -30.78 -42.38 -48.36
CA THR E 456 -30.41 -41.27 -47.49
C THR E 456 -29.48 -41.74 -46.36
N ALA E 457 -29.10 -40.79 -45.52
CA ALA E 457 -28.18 -40.96 -44.42
C ALA E 457 -28.87 -41.58 -43.21
N PRO E 458 -28.12 -41.98 -42.19
CA PRO E 458 -28.73 -42.19 -40.86
C PRO E 458 -29.39 -40.92 -40.34
N PRO E 459 -30.46 -41.04 -39.55
CA PRO E 459 -31.34 -39.88 -39.30
C PRO E 459 -30.81 -38.86 -38.31
N LYS E 460 -29.62 -39.10 -37.71
CA LYS E 460 -28.99 -38.29 -36.67
C LYS E 460 -29.93 -38.05 -35.50
N GLU E 461 -30.16 -39.06 -34.65
CA GLU E 461 -31.21 -38.95 -33.62
C GLU E 461 -30.79 -38.21 -32.36
N LYS E 462 -29.70 -37.43 -32.42
CA LYS E 462 -29.27 -36.65 -31.25
C LYS E 462 -30.27 -35.54 -30.94
N GLU E 463 -30.61 -34.72 -31.95
CA GLU E 463 -31.60 -33.64 -31.98
C GLU E 463 -31.66 -32.76 -30.73
N ASP E 464 -30.49 -32.44 -30.17
CA ASP E 464 -30.58 -31.58 -29.00
C ASP E 464 -30.63 -30.12 -29.43
N PRO E 465 -31.60 -29.35 -28.91
CA PRO E 465 -31.76 -27.97 -29.37
C PRO E 465 -30.66 -27.04 -28.94
N LEU E 466 -29.92 -27.37 -27.88
CA LEU E 466 -28.90 -26.49 -27.35
C LEU E 466 -27.53 -26.73 -27.96
N ASN E 467 -27.45 -27.32 -29.15
CA ASN E 467 -26.18 -27.53 -29.81
C ASN E 467 -25.77 -26.34 -30.66
N LYS E 468 -26.71 -25.45 -30.95
CA LYS E 468 -26.51 -24.35 -31.86
C LYS E 468 -25.59 -23.26 -31.31
N TYR E 469 -25.46 -23.16 -29.99
CA TYR E 469 -24.60 -22.16 -29.39
C TYR E 469 -23.20 -22.75 -29.20
N THR E 470 -22.36 -22.03 -28.46
CA THR E 470 -21.02 -22.48 -28.13
C THR E 470 -20.87 -22.49 -26.62
N PHE E 471 -20.65 -23.67 -26.06
CA PHE E 471 -20.42 -23.83 -24.63
C PHE E 471 -19.02 -24.39 -24.40
N TRP E 472 -18.32 -23.86 -23.40
CA TRP E 472 -17.04 -24.44 -23.00
C TRP E 472 -17.36 -25.67 -22.16
N GLU E 473 -17.22 -26.83 -22.80
CA GLU E 473 -17.62 -28.08 -22.20
C GLU E 473 -16.54 -28.56 -21.24
N VAL E 474 -16.96 -29.19 -20.15
CA VAL E 474 -16.05 -29.91 -19.28
C VAL E 474 -16.65 -31.29 -19.00
N ASN E 475 -15.79 -32.30 -18.99
CA ASN E 475 -16.22 -33.69 -18.93
C ASN E 475 -15.96 -34.26 -17.55
N LEU E 476 -16.97 -34.91 -16.97
CA LEU E 476 -16.87 -35.53 -15.66
C LEU E 476 -17.34 -36.98 -15.67
N LYS E 477 -17.51 -37.58 -16.86
CA LYS E 477 -18.22 -38.85 -16.98
C LYS E 477 -17.44 -40.01 -16.36
N GLU E 478 -16.12 -39.95 -16.37
CA GLU E 478 -15.29 -40.94 -15.69
C GLU E 478 -14.42 -40.27 -14.63
N LYS E 479 -15.02 -39.39 -13.84
CA LYS E 479 -14.25 -38.64 -12.86
C LYS E 479 -14.83 -38.68 -11.45
N PHE E 480 -15.90 -39.43 -11.21
CA PHE E 480 -16.44 -39.52 -9.86
C PHE E 480 -15.55 -40.40 -8.98
N SER E 481 -15.70 -40.20 -7.67
CA SER E 481 -15.05 -41.03 -6.67
C SER E 481 -15.81 -40.90 -5.37
N ALA E 482 -15.74 -41.94 -4.55
CA ALA E 482 -16.65 -42.11 -3.43
C ALA E 482 -16.09 -41.66 -2.09
N ASP E 483 -14.78 -41.76 -1.87
CA ASP E 483 -14.22 -41.47 -0.56
C ASP E 483 -13.89 -39.99 -0.48
N LEU E 484 -14.56 -39.30 0.44
CA LEU E 484 -14.54 -37.83 0.44
C LEU E 484 -13.23 -37.28 0.94
N ASP E 485 -12.65 -37.89 1.97
CA ASP E 485 -11.56 -37.30 2.72
C ASP E 485 -10.21 -37.36 2.02
N GLN E 486 -10.16 -37.69 0.73
CA GLN E 486 -8.92 -37.68 -0.03
C GLN E 486 -8.83 -36.46 -0.93
N PHE E 487 -9.49 -35.36 -0.54
CA PHE E 487 -9.58 -34.17 -1.37
C PHE E 487 -9.67 -32.95 -0.46
N PRO E 488 -9.28 -31.76 -0.95
CA PRO E 488 -9.30 -30.58 -0.07
C PRO E 488 -10.68 -30.14 0.36
N LEU E 489 -11.68 -30.25 -0.51
CA LEU E 489 -13.00 -29.75 -0.13
C LEU E 489 -13.69 -30.67 0.86
N GLY E 490 -13.50 -31.98 0.74
CA GLY E 490 -14.18 -32.91 1.63
C GLY E 490 -13.72 -32.82 3.07
N ARG E 491 -12.47 -32.40 3.28
CA ARG E 491 -12.02 -32.10 4.63
C ARG E 491 -12.81 -30.96 5.24
N LYS E 492 -13.08 -29.91 4.46
CA LYS E 492 -13.92 -28.83 4.95
C LYS E 492 -15.37 -29.26 5.04
N PHE E 493 -15.79 -30.20 4.19
CA PHE E 493 -17.18 -30.62 4.20
C PHE E 493 -17.49 -31.48 5.41
N LEU E 494 -16.57 -32.36 5.81
CA LEU E 494 -16.80 -33.17 7.00
C LEU E 494 -16.78 -32.33 8.25
N LEU E 495 -15.99 -31.27 8.29
CA LEU E 495 -15.95 -30.42 9.47
C LEU E 495 -17.18 -29.54 9.59
N GLN E 496 -17.89 -29.31 8.49
CA GLN E 496 -19.12 -28.53 8.59
C GLN E 496 -20.26 -29.38 9.15
N SER E 497 -20.33 -30.65 8.78
CA SER E 497 -21.37 -31.54 9.27
C SER E 497 -21.00 -32.21 10.58
N GLY E 498 -19.75 -32.64 10.73
CA GLY E 498 -19.36 -33.37 11.93
C GLY E 498 -19.94 -34.76 11.98
N LEU E 499 -19.53 -35.61 11.04
CA LEU E 499 -20.03 -36.98 10.99
C LEU E 499 -19.27 -37.85 12.00
N LYS F 46 -58.49 15.20 19.91
CA LYS F 46 -57.53 14.28 20.49
C LYS F 46 -57.27 13.12 19.55
N VAL F 47 -56.00 12.92 19.18
CA VAL F 47 -55.64 11.88 18.23
C VAL F 47 -55.45 10.57 18.98
N VAL F 48 -55.44 9.45 18.25
CA VAL F 48 -55.19 8.14 18.85
C VAL F 48 -54.40 7.33 17.83
N SER F 49 -53.79 6.24 18.29
CA SER F 49 -53.05 5.37 17.42
C SER F 49 -54.00 4.40 16.70
N THR F 50 -53.46 3.69 15.71
CA THR F 50 -54.28 2.92 14.78
C THR F 50 -54.33 1.45 15.10
N ASP F 51 -54.01 1.05 16.33
CA ASP F 51 -54.06 -0.36 16.71
C ASP F 51 -55.21 -0.65 17.67
N GLU F 52 -56.20 0.24 17.75
CA GLU F 52 -57.25 0.11 18.74
C GLU F 52 -58.64 0.16 18.13
N TYR F 53 -58.76 0.38 16.82
CA TYR F 53 -60.07 0.34 16.19
C TYR F 53 -60.07 -0.41 14.87
N VAL F 54 -59.02 -1.14 14.53
CA VAL F 54 -59.03 -2.10 13.45
C VAL F 54 -58.62 -3.45 14.02
N SER F 55 -58.62 -4.47 13.17
CA SER F 55 -58.24 -5.80 13.62
C SER F 55 -57.60 -6.55 12.47
N ARG F 56 -56.47 -7.19 12.75
CA ARG F 56 -55.79 -7.98 11.74
C ARG F 56 -56.49 -9.32 11.58
N THR F 57 -56.69 -9.74 10.34
CA THR F 57 -57.29 -11.04 10.07
C THR F 57 -56.20 -12.11 9.99
N SER F 58 -56.58 -13.29 9.53
CA SER F 58 -55.65 -14.40 9.38
C SER F 58 -55.61 -14.84 7.94
N ILE F 59 -55.61 -13.87 7.03
CA ILE F 59 -55.54 -14.12 5.60
C ILE F 59 -54.61 -13.08 5.00
N TYR F 60 -53.93 -13.43 3.91
CA TYR F 60 -52.91 -12.57 3.31
C TYR F 60 -52.96 -12.68 1.80
N TYR F 61 -52.59 -11.58 1.13
CA TYR F 61 -52.68 -11.45 -0.33
C TYR F 61 -51.39 -10.85 -0.86
N TYR F 62 -50.94 -11.36 -2.00
CA TYR F 62 -49.88 -10.73 -2.76
C TYR F 62 -50.43 -10.17 -4.06
N ALA F 63 -49.89 -9.02 -4.48
CA ALA F 63 -50.11 -8.53 -5.82
C ALA F 63 -48.80 -7.99 -6.36
N GLY F 64 -48.62 -8.09 -7.67
CA GLY F 64 -47.39 -7.65 -8.30
C GLY F 64 -47.59 -7.12 -9.69
N SER F 65 -46.86 -6.05 -10.02
CA SER F 65 -47.01 -5.38 -11.30
C SER F 65 -46.26 -6.13 -12.39
N SER F 66 -46.29 -5.59 -13.60
CA SER F 66 -45.45 -6.06 -14.68
C SER F 66 -44.15 -5.24 -14.66
N ARG F 67 -43.24 -5.54 -15.57
CA ARG F 67 -41.95 -4.85 -15.64
C ARG F 67 -42.17 -3.53 -16.37
N LEU F 68 -41.75 -2.43 -15.73
CA LEU F 68 -42.00 -1.12 -16.28
C LEU F 68 -40.93 -0.73 -17.29
N LEU F 69 -41.36 -0.11 -18.38
CA LEU F 69 -40.45 0.40 -19.41
C LEU F 69 -40.52 1.92 -19.41
N ALA F 70 -39.36 2.55 -19.58
CA ALA F 70 -39.28 4.01 -19.59
C ALA F 70 -38.04 4.42 -20.36
N VAL F 71 -38.20 5.22 -21.41
CA VAL F 71 -37.11 5.64 -22.27
C VAL F 71 -37.33 7.12 -22.58
N GLY F 72 -36.28 7.82 -22.94
CA GLY F 72 -36.39 9.20 -23.35
C GLY F 72 -35.04 9.89 -23.43
N ASN F 73 -35.08 11.20 -23.61
CA ASN F 73 -33.83 11.93 -23.66
C ASN F 73 -33.56 12.63 -22.33
N PRO F 74 -32.36 12.50 -21.80
CA PRO F 74 -32.10 12.99 -20.43
C PRO F 74 -31.76 14.47 -20.34
N TYR F 75 -32.04 15.26 -21.36
CA TYR F 75 -31.66 16.67 -21.33
C TYR F 75 -32.84 17.61 -21.53
N PHE F 76 -33.73 17.30 -22.47
CA PHE F 76 -34.87 18.17 -22.74
C PHE F 76 -35.96 17.35 -23.41
N SER F 77 -37.20 17.75 -23.17
CA SER F 77 -38.33 17.19 -23.88
C SER F 77 -38.38 17.82 -25.26
N ILE F 78 -38.76 17.04 -26.25
CA ILE F 78 -38.84 17.55 -27.62
C ILE F 78 -40.29 17.57 -28.07
N LYS F 79 -40.80 18.77 -28.29
CA LYS F 79 -42.17 18.97 -28.75
C LYS F 79 -42.20 19.04 -30.27
N SER F 80 -43.40 19.25 -30.80
CA SER F 80 -43.53 19.41 -32.23
C SER F 80 -43.07 20.81 -32.65
N PRO F 81 -42.51 20.95 -33.86
CA PRO F 81 -42.29 22.31 -34.38
C PRO F 81 -43.60 23.01 -34.70
N ASN F 82 -44.64 22.26 -35.07
CA ASN F 82 -45.90 22.85 -35.47
C ASN F 82 -46.88 23.01 -34.32
N ASN F 83 -46.62 22.39 -33.17
CA ASN F 83 -47.57 22.43 -32.07
C ASN F 83 -46.82 22.32 -30.74
N ASN F 84 -47.39 22.95 -29.71
CA ASN F 84 -46.75 22.95 -28.40
C ASN F 84 -47.07 21.70 -27.59
N LYS F 85 -48.28 21.17 -27.70
CA LYS F 85 -48.73 20.08 -26.85
C LYS F 85 -48.38 18.70 -27.41
N LYS F 86 -47.82 18.65 -28.62
CA LYS F 86 -47.48 17.38 -29.27
C LYS F 86 -46.05 17.02 -28.88
N VAL F 87 -45.92 16.14 -27.89
CA VAL F 87 -44.60 15.67 -27.50
C VAL F 87 -44.11 14.63 -28.50
N LEU F 88 -42.79 14.52 -28.64
CA LEU F 88 -42.18 13.51 -29.50
C LEU F 88 -41.39 12.49 -28.70
N VAL F 89 -40.49 12.97 -27.85
CA VAL F 89 -39.77 12.13 -26.89
C VAL F 89 -39.77 12.85 -25.54
N PRO F 90 -40.29 12.25 -24.49
CA PRO F 90 -40.38 12.94 -23.20
C PRO F 90 -39.03 12.95 -22.50
N LYS F 91 -38.84 13.98 -21.67
CA LYS F 91 -37.60 14.16 -20.92
C LYS F 91 -37.66 13.30 -19.67
N VAL F 92 -36.89 12.22 -19.67
CA VAL F 92 -36.71 11.39 -18.49
C VAL F 92 -35.22 11.08 -18.33
N SER F 93 -34.73 11.21 -17.11
CA SER F 93 -33.35 10.92 -16.79
C SER F 93 -33.32 10.10 -15.51
N GLY F 94 -32.11 9.93 -14.97
CA GLY F 94 -32.00 9.39 -13.62
C GLY F 94 -32.11 10.45 -12.54
N LEU F 95 -32.55 11.65 -12.91
CA LEU F 95 -32.60 12.79 -12.01
C LEU F 95 -34.03 13.23 -11.74
N GLN F 96 -35.01 12.47 -12.16
CA GLN F 96 -36.41 12.80 -11.96
C GLN F 96 -36.94 12.09 -10.72
N TYR F 97 -37.81 12.79 -10.00
CA TYR F 97 -38.53 12.18 -8.88
C TYR F 97 -39.55 11.24 -9.49
N ARG F 98 -39.20 9.96 -9.55
CA ARG F 98 -40.13 8.96 -10.04
C ARG F 98 -41.20 8.73 -8.97
N VAL F 99 -42.44 9.07 -9.31
CA VAL F 99 -43.57 9.03 -8.38
C VAL F 99 -44.58 8.06 -8.95
N PHE F 100 -44.72 6.90 -8.33
CA PHE F 100 -45.81 6.03 -8.72
C PHE F 100 -46.96 6.13 -7.73
N ARG F 101 -48.15 5.80 -8.21
CA ARG F 101 -49.36 5.84 -7.40
C ARG F 101 -50.21 4.65 -7.81
N VAL F 102 -50.30 3.66 -6.92
CA VAL F 102 -51.10 2.49 -7.24
C VAL F 102 -52.58 2.79 -6.95
N ARG F 103 -53.44 1.93 -7.47
CA ARG F 103 -54.86 1.99 -7.16
C ARG F 103 -55.28 0.57 -6.80
N LEU F 104 -55.21 0.27 -5.52
CA LEU F 104 -55.59 -1.05 -5.04
C LEU F 104 -57.10 -1.20 -5.14
N PRO F 105 -57.57 -2.33 -5.63
CA PRO F 105 -59.02 -2.54 -5.77
C PRO F 105 -59.76 -2.56 -4.45
N ASP F 106 -61.04 -2.21 -4.53
CA ASP F 106 -61.88 -2.08 -3.35
C ASP F 106 -62.09 -3.44 -2.69
N PRO F 107 -62.01 -3.53 -1.36
CA PRO F 107 -62.23 -4.81 -0.69
C PRO F 107 -63.69 -5.22 -0.63
N ASN F 108 -64.61 -4.28 -0.53
CA ASN F 108 -66.00 -4.62 -0.28
C ASN F 108 -66.72 -5.08 -1.53
N LYS F 109 -66.08 -5.04 -2.68
CA LYS F 109 -66.60 -5.64 -3.90
C LYS F 109 -66.18 -7.09 -4.07
N PHE F 110 -65.77 -7.75 -2.99
CA PHE F 110 -65.35 -9.13 -3.03
C PHE F 110 -66.40 -10.04 -2.38
N GLY F 111 -66.67 -11.15 -3.04
CA GLY F 111 -67.64 -12.10 -2.53
C GLY F 111 -66.99 -13.40 -2.11
N PHE F 112 -66.97 -13.66 -0.81
CA PHE F 112 -66.30 -14.82 -0.28
C PHE F 112 -67.31 -15.92 -0.01
N PRO F 113 -66.93 -17.19 -0.16
CA PRO F 113 -67.82 -18.30 0.22
C PRO F 113 -68.11 -18.30 1.72
N ASP F 114 -67.12 -17.92 2.52
CA ASP F 114 -67.31 -17.76 3.96
C ASP F 114 -67.61 -16.29 4.22
N THR F 115 -68.85 -16.03 4.62
CA THR F 115 -69.31 -14.68 4.95
C THR F 115 -69.41 -14.49 6.46
N SER F 116 -68.67 -15.31 7.21
CA SER F 116 -68.82 -15.30 8.66
C SER F 116 -68.01 -14.19 9.32
N PHE F 117 -66.77 -13.97 8.89
CA PHE F 117 -65.90 -13.01 9.56
C PHE F 117 -66.32 -11.56 9.27
N TYR F 118 -66.95 -11.33 8.13
CA TYR F 118 -67.35 -9.98 7.75
C TYR F 118 -68.85 -9.78 7.96
N ASN F 119 -69.17 -8.72 8.69
CA ASN F 119 -70.55 -8.28 8.82
C ASN F 119 -70.81 -7.14 7.86
N PRO F 120 -71.70 -7.28 6.88
CA PRO F 120 -72.04 -6.14 6.02
C PRO F 120 -73.04 -5.17 6.62
N ASP F 121 -73.63 -5.50 7.76
CA ASP F 121 -74.58 -4.59 8.39
C ASP F 121 -73.86 -3.40 8.98
N THR F 122 -72.77 -3.65 9.71
CA THR F 122 -72.04 -2.59 10.38
C THR F 122 -70.57 -2.53 10.00
N GLN F 123 -69.89 -3.66 9.84
CA GLN F 123 -68.46 -3.62 9.63
C GLN F 123 -68.12 -3.31 8.17
N ARG F 124 -66.88 -2.87 7.95
CA ARG F 124 -66.36 -2.60 6.63
C ARG F 124 -64.93 -3.13 6.57
N LEU F 125 -64.27 -2.93 5.43
CA LEU F 125 -62.90 -3.40 5.25
C LEU F 125 -61.99 -2.25 4.86
N VAL F 126 -60.69 -2.46 5.06
CA VAL F 126 -59.65 -1.56 4.58
C VAL F 126 -58.38 -2.40 4.38
N TRP F 127 -57.50 -1.92 3.51
CA TRP F 127 -56.26 -2.65 3.23
C TRP F 127 -55.10 -2.10 4.05
N ALA F 128 -54.05 -2.91 4.17
CA ALA F 128 -52.85 -2.55 4.89
C ALA F 128 -51.62 -3.13 4.20
N CYS F 129 -50.54 -2.36 4.24
CA CYS F 129 -49.27 -2.75 3.65
C CYS F 129 -48.36 -3.33 4.72
N VAL F 130 -47.79 -4.51 4.44
CA VAL F 130 -46.90 -5.14 5.41
C VAL F 130 -45.57 -5.51 4.75
N GLY F 131 -45.57 -5.63 3.41
CA GLY F 131 -44.38 -6.04 2.70
C GLY F 131 -44.32 -5.39 1.33
N LEU F 132 -43.10 -5.07 0.91
CA LEU F 132 -42.94 -4.17 -0.22
C LEU F 132 -41.56 -4.36 -0.83
N GLU F 133 -41.45 -4.05 -2.12
CA GLU F 133 -40.26 -4.35 -2.90
C GLU F 133 -40.12 -3.38 -4.05
N ILE F 134 -38.93 -2.84 -4.24
CA ILE F 134 -38.59 -2.04 -5.42
C ILE F 134 -37.55 -2.82 -6.20
N GLY F 135 -37.84 -3.13 -7.45
CA GLY F 135 -36.90 -3.88 -8.27
C GLY F 135 -36.16 -3.02 -9.27
N ARG F 136 -34.87 -3.34 -9.43
CA ARG F 136 -34.02 -2.66 -10.41
C ARG F 136 -33.32 -3.72 -11.25
N GLY F 137 -33.27 -3.47 -12.55
CA GLY F 137 -32.69 -4.46 -13.45
C GLY F 137 -31.67 -3.93 -14.43
N GLN F 138 -30.87 -2.96 -14.02
CA GLN F 138 -29.94 -2.35 -14.95
C GLN F 138 -28.54 -2.39 -14.39
N PRO F 139 -27.53 -2.45 -15.25
CA PRO F 139 -26.14 -2.29 -14.79
C PRO F 139 -25.90 -0.92 -14.17
N LEU F 140 -24.90 -0.87 -13.30
CA LEU F 140 -24.70 0.31 -12.48
C LEU F 140 -23.74 1.26 -13.17
N GLY F 141 -24.09 2.55 -13.17
CA GLY F 141 -23.27 3.55 -13.83
C GLY F 141 -23.91 4.92 -13.82
N VAL F 142 -23.10 5.96 -13.61
CA VAL F 142 -23.58 7.33 -13.44
C VAL F 142 -23.36 8.09 -14.73
N GLY F 143 -24.29 8.98 -15.07
CA GLY F 143 -24.17 9.82 -16.23
C GLY F 143 -23.75 11.25 -15.93
N VAL F 144 -23.43 12.00 -16.97
CA VAL F 144 -22.89 13.34 -16.82
C VAL F 144 -23.85 14.32 -17.50
N SER F 145 -23.92 15.53 -16.96
CA SER F 145 -24.65 16.61 -17.60
C SER F 145 -23.79 17.87 -17.56
N GLY F 146 -24.20 18.87 -18.32
CA GLY F 146 -23.46 20.13 -18.35
C GLY F 146 -23.92 21.14 -19.37
N HIS F 147 -23.99 22.40 -18.95
CA HIS F 147 -24.43 23.48 -19.79
C HIS F 147 -23.33 23.91 -20.75
N PRO F 148 -23.64 24.02 -22.05
CA PRO F 148 -22.64 24.48 -23.01
C PRO F 148 -22.28 25.97 -22.94
N TYR F 149 -22.86 26.74 -22.03
CA TYR F 149 -22.55 28.16 -21.89
C TYR F 149 -22.38 28.53 -20.43
N LEU F 150 -21.56 27.76 -19.71
CA LEU F 150 -21.42 27.93 -18.27
C LEU F 150 -20.72 29.24 -17.93
N ASN F 151 -21.19 29.89 -16.87
CA ASN F 151 -20.70 31.19 -16.42
C ASN F 151 -19.41 31.07 -15.62
N LYS F 152 -18.37 30.50 -16.22
CA LYS F 152 -17.08 30.36 -15.57
C LYS F 152 -16.20 31.53 -16.00
N PHE F 153 -15.77 32.34 -15.03
CA PHE F 153 -14.83 33.39 -15.35
C PHE F 153 -13.40 32.86 -15.40
N ASP F 154 -12.89 32.38 -14.27
CA ASP F 154 -11.56 31.78 -14.20
C ASP F 154 -11.63 30.47 -13.43
N ASP F 155 -10.46 29.92 -13.11
CA ASP F 155 -10.33 28.84 -12.15
C ASP F 155 -9.43 29.31 -11.02
N THR F 156 -9.82 29.00 -9.79
CA THR F 156 -9.32 29.71 -8.61
C THR F 156 -8.78 28.75 -7.56
N GLU F 157 -7.93 27.82 -7.98
CA GLU F 157 -7.43 26.79 -7.09
C GLU F 157 -5.92 26.68 -7.04
N THR F 158 -5.20 26.99 -8.12
CA THR F 158 -3.75 26.95 -8.11
C THR F 158 -3.12 28.30 -8.45
N SER F 159 -3.65 28.99 -9.47
CA SER F 159 -2.99 30.18 -9.98
C SER F 159 -4.01 31.02 -10.73
N ASN F 160 -4.14 32.29 -10.34
CA ASN F 160 -4.93 33.26 -11.08
C ASN F 160 -4.12 34.55 -11.06
N ARG F 161 -3.35 34.77 -12.13
CA ARG F 161 -2.36 35.83 -12.15
C ARG F 161 -2.99 37.15 -12.58
N TYR F 162 -2.73 38.21 -11.79
CA TYR F 162 -3.15 39.54 -12.16
C TYR F 162 -2.40 40.01 -13.40
N PRO F 163 -3.05 40.81 -14.27
CA PRO F 163 -4.39 41.39 -14.18
C PRO F 163 -5.49 40.46 -14.64
N ALA F 164 -6.73 40.87 -14.41
CA ALA F 164 -7.88 40.11 -14.87
C ALA F 164 -8.01 40.20 -16.38
N GLN F 165 -8.83 39.30 -16.94
CA GLN F 165 -9.05 39.29 -18.38
C GLN F 165 -10.46 39.75 -18.66
N PRO F 166 -10.67 41.01 -19.05
CA PRO F 166 -12.02 41.50 -19.32
C PRO F 166 -12.52 41.03 -20.69
N GLY F 167 -13.69 41.54 -21.05
CA GLY F 167 -14.38 41.09 -22.24
C GLY F 167 -15.82 40.75 -21.89
N SER F 168 -16.75 41.15 -22.73
CA SER F 168 -18.17 41.07 -22.40
C SER F 168 -18.78 39.70 -22.65
N ASP F 169 -17.96 38.68 -22.92
CA ASP F 169 -18.49 37.35 -23.16
C ASP F 169 -17.40 36.32 -22.88
N ASN F 170 -17.59 35.50 -21.84
CA ASN F 170 -16.66 34.43 -21.57
C ASN F 170 -17.35 33.14 -21.15
N ARG F 171 -18.60 32.92 -21.53
CA ARG F 171 -19.26 31.66 -21.24
C ARG F 171 -18.69 30.56 -22.13
N GLU F 172 -18.64 29.35 -21.60
CA GLU F 172 -18.08 28.24 -22.35
C GLU F 172 -18.76 26.94 -21.94
N CYS F 173 -18.43 25.89 -22.67
CA CYS F 173 -19.00 24.57 -22.43
C CYS F 173 -18.20 23.84 -21.37
N LEU F 174 -18.91 23.19 -20.45
CA LEU F 174 -18.30 22.34 -19.45
C LEU F 174 -19.35 21.33 -19.00
N SER F 175 -18.90 20.33 -18.24
CA SER F 175 -19.80 19.31 -17.75
C SER F 175 -19.23 18.71 -16.48
N MET F 176 -20.09 18.12 -15.66
CA MET F 176 -19.65 17.62 -14.37
C MET F 176 -20.62 16.57 -13.86
N ASP F 177 -20.19 15.88 -12.81
CA ASP F 177 -20.96 14.85 -12.13
C ASP F 177 -21.93 15.49 -11.14
N TYR F 178 -22.98 14.74 -10.79
CA TYR F 178 -23.95 15.19 -9.80
C TYR F 178 -23.76 14.45 -8.47
N LYS F 179 -24.37 15.03 -7.45
CA LYS F 179 -24.39 14.44 -6.11
C LYS F 179 -25.29 13.22 -6.10
N GLN F 180 -24.70 12.05 -5.92
CA GLN F 180 -25.45 10.81 -5.99
C GLN F 180 -26.37 10.66 -4.78
N THR F 181 -27.57 10.13 -5.01
CA THR F 181 -28.61 10.12 -3.98
C THR F 181 -29.49 8.90 -4.19
N GLN F 182 -29.83 8.24 -3.07
CA GLN F 182 -30.79 7.15 -3.08
C GLN F 182 -31.68 7.25 -1.86
N LEU F 183 -32.99 7.27 -2.06
CA LEU F 183 -33.96 7.37 -0.98
C LEU F 183 -35.31 6.87 -1.48
N CYS F 184 -36.22 6.62 -0.54
CA CYS F 184 -37.54 6.09 -0.88
C CYS F 184 -38.55 6.45 0.19
N LEU F 185 -39.77 6.79 -0.23
CA LEU F 185 -40.87 7.13 0.66
C LEU F 185 -42.11 6.32 0.29
N ILE F 186 -42.93 6.03 1.29
CA ILE F 186 -44.21 5.36 1.06
C ILE F 186 -45.30 6.03 1.90
N GLY F 187 -46.51 6.10 1.36
CA GLY F 187 -47.62 6.71 2.08
C GLY F 187 -48.91 6.68 1.30
N CYS F 188 -49.99 7.07 1.98
CA CYS F 188 -51.31 7.19 1.38
C CYS F 188 -51.64 8.61 0.97
N LYS F 189 -50.72 9.54 1.20
CA LYS F 189 -50.79 10.92 0.74
C LYS F 189 -49.45 11.20 0.08
N PRO F 190 -49.45 11.79 -1.11
CA PRO F 190 -48.18 11.99 -1.81
C PRO F 190 -47.32 13.01 -1.10
N PRO F 191 -45.99 12.82 -1.08
CA PRO F 191 -45.14 13.54 -0.15
C PRO F 191 -44.97 15.01 -0.48
N THR F 192 -44.85 15.81 0.57
CA THR F 192 -44.76 17.25 0.44
C THR F 192 -43.31 17.64 0.20
N GLY F 193 -43.11 18.83 -0.38
CA GLY F 193 -41.77 19.30 -0.65
C GLY F 193 -41.70 20.81 -0.69
N GLU F 194 -40.64 21.35 -0.08
CA GLU F 194 -40.43 22.78 -0.06
C GLU F 194 -39.53 23.18 -1.23
N HIS F 195 -39.41 24.49 -1.42
CA HIS F 195 -38.47 25.07 -2.37
C HIS F 195 -38.27 26.53 -2.00
N TRP F 196 -37.17 27.11 -2.46
CA TRP F 196 -36.89 28.51 -2.20
C TRP F 196 -37.30 29.34 -3.41
N GLY F 197 -38.03 30.40 -3.15
CA GLY F 197 -38.63 31.13 -4.26
C GLY F 197 -38.73 32.62 -3.99
N LYS F 198 -39.36 33.30 -4.95
CA LYS F 198 -39.46 34.76 -4.94
C LYS F 198 -40.57 35.22 -4.00
N GLY F 199 -40.89 36.50 -4.09
CA GLY F 199 -41.96 37.10 -3.31
C GLY F 199 -41.75 38.59 -3.31
N VAL F 200 -42.72 39.30 -2.73
CA VAL F 200 -42.53 40.73 -2.50
C VAL F 200 -41.56 40.89 -1.33
N ALA F 201 -40.66 41.86 -1.43
CA ALA F 201 -39.96 42.23 -0.22
C ALA F 201 -40.97 42.86 0.73
N CYS F 202 -41.35 44.10 0.41
CA CYS F 202 -42.55 44.85 0.78
C CYS F 202 -42.53 46.23 0.14
N ASN F 203 -43.42 47.10 0.61
CA ASN F 203 -43.58 48.49 0.18
C ASN F 203 -42.26 49.26 0.24
N ASN F 204 -42.24 50.40 -0.44
CA ASN F 204 -41.02 51.10 -0.80
C ASN F 204 -40.62 52.13 0.23
N ASN F 205 -40.85 51.84 1.52
CA ASN F 205 -40.39 52.71 2.60
C ASN F 205 -38.88 52.80 2.64
N ALA F 206 -38.20 51.69 2.34
CA ALA F 206 -36.75 51.66 2.28
C ALA F 206 -36.25 52.10 0.92
N ALA F 207 -35.06 52.68 0.90
CA ALA F 207 -34.36 53.04 -0.32
C ALA F 207 -32.90 52.60 -0.21
N ALA F 208 -32.71 51.37 0.26
CA ALA F 208 -31.39 50.87 0.60
C ALA F 208 -30.62 50.35 -0.60
N THR F 209 -31.13 49.33 -1.26
CA THR F 209 -30.36 48.63 -2.27
C THR F 209 -31.33 47.97 -3.25
N ASP F 210 -30.78 47.12 -4.13
CA ASP F 210 -31.54 46.35 -5.10
C ASP F 210 -31.11 44.90 -4.99
N CYS F 211 -31.83 44.11 -4.21
CA CYS F 211 -31.51 42.70 -4.03
C CYS F 211 -32.80 41.93 -3.98
N PRO F 212 -32.88 40.75 -4.60
CA PRO F 212 -34.16 40.05 -4.67
C PRO F 212 -34.52 39.45 -3.34
N PRO F 213 -35.80 39.29 -3.05
CA PRO F 213 -36.23 38.68 -1.78
C PRO F 213 -36.13 37.16 -1.86
N LEU F 214 -36.43 36.52 -0.73
CA LEU F 214 -36.37 35.06 -0.62
C LEU F 214 -37.48 34.57 0.30
N GLU F 215 -38.06 33.42 -0.05
CA GLU F 215 -39.14 32.83 0.74
C GLU F 215 -39.27 31.35 0.40
N LEU F 216 -39.47 30.53 1.43
CA LEU F 216 -39.73 29.12 1.25
C LEU F 216 -41.19 28.91 0.88
N PHE F 217 -41.45 27.86 0.10
CA PHE F 217 -42.80 27.46 -0.24
C PHE F 217 -42.88 25.95 -0.32
N ASN F 218 -43.70 25.37 0.55
CA ASN F 218 -43.98 23.93 0.51
C ASN F 218 -45.02 23.64 -0.57
N SER F 219 -44.72 22.67 -1.42
CA SER F 219 -45.65 22.32 -2.49
C SER F 219 -45.90 20.82 -2.50
N ILE F 220 -46.59 20.34 -3.53
CA ILE F 220 -46.86 18.92 -3.71
C ILE F 220 -45.90 18.40 -4.77
N ILE F 221 -45.14 17.37 -4.41
CA ILE F 221 -44.10 16.84 -5.29
C ILE F 221 -44.79 15.99 -6.37
N GLU F 222 -45.00 16.56 -7.54
CA GLU F 222 -45.48 15.77 -8.65
C GLU F 222 -44.29 15.11 -9.36
N ASP F 223 -44.61 14.19 -10.26
CA ASP F 223 -43.57 13.49 -11.00
C ASP F 223 -42.92 14.41 -12.03
N GLY F 224 -41.69 14.09 -12.40
CA GLY F 224 -40.94 14.86 -13.38
C GLY F 224 -40.11 15.96 -12.79
N ASP F 225 -40.30 16.28 -11.50
CA ASP F 225 -39.56 17.37 -10.89
C ASP F 225 -38.12 16.96 -10.64
N MET F 226 -37.24 17.94 -10.52
CA MET F 226 -35.81 17.65 -10.48
C MET F 226 -35.32 17.42 -9.05
N VAL F 227 -34.32 16.56 -8.92
CA VAL F 227 -33.66 16.36 -7.64
C VAL F 227 -32.58 17.43 -7.45
N ASP F 228 -32.38 17.83 -6.20
CA ASP F 228 -31.25 18.68 -5.90
C ASP F 228 -29.94 17.94 -6.13
N THR F 229 -28.93 18.70 -6.53
CA THR F 229 -27.60 18.13 -6.72
C THR F 229 -26.53 18.94 -6.01
N GLY F 230 -26.91 19.80 -5.08
CA GLY F 230 -25.95 20.63 -4.37
C GLY F 230 -25.95 22.08 -4.79
N PHE F 231 -27.09 22.63 -5.21
CA PHE F 231 -27.17 24.02 -5.62
C PHE F 231 -28.43 24.71 -5.11
N GLY F 232 -28.86 24.37 -3.90
CA GLY F 232 -29.98 25.05 -3.30
C GLY F 232 -31.32 24.52 -3.77
N CYS F 233 -32.19 24.28 -2.79
CA CYS F 233 -33.54 23.81 -3.06
C CYS F 233 -34.41 24.98 -3.48
N MET F 234 -34.23 25.39 -4.74
CA MET F 234 -34.71 26.68 -5.19
C MET F 234 -35.13 26.63 -6.65
N ASP F 235 -36.01 27.55 -7.02
CA ASP F 235 -36.47 27.67 -8.39
C ASP F 235 -35.50 28.51 -9.19
N PHE F 236 -34.86 27.92 -10.19
CA PHE F 236 -33.95 28.67 -11.04
C PHE F 236 -34.65 29.39 -12.17
N GLY F 237 -35.93 29.10 -12.40
CA GLY F 237 -36.65 29.75 -13.48
C GLY F 237 -36.95 31.20 -13.24
N THR F 238 -37.06 31.61 -11.98
CA THR F 238 -37.32 32.99 -11.63
C THR F 238 -36.18 33.66 -10.87
N LEU F 239 -35.47 32.91 -10.02
CA LEU F 239 -34.43 33.53 -9.21
C LEU F 239 -33.18 33.80 -10.05
N GLN F 240 -33.00 33.06 -11.13
CA GLN F 240 -31.89 33.33 -12.03
C GLN F 240 -32.38 34.00 -13.30
N ALA F 241 -31.52 34.77 -13.90
CA ALA F 241 -31.86 35.48 -15.12
C ALA F 241 -30.88 35.22 -16.25
N ASN F 242 -29.60 34.99 -15.92
CA ASN F 242 -28.61 34.70 -16.94
C ASN F 242 -28.83 33.35 -17.61
N LYS F 243 -29.50 32.42 -16.90
CA LYS F 243 -29.71 31.01 -17.28
C LYS F 243 -28.46 30.35 -17.87
N SER F 244 -27.30 30.67 -17.28
CA SER F 244 -26.04 30.23 -17.85
C SER F 244 -25.04 29.78 -16.79
N ASP F 245 -25.51 29.39 -15.61
CA ASP F 245 -24.63 28.93 -14.55
C ASP F 245 -24.85 27.48 -14.15
N VAL F 246 -26.02 26.92 -14.44
CA VAL F 246 -26.41 25.59 -14.01
C VAL F 246 -26.64 24.78 -15.28
N PRO F 247 -26.38 23.47 -15.31
CA PRO F 247 -26.73 22.67 -16.50
C PRO F 247 -28.22 22.68 -16.81
N ILE F 248 -28.51 22.27 -18.05
CA ILE F 248 -29.74 22.65 -18.74
C ILE F 248 -30.94 21.93 -18.15
N ASP F 249 -30.72 20.85 -17.43
CA ASP F 249 -31.81 20.08 -16.84
C ASP F 249 -32.48 20.79 -15.68
N ILE F 250 -31.89 21.87 -15.17
CA ILE F 250 -32.32 22.42 -13.88
C ILE F 250 -32.88 23.83 -14.10
N CYS F 251 -32.39 24.53 -15.11
CA CYS F 251 -32.55 25.97 -15.25
C CYS F 251 -33.99 26.42 -15.45
N ASN F 252 -34.86 25.59 -15.99
CA ASN F 252 -36.29 25.90 -16.07
C ASN F 252 -37.07 24.88 -15.27
N SER F 253 -36.50 24.45 -14.15
CA SER F 253 -37.17 23.51 -13.27
C SER F 253 -37.32 24.12 -11.88
N THR F 254 -38.00 23.40 -11.00
CA THR F 254 -38.14 23.80 -9.59
C THR F 254 -37.72 22.60 -8.76
N CYS F 255 -36.43 22.48 -8.51
CA CYS F 255 -35.88 21.33 -7.80
C CYS F 255 -36.21 21.43 -6.31
N LYS F 256 -36.86 20.41 -5.79
CA LYS F 256 -37.37 20.43 -4.43
C LYS F 256 -36.67 19.36 -3.58
N TYR F 257 -37.07 19.26 -2.31
CA TYR F 257 -36.41 18.38 -1.36
C TYR F 257 -37.42 17.91 -0.32
N PRO F 258 -37.33 16.66 0.14
CA PRO F 258 -38.34 16.13 1.07
C PRO F 258 -38.22 16.75 2.46
N ASP F 259 -39.29 17.41 2.88
CA ASP F 259 -39.37 17.93 4.24
C ASP F 259 -39.67 16.79 5.20
N TYR F 260 -38.62 16.18 5.76
CA TYR F 260 -38.80 15.19 6.81
C TYR F 260 -39.40 15.79 8.07
N LEU F 261 -39.14 17.06 8.33
CA LEU F 261 -39.58 17.68 9.58
C LEU F 261 -41.07 17.92 9.59
N LYS F 262 -41.62 18.46 8.51
CA LYS F 262 -43.04 18.76 8.45
C LYS F 262 -43.89 17.51 8.41
N MET F 263 -43.42 16.48 7.69
CA MET F 263 -44.16 15.23 7.62
C MET F 263 -44.18 14.49 8.94
N ALA F 264 -43.08 14.51 9.69
CA ALA F 264 -43.08 13.90 11.00
C ALA F 264 -43.95 14.69 11.98
N SER F 265 -44.04 16.01 11.80
CA SER F 265 -44.83 16.85 12.69
C SER F 265 -46.28 16.93 12.27
N GLU F 266 -46.69 16.13 11.29
CA GLU F 266 -48.10 16.05 10.94
C GLU F 266 -48.86 15.35 12.05
N PRO F 267 -50.07 15.82 12.37
CA PRO F 267 -50.83 15.20 13.47
C PRO F 267 -51.24 13.76 13.23
N TYR F 268 -51.94 13.48 12.13
CA TYR F 268 -52.41 12.11 11.91
C TYR F 268 -51.29 11.19 11.43
N GLY F 269 -50.35 11.72 10.65
CA GLY F 269 -49.26 10.91 10.16
C GLY F 269 -49.67 9.98 9.05
N ASP F 270 -50.09 10.54 7.91
CA ASP F 270 -50.54 9.77 6.77
C ASP F 270 -49.62 9.99 5.58
N SER F 271 -48.45 10.56 5.82
CA SER F 271 -47.54 10.91 4.75
C SER F 271 -46.14 10.39 4.98
N LEU F 272 -45.93 9.59 6.03
CA LEU F 272 -44.63 8.96 6.26
C LEU F 272 -44.91 7.63 6.95
N PHE F 273 -44.85 6.56 6.18
CA PHE F 273 -44.89 5.24 6.77
C PHE F 273 -43.51 4.78 7.18
N PHE F 274 -42.55 4.82 6.26
CA PHE F 274 -41.27 4.14 6.39
C PHE F 274 -40.32 4.65 5.30
N PHE F 275 -39.07 4.93 5.64
CA PHE F 275 -38.19 5.61 4.70
C PHE F 275 -36.72 5.35 5.00
N LEU F 276 -35.91 5.37 3.95
CA LEU F 276 -34.46 5.38 4.06
C LEU F 276 -33.89 6.46 3.16
N ARG F 277 -32.61 6.78 3.38
CA ARG F 277 -31.87 7.65 2.48
C ARG F 277 -30.38 7.39 2.68
N ARG F 278 -29.62 7.59 1.60
CA ARG F 278 -28.17 7.45 1.65
C ARG F 278 -27.59 8.23 0.49
N GLU F 279 -26.65 9.13 0.78
CA GLU F 279 -26.09 10.01 -0.23
C GLU F 279 -24.75 10.54 0.24
N GLN F 280 -23.94 10.98 -0.73
CA GLN F 280 -22.64 11.56 -0.43
C GLN F 280 -22.18 12.41 -1.60
N MET F 281 -21.26 13.33 -1.31
CA MET F 281 -20.63 14.15 -2.35
C MET F 281 -19.33 14.71 -1.79
N PHE F 282 -18.59 15.38 -2.66
CA PHE F 282 -17.31 16.02 -2.36
C PHE F 282 -16.96 16.95 -3.51
N VAL F 283 -15.84 17.65 -3.38
CA VAL F 283 -15.55 18.74 -4.29
C VAL F 283 -14.70 18.26 -5.47
N ARG F 284 -14.81 18.96 -6.59
CA ARG F 284 -14.00 18.65 -7.76
C ARG F 284 -13.06 19.79 -8.13
N HIS F 285 -13.59 20.99 -8.31
CA HIS F 285 -12.78 22.15 -8.67
C HIS F 285 -13.34 23.37 -7.99
N PHE F 286 -12.82 24.54 -8.39
CA PHE F 286 -13.30 25.81 -7.89
C PHE F 286 -13.30 26.82 -9.03
N PHE F 287 -14.43 27.49 -9.22
CA PHE F 287 -14.53 28.51 -10.26
C PHE F 287 -15.16 29.75 -9.64
N ASN F 288 -15.33 30.78 -10.46
CA ASN F 288 -15.87 32.05 -10.00
C ASN F 288 -16.80 32.62 -11.05
N ARG F 289 -17.75 33.43 -10.59
CA ARG F 289 -18.74 34.01 -11.48
C ARG F 289 -18.12 35.15 -12.28
N ALA F 290 -18.87 35.62 -13.28
CA ALA F 290 -18.41 36.69 -14.18
C ALA F 290 -19.50 37.75 -14.24
N GLY F 291 -19.31 38.83 -13.50
CA GLY F 291 -20.27 39.91 -13.51
C GLY F 291 -19.95 40.91 -12.42
N LYS F 292 -20.66 42.03 -12.46
CA LYS F 292 -20.54 43.05 -11.42
C LYS F 292 -21.20 42.54 -10.16
N LEU F 293 -20.40 42.25 -9.14
CA LEU F 293 -20.95 41.88 -7.85
C LEU F 293 -21.51 43.13 -7.18
N GLY F 294 -22.83 43.17 -7.01
CA GLY F 294 -23.50 44.31 -6.43
C GLY F 294 -23.13 44.54 -4.98
N GLU F 295 -23.19 43.48 -4.18
CA GLU F 295 -22.76 43.57 -2.79
C GLU F 295 -21.24 43.52 -2.79
N ALA F 296 -20.62 44.69 -2.89
CA ALA F 296 -19.18 44.78 -3.04
C ALA F 296 -18.48 44.48 -1.72
N VAL F 297 -17.17 44.26 -1.81
CA VAL F 297 -16.37 43.97 -0.63
C VAL F 297 -16.17 45.26 0.16
N PRO F 298 -16.36 45.24 1.48
CA PRO F 298 -16.10 46.44 2.29
C PRO F 298 -14.63 46.80 2.30
N ASP F 299 -14.35 48.09 2.46
CA ASP F 299 -13.01 48.62 2.21
C ASP F 299 -12.02 48.28 3.31
N ASP F 300 -12.48 48.21 4.57
CA ASP F 300 -11.57 48.02 5.69
C ASP F 300 -10.97 46.63 5.78
N LEU F 301 -11.56 45.64 5.12
CA LEU F 301 -11.14 44.26 5.29
C LEU F 301 -10.09 43.81 4.30
N TYR F 302 -9.56 44.72 3.49
CA TYR F 302 -8.51 44.36 2.55
C TYR F 302 -7.70 45.61 2.22
N ILE F 303 -6.41 45.42 2.03
CA ILE F 303 -5.50 46.51 1.67
C ILE F 303 -5.53 46.66 0.15
N LYS F 304 -5.84 47.88 -0.31
CA LYS F 304 -5.96 48.14 -1.74
C LYS F 304 -4.58 48.11 -2.39
N GLY F 305 -4.58 47.73 -3.67
CA GLY F 305 -3.34 47.67 -4.43
C GLY F 305 -3.29 48.74 -5.51
N SER F 306 -2.25 48.71 -6.35
CA SER F 306 -2.08 49.74 -7.36
C SER F 306 -1.33 49.14 -8.54
N GLY F 307 -1.19 49.96 -9.59
CA GLY F 307 -0.49 49.57 -10.81
C GLY F 307 -1.18 48.44 -11.53
N ASN F 308 -0.55 47.27 -11.51
CA ASN F 308 -1.22 46.08 -12.04
C ASN F 308 -2.33 45.62 -11.11
N THR F 309 -2.26 45.97 -9.84
CA THR F 309 -3.19 45.50 -8.82
C THR F 309 -4.22 46.55 -8.44
N ALA F 310 -4.58 47.44 -9.36
CA ALA F 310 -5.51 48.52 -9.07
C ALA F 310 -6.96 48.09 -9.16
N VAL F 311 -7.28 47.08 -9.96
CA VAL F 311 -8.65 46.62 -10.15
C VAL F 311 -8.90 45.45 -9.22
N ILE F 312 -10.17 45.21 -8.92
CA ILE F 312 -10.57 44.12 -8.03
C ILE F 312 -11.26 43.06 -8.88
N GLN F 313 -10.90 41.80 -8.68
CA GLN F 313 -11.56 40.71 -9.39
C GLN F 313 -12.88 40.36 -8.71
N SER F 314 -13.48 39.26 -9.14
CA SER F 314 -14.73 38.78 -8.55
C SER F 314 -14.48 38.25 -7.16
N SER F 315 -15.55 38.17 -6.38
CA SER F 315 -15.48 37.63 -5.03
C SER F 315 -16.58 36.61 -4.83
N ALA F 316 -17.22 36.20 -5.92
CA ALA F 316 -18.30 35.22 -5.90
C ALA F 316 -17.74 33.93 -6.47
N PHE F 317 -17.55 32.94 -5.60
CA PHE F 317 -17.05 31.65 -6.01
C PHE F 317 -18.16 30.60 -5.93
N PHE F 318 -17.92 29.47 -6.59
CA PHE F 318 -18.85 28.37 -6.58
C PHE F 318 -18.06 27.12 -6.92
N PRO F 319 -18.28 26.03 -6.19
CA PRO F 319 -17.61 24.77 -6.49
C PRO F 319 -18.46 23.92 -7.42
N THR F 320 -17.84 22.85 -7.93
CA THR F 320 -18.55 21.86 -8.74
C THR F 320 -18.55 20.53 -7.99
N PRO F 321 -19.69 19.88 -7.85
CA PRO F 321 -19.74 18.63 -7.09
C PRO F 321 -19.50 17.44 -7.99
N SER F 322 -19.29 16.30 -7.34
CA SER F 322 -19.09 15.03 -8.03
C SER F 322 -19.36 13.91 -7.04
N GLY F 323 -19.91 12.82 -7.54
CA GLY F 323 -20.09 11.64 -6.73
C GLY F 323 -18.78 10.92 -6.51
N SER F 324 -18.75 10.10 -5.46
CA SER F 324 -17.63 9.22 -5.21
C SER F 324 -17.84 7.90 -5.95
N ILE F 325 -17.07 6.89 -5.55
CA ILE F 325 -17.35 5.52 -5.98
C ILE F 325 -18.77 5.12 -5.60
N VAL F 326 -19.38 4.29 -6.42
CA VAL F 326 -20.73 3.81 -6.19
C VAL F 326 -20.67 2.28 -6.17
N THR F 327 -20.67 1.72 -4.98
CA THR F 327 -20.62 0.27 -4.85
C THR F 327 -21.98 -0.35 -5.05
N SER F 328 -22.00 -1.66 -5.18
CA SER F 328 -23.23 -2.43 -5.11
C SER F 328 -23.53 -2.87 -3.69
N GLU F 329 -22.58 -2.68 -2.77
CA GLU F 329 -22.79 -3.03 -1.38
C GLU F 329 -23.78 -2.12 -0.69
N SER F 330 -23.69 -0.81 -0.94
CA SER F 330 -24.56 0.15 -0.28
C SER F 330 -25.83 0.43 -1.06
N GLN F 331 -26.29 -0.53 -1.85
CA GLN F 331 -27.56 -0.40 -2.54
C GLN F 331 -28.71 -0.44 -1.54
N LEU F 332 -29.85 0.08 -1.96
CA LEU F 332 -31.02 0.17 -1.10
C LEU F 332 -32.17 -0.71 -1.54
N PHE F 333 -32.09 -1.31 -2.72
CA PHE F 333 -33.22 -2.03 -3.29
C PHE F 333 -32.83 -3.49 -3.51
N ASN F 334 -33.73 -4.24 -4.14
CA ASN F 334 -33.70 -5.70 -4.23
C ASN F 334 -33.59 -6.35 -2.86
N LYS F 335 -34.22 -5.76 -1.87
CA LYS F 335 -34.24 -6.24 -0.50
C LYS F 335 -35.66 -6.07 0.04
N PRO F 336 -36.17 -7.06 0.74
CA PRO F 336 -37.52 -6.93 1.30
C PRO F 336 -37.57 -5.93 2.44
N TYR F 337 -38.77 -5.42 2.68
CA TYR F 337 -39.01 -4.44 3.75
C TYR F 337 -40.24 -4.91 4.52
N TRP F 338 -40.02 -5.59 5.63
CA TRP F 338 -41.12 -6.02 6.48
C TRP F 338 -41.48 -4.90 7.44
N LEU F 339 -42.55 -4.17 7.15
CA LEU F 339 -42.97 -3.10 8.03
C LEU F 339 -43.57 -3.67 9.30
N GLN F 340 -43.01 -3.29 10.43
CA GLN F 340 -43.50 -3.75 11.72
C GLN F 340 -44.30 -2.70 12.46
N ARG F 341 -43.81 -1.46 12.53
CA ARG F 341 -44.48 -0.42 13.30
C ARG F 341 -44.00 0.93 12.74
N ALA F 342 -44.94 1.73 12.25
CA ALA F 342 -44.57 2.99 11.63
C ALA F 342 -44.25 4.05 12.67
N GLN F 343 -43.46 5.05 12.26
CA GLN F 343 -43.11 6.15 13.15
C GLN F 343 -44.26 7.11 13.34
N GLY F 344 -45.20 7.16 12.42
CA GLY F 344 -46.42 7.92 12.61
C GLY F 344 -47.45 7.12 13.39
N HIS F 345 -48.70 7.56 13.28
CA HIS F 345 -49.78 6.84 13.94
C HIS F 345 -50.46 5.85 13.02
N ASN F 346 -50.58 6.17 11.72
CA ASN F 346 -51.11 5.24 10.73
C ASN F 346 -50.11 4.10 10.59
N ASN F 347 -50.52 2.90 11.00
CA ASN F 347 -49.64 1.76 10.88
C ASN F 347 -49.96 0.94 9.63
N GLY F 348 -49.82 1.55 8.46
CA GLY F 348 -49.97 0.85 7.20
C GLY F 348 -51.36 0.89 6.61
N ILE F 349 -52.34 1.41 7.32
CA ILE F 349 -53.70 1.46 6.81
C ILE F 349 -53.78 2.50 5.69
N CYS F 350 -54.03 2.03 4.48
CA CYS F 350 -54.07 2.88 3.30
C CYS F 350 -55.51 3.24 3.00
N TRP F 351 -55.95 4.39 3.51
CA TRP F 351 -57.27 4.91 3.17
C TRP F 351 -57.34 5.26 1.71
N GLY F 352 -58.54 5.17 1.14
CA GLY F 352 -58.74 5.51 -0.25
C GLY F 352 -58.25 4.48 -1.23
N ASN F 353 -57.81 3.31 -0.75
CA ASN F 353 -57.48 2.14 -1.56
C ASN F 353 -56.34 2.42 -2.53
N GLN F 354 -55.37 3.20 -2.06
CA GLN F 354 -54.29 3.64 -2.92
C GLN F 354 -53.05 3.89 -2.09
N LEU F 355 -51.90 3.82 -2.74
CA LEU F 355 -50.62 4.12 -2.12
C LEU F 355 -49.83 5.08 -2.98
N PHE F 356 -48.75 5.59 -2.40
CA PHE F 356 -47.81 6.46 -3.10
C PHE F 356 -46.40 5.96 -2.79
N VAL F 357 -45.64 5.63 -3.82
CA VAL F 357 -44.23 5.33 -3.67
C VAL F 357 -43.44 6.33 -4.48
N THR F 358 -42.37 6.86 -3.90
CA THR F 358 -41.44 7.76 -4.55
C THR F 358 -40.05 7.22 -4.32
N VAL F 359 -39.22 7.24 -5.36
CA VAL F 359 -37.87 6.71 -5.28
C VAL F 359 -37.00 7.48 -6.27
N VAL F 360 -35.78 7.80 -5.86
CA VAL F 360 -34.80 8.42 -6.75
C VAL F 360 -33.51 7.62 -6.69
N ASP F 361 -32.83 7.51 -7.83
CA ASP F 361 -31.55 6.84 -7.90
C ASP F 361 -30.75 7.43 -9.04
N THR F 362 -29.48 7.71 -8.77
CA THR F 362 -28.56 8.16 -9.79
C THR F 362 -27.56 7.10 -10.22
N THR F 363 -27.54 5.93 -9.57
CA THR F 363 -26.53 4.94 -9.87
C THR F 363 -26.85 4.13 -11.11
N ARG F 364 -28.05 4.28 -11.67
CA ARG F 364 -28.37 3.65 -12.93
C ARG F 364 -28.69 4.72 -13.95
N SER F 365 -27.85 5.75 -14.01
CA SER F 365 -28.13 6.89 -14.86
C SER F 365 -27.22 6.90 -16.08
N THR F 366 -26.95 5.73 -16.65
CA THR F 366 -26.10 5.65 -17.82
C THR F 366 -26.75 6.32 -19.02
N ASN F 367 -25.93 6.67 -20.01
CA ASN F 367 -26.38 7.46 -21.16
C ASN F 367 -25.93 6.76 -22.44
N MET F 368 -26.89 6.22 -23.17
CA MET F 368 -26.60 5.60 -24.45
C MET F 368 -26.37 6.66 -25.51
N THR F 369 -25.29 6.51 -26.26
CA THR F 369 -24.92 7.45 -27.30
C THR F 369 -25.14 6.80 -28.65
N LEU F 370 -26.10 7.33 -29.41
CA LEU F 370 -26.46 6.79 -30.70
C LEU F 370 -25.60 7.40 -31.80
N CYS F 371 -25.33 6.62 -32.82
CA CYS F 371 -24.52 7.08 -33.94
C CYS F 371 -25.00 6.42 -35.22
N THR F 372 -25.72 7.18 -36.04
CA THR F 372 -26.09 6.73 -37.37
C THR F 372 -25.44 7.65 -38.39
N GLU F 373 -25.40 7.19 -39.63
CA GLU F 373 -24.78 7.92 -40.72
C GLU F 373 -25.86 8.38 -41.70
N VAL F 374 -25.43 9.07 -42.76
CA VAL F 374 -26.32 9.54 -43.81
C VAL F 374 -25.89 9.04 -45.18
N THR F 375 -24.60 9.09 -45.50
CA THR F 375 -24.09 8.61 -46.78
C THR F 375 -22.92 7.68 -46.52
N LYS F 376 -22.93 6.53 -47.17
CA LYS F 376 -21.89 5.53 -46.98
C LYS F 376 -20.63 5.95 -47.73
N GLU F 377 -19.50 5.96 -47.03
CA GLU F 377 -18.22 6.31 -47.62
C GLU F 377 -17.23 5.18 -47.41
N GLY F 378 -16.04 5.36 -47.98
CA GLY F 378 -14.95 4.44 -47.76
C GLY F 378 -13.86 5.08 -46.93
N THR F 379 -13.99 6.38 -46.72
CA THR F 379 -13.02 7.16 -45.97
C THR F 379 -13.80 8.03 -44.98
N TYR F 380 -13.15 8.38 -43.87
CA TYR F 380 -13.82 9.02 -42.75
C TYR F 380 -14.16 10.48 -43.06
N LYS F 381 -15.25 10.94 -42.48
CA LYS F 381 -15.71 12.32 -42.63
C LYS F 381 -16.18 12.79 -41.25
N ASN F 382 -16.37 14.10 -41.11
CA ASN F 382 -17.06 14.60 -39.92
C ASN F 382 -18.54 14.91 -40.14
N ASP F 383 -18.93 15.40 -41.30
CA ASP F 383 -20.32 15.75 -41.55
C ASP F 383 -21.14 14.55 -42.03
N ASN F 384 -20.60 13.34 -41.91
CA ASN F 384 -21.30 12.17 -42.39
C ASN F 384 -21.93 11.35 -41.27
N PHE F 385 -22.10 11.91 -40.07
CA PHE F 385 -22.70 11.18 -38.97
C PHE F 385 -23.61 12.09 -38.14
N LYS F 386 -24.82 11.59 -37.91
CA LYS F 386 -25.79 12.25 -37.05
C LYS F 386 -25.91 11.43 -35.78
N GLU F 387 -25.79 12.09 -34.64
CA GLU F 387 -25.72 11.40 -33.35
C GLU F 387 -26.93 11.76 -32.51
N TYR F 388 -27.30 10.84 -31.62
CA TYR F 388 -28.39 11.03 -30.68
C TYR F 388 -27.94 10.52 -29.32
N VAL F 389 -28.59 11.01 -28.27
CA VAL F 389 -28.32 10.57 -26.91
C VAL F 389 -29.62 10.11 -26.26
N ARG F 390 -29.58 8.93 -25.65
CA ARG F 390 -30.76 8.33 -25.05
C ARG F 390 -30.41 7.75 -23.70
N HIS F 391 -31.42 7.62 -22.85
CA HIS F 391 -31.28 7.09 -21.50
C HIS F 391 -32.45 6.18 -21.20
N VAL F 392 -32.17 5.05 -20.57
CA VAL F 392 -33.21 4.07 -20.30
C VAL F 392 -33.52 4.04 -18.81
N GLU F 393 -34.58 3.32 -18.43
CA GLU F 393 -35.05 3.29 -17.06
C GLU F 393 -35.91 2.04 -16.86
N GLU F 394 -35.67 1.35 -15.75
CA GLU F 394 -36.30 0.06 -15.52
C GLU F 394 -36.73 -0.05 -14.06
N TYR F 395 -38.00 -0.41 -13.84
CA TYR F 395 -38.53 -0.51 -12.49
C TYR F 395 -39.42 -1.74 -12.33
N ASP F 396 -39.67 -2.13 -11.07
CA ASP F 396 -40.58 -3.22 -10.74
C ASP F 396 -41.07 -3.08 -9.31
N LEU F 397 -42.30 -3.52 -9.05
CA LEU F 397 -42.91 -3.33 -7.74
C LEU F 397 -43.61 -4.60 -7.31
N GLN F 398 -43.41 -5.00 -6.06
CA GLN F 398 -44.15 -6.08 -5.43
C GLN F 398 -44.72 -5.61 -4.10
N PHE F 399 -45.84 -6.21 -3.72
CA PHE F 399 -46.58 -5.74 -2.55
C PHE F 399 -47.20 -6.92 -1.82
N VAL F 400 -47.23 -6.81 -0.50
CA VAL F 400 -47.89 -7.78 0.38
C VAL F 400 -48.99 -7.07 1.14
N PHE F 401 -50.22 -7.56 1.02
CA PHE F 401 -51.34 -6.87 1.65
C PHE F 401 -52.05 -7.76 2.66
N GLN F 402 -52.65 -7.11 3.65
CA GLN F 402 -53.38 -7.80 4.71
C GLN F 402 -54.66 -7.02 4.97
N LEU F 403 -55.80 -7.63 4.66
CA LEU F 403 -57.08 -6.97 4.81
C LEU F 403 -57.48 -6.94 6.27
N CYS F 404 -58.36 -6.01 6.62
CA CYS F 404 -58.68 -5.75 8.01
C CYS F 404 -60.13 -5.28 8.14
N LYS F 405 -60.85 -5.81 9.12
CA LYS F 405 -62.20 -5.38 9.37
C LYS F 405 -62.22 -4.29 10.43
N ILE F 406 -63.26 -3.45 10.35
CA ILE F 406 -63.44 -2.33 11.28
C ILE F 406 -64.86 -2.44 11.82
N THR F 407 -64.97 -2.71 13.11
CA THR F 407 -66.28 -2.62 13.76
C THR F 407 -66.67 -1.14 13.86
N LEU F 408 -67.81 -0.79 13.27
CA LEU F 408 -68.22 0.59 13.14
C LEU F 408 -69.34 0.86 14.15
N THR F 409 -68.97 1.34 15.32
CA THR F 409 -69.95 1.92 16.23
C THR F 409 -69.89 3.44 16.07
N ALA F 410 -70.88 4.14 16.63
CA ALA F 410 -71.15 5.52 16.28
C ALA F 410 -70.12 6.50 16.81
N GLU F 411 -69.38 6.14 17.85
CA GLU F 411 -68.36 7.05 18.37
C GLU F 411 -67.14 7.07 17.46
N ILE F 412 -66.85 5.95 16.81
CA ILE F 412 -65.66 5.86 15.97
C ILE F 412 -65.82 6.64 14.67
N MET F 413 -67.00 6.61 14.06
CA MET F 413 -67.19 7.26 12.76
C MET F 413 -67.10 8.78 12.86
N THR F 414 -67.22 9.34 14.06
CA THR F 414 -66.81 10.72 14.29
C THR F 414 -65.31 10.90 14.03
N TYR F 415 -64.49 9.99 14.54
CA TYR F 415 -63.04 10.07 14.36
C TYR F 415 -62.67 9.88 12.89
N ILE F 416 -63.43 9.06 12.16
CA ILE F 416 -63.30 9.02 10.72
C ILE F 416 -63.73 10.35 10.09
N HIS F 417 -64.80 10.97 10.62
CA HIS F 417 -65.31 12.19 10.00
C HIS F 417 -64.37 13.36 10.20
N THR F 418 -63.70 13.42 11.36
CA THR F 418 -62.73 14.49 11.55
C THR F 418 -61.39 14.17 10.93
N MET F 419 -61.16 12.92 10.51
CA MET F 419 -60.01 12.63 9.66
C MET F 419 -60.19 13.33 8.31
N ASP F 420 -61.18 12.90 7.54
CA ASP F 420 -61.66 13.60 6.36
C ASP F 420 -63.06 13.07 6.07
N SER F 421 -63.84 13.86 5.36
CA SER F 421 -65.22 13.47 5.09
C SER F 421 -65.32 12.48 3.94
N ASN F 422 -64.28 12.33 3.13
CA ASN F 422 -64.42 11.59 1.89
C ASN F 422 -64.35 10.08 2.08
N ILE F 423 -63.79 9.60 3.21
CA ILE F 423 -63.67 8.17 3.41
C ILE F 423 -65.04 7.55 3.63
N LEU F 424 -65.88 8.21 4.42
CA LEU F 424 -67.16 7.67 4.84
C LEU F 424 -68.16 7.58 3.70
N GLU F 425 -68.06 8.44 2.69
CA GLU F 425 -69.00 8.37 1.57
C GLU F 425 -68.65 7.30 0.56
N ASP F 426 -67.37 6.93 0.43
CA ASP F 426 -67.00 5.85 -0.48
C ASP F 426 -67.47 4.50 0.05
N TRP F 427 -67.73 4.41 1.35
CA TRP F 427 -68.39 3.23 1.89
C TRP F 427 -69.90 3.34 1.80
N GLN F 428 -70.43 4.52 1.44
CA GLN F 428 -71.87 4.80 1.31
C GLN F 428 -72.62 4.47 2.60
N PHE F 429 -72.16 5.05 3.70
CA PHE F 429 -72.69 4.69 5.01
C PHE F 429 -73.62 5.75 5.60
N GLY F 430 -73.15 6.97 5.80
CA GLY F 430 -73.99 8.02 6.31
C GLY F 430 -74.41 9.00 5.25
N LEU F 431 -75.64 8.86 4.76
CA LEU F 431 -76.16 9.70 3.69
C LEU F 431 -77.53 10.24 4.08
N THR F 432 -78.10 11.02 3.19
CA THR F 432 -79.43 11.59 3.37
C THR F 432 -80.39 10.98 2.37
N PRO F 433 -81.66 10.84 2.72
CA PRO F 433 -82.68 10.52 1.73
C PRO F 433 -82.98 11.73 0.86
N PRO F 434 -82.85 11.61 -0.45
CA PRO F 434 -83.11 12.76 -1.32
C PRO F 434 -84.60 12.97 -1.52
N PRO F 435 -85.12 14.15 -1.15
CA PRO F 435 -86.55 14.44 -1.35
C PRO F 435 -86.84 14.94 -2.75
N SER F 436 -88.07 15.39 -3.00
CA SER F 436 -88.41 15.96 -4.29
C SER F 436 -88.99 14.96 -5.27
N ALA F 437 -90.06 14.30 -4.87
CA ALA F 437 -90.66 13.20 -5.60
C ALA F 437 -91.10 13.44 -7.04
N SER F 438 -92.11 14.29 -7.24
CA SER F 438 -92.80 14.39 -8.52
C SER F 438 -92.23 15.51 -9.38
N LEU F 439 -91.95 15.20 -10.63
CA LEU F 439 -91.69 16.21 -11.65
C LEU F 439 -92.61 15.94 -12.84
N GLN F 440 -92.54 16.79 -13.86
CA GLN F 440 -93.35 16.63 -15.06
C GLN F 440 -92.61 16.96 -16.35
N ASP F 441 -91.29 16.84 -16.37
CA ASP F 441 -90.50 17.18 -17.56
C ASP F 441 -90.59 16.02 -18.55
N THR F 442 -91.77 15.84 -19.16
CA THR F 442 -91.98 14.74 -20.10
C THR F 442 -92.61 15.31 -21.35
N TYR F 443 -92.01 15.04 -22.50
CA TYR F 443 -92.56 15.42 -23.79
C TYR F 443 -92.37 14.30 -24.80
N ARG F 444 -93.40 14.10 -25.62
CA ARG F 444 -93.42 12.95 -26.52
C ARG F 444 -92.48 13.14 -27.70
N PHE F 445 -92.30 14.38 -28.13
CA PHE F 445 -91.47 14.69 -29.28
C PHE F 445 -90.44 15.74 -28.91
N VAL F 446 -89.16 15.35 -28.95
CA VAL F 446 -88.10 16.16 -28.38
C VAL F 446 -87.62 17.27 -29.31
N THR F 447 -87.79 17.14 -30.61
CA THR F 447 -87.43 18.18 -31.57
C THR F 447 -88.72 18.67 -32.21
N SER F 448 -89.37 19.62 -31.55
CA SER F 448 -90.66 20.13 -32.00
C SER F 448 -90.68 21.63 -31.77
N GLN F 449 -91.87 22.23 -31.82
CA GLN F 449 -92.02 23.65 -31.58
C GLN F 449 -92.75 23.92 -30.26
N ALA F 450 -92.49 23.10 -29.25
CA ALA F 450 -92.92 23.35 -27.89
C ALA F 450 -91.67 23.46 -27.05
N ILE F 451 -90.73 24.26 -27.53
CA ILE F 451 -89.32 24.17 -27.17
C ILE F 451 -89.10 24.68 -25.76
N THR F 452 -88.24 23.98 -25.02
CA THR F 452 -87.74 24.43 -23.73
C THR F 452 -86.23 24.55 -23.72
N CYS F 453 -85.57 24.37 -24.87
CA CYS F 453 -84.12 24.51 -25.08
C CYS F 453 -83.35 23.57 -24.15
N GLN F 454 -83.54 22.28 -24.43
CA GLN F 454 -83.09 21.23 -23.53
C GLN F 454 -81.57 21.10 -23.49
N LYS F 455 -81.02 21.15 -22.29
CA LYS F 455 -79.58 21.01 -22.03
C LYS F 455 -79.40 19.99 -20.91
N THR F 456 -78.38 19.15 -21.04
CA THR F 456 -78.17 18.03 -20.14
C THR F 456 -76.69 17.95 -19.82
N ALA F 457 -76.26 16.77 -19.31
CA ALA F 457 -74.89 16.35 -19.00
C ALA F 457 -74.17 17.33 -18.07
N PRO F 458 -74.50 17.32 -16.77
CA PRO F 458 -73.80 18.20 -15.84
C PRO F 458 -72.38 17.71 -15.62
N PRO F 459 -71.47 18.60 -15.14
CA PRO F 459 -70.09 18.17 -14.84
C PRO F 459 -69.92 17.54 -13.47
N LYS F 460 -71.02 17.03 -12.89
CA LYS F 460 -71.12 16.29 -11.64
C LYS F 460 -70.10 15.17 -11.41
N GLU F 461 -69.53 14.46 -12.44
CA GLU F 461 -68.42 13.54 -12.12
C GLU F 461 -67.08 14.17 -11.78
N LYS F 462 -67.03 15.47 -11.50
CA LYS F 462 -65.82 16.11 -10.97
C LYS F 462 -65.70 15.74 -9.50
N GLU F 463 -64.75 14.86 -9.18
CA GLU F 463 -64.49 14.48 -7.80
C GLU F 463 -63.04 14.57 -7.37
N ASP F 464 -62.08 14.36 -8.26
CA ASP F 464 -60.69 14.25 -7.84
C ASP F 464 -59.99 15.60 -7.75
N PRO F 465 -59.54 16.03 -6.57
CA PRO F 465 -58.76 17.26 -6.50
C PRO F 465 -57.31 17.07 -6.87
N LEU F 466 -56.86 15.82 -6.99
CA LEU F 466 -55.46 15.51 -7.27
C LEU F 466 -55.19 15.39 -8.76
N ASN F 467 -56.17 15.69 -9.60
CA ASN F 467 -56.01 15.53 -11.04
C ASN F 467 -55.16 16.62 -11.69
N LYS F 468 -54.69 17.60 -10.93
CA LYS F 468 -53.86 18.66 -11.47
C LYS F 468 -52.38 18.31 -11.47
N TYR F 469 -52.03 17.06 -11.17
CA TYR F 469 -50.63 16.67 -11.09
C TYR F 469 -50.43 15.37 -11.86
N THR F 470 -49.41 15.35 -12.70
CA THR F 470 -49.14 14.21 -13.57
C THR F 470 -48.33 13.18 -12.79
N PHE F 471 -49.00 12.14 -12.32
CA PHE F 471 -48.37 11.05 -11.62
C PHE F 471 -47.97 9.98 -12.63
N TRP F 472 -47.60 8.81 -12.14
CA TRP F 472 -47.50 7.61 -12.96
C TRP F 472 -48.45 6.58 -12.43
N GLU F 473 -49.59 6.44 -13.08
CA GLU F 473 -50.63 5.50 -12.69
C GLU F 473 -50.18 4.09 -13.04
N VAL F 474 -50.46 3.15 -12.14
CA VAL F 474 -50.24 1.73 -12.39
C VAL F 474 -51.52 0.98 -12.04
N ASN F 475 -52.03 0.23 -13.01
CA ASN F 475 -53.33 -0.43 -12.87
C ASN F 475 -53.13 -1.74 -12.13
N LEU F 476 -53.69 -1.84 -10.92
CA LEU F 476 -53.52 -3.03 -10.09
C LEU F 476 -54.85 -3.67 -9.71
N LYS F 477 -55.93 -3.33 -10.41
CA LYS F 477 -57.24 -3.82 -10.00
C LYS F 477 -57.43 -5.29 -10.36
N GLU F 478 -56.92 -5.73 -11.50
CA GLU F 478 -57.12 -7.09 -11.98
C GLU F 478 -55.85 -7.92 -11.89
N LYS F 479 -55.07 -7.75 -10.82
CA LYS F 479 -53.83 -8.50 -10.70
C LYS F 479 -53.63 -9.11 -9.31
N PHE F 480 -54.65 -9.78 -8.77
CA PHE F 480 -54.52 -10.39 -7.45
C PHE F 480 -54.51 -11.91 -7.55
N SER F 481 -54.01 -12.54 -6.50
CA SER F 481 -54.11 -13.99 -6.30
C SER F 481 -53.97 -14.27 -4.82
N ALA F 482 -54.40 -15.45 -4.41
CA ALA F 482 -54.40 -15.85 -3.02
C ALA F 482 -53.35 -16.88 -2.66
N ASP F 483 -52.73 -17.55 -3.62
CA ASP F 483 -51.75 -18.59 -3.35
C ASP F 483 -50.37 -17.95 -3.34
N LEU F 484 -49.82 -17.75 -2.13
CA LEU F 484 -48.60 -16.96 -1.99
C LEU F 484 -47.36 -17.72 -2.44
N ASP F 485 -47.42 -19.05 -2.47
CA ASP F 485 -46.22 -19.84 -2.66
C ASP F 485 -45.84 -20.04 -4.11
N GLN F 486 -46.36 -19.23 -5.02
CA GLN F 486 -46.07 -19.35 -6.44
C GLN F 486 -45.30 -18.15 -6.95
N PHE F 487 -44.49 -17.53 -6.08
CA PHE F 487 -43.93 -16.23 -6.36
C PHE F 487 -42.60 -16.07 -5.66
N PRO F 488 -41.67 -15.26 -6.19
CA PRO F 488 -40.34 -15.18 -5.58
C PRO F 488 -40.29 -14.30 -4.34
N LEU F 489 -41.43 -13.85 -3.85
CA LEU F 489 -41.45 -13.06 -2.63
C LEU F 489 -42.30 -13.69 -1.55
N GLY F 490 -43.36 -14.42 -1.90
CA GLY F 490 -44.11 -15.15 -0.91
C GLY F 490 -43.31 -16.26 -0.26
N ARG F 491 -42.38 -16.86 -1.02
CA ARG F 491 -41.42 -17.78 -0.43
C ARG F 491 -40.54 -17.05 0.57
N LYS F 492 -40.16 -15.80 0.27
CA LYS F 492 -39.47 -15.00 1.25
C LYS F 492 -40.41 -14.54 2.38
N PHE F 493 -41.70 -14.47 2.12
CA PHE F 493 -42.63 -14.10 3.18
C PHE F 493 -42.82 -15.21 4.20
N LEU F 494 -42.93 -16.46 3.74
CA LEU F 494 -43.18 -17.55 4.66
C LEU F 494 -41.97 -17.85 5.54
N LEU F 495 -40.76 -17.67 5.01
CA LEU F 495 -39.57 -17.86 5.81
C LEU F 495 -39.41 -16.75 6.84
N GLN F 496 -40.04 -15.59 6.62
CA GLN F 496 -39.92 -14.51 7.57
C GLN F 496 -41.03 -14.57 8.61
N SER F 497 -42.16 -15.20 8.29
CA SER F 497 -43.30 -15.23 9.18
C SER F 497 -43.13 -16.19 10.34
N GLY F 498 -42.15 -17.08 10.29
CA GLY F 498 -41.99 -18.05 11.36
C GLY F 498 -43.02 -19.15 11.37
N LEU F 499 -43.68 -19.40 10.25
CA LEU F 499 -44.64 -20.49 10.15
C LEU F 499 -43.92 -21.83 10.12
N SER G 28 15.63 15.57 79.65
CA SER G 28 15.74 16.57 80.70
C SER G 28 15.53 17.97 80.16
N VAL G 29 15.85 18.16 78.88
CA VAL G 29 15.79 19.48 78.28
C VAL G 29 14.67 19.54 77.25
N TRP G 30 14.31 18.38 76.68
CA TRP G 30 13.12 18.18 75.83
C TRP G 30 13.14 19.07 74.60
N ARG G 31 14.15 18.83 73.77
CA ARG G 31 14.48 19.55 72.53
C ARG G 31 13.39 19.36 71.49
N PRO G 32 13.26 20.29 70.55
CA PRO G 32 12.49 20.01 69.34
C PRO G 32 13.32 19.21 68.35
N SER G 33 12.62 18.55 67.44
CA SER G 33 13.26 17.65 66.49
C SER G 33 13.07 18.17 65.08
N GLU G 34 13.51 17.36 64.12
CA GLU G 34 13.51 17.77 62.71
C GLU G 34 13.13 16.56 61.87
N ALA G 35 12.06 16.68 61.10
CA ALA G 35 11.60 15.60 60.23
C ALA G 35 10.92 16.20 58.99
N THR G 36 10.62 15.34 58.03
CA THR G 36 10.06 15.80 56.76
C THR G 36 8.87 14.96 56.29
N VAL G 37 8.11 14.38 57.22
CA VAL G 37 7.01 13.51 56.83
C VAL G 37 5.82 14.34 56.36
N TYR G 38 4.85 13.66 55.75
CA TYR G 38 3.59 14.28 55.35
C TYR G 38 2.48 13.85 56.30
N LEU G 39 1.30 14.44 56.14
CA LEU G 39 0.17 14.22 57.00
C LEU G 39 -1.11 14.56 56.24
N PRO G 40 -2.20 13.85 56.48
CA PRO G 40 -3.44 14.10 55.72
C PRO G 40 -4.14 15.36 56.21
N PRO G 41 -4.29 16.36 55.35
CA PRO G 41 -4.80 17.66 55.79
C PRO G 41 -6.29 17.87 55.59
N VAL G 42 -6.87 18.54 56.58
CA VAL G 42 -7.99 19.51 56.53
C VAL G 42 -9.03 19.20 55.45
N PRO G 43 -9.93 18.22 55.70
CA PRO G 43 -10.90 17.81 54.67
C PRO G 43 -11.82 18.91 54.18
N VAL G 44 -11.66 19.28 52.91
CA VAL G 44 -12.41 20.35 52.29
C VAL G 44 -13.81 19.84 52.01
N SER G 45 -14.73 20.77 51.74
CA SER G 45 -16.12 20.44 51.42
C SER G 45 -16.22 19.70 50.10
N LYS G 46 -16.49 18.40 50.15
CA LYS G 46 -16.57 17.59 48.96
C LYS G 46 -17.85 17.89 48.20
N VAL G 47 -17.85 17.58 46.91
CA VAL G 47 -18.96 17.88 46.03
C VAL G 47 -19.72 16.59 45.74
N VAL G 48 -20.84 16.42 46.38
CA VAL G 48 -21.64 15.22 46.23
C VAL G 48 -22.44 15.33 44.94
N SER G 49 -22.72 14.19 44.30
CA SER G 49 -23.50 14.17 43.07
C SER G 49 -24.96 14.54 43.33
N THR G 50 -25.71 14.71 42.25
CA THR G 50 -27.06 15.24 42.33
C THR G 50 -28.12 14.15 42.40
N ASP G 51 -27.73 12.89 42.62
CA ASP G 51 -28.69 11.81 42.75
C ASP G 51 -29.01 11.51 44.19
N GLU G 52 -28.40 12.23 45.12
CA GLU G 52 -28.57 11.97 46.55
C GLU G 52 -29.56 12.90 47.21
N TYR G 53 -29.45 14.20 46.96
CA TYR G 53 -30.30 15.20 47.60
C TYR G 53 -31.46 15.62 46.71
N VAL G 54 -31.63 14.99 45.55
CA VAL G 54 -32.75 15.28 44.65
C VAL G 54 -33.48 13.98 44.39
N SER G 55 -34.81 14.04 44.38
CA SER G 55 -35.64 12.88 44.05
C SER G 55 -36.45 13.17 42.80
N ARG G 56 -36.70 12.13 42.02
CA ARG G 56 -37.44 12.23 40.77
C ARG G 56 -38.90 11.86 40.99
N THR G 57 -39.71 12.16 39.99
CA THR G 57 -41.14 11.86 40.01
C THR G 57 -41.46 10.88 38.90
N SER G 58 -42.76 10.64 38.70
CA SER G 58 -43.21 9.87 37.55
C SER G 58 -43.99 10.77 36.61
N ILE G 59 -43.62 12.05 36.57
CA ILE G 59 -44.31 13.05 35.78
C ILE G 59 -43.38 13.48 34.66
N TYR G 60 -43.94 13.73 33.48
CA TYR G 60 -43.14 14.06 32.32
C TYR G 60 -43.77 15.24 31.59
N TYR G 61 -43.01 15.78 30.64
CA TYR G 61 -43.44 16.96 29.89
C TYR G 61 -42.69 16.99 28.57
N TYR G 62 -43.39 17.32 27.50
CA TYR G 62 -42.73 17.59 26.23
C TYR G 62 -42.74 19.08 25.94
N ALA G 63 -41.70 19.55 25.27
CA ALA G 63 -41.71 20.86 24.65
C ALA G 63 -41.07 20.78 23.28
N GLY G 64 -41.62 21.53 22.34
CA GLY G 64 -41.04 21.65 21.03
C GLY G 64 -40.80 23.08 20.66
N SER G 65 -40.53 23.35 19.39
CA SER G 65 -40.29 24.72 18.94
C SER G 65 -40.67 24.83 17.49
N SER G 66 -40.72 26.06 16.99
CA SER G 66 -40.96 26.28 15.58
C SER G 66 -39.73 25.90 14.77
N ARG G 67 -39.96 25.60 13.50
CA ARG G 67 -38.87 25.29 12.57
C ARG G 67 -38.19 26.62 12.22
N LEU G 68 -37.31 27.04 13.12
CA LEU G 68 -36.70 28.35 13.00
C LEU G 68 -35.46 28.28 12.12
N LEU G 69 -35.10 29.42 11.55
CA LEU G 69 -34.04 29.50 10.55
C LEU G 69 -33.68 30.96 10.35
N ALA G 70 -32.61 31.17 9.58
CA ALA G 70 -32.14 32.51 9.25
C ALA G 70 -31.41 32.44 7.92
N VAL G 71 -31.11 33.60 7.36
CA VAL G 71 -30.52 33.69 6.03
C VAL G 71 -29.76 35.01 5.93
N GLY G 72 -28.71 35.04 5.13
CA GLY G 72 -27.98 36.26 4.89
C GLY G 72 -26.70 36.02 4.12
N ASN G 73 -25.82 37.01 4.16
CA ASN G 73 -24.54 36.98 3.46
C ASN G 73 -23.59 36.02 4.14
N PRO G 74 -22.92 35.18 3.35
CA PRO G 74 -22.01 34.20 3.95
C PRO G 74 -20.70 34.77 4.44
N TYR G 75 -20.32 35.99 4.05
CA TYR G 75 -18.96 36.45 4.30
C TYR G 75 -18.88 37.67 5.20
N PHE G 76 -19.76 38.65 5.02
CA PHE G 76 -19.63 39.91 5.74
C PHE G 76 -21.00 40.56 5.93
N SER G 77 -21.16 41.27 7.04
CA SER G 77 -22.37 42.04 7.25
C SER G 77 -22.28 43.37 6.51
N ILE G 78 -23.43 43.98 6.29
CA ILE G 78 -23.53 45.28 5.65
C ILE G 78 -24.23 46.22 6.63
N LYS G 79 -23.47 47.14 7.21
CA LYS G 79 -24.09 48.20 7.98
C LYS G 79 -24.64 49.27 7.03
N SER G 80 -25.48 50.10 7.55
CA SER G 80 -26.15 51.02 6.64
C SER G 80 -25.32 52.26 6.40
N PRO G 81 -25.20 52.70 5.16
CA PRO G 81 -24.85 54.09 4.91
C PRO G 81 -26.10 54.95 5.09
N ASN G 82 -26.06 55.96 5.98
CA ASN G 82 -24.85 56.40 6.66
C ASN G 82 -24.73 55.92 8.09
N ASN G 83 -25.87 55.70 8.76
CA ASN G 83 -25.85 55.35 10.16
C ASN G 83 -25.36 53.92 10.37
N ASN G 84 -24.25 53.78 11.07
CA ASN G 84 -23.50 52.53 11.14
C ASN G 84 -23.79 51.74 12.41
N LYS G 85 -24.99 51.83 12.96
CA LYS G 85 -25.43 50.95 14.03
C LYS G 85 -26.64 50.11 13.64
N LYS G 86 -27.16 50.32 12.44
CA LYS G 86 -28.22 49.50 11.86
C LYS G 86 -27.63 48.73 10.69
N VAL G 87 -27.92 47.44 10.62
CA VAL G 87 -27.42 46.60 9.54
C VAL G 87 -28.57 46.21 8.63
N LEU G 88 -28.23 45.90 7.38
CA LEU G 88 -29.20 45.47 6.39
C LEU G 88 -29.18 43.96 6.21
N VAL G 89 -28.01 43.35 6.28
CA VAL G 89 -27.89 41.90 6.19
C VAL G 89 -26.84 41.41 7.18
N PRO G 90 -27.15 40.42 8.00
CA PRO G 90 -26.15 39.90 8.93
C PRO G 90 -25.20 38.93 8.26
N LYS G 91 -23.98 38.89 8.77
CA LYS G 91 -23.00 37.90 8.33
C LYS G 91 -23.35 36.57 8.99
N VAL G 92 -24.01 35.69 8.25
CA VAL G 92 -24.29 34.34 8.73
C VAL G 92 -23.76 33.35 7.70
N SER G 93 -22.98 32.39 8.19
CA SER G 93 -22.35 31.43 7.30
C SER G 93 -22.69 30.04 7.79
N GLY G 94 -22.09 29.04 7.15
CA GLY G 94 -22.13 27.70 7.65
C GLY G 94 -21.03 27.37 8.64
N LEU G 95 -20.31 28.38 9.13
CA LEU G 95 -19.22 28.14 10.05
C LEU G 95 -19.31 28.90 11.36
N GLN G 96 -20.41 29.58 11.63
CA GLN G 96 -20.53 30.26 12.91
C GLN G 96 -21.09 29.31 13.97
N TYR G 97 -20.60 29.48 15.18
CA TYR G 97 -21.10 28.74 16.35
C TYR G 97 -22.56 29.13 16.57
N ARG G 98 -23.46 28.18 16.41
CA ARG G 98 -24.83 28.40 16.82
C ARG G 98 -24.95 28.15 18.31
N VAL G 99 -25.36 29.17 19.06
CA VAL G 99 -25.53 29.08 20.49
C VAL G 99 -27.00 29.33 20.79
N PHE G 100 -27.78 28.26 20.90
CA PHE G 100 -29.18 28.40 21.26
C PHE G 100 -29.29 28.50 22.78
N ARG G 101 -30.03 29.50 23.25
CA ARG G 101 -30.32 29.68 24.66
C ARG G 101 -31.83 29.74 24.81
N VAL G 102 -32.35 29.02 25.79
CA VAL G 102 -33.79 28.84 25.92
C VAL G 102 -34.22 29.13 27.35
N ARG G 103 -35.38 29.77 27.50
CA ARG G 103 -36.00 30.02 28.78
C ARG G 103 -36.88 28.84 29.15
N LEU G 104 -37.22 28.75 30.43
CA LEU G 104 -38.13 27.76 30.95
C LEU G 104 -39.22 28.46 31.75
N PRO G 105 -40.43 27.93 31.75
CA PRO G 105 -41.43 28.39 32.71
C PRO G 105 -41.10 27.88 34.09
N ASP G 106 -41.29 28.76 35.08
CA ASP G 106 -41.00 28.41 36.46
C ASP G 106 -42.02 27.39 36.95
N PRO G 107 -41.58 26.22 37.42
CA PRO G 107 -42.52 25.26 38.00
C PRO G 107 -43.08 25.67 39.34
N ASN G 108 -42.46 26.64 40.02
CA ASN G 108 -42.93 27.05 41.33
C ASN G 108 -44.08 28.04 41.27
N LYS G 109 -44.61 28.34 40.09
CA LYS G 109 -45.78 29.20 39.93
C LYS G 109 -46.94 28.47 39.27
N PHE G 110 -46.74 27.22 38.86
CA PHE G 110 -47.84 26.42 38.30
C PHE G 110 -48.84 26.01 39.37
N GLY G 111 -48.34 25.43 40.45
CA GLY G 111 -49.15 24.57 41.29
C GLY G 111 -50.16 25.31 42.15
N PHE G 112 -51.43 25.09 41.88
CA PHE G 112 -52.45 25.29 42.89
C PHE G 112 -52.19 24.32 44.04
N PRO G 113 -52.42 24.74 45.28
CA PRO G 113 -51.83 24.01 46.43
C PRO G 113 -52.49 22.67 46.68
N ASP G 114 -51.67 21.63 46.71
CA ASP G 114 -52.05 20.30 47.17
C ASP G 114 -50.98 19.87 48.16
N THR G 115 -51.37 19.67 49.42
CA THR G 115 -50.41 19.42 50.47
C THR G 115 -49.77 18.04 50.34
N SER G 116 -50.55 17.02 49.97
CA SER G 116 -50.04 15.66 49.89
C SER G 116 -49.04 15.47 48.75
N PHE G 117 -49.09 16.33 47.74
CA PHE G 117 -48.11 16.24 46.66
C PHE G 117 -46.77 16.81 47.09
N TYR G 118 -46.76 18.07 47.52
CA TYR G 118 -45.55 18.68 48.04
C TYR G 118 -45.95 19.81 48.98
N ASN G 119 -44.97 20.27 49.76
CA ASN G 119 -45.20 21.39 50.67
C ASN G 119 -44.45 22.60 50.15
N PRO G 120 -45.13 23.70 49.83
CA PRO G 120 -44.41 24.94 49.45
C PRO G 120 -43.74 25.63 50.63
N ASP G 121 -44.01 25.20 51.85
CA ASP G 121 -43.32 25.76 53.00
C ASP G 121 -41.89 25.25 53.04
N THR G 122 -41.66 23.99 52.66
CA THR G 122 -40.35 23.36 52.81
C THR G 122 -39.64 23.13 51.48
N GLN G 123 -40.39 22.86 50.41
CA GLN G 123 -39.74 22.39 49.20
C GLN G 123 -39.98 23.34 48.02
N ARG G 124 -39.26 23.10 46.94
CA ARG G 124 -39.43 23.81 45.69
C ARG G 124 -39.38 22.78 44.56
N LEU G 125 -39.47 23.24 43.32
CA LEU G 125 -39.48 22.33 42.17
C LEU G 125 -38.46 22.79 41.14
N VAL G 126 -37.77 21.83 40.52
CA VAL G 126 -36.82 22.10 39.44
C VAL G 126 -37.04 21.10 38.32
N TRP G 127 -36.55 21.46 37.14
CA TRP G 127 -36.63 20.57 35.97
C TRP G 127 -35.40 19.70 35.83
N ALA G 128 -35.38 18.86 34.80
CA ALA G 128 -34.22 18.07 34.42
C ALA G 128 -34.33 17.80 32.92
N CYS G 129 -33.29 17.18 32.34
CA CYS G 129 -33.27 16.96 30.90
C CYS G 129 -32.99 15.50 30.62
N VAL G 130 -33.80 14.90 29.74
CA VAL G 130 -33.59 13.51 29.38
C VAL G 130 -33.71 13.33 27.88
N GLY G 131 -34.27 14.33 27.19
CA GLY G 131 -34.60 14.15 25.79
C GLY G 131 -34.11 15.31 24.96
N LEU G 132 -33.64 14.99 23.75
CA LEU G 132 -33.01 15.98 22.88
C LEU G 132 -33.00 15.44 21.46
N GLU G 133 -33.42 16.30 20.52
CA GLU G 133 -33.32 15.99 19.09
C GLU G 133 -32.89 17.28 18.41
N ILE G 134 -31.79 17.22 17.67
CA ILE G 134 -31.38 18.34 16.82
C ILE G 134 -31.84 17.98 15.41
N GLY G 135 -32.78 18.75 14.89
CA GLY G 135 -33.33 18.45 13.59
C GLY G 135 -32.79 19.36 12.51
N ARG G 136 -32.41 18.74 11.39
CA ARG G 136 -31.89 19.45 10.24
C ARG G 136 -32.69 19.07 9.01
N GLY G 137 -32.91 20.05 8.14
CA GLY G 137 -33.75 19.81 6.99
C GLY G 137 -33.10 20.08 5.65
N GLN G 138 -32.04 20.89 5.65
CA GLN G 138 -31.45 21.33 4.41
C GLN G 138 -30.71 20.19 3.72
N PRO G 139 -30.69 20.18 2.39
CA PRO G 139 -29.92 19.17 1.66
C PRO G 139 -28.42 19.34 1.87
N LEU G 140 -27.70 18.25 1.62
CA LEU G 140 -26.29 18.20 1.92
C LEU G 140 -25.50 18.97 0.86
N GLY G 141 -24.31 19.42 1.25
CA GLY G 141 -23.47 20.17 0.34
C GLY G 141 -22.51 21.06 1.09
N VAL G 142 -21.41 21.39 0.42
CA VAL G 142 -20.29 22.07 1.05
C VAL G 142 -20.31 23.54 0.66
N GLY G 143 -19.44 24.30 1.31
CA GLY G 143 -19.30 25.71 0.99
C GLY G 143 -17.85 26.08 0.83
N VAL G 144 -17.61 27.06 -0.02
CA VAL G 144 -16.26 27.52 -0.32
C VAL G 144 -16.16 29.00 -0.03
N SER G 145 -14.92 29.48 0.01
CA SER G 145 -14.63 30.90 0.18
C SER G 145 -13.21 31.13 -0.33
N GLY G 146 -12.79 32.38 -0.29
CA GLY G 146 -11.46 32.75 -0.74
C GLY G 146 -11.10 34.17 -0.40
N HIS G 147 -10.26 34.77 -1.22
CA HIS G 147 -9.68 36.08 -1.00
C HIS G 147 -9.24 36.61 -2.35
N PRO G 148 -9.71 37.79 -2.76
CA PRO G 148 -9.28 38.34 -4.05
C PRO G 148 -7.85 38.86 -4.05
N TYR G 149 -7.24 39.06 -2.89
CA TYR G 149 -5.89 39.59 -2.77
C TYR G 149 -5.09 38.75 -1.78
N LEU G 150 -5.15 37.43 -1.94
CA LEU G 150 -4.52 36.53 -0.99
C LEU G 150 -3.00 36.52 -1.18
N ASN G 151 -2.28 36.49 -0.06
CA ASN G 151 -0.82 36.47 -0.06
C ASN G 151 -0.35 35.06 -0.44
N LYS G 152 0.06 34.91 -1.69
CA LYS G 152 0.72 33.70 -2.17
C LYS G 152 1.93 34.13 -2.98
N PHE G 153 3.09 33.59 -2.66
CA PHE G 153 4.26 33.92 -3.48
C PHE G 153 4.34 33.03 -4.72
N ASP G 154 4.55 31.73 -4.52
CA ASP G 154 4.85 30.81 -5.61
C ASP G 154 4.11 29.49 -5.42
N ASP G 155 4.42 28.54 -6.30
CA ASP G 155 3.91 27.19 -6.23
C ASP G 155 5.06 26.23 -5.89
N THR G 156 4.78 25.22 -5.07
CA THR G 156 5.87 24.43 -4.52
C THR G 156 5.62 22.91 -4.46
N GLU G 157 5.05 22.31 -5.50
CA GLU G 157 4.94 20.85 -5.49
C GLU G 157 5.82 20.19 -6.53
N THR G 158 5.75 20.64 -7.79
CA THR G 158 6.40 19.96 -8.90
C THR G 158 7.72 20.62 -9.27
N SER G 159 7.70 21.91 -9.58
CA SER G 159 8.91 22.60 -10.01
C SER G 159 8.82 24.07 -9.65
N ASN G 160 9.84 24.56 -8.96
CA ASN G 160 9.96 25.98 -8.62
C ASN G 160 11.42 26.36 -8.89
N ARG G 161 11.69 26.77 -10.12
CA ARG G 161 13.05 26.93 -10.60
C ARG G 161 13.71 28.17 -9.99
N TYR G 162 15.02 28.26 -10.19
CA TYR G 162 15.73 29.48 -9.88
C TYR G 162 16.12 30.17 -11.17
N PRO G 163 16.13 31.51 -11.22
CA PRO G 163 16.01 32.50 -10.15
C PRO G 163 14.59 32.83 -9.72
N ALA G 164 14.48 33.83 -8.87
CA ALA G 164 13.18 34.33 -8.44
C ALA G 164 12.70 35.42 -9.38
N GLN G 165 11.39 35.45 -9.60
CA GLN G 165 10.74 36.42 -10.47
C GLN G 165 10.50 37.84 -9.94
N PRO G 166 10.26 38.07 -8.64
CA PRO G 166 9.20 38.99 -8.23
C PRO G 166 9.49 40.47 -8.52
N GLY G 167 8.40 41.22 -8.62
CA GLY G 167 8.47 42.65 -8.83
C GLY G 167 7.97 43.44 -7.63
N SER G 168 6.86 44.15 -7.81
CA SER G 168 6.35 45.01 -6.75
C SER G 168 5.58 44.22 -5.69
N ASP G 169 4.49 43.58 -6.10
CA ASP G 169 3.63 42.83 -5.20
C ASP G 169 2.94 41.71 -5.96
N ASN G 170 2.61 40.64 -5.26
CA ASN G 170 2.14 39.43 -5.93
C ASN G 170 0.96 38.80 -5.18
N ARG G 171 0.08 39.64 -4.62
CA ARG G 171 -1.15 39.12 -4.04
C ARG G 171 -2.10 38.70 -5.13
N GLU G 172 -2.66 37.50 -5.01
CA GLU G 172 -3.42 36.90 -6.08
C GLU G 172 -4.84 36.59 -5.64
N CYS G 173 -5.65 36.14 -6.59
CA CYS G 173 -7.03 35.72 -6.36
C CYS G 173 -7.04 34.20 -6.25
N LEU G 174 -7.60 33.71 -5.15
CA LEU G 174 -7.51 32.29 -4.83
C LEU G 174 -8.67 31.94 -3.90
N SER G 175 -9.10 30.69 -3.96
CA SER G 175 -10.21 30.23 -3.13
C SER G 175 -9.91 28.86 -2.55
N MET G 176 -10.42 28.63 -1.35
CA MET G 176 -10.19 27.41 -0.60
C MET G 176 -11.52 26.89 -0.08
N ASP G 177 -11.44 25.94 0.82
CA ASP G 177 -12.61 25.46 1.54
C ASP G 177 -12.21 25.13 2.99
N TYR G 178 -13.09 24.42 3.69
CA TYR G 178 -12.99 24.27 5.13
C TYR G 178 -13.03 22.81 5.54
N LYS G 179 -12.84 22.58 6.84
CA LYS G 179 -12.77 21.22 7.35
C LYS G 179 -14.15 20.74 7.79
N GLN G 180 -14.45 19.49 7.50
CA GLN G 180 -15.71 18.90 7.92
C GLN G 180 -15.65 18.61 9.42
N THR G 181 -16.52 19.28 10.17
CA THR G 181 -16.46 19.25 11.62
C THR G 181 -17.88 19.33 12.17
N GLN G 182 -18.26 18.34 12.97
CA GLN G 182 -19.53 18.36 13.66
C GLN G 182 -19.28 18.15 15.14
N LEU G 183 -20.03 18.87 15.97
CA LEU G 183 -19.87 18.79 17.43
C LEU G 183 -21.13 19.34 18.08
N CYS G 184 -21.28 19.04 19.38
CA CYS G 184 -22.48 19.40 20.11
C CYS G 184 -22.19 19.40 21.60
N LEU G 185 -22.66 20.44 22.30
CA LEU G 185 -22.50 20.56 23.74
C LEU G 185 -23.81 20.98 24.38
N ILE G 186 -24.04 20.50 25.59
CA ILE G 186 -25.20 20.86 26.40
C ILE G 186 -24.76 21.02 27.85
N GLY G 187 -25.40 21.94 28.56
CA GLY G 187 -25.09 22.17 29.96
C GLY G 187 -25.93 23.25 30.61
N CYS G 188 -25.70 23.49 31.90
CA CYS G 188 -26.38 24.53 32.64
C CYS G 188 -25.78 25.91 32.42
N LYS G 189 -24.49 26.05 32.66
CA LYS G 189 -23.75 27.26 32.32
C LYS G 189 -23.59 27.34 30.81
N PRO G 190 -23.33 28.52 30.26
CA PRO G 190 -22.88 28.59 28.88
C PRO G 190 -21.48 28.02 28.79
N PRO G 191 -21.12 27.42 27.66
CA PRO G 191 -19.80 26.77 27.57
C PRO G 191 -18.68 27.78 27.44
N THR G 192 -17.53 27.49 28.04
CA THR G 192 -16.41 28.41 27.96
C THR G 192 -15.67 28.19 26.65
N GLY G 193 -14.55 28.85 26.48
CA GLY G 193 -13.82 28.80 25.22
C GLY G 193 -12.45 29.42 25.42
N GLU G 194 -11.61 29.25 24.42
CA GLU G 194 -10.25 29.75 24.48
C GLU G 194 -9.77 30.14 23.10
N HIS G 195 -8.64 30.86 23.08
CA HIS G 195 -7.98 31.32 21.87
C HIS G 195 -6.61 31.85 22.25
N TRP G 196 -5.69 31.79 21.30
CA TRP G 196 -4.38 32.39 21.47
C TRP G 196 -4.47 33.89 21.22
N GLY G 197 -3.62 34.65 21.89
CA GLY G 197 -3.70 36.09 21.78
C GLY G 197 -2.41 36.79 22.12
N LYS G 198 -2.25 37.97 21.53
CA LYS G 198 -1.11 38.83 21.80
C LYS G 198 -1.18 39.36 23.23
N GLY G 199 -0.07 39.25 23.94
CA GLY G 199 -0.02 39.76 25.29
C GLY G 199 1.12 40.73 25.54
N VAL G 200 1.49 40.88 26.80
CA VAL G 200 2.52 41.83 27.20
C VAL G 200 3.80 41.05 27.48
N ALA G 201 4.92 41.63 27.06
CA ALA G 201 6.24 41.08 27.33
C ALA G 201 6.99 42.02 28.26
N CYS G 202 8.23 41.65 28.55
CA CYS G 202 9.12 42.46 29.39
C CYS G 202 10.02 43.28 28.47
N ASN G 203 9.90 44.60 28.55
CA ASN G 203 10.71 45.50 27.74
C ASN G 203 11.90 46.03 28.51
N ASN G 204 12.48 45.19 29.36
CA ASN G 204 13.64 45.57 30.16
C ASN G 204 14.83 44.70 29.79
N ASN G 205 14.62 43.77 28.87
CA ASN G 205 15.69 42.91 28.39
C ASN G 205 16.31 43.50 27.13
N ALA G 206 17.39 42.89 26.65
CA ALA G 206 17.98 43.26 25.38
C ALA G 206 17.27 42.50 24.27
N ALA G 207 16.22 43.13 23.74
CA ALA G 207 15.36 42.52 22.73
C ALA G 207 16.12 42.44 21.41
N ALA G 208 16.61 41.24 21.08
CA ALA G 208 17.31 41.02 19.83
C ALA G 208 16.37 40.74 18.67
N THR G 209 15.19 40.17 18.93
CA THR G 209 14.18 39.92 17.92
C THR G 209 12.97 40.80 18.17
N ASP G 210 12.10 40.88 17.16
CA ASP G 210 10.85 41.62 17.28
C ASP G 210 9.64 40.71 17.14
N CYS G 211 9.75 39.48 17.62
CA CYS G 211 8.61 38.57 17.67
C CYS G 211 7.57 39.08 18.65
N PRO G 212 6.30 39.01 18.30
CA PRO G 212 5.25 39.29 19.27
C PRO G 212 5.14 38.16 20.27
N PRO G 213 5.02 38.47 21.55
CA PRO G 213 4.83 37.44 22.56
C PRO G 213 3.43 36.86 22.45
N LEU G 214 3.30 35.59 22.82
CA LEU G 214 2.04 34.88 22.67
C LEU G 214 1.55 34.45 24.04
N GLU G 215 0.29 34.75 24.33
CA GLU G 215 -0.32 34.36 25.59
C GLU G 215 -1.66 33.69 25.33
N LEU G 216 -2.16 32.99 26.33
CA LEU G 216 -3.36 32.19 26.22
C LEU G 216 -4.47 32.83 27.02
N PHE G 217 -5.69 32.78 26.51
CA PHE G 217 -6.83 33.50 27.07
C PHE G 217 -8.06 32.61 27.01
N ASN G 218 -8.87 32.66 28.07
CA ASN G 218 -10.05 31.79 28.18
C ASN G 218 -11.30 32.64 28.28
N SER G 219 -11.94 32.86 27.15
CA SER G 219 -13.14 33.68 27.07
C SER G 219 -14.39 32.81 27.10
N ILE G 220 -15.54 33.42 26.82
CA ILE G 220 -16.82 32.74 26.73
C ILE G 220 -17.31 32.87 25.29
N ILE G 221 -17.84 31.79 24.74
CA ILE G 221 -18.31 31.79 23.36
C ILE G 221 -19.58 32.61 23.22
N GLU G 222 -19.46 33.81 22.66
CA GLU G 222 -20.65 34.52 22.23
C GLU G 222 -21.17 33.89 20.94
N ASP G 223 -22.41 34.22 20.57
CA ASP G 223 -23.01 33.55 19.44
C ASP G 223 -22.64 34.23 18.13
N GLY G 224 -22.39 33.42 17.11
CA GLY G 224 -22.15 33.91 15.77
C GLY G 224 -20.71 34.06 15.39
N ASP G 225 -19.78 33.87 16.32
CA ASP G 225 -18.38 34.02 15.97
C ASP G 225 -17.86 32.76 15.29
N MET G 226 -16.57 32.78 14.94
CA MET G 226 -16.08 31.89 13.91
C MET G 226 -15.68 30.54 14.50
N VAL G 227 -15.41 29.58 13.61
CA VAL G 227 -14.88 28.28 13.95
C VAL G 227 -13.46 28.20 13.41
N ASP G 228 -12.67 27.29 13.97
CA ASP G 228 -11.35 27.03 13.41
C ASP G 228 -11.51 26.25 12.12
N THR G 229 -10.52 26.39 11.24
CA THR G 229 -10.47 25.65 10.00
C THR G 229 -9.06 25.15 9.73
N GLY G 230 -8.34 24.79 10.78
CA GLY G 230 -6.99 24.30 10.65
C GLY G 230 -5.91 25.34 10.71
N PHE G 231 -6.27 26.62 10.80
CA PHE G 231 -5.28 27.69 10.86
C PHE G 231 -5.03 28.16 12.28
N GLY G 232 -5.16 27.28 13.27
CA GLY G 232 -4.84 27.68 14.63
C GLY G 232 -5.98 28.41 15.30
N CYS G 233 -6.05 28.24 16.61
CA CYS G 233 -7.12 28.84 17.39
C CYS G 233 -6.66 30.16 18.01
N MET G 234 -6.77 31.22 17.23
CA MET G 234 -6.24 32.53 17.59
C MET G 234 -6.99 33.65 16.88
N ASP G 235 -6.82 34.86 17.37
CA ASP G 235 -7.36 36.05 16.73
C ASP G 235 -6.41 36.52 15.64
N PHE G 236 -6.88 36.54 14.40
CA PHE G 236 -6.09 37.05 13.30
C PHE G 236 -6.09 38.57 13.22
N GLY G 237 -7.03 39.22 13.93
CA GLY G 237 -7.24 40.65 13.78
C GLY G 237 -6.12 41.51 14.31
N THR G 238 -5.38 41.03 15.30
CA THR G 238 -4.26 41.78 15.84
C THR G 238 -2.90 41.16 15.53
N LEU G 239 -2.86 40.05 14.81
CA LEU G 239 -1.62 39.35 14.58
C LEU G 239 -1.22 39.26 13.11
N GLN G 240 -2.11 39.60 12.19
CA GLN G 240 -1.81 39.59 10.77
C GLN G 240 -1.92 41.02 10.26
N ALA G 241 -0.77 41.66 10.08
CA ALA G 241 -0.79 43.07 9.68
C ALA G 241 -1.15 43.24 8.21
N ASN G 242 -0.97 42.20 7.40
CA ASN G 242 -1.26 42.32 5.97
C ASN G 242 -2.73 42.15 5.66
N LYS G 243 -3.52 41.58 6.58
CA LYS G 243 -4.94 41.27 6.45
C LYS G 243 -5.25 40.37 5.27
N SER G 244 -4.28 39.60 4.76
CA SER G 244 -4.44 38.92 3.49
C SER G 244 -3.84 37.52 3.52
N ASP G 245 -3.99 36.82 4.65
CA ASP G 245 -3.49 35.45 4.71
C ASP G 245 -4.58 34.39 4.72
N VAL G 246 -5.78 34.72 5.16
CA VAL G 246 -6.87 33.76 5.31
C VAL G 246 -8.01 34.22 4.42
N PRO G 247 -9.03 33.40 4.18
CA PRO G 247 -10.23 33.91 3.49
C PRO G 247 -10.96 34.97 4.31
N ILE G 248 -11.79 35.73 3.59
CA ILE G 248 -12.35 37.01 4.03
C ILE G 248 -13.10 36.94 5.36
N ASP G 249 -13.81 35.84 5.60
CA ASP G 249 -14.74 35.72 6.71
C ASP G 249 -14.10 35.81 8.09
N ILE G 250 -12.82 35.48 8.21
CA ILE G 250 -12.23 35.32 9.53
C ILE G 250 -11.11 36.31 9.80
N CYS G 251 -10.88 37.24 8.87
CA CYS G 251 -9.77 38.18 9.02
C CYS G 251 -9.99 39.20 10.14
N ASN G 252 -11.21 39.68 10.32
CA ASN G 252 -11.49 40.71 11.31
C ASN G 252 -12.32 40.11 12.44
N SER G 253 -11.94 38.92 12.86
CA SER G 253 -12.66 38.21 13.90
C SER G 253 -11.67 37.33 14.66
N THR G 254 -12.22 36.39 15.41
CA THR G 254 -11.40 35.45 16.16
C THR G 254 -12.07 34.07 16.09
N CYS G 255 -11.26 33.04 15.83
CA CYS G 255 -11.78 31.69 15.72
C CYS G 255 -11.41 30.91 16.97
N LYS G 256 -12.42 30.52 17.74
CA LYS G 256 -12.18 29.82 18.99
C LYS G 256 -12.46 28.33 18.82
N TYR G 257 -12.34 27.58 19.90
CA TYR G 257 -12.41 26.12 19.90
C TYR G 257 -12.74 25.69 21.32
N PRO G 258 -13.49 24.61 21.51
CA PRO G 258 -13.84 24.20 22.87
C PRO G 258 -12.64 23.61 23.62
N ASP G 259 -12.75 23.61 24.94
CA ASP G 259 -11.73 23.01 25.80
C ASP G 259 -12.37 21.84 26.52
N TYR G 260 -12.22 20.66 25.95
CA TYR G 260 -12.77 19.47 26.58
C TYR G 260 -12.00 19.03 27.81
N LEU G 261 -10.79 19.55 28.01
CA LEU G 261 -9.99 19.17 29.16
C LEU G 261 -9.99 20.22 30.27
N LYS G 262 -10.69 21.35 30.08
CA LYS G 262 -10.87 22.29 31.17
C LYS G 262 -12.19 22.12 31.88
N MET G 263 -13.29 22.02 31.11
CA MET G 263 -14.62 22.03 31.70
C MET G 263 -14.88 20.74 32.46
N ALA G 264 -14.27 19.65 32.03
CA ALA G 264 -14.41 18.39 32.73
C ALA G 264 -13.67 18.41 34.05
N SER G 265 -12.61 19.21 34.15
CA SER G 265 -11.86 19.34 35.38
C SER G 265 -12.52 20.29 36.36
N GLU G 266 -13.59 20.96 35.96
CA GLU G 266 -14.33 21.77 36.90
C GLU G 266 -15.07 20.86 37.88
N PRO G 267 -14.99 21.15 39.18
CA PRO G 267 -15.58 20.26 40.20
C PRO G 267 -17.09 20.15 40.16
N TYR G 268 -17.78 21.28 40.10
CA TYR G 268 -19.23 21.28 40.10
C TYR G 268 -19.82 20.71 38.82
N GLY G 269 -19.25 21.06 37.67
CA GLY G 269 -19.65 20.44 36.42
C GLY G 269 -21.03 20.82 35.93
N ASP G 270 -21.20 22.06 35.51
CA ASP G 270 -22.49 22.55 35.03
C ASP G 270 -22.35 23.07 33.62
N SER G 271 -21.43 22.50 32.86
CA SER G 271 -21.22 22.90 31.49
C SER G 271 -21.20 21.74 30.51
N LEU G 272 -20.90 20.52 30.96
CA LEU G 272 -20.95 19.35 30.09
C LEU G 272 -21.90 18.32 30.67
N PHE G 273 -23.06 18.19 30.04
CA PHE G 273 -23.89 17.02 30.23
C PHE G 273 -23.46 15.87 29.34
N PHE G 274 -23.23 16.15 28.07
CA PHE G 274 -23.13 15.13 27.02
C PHE G 274 -22.59 15.75 25.75
N PHE G 275 -21.59 15.12 25.11
CA PHE G 275 -20.97 15.73 23.95
C PHE G 275 -20.40 14.66 23.02
N LEU G 276 -20.58 14.89 21.72
CA LEU G 276 -20.03 14.07 20.65
C LEU G 276 -19.38 14.96 19.61
N ARG G 277 -18.42 14.42 18.87
CA ARG G 277 -17.76 15.19 17.81
C ARG G 277 -17.12 14.26 16.79
N ARG G 278 -17.00 14.78 15.55
CA ARG G 278 -16.26 14.11 14.49
C ARG G 278 -15.58 15.16 13.61
N GLU G 279 -14.28 14.97 13.36
CA GLU G 279 -13.51 15.83 12.47
C GLU G 279 -12.70 14.98 11.52
N GLN G 280 -12.43 15.52 10.33
CA GLN G 280 -11.60 14.82 9.34
C GLN G 280 -10.98 15.84 8.40
N MET G 281 -9.79 15.52 7.89
CA MET G 281 -9.02 16.49 7.10
C MET G 281 -7.92 15.78 6.32
N PHE G 282 -7.70 16.22 5.07
CA PHE G 282 -6.45 15.94 4.38
C PHE G 282 -6.15 17.11 3.45
N VAL G 283 -4.87 17.33 3.19
CA VAL G 283 -4.39 18.53 2.51
C VAL G 283 -4.55 18.40 1.01
N ARG G 284 -4.47 19.54 0.32
CA ARG G 284 -4.51 19.62 -1.13
C ARG G 284 -3.25 20.19 -1.75
N HIS G 285 -2.80 21.36 -1.29
CA HIS G 285 -1.69 22.06 -1.89
C HIS G 285 -0.76 22.57 -0.81
N PHE G 286 0.35 23.16 -1.24
CA PHE G 286 1.31 23.81 -0.36
C PHE G 286 1.70 25.12 -0.99
N PHE G 287 2.01 26.12 -0.16
CA PHE G 287 2.40 27.43 -0.66
C PHE G 287 3.62 27.93 0.10
N ASN G 288 4.18 29.02 -0.42
CA ASN G 288 5.20 29.80 0.26
C ASN G 288 4.74 31.25 0.29
N ARG G 289 5.07 31.94 1.35
CA ARG G 289 4.59 33.31 1.53
C ARG G 289 5.61 34.30 1.00
N ALA G 290 5.24 35.58 1.02
CA ALA G 290 6.09 36.65 0.54
C ALA G 290 6.42 37.60 1.69
N GLY G 291 7.53 38.31 1.55
CA GLY G 291 7.97 39.25 2.55
C GLY G 291 9.34 38.89 3.11
N LYS G 292 9.84 39.80 3.95
CA LYS G 292 11.13 39.60 4.59
C LYS G 292 10.98 38.70 5.81
N LEU G 293 11.68 37.58 5.80
CA LEU G 293 11.58 36.60 6.89
C LEU G 293 12.25 37.14 8.15
N GLY G 294 11.58 37.01 9.27
CA GLY G 294 12.11 37.48 10.53
C GLY G 294 13.28 36.66 11.02
N GLU G 295 13.02 35.41 11.41
CA GLU G 295 14.08 34.51 11.84
C GLU G 295 14.81 34.03 10.60
N ALA G 296 16.03 34.52 10.41
CA ALA G 296 16.85 34.04 9.32
C ALA G 296 17.30 32.60 9.59
N VAL G 297 17.47 31.86 8.50
CA VAL G 297 17.89 30.46 8.63
C VAL G 297 19.35 30.42 9.07
N PRO G 298 19.75 29.47 9.89
CA PRO G 298 21.16 29.36 10.27
C PRO G 298 22.01 28.91 9.10
N ASP G 299 23.18 29.54 8.98
CA ASP G 299 24.08 29.34 7.86
C ASP G 299 24.69 27.95 7.81
N ASP G 300 24.83 27.29 8.96
CA ASP G 300 25.48 25.98 9.05
C ASP G 300 24.53 24.83 8.79
N LEU G 301 23.39 25.09 8.13
CA LEU G 301 22.43 24.05 7.81
C LEU G 301 22.32 23.78 6.33
N TYR G 302 23.07 24.49 5.50
CA TYR G 302 22.96 24.35 4.05
C TYR G 302 24.27 24.84 3.42
N ILE G 303 24.36 24.71 2.11
CA ILE G 303 25.54 25.09 1.35
C ILE G 303 25.17 26.24 0.43
N LYS G 304 25.94 27.32 0.47
CA LYS G 304 25.65 28.51 -0.30
C LYS G 304 26.01 28.27 -1.77
N GLY G 305 25.18 28.80 -2.68
CA GLY G 305 25.46 28.68 -4.09
C GLY G 305 25.43 30.03 -4.76
N SER G 306 25.82 30.04 -6.02
CA SER G 306 25.96 31.29 -6.76
C SER G 306 25.34 31.14 -8.15
N GLY G 307 24.96 32.28 -8.72
CA GLY G 307 24.28 32.31 -10.00
C GLY G 307 22.85 32.76 -9.84
N ASN G 308 21.91 31.96 -10.31
CA ASN G 308 20.51 32.20 -9.99
C ASN G 308 20.16 31.85 -8.56
N THR G 309 21.01 31.06 -7.90
CA THR G 309 20.84 30.68 -6.49
C THR G 309 21.61 31.59 -5.56
N ALA G 310 21.80 32.85 -5.94
CA ALA G 310 22.52 33.79 -5.11
C ALA G 310 21.68 34.22 -3.91
N VAL G 311 20.40 34.49 -4.14
CA VAL G 311 19.50 34.95 -3.10
C VAL G 311 18.75 33.74 -2.53
N ILE G 312 18.65 33.67 -1.20
CA ILE G 312 17.84 32.64 -0.57
C ILE G 312 16.36 33.02 -0.72
N GLN G 313 15.52 32.05 -1.04
CA GLN G 313 14.11 32.33 -1.21
C GLN G 313 13.39 32.32 0.13
N SER G 314 12.07 32.47 0.04
CA SER G 314 11.26 32.52 1.24
C SER G 314 11.00 31.12 1.77
N SER G 315 11.27 30.94 3.06
CA SER G 315 11.09 29.65 3.73
C SER G 315 9.95 29.67 4.73
N ALA G 316 8.89 30.44 4.44
CA ALA G 316 7.70 30.50 5.27
C ALA G 316 6.57 29.85 4.48
N PHE G 317 6.11 28.70 4.93
CA PHE G 317 5.13 27.91 4.20
C PHE G 317 3.83 27.80 4.97
N PHE G 318 2.76 27.46 4.25
CA PHE G 318 1.49 27.11 4.85
C PHE G 318 0.73 26.23 3.87
N PRO G 319 0.10 25.17 4.36
CA PRO G 319 -0.68 24.30 3.48
C PRO G 319 -2.11 24.76 3.38
N THR G 320 -2.93 24.03 2.61
CA THR G 320 -4.32 24.41 2.59
C THR G 320 -5.21 23.24 3.02
N PRO G 321 -6.28 23.52 3.76
CA PRO G 321 -7.25 22.49 4.09
C PRO G 321 -8.28 22.32 2.98
N SER G 322 -8.72 21.07 2.80
CA SER G 322 -9.48 20.76 1.59
C SER G 322 -10.72 19.89 1.79
N GLY G 323 -11.03 19.45 3.00
CA GLY G 323 -12.19 18.64 3.23
C GLY G 323 -12.07 17.26 2.61
N SER G 324 -13.18 16.53 2.66
CA SER G 324 -13.27 15.22 2.05
C SER G 324 -14.73 14.95 1.72
N ILE G 325 -15.06 13.69 1.46
CA ILE G 325 -16.45 13.32 1.23
C ILE G 325 -17.24 13.42 2.53
N VAL G 326 -18.54 13.47 2.41
CA VAL G 326 -19.44 13.58 3.56
C VAL G 326 -20.62 12.67 3.32
N THR G 327 -20.85 11.74 4.25
CA THR G 327 -21.93 10.79 4.09
C THR G 327 -23.01 11.01 5.15
N SER G 328 -24.19 10.45 4.87
CA SER G 328 -25.25 10.39 5.86
C SER G 328 -25.06 9.21 6.81
N GLU G 329 -24.18 8.27 6.48
CA GLU G 329 -23.92 7.13 7.34
C GLU G 329 -23.20 7.53 8.61
N SER G 330 -22.34 8.55 8.55
CA SER G 330 -21.54 8.98 9.69
C SER G 330 -21.98 10.36 10.14
N GLN G 331 -23.29 10.59 10.13
CA GLN G 331 -23.81 11.88 10.56
C GLN G 331 -23.96 11.90 12.08
N LEU G 332 -24.47 13.00 12.61
CA LEU G 332 -24.63 13.13 14.04
C LEU G 332 -25.93 13.80 14.47
N PHE G 333 -26.92 13.89 13.59
CA PHE G 333 -28.16 14.57 13.91
C PHE G 333 -29.35 13.71 13.50
N ASN G 334 -30.54 14.19 13.85
CA ASN G 334 -31.84 13.54 13.68
C ASN G 334 -31.88 12.15 14.30
N LYS G 335 -31.15 11.92 15.38
CA LYS G 335 -31.11 10.64 16.04
C LYS G 335 -31.38 10.82 17.53
N PRO G 336 -31.99 9.85 18.19
CA PRO G 336 -32.35 10.03 19.59
C PRO G 336 -31.15 9.99 20.52
N TYR G 337 -31.37 10.55 21.71
CA TYR G 337 -30.36 10.61 22.76
C TYR G 337 -31.10 10.46 24.10
N TRP G 338 -30.57 9.61 24.96
CA TRP G 338 -31.12 9.45 26.29
C TRP G 338 -30.00 9.58 27.31
N LEU G 339 -30.15 10.50 28.26
CA LEU G 339 -29.10 10.75 29.25
C LEU G 339 -29.46 9.99 30.51
N GLN G 340 -29.19 8.68 30.51
CA GLN G 340 -29.38 7.90 31.72
C GLN G 340 -28.35 8.26 32.77
N ARG G 341 -27.13 8.61 32.35
CA ARG G 341 -26.05 8.88 33.29
C ARG G 341 -25.02 9.76 32.61
N ALA G 342 -24.85 10.98 33.11
CA ALA G 342 -23.88 11.90 32.57
C ALA G 342 -22.49 11.58 33.11
N GLN G 343 -21.54 12.47 32.80
CA GLN G 343 -20.17 12.23 33.25
C GLN G 343 -19.87 12.97 34.54
N GLY G 344 -20.50 14.12 34.76
CA GLY G 344 -20.17 14.94 35.91
C GLY G 344 -20.96 14.56 37.14
N HIS G 345 -21.34 15.55 37.94
CA HIS G 345 -22.17 15.30 39.10
C HIS G 345 -23.58 15.83 38.95
N ASN G 346 -23.76 16.89 38.16
CA ASN G 346 -25.10 17.31 37.79
C ASN G 346 -25.66 16.33 36.77
N ASN G 347 -26.71 15.63 37.13
CA ASN G 347 -27.30 14.66 36.21
C ASN G 347 -28.40 15.31 35.37
N GLY G 348 -28.08 16.41 34.71
CA GLY G 348 -29.03 17.10 33.87
C GLY G 348 -29.94 18.08 34.59
N ILE G 349 -29.68 18.35 35.87
CA ILE G 349 -30.51 19.28 36.61
C ILE G 349 -30.10 20.70 36.23
N CYS G 350 -30.96 21.37 35.49
CA CYS G 350 -30.66 22.70 34.95
C CYS G 350 -31.10 23.76 35.95
N TRP G 351 -30.15 24.37 36.63
CA TRP G 351 -30.47 25.47 37.51
C TRP G 351 -30.84 26.71 36.70
N GLY G 352 -31.54 27.62 37.35
CA GLY G 352 -31.88 28.90 36.75
C GLY G 352 -32.92 28.84 35.66
N ASN G 353 -33.54 27.68 35.42
CA ASN G 353 -34.62 27.48 34.45
C ASN G 353 -34.19 27.88 33.04
N GLN G 354 -33.03 27.35 32.63
CA GLN G 354 -32.49 27.63 31.32
C GLN G 354 -31.53 26.52 30.93
N LEU G 355 -31.31 26.39 29.63
CA LEU G 355 -30.37 25.41 29.08
C LEU G 355 -29.34 26.15 28.25
N PHE G 356 -28.35 25.41 27.79
CA PHE G 356 -27.34 25.97 26.88
C PHE G 356 -26.91 24.87 25.93
N VAL G 357 -27.49 24.86 24.74
CA VAL G 357 -27.13 23.92 23.69
C VAL G 357 -26.37 24.67 22.61
N THR G 358 -25.29 24.05 22.13
CA THR G 358 -24.47 24.58 21.04
C THR G 358 -24.30 23.49 20.01
N VAL G 359 -24.44 23.86 18.74
CA VAL G 359 -24.32 22.94 17.62
C VAL G 359 -23.44 23.58 16.56
N VAL G 360 -22.56 22.79 15.96
CA VAL G 360 -21.70 23.26 14.89
C VAL G 360 -21.78 22.22 13.78
N ASP G 361 -22.21 22.66 12.60
CA ASP G 361 -22.22 21.85 11.40
C ASP G 361 -21.55 22.67 10.32
N THR G 362 -21.06 22.00 9.28
CA THR G 362 -20.50 22.68 8.11
C THR G 362 -20.90 21.95 6.84
N THR G 363 -21.72 20.93 6.98
CA THR G 363 -22.06 20.05 5.86
C THR G 363 -23.37 20.42 5.21
N ARG G 364 -24.07 21.42 5.71
CA ARG G 364 -25.31 21.91 5.14
C ARG G 364 -25.12 23.32 4.63
N SER G 365 -23.96 23.57 4.04
CA SER G 365 -23.49 24.93 3.83
C SER G 365 -23.35 25.26 2.35
N THR G 366 -24.33 24.87 1.54
CA THR G 366 -24.27 25.20 0.13
C THR G 366 -24.47 26.70 -0.07
N ASN G 367 -23.98 27.19 -1.21
CA ASN G 367 -23.97 28.62 -1.49
C ASN G 367 -24.87 28.90 -2.68
N MET G 368 -26.08 29.35 -2.39
CA MET G 368 -27.08 29.63 -3.40
C MET G 368 -26.68 30.90 -4.14
N THR G 369 -26.20 30.73 -5.37
CA THR G 369 -25.87 31.88 -6.20
C THR G 369 -27.14 32.51 -6.75
N LEU G 370 -27.04 33.78 -7.13
CA LEU G 370 -28.24 34.54 -7.47
C LEU G 370 -27.91 35.59 -8.52
N CYS G 371 -28.64 35.52 -9.63
CA CYS G 371 -28.47 36.46 -10.74
C CYS G 371 -29.72 37.28 -10.92
N THR G 372 -29.58 38.60 -10.87
CA THR G 372 -30.65 39.52 -11.20
C THR G 372 -30.29 40.25 -12.48
N GLU G 373 -31.28 40.75 -13.18
CA GLU G 373 -31.10 41.38 -14.48
C GLU G 373 -31.46 42.85 -14.39
N VAL G 374 -30.66 43.70 -15.05
CA VAL G 374 -30.95 45.13 -15.11
C VAL G 374 -31.31 45.60 -16.53
N THR G 375 -30.81 44.94 -17.58
CA THR G 375 -31.03 45.39 -18.95
C THR G 375 -31.24 44.18 -19.85
N LYS G 376 -32.47 44.01 -20.33
CA LYS G 376 -32.80 42.91 -21.22
C LYS G 376 -32.21 43.17 -22.60
N GLU G 377 -31.56 42.16 -23.17
CA GLU G 377 -30.96 42.28 -24.48
C GLU G 377 -30.92 40.90 -25.11
N GLY G 378 -31.30 40.80 -26.39
CA GLY G 378 -31.26 39.55 -27.12
C GLY G 378 -29.88 38.99 -27.36
N THR G 379 -28.83 39.78 -27.17
CA THR G 379 -27.46 39.33 -27.27
C THR G 379 -26.84 39.42 -25.88
N TYR G 380 -25.85 38.56 -25.62
CA TYR G 380 -25.27 38.46 -24.29
C TYR G 380 -24.38 39.66 -24.01
N LYS G 381 -24.55 40.26 -22.83
CA LYS G 381 -23.73 41.35 -22.35
C LYS G 381 -23.34 41.04 -20.91
N ASN G 382 -22.06 41.27 -20.57
CA ASN G 382 -21.60 40.96 -19.21
C ASN G 382 -22.21 41.88 -18.17
N ASP G 383 -22.44 43.15 -18.50
CA ASP G 383 -22.77 44.15 -17.51
C ASP G 383 -24.28 44.36 -17.35
N ASN G 384 -25.09 43.37 -17.70
CA ASN G 384 -26.52 43.45 -17.45
C ASN G 384 -26.95 42.58 -16.29
N PHE G 385 -26.00 42.06 -15.51
CA PHE G 385 -26.31 41.11 -14.46
C PHE G 385 -25.51 41.43 -13.20
N LYS G 386 -26.22 41.62 -12.09
CA LYS G 386 -25.61 41.79 -10.78
C LYS G 386 -25.72 40.45 -10.05
N GLU G 387 -24.64 40.06 -9.38
CA GLU G 387 -24.58 38.76 -8.73
C GLU G 387 -24.57 38.95 -7.22
N TYR G 388 -25.47 38.25 -6.53
CA TYR G 388 -25.50 38.25 -5.08
C TYR G 388 -25.28 36.83 -4.58
N VAL G 389 -24.59 36.71 -3.45
CA VAL G 389 -24.39 35.43 -2.81
C VAL G 389 -25.21 35.40 -1.52
N ARG G 390 -25.90 34.28 -1.30
CA ARG G 390 -26.76 34.11 -0.15
C ARG G 390 -26.60 32.70 0.38
N HIS G 391 -26.94 32.52 1.66
CA HIS G 391 -26.80 31.23 2.31
C HIS G 391 -27.87 31.10 3.37
N VAL G 392 -28.55 29.95 3.38
CA VAL G 392 -29.64 29.71 4.31
C VAL G 392 -29.33 28.44 5.10
N GLU G 393 -29.87 28.37 6.31
CA GLU G 393 -29.62 27.26 7.22
C GLU G 393 -30.73 27.22 8.27
N GLU G 394 -31.23 26.03 8.54
CA GLU G 394 -32.37 25.83 9.43
C GLU G 394 -32.00 24.90 10.58
N TYR G 395 -32.88 24.85 11.57
CA TYR G 395 -32.67 24.04 12.76
C TYR G 395 -34.02 23.58 13.28
N ASP G 396 -33.99 22.68 14.27
CA ASP G 396 -35.19 22.24 14.96
C ASP G 396 -34.81 21.74 16.34
N LEU G 397 -35.65 21.98 17.34
CA LEU G 397 -35.33 21.60 18.71
C LEU G 397 -36.49 20.84 19.33
N GLN G 398 -36.17 19.68 19.90
CA GLN G 398 -37.12 18.87 20.65
C GLN G 398 -36.56 18.59 22.03
N PHE G 399 -37.46 18.51 23.01
CA PHE G 399 -37.05 18.35 24.40
C PHE G 399 -38.10 17.54 25.15
N VAL G 400 -37.60 16.65 26.02
CA VAL G 400 -38.41 15.99 27.03
C VAL G 400 -37.79 16.30 28.37
N PHE G 401 -38.56 16.91 29.26
CA PHE G 401 -38.06 17.24 30.58
C PHE G 401 -38.73 16.35 31.62
N GLN G 402 -38.19 16.40 32.83
CA GLN G 402 -38.73 15.60 33.93
C GLN G 402 -38.68 16.44 35.18
N LEU G 403 -39.70 16.31 36.01
CA LEU G 403 -39.86 17.17 37.18
C LEU G 403 -39.17 16.53 38.37
N CYS G 404 -38.51 17.36 39.19
CA CYS G 404 -37.86 16.91 40.40
C CYS G 404 -38.16 17.88 41.53
N LYS G 405 -38.23 17.36 42.74
CA LYS G 405 -38.44 18.16 43.94
C LYS G 405 -37.24 18.04 44.84
N ILE G 406 -36.96 19.09 45.59
CA ILE G 406 -35.84 19.13 46.52
C ILE G 406 -36.36 19.50 47.91
N THR G 407 -36.03 18.68 48.89
CA THR G 407 -36.46 18.86 50.27
C THR G 407 -35.38 19.64 51.00
N LEU G 408 -35.73 20.81 51.50
CA LEU G 408 -34.74 21.75 52.05
C LEU G 408 -34.69 21.62 53.57
N THR G 409 -33.74 20.83 54.04
CA THR G 409 -33.36 20.81 55.44
C THR G 409 -32.23 21.80 55.67
N ALA G 410 -31.55 21.71 56.81
CA ALA G 410 -30.51 22.67 57.13
C ALA G 410 -29.20 22.37 56.42
N GLU G 411 -28.83 21.08 56.34
CA GLU G 411 -27.53 20.70 55.78
C GLU G 411 -27.46 20.98 54.29
N ILE G 412 -28.59 20.87 53.60
CA ILE G 412 -28.61 21.12 52.17
C ILE G 412 -28.56 22.63 51.90
N MET G 413 -28.97 23.43 52.88
CA MET G 413 -29.11 24.86 52.67
C MET G 413 -27.75 25.55 52.55
N THR G 414 -26.78 25.13 53.35
CA THR G 414 -25.43 25.68 53.21
C THR G 414 -24.72 25.13 51.98
N TYR G 415 -25.15 23.98 51.46
CA TYR G 415 -24.48 23.38 50.32
C TYR G 415 -24.70 24.21 49.05
N ILE G 416 -25.94 24.62 48.82
CA ILE G 416 -26.25 25.42 47.64
C ILE G 416 -25.67 26.83 47.75
N HIS G 417 -25.60 27.37 48.97
CA HIS G 417 -25.08 28.72 49.15
C HIS G 417 -23.59 28.77 48.87
N THR G 418 -22.88 27.67 49.09
CA THR G 418 -21.50 27.58 48.67
C THR G 418 -21.35 27.55 47.16
N MET G 419 -22.34 27.03 46.44
CA MET G 419 -22.26 26.99 44.99
C MET G 419 -22.54 28.36 44.39
N ASP G 420 -23.73 28.90 44.66
CA ASP G 420 -24.13 30.18 44.11
C ASP G 420 -25.22 30.75 44.99
N SER G 421 -25.30 32.08 45.02
CA SER G 421 -26.37 32.75 45.76
C SER G 421 -27.62 32.89 44.89
N ASN G 422 -27.45 32.90 43.57
CA ASN G 422 -28.52 33.29 42.65
C ASN G 422 -29.67 32.30 42.61
N ILE G 423 -29.39 30.99 42.64
CA ILE G 423 -30.44 29.98 42.63
C ILE G 423 -31.23 29.99 43.93
N LEU G 424 -30.59 30.20 45.07
CA LEU G 424 -31.29 30.41 46.32
C LEU G 424 -32.04 31.74 46.34
N GLU G 425 -31.58 32.72 45.57
CA GLU G 425 -32.18 34.05 45.59
C GLU G 425 -33.57 34.06 44.98
N ASP G 426 -33.70 33.64 43.72
CA ASP G 426 -34.96 33.83 43.00
C ASP G 426 -36.05 32.84 43.40
N TRP G 427 -35.80 31.98 44.38
CA TRP G 427 -36.86 31.23 45.04
C TRP G 427 -37.49 32.01 46.18
N GLN G 428 -36.98 33.22 46.45
CA GLN G 428 -37.26 34.06 47.63
C GLN G 428 -37.40 33.25 48.92
N PHE G 429 -36.43 32.35 49.13
CA PHE G 429 -36.51 31.39 50.24
C PHE G 429 -36.02 32.05 51.52
N GLY G 430 -36.95 32.73 52.19
CA GLY G 430 -36.75 33.27 53.52
C GLY G 430 -35.62 34.29 53.65
N LEU G 431 -35.76 35.42 52.98
CA LEU G 431 -34.68 36.40 52.89
C LEU G 431 -35.28 37.80 52.90
N THR G 432 -34.55 38.75 53.49
CA THR G 432 -35.06 40.10 53.77
C THR G 432 -35.20 41.03 52.56
N PRO G 433 -34.30 41.07 51.56
CA PRO G 433 -34.54 41.95 50.37
C PRO G 433 -35.75 41.60 49.50
N PRO G 434 -36.05 40.34 49.12
CA PRO G 434 -37.09 40.12 48.07
C PRO G 434 -38.50 40.50 48.47
N PRO G 435 -38.80 40.79 49.76
CA PRO G 435 -39.89 41.73 50.03
C PRO G 435 -39.75 43.05 49.28
N SER G 436 -38.66 43.79 49.52
CA SER G 436 -38.46 45.07 48.86
C SER G 436 -39.43 46.14 49.30
N ALA G 437 -40.37 46.50 48.42
CA ALA G 437 -41.41 47.46 48.75
C ALA G 437 -42.63 47.24 47.89
N SER G 438 -43.28 48.32 47.45
CA SER G 438 -44.32 48.19 46.45
C SER G 438 -43.70 47.88 45.10
N LEU G 439 -44.55 47.44 44.18
CA LEU G 439 -44.06 47.09 42.85
C LEU G 439 -43.84 48.36 42.03
N GLN G 440 -43.33 48.18 40.82
CA GLN G 440 -43.05 49.31 39.95
C GLN G 440 -44.35 49.96 39.50
N ASP G 441 -44.44 51.27 39.69
CA ASP G 441 -45.65 52.02 39.36
C ASP G 441 -45.53 52.46 37.91
N THR G 442 -46.09 51.64 37.02
CA THR G 442 -45.91 51.79 35.59
C THR G 442 -46.77 52.93 35.07
N TYR G 443 -46.55 53.29 33.80
CA TYR G 443 -47.28 54.35 33.16
C TYR G 443 -48.09 53.80 31.99
N ARG G 444 -48.84 54.69 31.36
CA ARG G 444 -49.29 54.48 29.99
C ARG G 444 -48.40 55.33 29.10
N PHE G 445 -48.13 54.86 27.88
CA PHE G 445 -47.11 55.46 27.04
C PHE G 445 -47.49 56.85 26.56
N VAL G 446 -46.73 57.84 27.01
CA VAL G 446 -46.75 59.19 26.45
C VAL G 446 -45.34 59.49 25.99
N THR G 447 -45.16 59.66 24.69
CA THR G 447 -43.82 59.84 24.14
C THR G 447 -43.25 61.23 24.38
N SER G 448 -44.09 62.23 24.65
CA SER G 448 -43.63 63.60 24.80
C SER G 448 -43.39 63.98 26.25
N GLN G 449 -44.42 63.90 27.09
CA GLN G 449 -44.31 64.34 28.48
C GLN G 449 -43.85 63.15 29.33
N ALA G 450 -43.91 63.30 30.67
CA ALA G 450 -43.55 62.27 31.65
C ALA G 450 -42.10 61.81 31.45
N ILE G 451 -41.19 62.72 31.83
CA ILE G 451 -39.79 62.84 31.40
C ILE G 451 -38.96 61.54 31.40
N THR G 452 -39.39 60.52 32.15
CA THR G 452 -38.69 59.25 32.11
C THR G 452 -38.95 58.52 30.80
N CYS G 453 -37.94 57.76 30.36
CA CYS G 453 -37.98 57.11 29.06
C CYS G 453 -37.39 55.71 29.21
N GLN G 454 -37.00 55.12 28.07
CA GLN G 454 -36.57 53.75 27.92
C GLN G 454 -35.21 53.46 28.60
N LYS G 455 -34.51 54.49 29.07
CA LYS G 455 -33.13 54.39 29.55
C LYS G 455 -32.99 53.47 30.75
N THR G 456 -31.74 53.08 31.02
CA THR G 456 -31.42 52.05 31.99
C THR G 456 -31.20 52.63 33.39
N ALA G 457 -31.38 53.94 33.56
CA ALA G 457 -31.32 54.52 34.90
C ALA G 457 -32.51 54.11 35.78
N PRO G 458 -33.70 53.85 35.26
CA PRO G 458 -34.62 52.98 35.99
C PRO G 458 -34.04 51.58 36.09
N PRO G 459 -34.15 50.94 37.26
CA PRO G 459 -33.38 49.72 37.52
C PRO G 459 -33.95 48.51 36.80
N LYS G 460 -33.06 47.54 36.60
CA LYS G 460 -33.43 46.21 36.13
C LYS G 460 -33.58 45.31 37.34
N GLU G 461 -34.62 44.48 37.42
CA GLU G 461 -34.79 43.63 38.62
C GLU G 461 -33.76 42.53 38.73
N LYS G 462 -33.08 42.18 37.64
CA LYS G 462 -32.02 41.18 37.68
C LYS G 462 -30.75 41.79 37.09
N GLU G 463 -29.64 41.58 37.79
CA GLU G 463 -28.32 42.00 37.33
C GLU G 463 -27.57 40.76 36.88
N ASP G 464 -27.67 40.44 35.59
CA ASP G 464 -27.03 39.24 35.07
C ASP G 464 -25.94 39.66 34.11
N PRO G 465 -24.69 39.25 34.35
CA PRO G 465 -23.59 39.72 33.49
C PRO G 465 -23.58 39.09 32.12
N LEU G 466 -24.35 38.02 31.90
CA LEU G 466 -24.46 37.43 30.57
C LEU G 466 -25.25 38.30 29.60
N ASN G 467 -25.98 39.30 30.10
CA ASN G 467 -26.67 40.25 29.24
C ASN G 467 -25.71 41.11 28.42
N LYS G 468 -24.45 41.21 28.85
CA LYS G 468 -23.41 41.83 28.04
C LYS G 468 -23.23 41.11 26.72
N TYR G 469 -23.28 39.77 26.74
CA TYR G 469 -23.11 38.99 25.52
C TYR G 469 -24.39 39.01 24.70
N THR G 470 -24.35 38.37 23.54
CA THR G 470 -25.53 38.17 22.71
C THR G 470 -25.70 36.68 22.46
N PHE G 471 -26.90 36.31 22.01
CA PHE G 471 -27.26 34.90 21.89
C PHE G 471 -28.25 34.68 20.74
N TRP G 472 -28.88 33.51 20.75
CA TRP G 472 -30.08 33.24 19.96
C TRP G 472 -31.14 32.80 20.94
N GLU G 473 -31.97 33.74 21.38
CA GLU G 473 -33.03 33.45 22.32
C GLU G 473 -34.17 32.72 21.61
N VAL G 474 -34.76 31.76 22.30
CA VAL G 474 -35.98 31.11 21.85
C VAL G 474 -36.93 30.99 23.03
N ASN G 475 -38.19 31.38 22.82
CA ASN G 475 -39.15 31.57 23.90
C ASN G 475 -39.96 30.29 24.10
N LEU G 476 -39.94 29.76 25.31
CA LEU G 476 -40.60 28.50 25.66
C LEU G 476 -41.41 28.59 26.95
N LYS G 477 -41.87 29.78 27.32
CA LYS G 477 -42.64 29.90 28.55
C LYS G 477 -44.07 29.42 28.43
N GLU G 478 -44.53 29.05 27.24
CA GLU G 478 -45.91 28.60 27.10
C GLU G 478 -46.09 27.39 26.20
N LYS G 479 -45.05 26.86 25.58
CA LYS G 479 -45.20 25.78 24.61
C LYS G 479 -45.14 24.39 25.22
N PHE G 480 -45.49 24.24 26.49
CA PHE G 480 -45.39 22.93 27.12
C PHE G 480 -46.66 22.13 26.90
N SER G 481 -46.57 20.84 27.21
CA SER G 481 -47.71 19.93 27.08
C SER G 481 -47.50 18.75 28.00
N ALA G 482 -48.53 18.39 28.75
CA ALA G 482 -48.46 17.24 29.64
C ALA G 482 -48.63 15.93 28.91
N ASP G 483 -49.51 15.87 27.93
CA ASP G 483 -49.62 14.71 27.05
C ASP G 483 -48.48 14.76 26.04
N LEU G 484 -47.96 13.59 25.69
CA LEU G 484 -46.72 13.52 24.93
C LEU G 484 -46.75 12.57 23.75
N ASP G 485 -47.83 11.81 23.56
CA ASP G 485 -47.93 10.89 22.44
C ASP G 485 -48.51 11.53 21.19
N GLN G 486 -48.42 12.85 21.07
CA GLN G 486 -48.91 13.56 19.90
C GLN G 486 -47.77 14.08 19.05
N PHE G 487 -46.54 13.66 19.32
CA PHE G 487 -45.34 14.28 18.79
C PHE G 487 -44.33 13.20 18.42
N PRO G 488 -43.39 13.48 17.51
CA PRO G 488 -42.48 12.42 17.04
C PRO G 488 -41.53 11.88 18.10
N LEU G 489 -41.15 12.67 19.09
CA LEU G 489 -40.22 12.15 20.08
C LEU G 489 -40.91 11.28 21.11
N GLY G 490 -42.09 11.69 21.56
CA GLY G 490 -42.76 11.04 22.67
C GLY G 490 -43.16 9.61 22.43
N ARG G 491 -43.78 9.33 21.29
CA ARG G 491 -44.13 7.96 20.95
C ARG G 491 -42.88 7.12 20.70
N LYS G 492 -41.79 7.75 20.24
CA LYS G 492 -40.51 7.08 20.23
C LYS G 492 -39.94 6.91 21.62
N PHE G 493 -40.16 7.89 22.50
CA PHE G 493 -39.73 7.81 23.90
C PHE G 493 -40.47 6.75 24.69
N LEU G 494 -41.77 6.57 24.44
CA LEU G 494 -42.52 5.50 25.10
C LEU G 494 -42.06 4.12 24.67
N LEU G 495 -41.54 3.97 23.45
CA LEU G 495 -40.97 2.69 23.07
C LEU G 495 -39.64 2.44 23.77
N GLN G 496 -38.93 3.51 24.12
CA GLN G 496 -37.58 3.37 24.64
C GLN G 496 -37.57 2.99 26.12
N SER G 497 -38.59 3.35 26.88
CA SER G 497 -38.60 3.03 28.30
C SER G 497 -39.69 2.04 28.68
N GLY G 498 -40.63 1.76 27.78
CA GLY G 498 -41.59 0.70 28.03
C GLY G 498 -42.70 1.03 29.02
N LEU G 499 -43.59 1.96 28.65
CA LEU G 499 -44.80 2.19 29.44
C LEU G 499 -46.02 2.10 28.55
#